data_2JY9
#
_entry.id   2JY9
#
_entity_poly.entity_id   1
_entity_poly.type   'polypeptide(L)'
_entity_poly.pdbx_seq_one_letter_code
;MIAISRTVSIADNELEITAIRAQGAGGQHVNKTSSAIHLRFDIRASGLPEYYKQRLLTASHHLISDDGVIIIKAQEFRSQ
ELNREAAIARLVAVIKELTAEQKSRRATRPTRASKERRLSSKAQKSSVKALRGKVRRPLDLEHHHHHH
;
_entity_poly.pdbx_strand_id   A
#
# COMPACT_ATOMS: atom_id res chain seq x y z
N MET A 1 6.59 8.85 -9.15
CA MET A 1 5.58 9.79 -9.67
C MET A 1 4.38 9.02 -10.21
N ILE A 2 3.22 9.22 -9.61
CA ILE A 2 2.04 8.47 -10.01
C ILE A 2 0.96 9.39 -10.54
N ALA A 3 0.52 9.12 -11.76
CA ALA A 3 -0.53 9.89 -12.40
C ALA A 3 -1.90 9.47 -11.88
N ILE A 4 -2.39 10.19 -10.88
CA ILE A 4 -3.69 9.92 -10.29
C ILE A 4 -4.78 10.49 -11.18
N SER A 5 -5.98 9.95 -11.07
CA SER A 5 -7.10 10.43 -11.84
C SER A 5 -7.78 11.60 -11.13
N ARG A 6 -8.61 12.34 -11.87
CA ARG A 6 -9.33 13.50 -11.34
C ARG A 6 -8.37 14.63 -10.99
N THR A 7 -7.80 15.26 -12.02
CA THR A 7 -7.14 16.55 -11.85
C THR A 7 -5.75 16.47 -11.18
N VAL A 8 -5.62 15.69 -10.12
CA VAL A 8 -4.40 15.70 -9.31
C VAL A 8 -3.55 14.45 -9.56
N SER A 9 -2.25 14.57 -9.33
CA SER A 9 -1.35 13.43 -9.33
C SER A 9 -0.41 13.51 -8.13
N ILE A 10 0.12 12.38 -7.71
CA ILE A 10 0.98 12.33 -6.55
C ILE A 10 2.45 12.28 -6.96
N ALA A 11 3.28 13.02 -6.23
CA ALA A 11 4.69 13.20 -6.56
C ALA A 11 5.49 11.91 -6.46
N ASP A 12 6.79 12.04 -6.64
CA ASP A 12 7.68 10.90 -6.71
C ASP A 12 8.33 10.59 -5.36
N ASN A 13 8.99 11.60 -4.80
CA ASN A 13 9.77 11.42 -3.58
C ASN A 13 8.87 11.42 -2.34
N GLU A 14 7.63 11.87 -2.53
CA GLU A 14 6.67 11.99 -1.45
C GLU A 14 5.96 10.67 -1.15
N LEU A 15 6.46 9.59 -1.75
CA LEU A 15 5.83 8.27 -1.60
C LEU A 15 6.18 7.63 -0.27
N GLU A 16 5.27 6.81 0.23
CA GLU A 16 5.47 6.05 1.46
C GLU A 16 5.97 4.66 1.14
N ILE A 17 7.16 4.33 1.63
CA ILE A 17 7.78 3.05 1.34
C ILE A 17 8.22 2.36 2.62
N THR A 18 7.68 1.18 2.85
CA THR A 18 8.01 0.38 4.01
C THR A 18 8.57 -0.97 3.58
N ALA A 19 9.46 -1.53 4.40
CA ALA A 19 10.00 -2.86 4.14
C ALA A 19 9.41 -3.84 5.13
N ILE A 20 8.77 -4.89 4.62
CA ILE A 20 8.04 -5.82 5.47
C ILE A 20 8.86 -7.06 5.82
N ARG A 21 9.07 -7.25 7.11
CA ARG A 21 9.61 -8.48 7.63
C ARG A 21 8.54 -9.16 8.47
N ALA A 22 7.80 -10.07 7.86
CA ALA A 22 6.64 -10.67 8.50
C ALA A 22 7.04 -11.84 9.37
N GLN A 23 6.51 -11.85 10.59
CA GLN A 23 6.70 -12.94 11.54
C GLN A 23 8.12 -12.97 12.11
N GLY A 24 8.22 -13.18 13.41
CA GLY A 24 9.51 -13.31 14.06
C GLY A 24 10.10 -14.69 13.85
N ALA A 25 11.11 -14.77 13.01
CA ALA A 25 11.77 -16.04 12.70
C ALA A 25 12.47 -16.61 13.93
N GLY A 26 12.35 -17.91 14.12
CA GLY A 26 13.01 -18.56 15.23
C GLY A 26 14.38 -19.08 14.83
N GLY A 27 15.30 -18.15 14.60
CA GLY A 27 16.63 -18.51 14.14
C GLY A 27 16.66 -18.69 12.64
N GLN A 28 16.12 -19.80 12.18
CA GLN A 28 16.00 -20.07 10.75
C GLN A 28 14.71 -19.45 10.24
N HIS A 29 14.61 -19.27 8.93
CA HIS A 29 13.39 -18.71 8.37
C HIS A 29 12.29 -19.75 8.37
N VAL A 30 11.19 -19.41 9.01
CA VAL A 30 10.03 -20.31 9.08
C VAL A 30 9.10 -20.01 7.91
N ASN A 31 9.25 -18.81 7.38
CA ASN A 31 8.42 -18.34 6.28
C ASN A 31 9.29 -17.82 5.16
N LYS A 32 8.65 -17.44 4.05
CA LYS A 32 9.35 -16.85 2.93
C LYS A 32 8.75 -15.48 2.60
N THR A 33 7.87 -15.01 3.49
CA THR A 33 7.16 -13.76 3.29
C THR A 33 7.89 -12.59 3.94
N SER A 34 9.12 -12.83 4.37
CA SER A 34 9.93 -11.81 5.02
C SER A 34 10.66 -10.96 4.00
N SER A 35 10.03 -10.75 2.85
CA SER A 35 10.60 -9.97 1.78
C SER A 35 9.47 -9.40 0.92
N ALA A 36 9.09 -8.16 1.20
CA ALA A 36 8.00 -7.52 0.50
C ALA A 36 8.16 -6.01 0.52
N ILE A 37 7.68 -5.37 -0.54
CA ILE A 37 7.68 -3.91 -0.60
C ILE A 37 6.29 -3.39 -0.24
N HIS A 38 6.25 -2.52 0.76
CA HIS A 38 5.00 -1.98 1.24
C HIS A 38 4.91 -0.49 0.91
N LEU A 39 3.89 -0.12 0.18
CA LEU A 39 3.64 1.28 -0.09
C LEU A 39 2.18 1.59 0.17
N ARG A 40 1.91 2.81 0.60
CA ARG A 40 0.55 3.18 0.97
C ARG A 40 0.16 4.52 0.35
N PHE A 41 -1.07 4.59 -0.11
CA PHE A 41 -1.63 5.83 -0.64
C PHE A 41 -2.63 6.38 0.36
N ASP A 42 -2.22 7.39 1.10
CA ASP A 42 -3.04 7.94 2.18
C ASP A 42 -3.65 9.28 1.80
N ILE A 43 -4.92 9.43 2.14
CA ILE A 43 -5.66 10.66 1.88
C ILE A 43 -5.13 11.80 2.75
N ARG A 44 -4.90 11.49 4.01
CA ARG A 44 -4.51 12.48 5.01
C ARG A 44 -3.11 13.05 4.73
N ALA A 45 -2.30 12.31 3.98
CA ALA A 45 -0.97 12.76 3.63
C ALA A 45 -1.02 13.74 2.45
N SER A 46 -2.16 13.79 1.78
CA SER A 46 -2.32 14.61 0.61
C SER A 46 -3.56 15.50 0.71
N GLY A 47 -4.01 16.02 -0.42
CA GLY A 47 -5.23 16.79 -0.46
C GLY A 47 -6.09 16.36 -1.64
N LEU A 48 -6.65 15.16 -1.52
CA LEU A 48 -7.40 14.55 -2.62
C LEU A 48 -8.70 15.28 -2.89
N PRO A 49 -9.11 15.36 -4.17
CA PRO A 49 -10.33 16.06 -4.60
C PRO A 49 -11.61 15.37 -4.13
N GLU A 50 -12.73 16.07 -4.27
CA GLU A 50 -14.01 15.62 -3.78
C GLU A 50 -14.44 14.29 -4.40
N TYR A 51 -14.35 14.19 -5.72
CA TYR A 51 -14.78 12.99 -6.42
C TYR A 51 -13.92 11.80 -6.04
N TYR A 52 -12.62 12.04 -5.94
CA TYR A 52 -11.67 10.97 -5.68
C TYR A 52 -11.87 10.36 -4.30
N LYS A 53 -12.01 11.22 -3.29
CA LYS A 53 -12.19 10.75 -1.92
C LYS A 53 -13.52 10.01 -1.77
N GLN A 54 -14.54 10.45 -2.50
CA GLN A 54 -15.83 9.77 -2.50
C GLN A 54 -15.69 8.36 -3.07
N ARG A 55 -14.91 8.22 -4.14
CA ARG A 55 -14.66 6.93 -4.77
C ARG A 55 -14.04 5.94 -3.79
N LEU A 56 -13.04 6.39 -3.05
CA LEU A 56 -12.28 5.53 -2.16
C LEU A 56 -13.15 4.94 -1.04
N LEU A 57 -14.16 5.69 -0.63
CA LEU A 57 -15.02 5.26 0.47
C LEU A 57 -16.24 4.49 -0.05
N THR A 58 -16.49 4.56 -1.34
CA THR A 58 -17.62 3.86 -1.94
C THR A 58 -17.19 2.55 -2.59
N ALA A 59 -15.99 2.54 -3.16
CA ALA A 59 -15.48 1.35 -3.83
C ALA A 59 -14.85 0.38 -2.85
N SER A 60 -15.66 -0.53 -2.34
CA SER A 60 -15.21 -1.53 -1.39
C SER A 60 -14.29 -2.55 -2.07
N HIS A 61 -12.99 -2.38 -1.83
CA HIS A 61 -11.97 -3.31 -2.33
C HIS A 61 -11.01 -3.64 -1.20
N HIS A 62 -10.44 -4.85 -1.24
CA HIS A 62 -9.58 -5.33 -0.16
C HIS A 62 -8.31 -4.47 0.00
N LEU A 63 -7.88 -3.85 -1.10
CA LEU A 63 -6.73 -2.95 -1.07
C LEU A 63 -6.97 -1.76 -0.15
N ILE A 64 -8.23 -1.42 0.06
CA ILE A 64 -8.59 -0.36 1.00
C ILE A 64 -8.51 -0.90 2.42
N SER A 65 -7.77 -0.20 3.26
CA SER A 65 -7.54 -0.67 4.62
C SER A 65 -8.80 -0.50 5.47
N ASP A 66 -9.30 0.73 5.51
CA ASP A 66 -10.51 1.06 6.27
C ASP A 66 -10.79 2.55 6.15
N ASP A 67 -9.75 3.35 6.38
CA ASP A 67 -9.87 4.81 6.37
C ASP A 67 -9.83 5.36 4.95
N GLY A 68 -10.08 4.51 3.97
CA GLY A 68 -10.01 4.92 2.59
C GLY A 68 -8.58 4.96 2.08
N VAL A 69 -7.66 4.48 2.90
CA VAL A 69 -6.26 4.46 2.52
C VAL A 69 -5.93 3.17 1.79
N ILE A 70 -5.07 3.26 0.79
CA ILE A 70 -4.72 2.11 -0.03
C ILE A 70 -3.37 1.53 0.38
N ILE A 71 -3.37 0.27 0.79
CA ILE A 71 -2.12 -0.40 1.15
C ILE A 71 -1.79 -1.48 0.13
N ILE A 72 -0.62 -1.39 -0.46
CA ILE A 72 -0.16 -2.36 -1.43
C ILE A 72 0.91 -3.26 -0.82
N LYS A 73 0.65 -4.56 -0.80
CA LYS A 73 1.62 -5.52 -0.35
C LYS A 73 1.97 -6.49 -1.47
N ALA A 74 3.17 -6.35 -1.98
CA ALA A 74 3.62 -7.12 -3.13
C ALA A 74 4.91 -7.87 -2.82
N GLN A 75 4.92 -9.17 -3.10
CA GLN A 75 6.09 -9.99 -2.89
C GLN A 75 6.04 -11.22 -3.79
N GLU A 76 6.84 -11.19 -4.84
CA GLU A 76 6.94 -12.30 -5.78
C GLU A 76 8.38 -12.76 -5.91
N PHE A 77 9.23 -11.84 -6.34
CA PHE A 77 10.63 -12.12 -6.56
C PHE A 77 11.44 -10.94 -6.04
N ARG A 78 12.75 -11.08 -6.02
CA ARG A 78 13.63 -9.98 -5.65
C ARG A 78 13.66 -8.91 -6.74
N SER A 79 14.66 -8.03 -6.67
CA SER A 79 14.76 -6.87 -7.56
C SER A 79 13.70 -5.85 -7.17
N GLN A 80 14.05 -4.96 -6.25
CA GLN A 80 13.14 -3.94 -5.74
C GLN A 80 12.56 -3.10 -6.87
N GLU A 81 13.36 -2.92 -7.92
CA GLU A 81 12.92 -2.24 -9.13
C GLU A 81 11.62 -2.85 -9.63
N LEU A 82 11.58 -4.17 -9.72
CA LEU A 82 10.45 -4.88 -10.24
C LEU A 82 9.31 -4.86 -9.22
N ASN A 83 9.65 -4.99 -7.94
CA ASN A 83 8.65 -4.96 -6.87
C ASN A 83 7.88 -3.66 -6.91
N ARG A 84 8.62 -2.55 -7.05
CA ARG A 84 8.00 -1.24 -7.10
C ARG A 84 7.14 -1.09 -8.35
N GLU A 85 7.75 -1.30 -9.51
CA GLU A 85 7.08 -1.11 -10.78
C GLU A 85 5.77 -1.91 -10.87
N ALA A 86 5.80 -3.16 -10.45
CA ALA A 86 4.62 -4.02 -10.50
C ALA A 86 3.55 -3.51 -9.56
N ALA A 87 3.95 -3.14 -8.35
CA ALA A 87 3.02 -2.63 -7.35
C ALA A 87 2.39 -1.34 -7.83
N ILE A 88 3.21 -0.44 -8.36
CA ILE A 88 2.74 0.83 -8.89
C ILE A 88 1.80 0.61 -10.07
N ALA A 89 2.24 -0.18 -11.05
CA ALA A 89 1.46 -0.44 -12.24
C ALA A 89 0.08 -0.99 -11.88
N ARG A 90 0.04 -1.88 -10.91
CA ARG A 90 -1.21 -2.48 -10.46
C ARG A 90 -2.10 -1.45 -9.77
N LEU A 91 -1.54 -0.65 -8.86
CA LEU A 91 -2.33 0.31 -8.11
C LEU A 91 -2.87 1.40 -9.03
N VAL A 92 -2.04 1.83 -9.98
CA VAL A 92 -2.47 2.84 -10.95
C VAL A 92 -3.64 2.34 -11.77
N ALA A 93 -3.56 1.08 -12.21
CA ALA A 93 -4.65 0.46 -12.95
C ALA A 93 -5.92 0.41 -12.10
N VAL A 94 -5.78 -0.05 -10.85
CA VAL A 94 -6.90 -0.12 -9.92
C VAL A 94 -7.52 1.27 -9.72
N ILE A 95 -6.67 2.27 -9.48
CA ILE A 95 -7.12 3.64 -9.32
C ILE A 95 -7.99 4.07 -10.51
N LYS A 96 -7.49 3.81 -11.71
CA LYS A 96 -8.21 4.15 -12.92
C LYS A 96 -9.53 3.39 -13.03
N GLU A 97 -9.54 2.15 -12.57
CA GLU A 97 -10.71 1.29 -12.67
C GLU A 97 -11.83 1.74 -11.73
N LEU A 98 -11.46 2.16 -10.52
CA LEU A 98 -12.45 2.57 -9.53
C LEU A 98 -12.82 4.04 -9.68
N THR A 99 -11.94 4.83 -10.26
CA THR A 99 -12.27 6.22 -10.59
C THR A 99 -13.15 6.25 -11.84
N ALA A 100 -13.19 5.11 -12.53
CA ALA A 100 -14.10 4.93 -13.64
C ALA A 100 -15.51 4.74 -13.13
N GLU A 101 -16.48 4.77 -14.04
CA GLU A 101 -17.87 4.63 -13.70
C GLU A 101 -18.20 3.22 -13.17
N GLN A 102 -19.50 2.94 -13.09
CA GLN A 102 -20.01 1.75 -12.44
C GLN A 102 -19.61 0.45 -13.14
N LYS A 103 -19.96 -0.66 -12.48
CA LYS A 103 -19.79 -2.02 -13.00
C LYS A 103 -18.33 -2.50 -12.94
N SER A 104 -17.41 -1.57 -12.72
CA SER A 104 -16.01 -1.91 -12.56
C SER A 104 -15.75 -2.35 -11.11
N ARG A 105 -15.81 -3.65 -10.87
CA ARG A 105 -15.64 -4.21 -9.53
C ARG A 105 -14.77 -5.46 -9.59
N ARG A 106 -14.61 -6.12 -8.44
CA ARG A 106 -13.87 -7.39 -8.34
C ARG A 106 -12.39 -7.20 -8.71
N ALA A 107 -11.68 -8.31 -8.93
CA ALA A 107 -10.30 -8.32 -9.44
C ALA A 107 -9.27 -7.95 -8.38
N THR A 108 -9.67 -7.87 -7.12
CA THR A 108 -8.75 -7.49 -6.06
C THR A 108 -8.80 -8.47 -4.89
N ARG A 109 -7.97 -9.51 -4.98
CA ARG A 109 -7.91 -10.53 -3.93
C ARG A 109 -6.48 -10.95 -3.64
N PRO A 110 -5.78 -10.19 -2.78
CA PRO A 110 -4.46 -10.53 -2.28
C PRO A 110 -4.54 -11.23 -0.92
N THR A 111 -4.53 -12.55 -0.93
CA THR A 111 -4.68 -13.31 0.29
C THR A 111 -3.34 -13.52 1.01
N ARG A 112 -2.96 -12.52 1.79
CA ARG A 112 -1.78 -12.61 2.64
C ARG A 112 -2.15 -12.28 4.08
N ALA A 113 -2.49 -13.32 4.84
CA ALA A 113 -2.86 -13.15 6.24
C ALA A 113 -2.62 -14.44 7.02
N SER A 114 -1.59 -14.42 7.86
CA SER A 114 -1.25 -15.58 8.67
C SER A 114 -0.16 -15.22 9.67
N LYS A 115 -0.49 -15.30 10.95
CA LYS A 115 0.44 -15.00 12.03
C LYS A 115 -0.14 -15.40 13.37
N GLU A 116 0.46 -16.39 14.00
CA GLU A 116 0.06 -16.82 15.33
C GLU A 116 1.25 -17.41 16.08
N ARG A 117 1.23 -17.28 17.39
CA ARG A 117 2.28 -17.84 18.24
C ARG A 117 1.74 -17.99 19.65
N ARG A 118 2.59 -18.38 20.59
CA ARG A 118 2.22 -18.42 21.99
C ARG A 118 3.33 -17.81 22.84
N LEU A 119 2.99 -17.37 24.03
CA LEU A 119 3.96 -16.77 24.93
C LEU A 119 3.41 -16.68 26.35
N SER A 120 3.82 -17.61 27.19
CA SER A 120 3.48 -17.59 28.60
C SER A 120 4.65 -18.09 29.42
N SER A 121 5.17 -17.23 30.29
CA SER A 121 6.30 -17.59 31.13
C SER A 121 6.23 -16.86 32.46
N LYS A 122 6.05 -17.62 33.53
CA LYS A 122 6.05 -17.06 34.88
C LYS A 122 6.73 -18.02 35.85
N ALA A 123 7.84 -17.57 36.44
CA ALA A 123 8.55 -18.37 37.41
C ALA A 123 8.88 -17.54 38.64
N GLN A 124 8.15 -17.81 39.72
CA GLN A 124 8.40 -17.16 41.00
C GLN A 124 8.10 -18.15 42.12
N LYS A 125 9.10 -18.41 42.94
CA LYS A 125 9.00 -19.45 43.95
C LYS A 125 9.30 -18.87 45.33
N SER A 126 8.37 -19.05 46.25
CA SER A 126 8.59 -18.64 47.64
C SER A 126 8.11 -19.75 48.56
N SER A 127 9.04 -20.58 49.02
CA SER A 127 8.72 -21.71 49.86
C SER A 127 8.97 -21.40 51.33
N VAL A 128 7.92 -21.03 52.03
CA VAL A 128 8.02 -20.67 53.44
C VAL A 128 6.96 -21.39 54.26
N LYS A 129 6.21 -22.27 53.62
CA LYS A 129 5.12 -22.98 54.27
C LYS A 129 5.61 -24.34 54.79
N ALA A 130 5.75 -24.45 56.10
CA ALA A 130 6.18 -25.69 56.72
C ALA A 130 5.25 -26.04 57.88
N LEU A 131 5.05 -27.34 58.11
CA LEU A 131 4.11 -27.77 59.13
C LEU A 131 4.54 -29.08 59.78
N ARG A 132 3.93 -29.40 60.91
CA ARG A 132 4.18 -30.63 61.63
C ARG A 132 2.89 -31.16 62.21
N GLY A 133 2.97 -32.24 62.98
CA GLY A 133 1.78 -32.83 63.57
C GLY A 133 1.87 -34.33 63.60
N LYS A 134 2.44 -34.84 64.68
CA LYS A 134 2.62 -36.27 64.84
C LYS A 134 2.23 -36.71 66.25
N VAL A 135 1.01 -37.21 66.39
CA VAL A 135 0.51 -37.66 67.68
C VAL A 135 -0.24 -38.99 67.56
N ARG A 136 0.05 -39.92 68.46
CA ARG A 136 -0.67 -41.19 68.49
C ARG A 136 -1.79 -41.14 69.51
N ARG A 137 -3.03 -41.18 69.03
CA ARG A 137 -4.18 -41.14 69.91
C ARG A 137 -5.28 -42.08 69.40
N PRO A 138 -5.25 -43.33 69.84
CA PRO A 138 -6.25 -44.33 69.47
C PRO A 138 -7.44 -44.37 70.45
N LEU A 139 -8.63 -44.20 69.92
CA LEU A 139 -9.84 -44.32 70.71
C LEU A 139 -10.58 -45.60 70.35
N ASP A 140 -10.35 -46.66 71.12
CA ASP A 140 -11.01 -47.93 70.86
C ASP A 140 -12.16 -48.11 71.82
N LEU A 141 -13.24 -48.67 71.33
CA LEU A 141 -14.43 -48.92 72.14
C LEU A 141 -15.10 -50.21 71.69
N GLU A 142 -14.79 -51.30 72.37
CA GLU A 142 -15.35 -52.59 72.01
C GLU A 142 -16.33 -53.06 73.07
N HIS A 143 -16.95 -54.19 72.82
CA HIS A 143 -17.93 -54.76 73.73
C HIS A 143 -17.67 -56.24 73.93
N HIS A 144 -17.79 -56.71 75.16
CA HIS A 144 -17.57 -58.11 75.48
C HIS A 144 -18.57 -58.60 76.51
N HIS A 145 -19.34 -59.61 76.13
CA HIS A 145 -20.27 -60.28 77.02
C HIS A 145 -20.91 -61.46 76.31
N HIS A 146 -21.28 -62.46 77.08
CA HIS A 146 -21.90 -63.65 76.53
C HIS A 146 -23.40 -63.41 76.35
N HIS A 147 -23.94 -63.82 75.20
CA HIS A 147 -25.33 -63.53 74.87
C HIS A 147 -26.29 -64.50 75.55
N HIS A 148 -27.21 -63.96 76.32
CA HIS A 148 -28.33 -64.71 76.86
C HIS A 148 -29.63 -64.00 76.54
N MET A 1 7.45 9.87 -10.20
CA MET A 1 6.16 10.34 -9.64
C MET A 1 5.00 9.54 -10.22
N ILE A 2 3.85 9.62 -9.56
CA ILE A 2 2.67 8.89 -9.98
C ILE A 2 1.67 9.83 -10.65
N ALA A 3 1.20 9.45 -11.84
CA ALA A 3 0.27 10.27 -12.59
C ALA A 3 -1.18 9.84 -12.33
N ILE A 4 -1.97 10.75 -11.76
CA ILE A 4 -3.37 10.52 -11.49
C ILE A 4 -4.20 11.32 -12.50
N SER A 5 -5.50 11.01 -12.59
CA SER A 5 -6.39 11.65 -13.56
C SER A 5 -6.43 13.17 -13.44
N ARG A 6 -6.88 13.80 -14.52
CA ARG A 6 -7.03 15.26 -14.63
C ARG A 6 -5.68 15.97 -14.61
N THR A 7 -5.21 16.30 -13.43
CA THR A 7 -3.95 17.03 -13.28
C THR A 7 -3.22 16.61 -12.01
N VAL A 8 -3.79 15.66 -11.28
CA VAL A 8 -3.27 15.30 -9.98
C VAL A 8 -2.05 14.40 -10.12
N SER A 9 -0.94 14.82 -9.55
CA SER A 9 0.25 14.00 -9.52
C SER A 9 0.70 13.77 -8.09
N ILE A 10 1.31 12.64 -7.86
CA ILE A 10 1.86 12.31 -6.56
C ILE A 10 3.36 12.18 -6.67
N ALA A 11 4.09 12.86 -5.80
CA ALA A 11 5.54 12.80 -5.83
C ALA A 11 6.02 11.38 -5.64
N ASP A 12 7.14 11.05 -6.24
CA ASP A 12 7.63 9.68 -6.30
C ASP A 12 7.93 9.15 -4.91
N ASN A 13 8.21 10.05 -3.98
CA ASN A 13 8.51 9.66 -2.60
C ASN A 13 7.45 10.17 -1.64
N GLU A 14 6.33 10.67 -2.17
CA GLU A 14 5.21 11.06 -1.33
C GLU A 14 4.51 9.82 -0.78
N LEU A 15 4.68 8.72 -1.50
CA LEU A 15 4.24 7.42 -1.02
C LEU A 15 5.33 6.80 -0.16
N GLU A 16 4.98 6.49 1.07
CA GLU A 16 5.95 5.97 2.03
C GLU A 16 6.29 4.51 1.73
N ILE A 17 7.53 4.27 1.36
CA ILE A 17 8.01 2.93 1.09
C ILE A 17 8.49 2.27 2.38
N THR A 18 7.85 1.17 2.74
CA THR A 18 8.12 0.48 3.97
C THR A 18 8.50 -0.98 3.70
N ALA A 19 9.33 -1.54 4.58
CA ALA A 19 9.77 -2.92 4.43
C ALA A 19 8.78 -3.87 5.13
N ILE A 20 8.59 -5.04 4.55
CA ILE A 20 7.69 -6.03 5.10
C ILE A 20 8.44 -7.05 5.94
N ARG A 21 8.00 -7.23 7.17
CA ARG A 21 8.68 -8.11 8.11
C ARG A 21 7.74 -9.21 8.62
N ALA A 22 6.59 -9.33 7.99
CA ALA A 22 5.58 -10.31 8.39
C ALA A 22 4.57 -10.52 7.27
N GLN A 23 3.80 -11.60 7.35
CA GLN A 23 2.83 -11.96 6.33
C GLN A 23 3.54 -12.45 5.07
N GLY A 24 4.13 -13.63 5.19
CA GLY A 24 4.84 -14.24 4.08
C GLY A 24 5.30 -15.64 4.43
N ALA A 25 4.80 -16.63 3.70
CA ALA A 25 5.10 -18.02 4.01
C ALA A 25 5.11 -18.86 2.73
N GLY A 26 5.20 -20.18 2.91
CA GLY A 26 5.22 -21.09 1.78
C GLY A 26 4.72 -22.46 2.14
N GLY A 27 5.38 -23.08 3.12
CA GLY A 27 5.00 -24.41 3.56
C GLY A 27 6.04 -25.01 4.46
N GLN A 28 5.94 -26.32 4.69
CA GLN A 28 6.91 -27.00 5.54
C GLN A 28 8.24 -27.09 4.83
N HIS A 29 9.30 -27.24 5.63
CA HIS A 29 10.67 -27.26 5.15
C HIS A 29 11.11 -25.89 4.62
N VAL A 30 10.21 -24.93 4.75
CA VAL A 30 10.46 -23.57 4.32
C VAL A 30 10.24 -22.60 5.48
N ASN A 31 11.09 -21.61 5.59
CA ASN A 31 10.94 -20.59 6.64
C ASN A 31 10.10 -19.44 6.15
N LYS A 32 9.39 -18.81 7.07
CA LYS A 32 8.52 -17.68 6.72
C LYS A 32 9.35 -16.42 6.51
N THR A 33 9.25 -15.88 5.31
CA THR A 33 10.01 -14.69 4.94
C THR A 33 9.25 -13.93 3.86
N SER A 34 9.55 -12.66 3.69
CA SER A 34 8.84 -11.83 2.74
C SER A 34 9.76 -10.80 2.09
N SER A 35 10.19 -11.09 0.87
CA SER A 35 10.96 -10.14 0.09
C SER A 35 10.00 -9.32 -0.75
N ALA A 36 9.19 -8.53 -0.07
CA ALA A 36 8.10 -7.81 -0.70
C ALA A 36 8.24 -6.31 -0.48
N ILE A 37 7.61 -5.56 -1.36
CA ILE A 37 7.58 -4.11 -1.26
C ILE A 37 6.25 -3.65 -0.67
N HIS A 38 6.32 -2.74 0.29
CA HIS A 38 5.14 -2.24 0.95
C HIS A 38 5.05 -0.73 0.85
N LEU A 39 3.98 -0.25 0.27
CA LEU A 39 3.72 1.17 0.21
C LEU A 39 2.28 1.44 0.63
N ARG A 40 2.04 2.60 1.23
CA ARG A 40 0.72 2.93 1.68
C ARG A 40 0.34 4.35 1.27
N PHE A 41 -0.86 4.49 0.73
CA PHE A 41 -1.35 5.79 0.28
C PHE A 41 -2.51 6.26 1.13
N ASP A 42 -2.32 7.39 1.78
CA ASP A 42 -3.37 8.04 2.55
C ASP A 42 -3.88 9.26 1.79
N ILE A 43 -5.20 9.41 1.72
CA ILE A 43 -5.82 10.52 1.02
C ILE A 43 -5.30 11.86 1.56
N ARG A 44 -5.19 11.95 2.88
CA ARG A 44 -4.75 13.18 3.54
C ARG A 44 -3.31 13.55 3.19
N ALA A 45 -2.56 12.59 2.63
CA ALA A 45 -1.19 12.86 2.22
C ALA A 45 -1.17 13.73 0.97
N SER A 46 -2.26 13.70 0.22
CA SER A 46 -2.38 14.49 -0.99
C SER A 46 -3.60 15.41 -0.88
N GLY A 47 -4.07 15.92 -2.01
CA GLY A 47 -5.25 16.77 -2.02
C GLY A 47 -6.21 16.36 -3.11
N LEU A 48 -6.81 15.19 -2.94
CA LEU A 48 -7.72 14.64 -3.93
C LEU A 48 -9.08 15.31 -3.90
N PRO A 49 -9.70 15.48 -5.08
CA PRO A 49 -11.07 16.00 -5.19
C PRO A 49 -12.10 15.01 -4.65
N GLU A 50 -13.30 15.52 -4.34
CA GLU A 50 -14.36 14.68 -3.78
C GLU A 50 -14.77 13.59 -4.76
N TYR A 51 -14.66 13.87 -6.05
CA TYR A 51 -15.00 12.91 -7.09
C TYR A 51 -14.26 11.60 -6.87
N TYR A 52 -12.95 11.69 -6.69
CA TYR A 52 -12.13 10.52 -6.49
C TYR A 52 -12.19 10.04 -5.06
N LYS A 53 -12.32 10.99 -4.15
CA LYS A 53 -12.43 10.70 -2.71
C LYS A 53 -13.62 9.77 -2.44
N GLN A 54 -14.75 10.05 -3.08
CA GLN A 54 -15.94 9.23 -2.90
C GLN A 54 -15.79 7.86 -3.55
N ARG A 55 -15.09 7.82 -4.67
CA ARG A 55 -14.85 6.56 -5.38
C ARG A 55 -14.05 5.58 -4.51
N LEU A 56 -13.02 6.09 -3.86
CA LEU A 56 -12.12 5.26 -3.06
C LEU A 56 -12.81 4.72 -1.81
N LEU A 57 -13.60 5.57 -1.15
CA LEU A 57 -14.18 5.23 0.14
C LEU A 57 -15.41 4.33 0.01
N THR A 58 -15.98 4.25 -1.18
CA THR A 58 -17.17 3.44 -1.40
C THR A 58 -16.81 2.01 -1.82
N ALA A 59 -15.73 1.89 -2.60
CA ALA A 59 -15.32 0.59 -3.11
C ALA A 59 -14.58 -0.21 -2.04
N SER A 60 -15.30 -1.14 -1.41
CA SER A 60 -14.73 -1.98 -0.36
C SER A 60 -13.53 -2.77 -0.88
N HIS A 61 -12.39 -2.56 -0.25
CA HIS A 61 -11.16 -3.29 -0.59
C HIS A 61 -10.41 -3.62 0.68
N HIS A 62 -9.64 -4.70 0.65
CA HIS A 62 -8.78 -5.06 1.78
C HIS A 62 -7.52 -4.24 1.70
N LEU A 63 -7.34 -3.61 0.54
CA LEU A 63 -6.30 -2.61 0.36
C LEU A 63 -6.52 -1.46 1.35
N ILE A 64 -7.79 -1.15 1.58
CA ILE A 64 -8.16 -0.17 2.59
C ILE A 64 -8.10 -0.85 3.96
N SER A 65 -7.34 -0.27 4.85
CA SER A 65 -7.13 -0.89 6.15
C SER A 65 -8.06 -0.29 7.21
N ASP A 66 -7.67 0.83 7.79
CA ASP A 66 -8.48 1.45 8.83
C ASP A 66 -8.50 2.96 8.72
N ASP A 67 -7.31 3.55 8.66
CA ASP A 67 -7.17 5.02 8.66
C ASP A 67 -7.55 5.62 7.32
N GLY A 68 -8.21 4.84 6.47
CA GLY A 68 -8.50 5.28 5.13
C GLY A 68 -7.26 5.29 4.27
N VAL A 69 -6.32 4.44 4.64
CA VAL A 69 -5.05 4.31 3.92
C VAL A 69 -5.04 3.03 3.10
N ILE A 70 -4.42 3.11 1.93
CA ILE A 70 -4.35 1.97 1.02
C ILE A 70 -2.99 1.28 1.13
N ILE A 71 -3.01 0.02 1.54
CA ILE A 71 -1.78 -0.77 1.63
C ILE A 71 -1.60 -1.61 0.38
N ILE A 72 -0.46 -1.41 -0.28
CA ILE A 72 -0.13 -2.18 -1.47
C ILE A 72 0.99 -3.17 -1.15
N LYS A 73 0.72 -4.44 -1.39
CA LYS A 73 1.67 -5.50 -1.10
C LYS A 73 2.01 -6.26 -2.38
N ALA A 74 3.28 -6.20 -2.78
CA ALA A 74 3.73 -6.86 -4.00
C ALA A 74 5.04 -7.59 -3.78
N GLN A 75 5.16 -8.75 -4.41
CA GLN A 75 6.36 -9.58 -4.30
C GLN A 75 6.33 -10.67 -5.38
N GLU A 76 7.14 -10.49 -6.41
CA GLU A 76 7.16 -11.47 -7.49
C GLU A 76 8.59 -11.96 -7.76
N PHE A 77 9.44 -11.09 -8.30
CA PHE A 77 10.79 -11.50 -8.71
C PHE A 77 11.84 -11.07 -7.71
N ARG A 78 11.39 -10.68 -6.51
CA ARG A 78 12.27 -10.16 -5.45
C ARG A 78 12.87 -8.79 -5.81
N SER A 79 13.31 -8.64 -7.05
CA SER A 79 13.87 -7.37 -7.54
C SER A 79 13.01 -6.18 -7.15
N GLN A 80 13.59 -5.33 -6.30
CA GLN A 80 12.90 -4.21 -5.71
C GLN A 80 12.33 -3.26 -6.77
N GLU A 81 13.10 -3.04 -7.83
CA GLU A 81 12.73 -2.08 -8.87
C GLU A 81 11.39 -2.43 -9.51
N LEU A 82 11.28 -3.65 -10.01
CA LEU A 82 10.09 -4.05 -10.74
C LEU A 82 8.92 -4.25 -9.79
N ASN A 83 9.21 -4.77 -8.62
CA ASN A 83 8.19 -4.98 -7.59
C ASN A 83 7.61 -3.64 -7.14
N ARG A 84 8.44 -2.60 -7.15
CA ARG A 84 7.97 -1.25 -6.87
C ARG A 84 7.02 -0.78 -7.96
N GLU A 85 7.51 -0.79 -9.19
CA GLU A 85 6.78 -0.25 -10.32
C GLU A 85 5.52 -1.05 -10.63
N ALA A 86 5.57 -2.35 -10.39
CA ALA A 86 4.39 -3.20 -10.55
C ALA A 86 3.35 -2.87 -9.48
N ALA A 87 3.81 -2.69 -8.25
CA ALA A 87 2.92 -2.34 -7.15
C ALA A 87 2.19 -1.03 -7.44
N ILE A 88 2.93 -0.07 -7.95
CA ILE A 88 2.35 1.21 -8.33
C ILE A 88 1.31 1.01 -9.44
N ALA A 89 1.69 0.27 -10.48
CA ALA A 89 0.79 -0.01 -11.58
C ALA A 89 -0.49 -0.70 -11.10
N ARG A 90 -0.34 -1.62 -10.16
CA ARG A 90 -1.48 -2.33 -9.59
C ARG A 90 -2.49 -1.39 -8.91
N LEU A 91 -1.99 -0.41 -8.17
CA LEU A 91 -2.87 0.53 -7.49
C LEU A 91 -3.48 1.50 -8.48
N VAL A 92 -2.69 1.90 -9.48
CA VAL A 92 -3.17 2.77 -10.54
C VAL A 92 -4.30 2.09 -11.32
N ALA A 93 -4.13 0.81 -11.60
CA ALA A 93 -5.16 0.04 -12.29
C ALA A 93 -6.48 0.07 -11.53
N VAL A 94 -6.40 -0.09 -10.21
CA VAL A 94 -7.59 0.00 -9.35
C VAL A 94 -8.21 1.39 -9.47
N ILE A 95 -7.38 2.42 -9.43
CA ILE A 95 -7.83 3.79 -9.61
C ILE A 95 -8.61 3.94 -10.92
N LYS A 96 -8.06 3.40 -11.99
CA LYS A 96 -8.65 3.53 -13.32
C LYS A 96 -9.94 2.71 -13.44
N GLU A 97 -10.08 1.68 -12.60
CA GLU A 97 -11.30 0.90 -12.55
C GLU A 97 -12.40 1.67 -11.83
N LEU A 98 -12.06 2.23 -10.68
CA LEU A 98 -13.02 2.94 -9.85
C LEU A 98 -13.48 4.24 -10.49
N THR A 99 -12.60 4.86 -11.29
CA THR A 99 -12.89 6.13 -11.92
C THR A 99 -13.76 5.97 -13.17
N ALA A 100 -14.05 4.72 -13.52
CA ALA A 100 -14.90 4.45 -14.67
C ALA A 100 -16.35 4.39 -14.24
N GLU A 101 -17.21 5.10 -14.97
CA GLU A 101 -18.62 5.09 -14.70
C GLU A 101 -19.21 3.71 -14.96
N GLN A 102 -19.82 3.14 -13.91
CA GLN A 102 -20.39 1.80 -13.95
C GLN A 102 -19.30 0.75 -14.10
N LYS A 103 -18.95 0.15 -12.97
CA LYS A 103 -17.84 -0.80 -12.91
C LYS A 103 -18.27 -2.15 -13.45
N SER A 104 -17.53 -2.65 -14.43
CA SER A 104 -17.79 -3.96 -15.00
C SER A 104 -17.30 -5.06 -14.07
N ARG A 105 -16.24 -4.74 -13.32
CA ARG A 105 -15.64 -5.70 -12.41
C ARG A 105 -16.43 -5.75 -11.10
N ARG A 106 -17.19 -6.81 -10.93
CA ARG A 106 -18.01 -6.99 -9.73
C ARG A 106 -18.49 -8.43 -9.64
N ALA A 107 -17.95 -9.17 -8.68
CA ALA A 107 -18.33 -10.55 -8.44
C ALA A 107 -18.36 -10.84 -6.95
N THR A 108 -18.70 -9.83 -6.17
CA THR A 108 -18.70 -9.95 -4.73
C THR A 108 -19.81 -9.09 -4.12
N ARG A 109 -20.05 -9.27 -2.84
CA ARG A 109 -21.09 -8.53 -2.13
C ARG A 109 -20.46 -7.62 -1.09
N PRO A 110 -21.00 -6.39 -0.93
CA PRO A 110 -20.46 -5.39 -0.02
C PRO A 110 -20.37 -5.89 1.43
N THR A 111 -19.16 -5.95 1.96
CA THR A 111 -18.96 -6.37 3.33
C THR A 111 -19.21 -5.20 4.28
N ARG A 112 -19.17 -3.98 3.74
CA ARG A 112 -19.49 -2.79 4.52
C ARG A 112 -20.81 -2.21 4.01
N ALA A 113 -21.81 -2.18 4.89
CA ALA A 113 -23.14 -1.74 4.51
C ALA A 113 -23.34 -0.27 4.81
N SER A 114 -22.24 0.46 4.94
CA SER A 114 -22.29 1.90 5.15
C SER A 114 -22.85 2.58 3.90
N LYS A 115 -24.08 3.05 3.99
CA LYS A 115 -24.77 3.55 2.82
C LYS A 115 -24.76 5.07 2.76
N GLU A 116 -23.67 5.62 2.26
CA GLU A 116 -23.61 7.03 1.92
C GLU A 116 -23.27 7.16 0.44
N ARG A 117 -24.28 6.99 -0.39
CA ARG A 117 -24.10 6.93 -1.83
C ARG A 117 -24.24 8.31 -2.45
N ARG A 118 -23.12 8.93 -2.71
CA ARG A 118 -23.10 10.20 -3.42
C ARG A 118 -22.86 9.96 -4.90
N LEU A 119 -21.77 9.24 -5.19
CA LEU A 119 -21.37 8.97 -6.56
C LEU A 119 -21.15 10.27 -7.33
N SER A 120 -21.02 10.17 -8.64
CA SER A 120 -20.87 11.33 -9.50
C SER A 120 -20.79 10.88 -10.95
N SER A 121 -21.90 11.04 -11.67
CA SER A 121 -21.96 10.66 -13.07
C SER A 121 -21.87 11.89 -13.95
N LYS A 122 -20.94 11.89 -14.88
CA LYS A 122 -20.80 12.99 -15.84
C LYS A 122 -20.71 12.43 -17.24
N ALA A 123 -21.44 13.03 -18.16
CA ALA A 123 -21.45 12.57 -19.55
C ALA A 123 -20.35 13.26 -20.35
N GLN A 124 -19.88 12.60 -21.40
CA GLN A 124 -18.88 13.18 -22.26
C GLN A 124 -19.53 13.72 -23.53
N LYS A 125 -18.79 14.55 -24.26
CA LYS A 125 -19.28 15.12 -25.50
C LYS A 125 -18.65 14.43 -26.70
N SER A 126 -19.41 13.56 -27.33
CA SER A 126 -18.95 12.85 -28.51
C SER A 126 -19.98 12.94 -29.61
N SER A 127 -19.77 13.87 -30.55
CA SER A 127 -20.73 14.08 -31.62
C SER A 127 -20.01 14.36 -32.94
N VAL A 128 -20.64 13.97 -34.04
CA VAL A 128 -20.12 14.26 -35.37
C VAL A 128 -20.91 15.40 -36.00
N LYS A 129 -20.61 15.72 -37.25
CA LYS A 129 -21.29 16.79 -37.96
C LYS A 129 -21.44 16.45 -39.43
N ALA A 130 -22.25 17.23 -40.14
CA ALA A 130 -22.44 17.04 -41.57
C ALA A 130 -21.15 17.31 -42.33
N LEU A 131 -21.03 16.75 -43.53
CA LEU A 131 -19.80 16.85 -44.29
C LEU A 131 -20.04 17.56 -45.61
N ARG A 132 -20.91 16.98 -46.44
CA ARG A 132 -21.15 17.50 -47.78
C ARG A 132 -22.48 18.25 -47.83
N GLY A 133 -22.78 18.81 -49.00
CA GLY A 133 -24.06 19.46 -49.22
C GLY A 133 -24.93 18.64 -50.14
N LYS A 134 -25.31 19.22 -51.27
CA LYS A 134 -26.11 18.53 -52.26
C LYS A 134 -25.82 19.06 -53.66
N VAL A 135 -26.43 18.44 -54.68
CA VAL A 135 -26.27 18.89 -56.05
C VAL A 135 -27.61 18.91 -56.78
N ARG A 136 -27.87 19.99 -57.51
CA ARG A 136 -29.10 20.14 -58.26
C ARG A 136 -28.84 19.92 -59.76
N ARG A 137 -29.79 19.30 -60.44
CA ARG A 137 -29.67 19.04 -61.87
C ARG A 137 -30.90 19.56 -62.62
N PRO A 138 -30.89 20.83 -63.03
CA PRO A 138 -31.99 21.45 -63.75
C PRO A 138 -31.99 21.10 -65.24
N LEU A 139 -32.96 20.30 -65.67
CA LEU A 139 -33.10 19.92 -67.07
C LEU A 139 -34.23 20.71 -67.72
N ASP A 140 -34.19 20.84 -69.04
CA ASP A 140 -35.20 21.64 -69.74
C ASP A 140 -35.52 21.03 -71.11
N LEU A 141 -36.78 21.15 -71.51
CA LEU A 141 -37.24 20.64 -72.80
C LEU A 141 -37.96 21.76 -73.54
N GLU A 142 -37.50 22.08 -74.75
CA GLU A 142 -38.01 23.23 -75.48
C GLU A 142 -39.40 22.98 -76.07
N HIS A 143 -40.27 23.98 -75.95
CA HIS A 143 -41.60 23.92 -76.52
C HIS A 143 -41.76 24.94 -77.64
N HIS A 144 -42.45 24.55 -78.70
CA HIS A 144 -42.79 25.46 -79.79
C HIS A 144 -44.19 25.17 -80.27
N HIS A 145 -44.96 26.21 -80.52
CA HIS A 145 -46.33 26.04 -81.02
C HIS A 145 -46.29 25.69 -82.51
N HIS A 146 -46.76 24.50 -82.83
CA HIS A 146 -46.76 24.02 -84.20
C HIS A 146 -47.86 24.70 -85.02
N HIS A 147 -47.51 25.15 -86.22
CA HIS A 147 -48.48 25.69 -87.16
C HIS A 147 -48.32 25.00 -88.51
N HIS A 148 -49.13 25.39 -89.49
CA HIS A 148 -49.02 24.81 -90.82
C HIS A 148 -48.89 25.90 -91.89
N MET A 1 7.85 8.36 -9.47
CA MET A 1 6.89 9.48 -9.49
C MET A 1 5.46 8.93 -9.64
N ILE A 2 4.51 9.57 -8.97
CA ILE A 2 3.12 9.14 -9.05
C ILE A 2 2.35 10.00 -10.05
N ALA A 3 1.80 9.36 -11.07
CA ALA A 3 1.05 10.07 -12.09
C ALA A 3 -0.41 9.61 -12.10
N ILE A 4 -1.31 10.54 -11.85
CA ILE A 4 -2.73 10.25 -11.80
C ILE A 4 -3.42 10.89 -13.01
N SER A 5 -4.65 10.47 -13.28
CA SER A 5 -5.41 10.97 -14.41
C SER A 5 -5.69 12.48 -14.30
N ARG A 6 -6.20 13.04 -15.40
CA ARG A 6 -6.53 14.46 -15.51
C ARG A 6 -5.27 15.33 -15.51
N THR A 7 -4.75 15.63 -14.33
CA THR A 7 -3.59 16.50 -14.21
C THR A 7 -2.97 16.38 -12.82
N VAL A 8 -3.26 15.29 -12.13
CA VAL A 8 -2.78 15.13 -10.76
C VAL A 8 -1.50 14.31 -10.73
N SER A 9 -0.48 14.84 -10.08
CA SER A 9 0.77 14.11 -9.93
C SER A 9 1.35 14.32 -8.53
N ILE A 10 2.02 13.30 -8.03
CA ILE A 10 2.58 13.35 -6.69
C ILE A 10 4.06 12.94 -6.74
N ALA A 11 4.89 13.63 -5.98
CA ALA A 11 6.31 13.29 -5.91
C ALA A 11 6.50 11.92 -5.31
N ASP A 12 7.48 11.19 -5.84
CA ASP A 12 7.74 9.81 -5.41
C ASP A 12 8.17 9.78 -3.94
N ASN A 13 8.69 10.90 -3.47
CA ASN A 13 9.21 11.00 -2.11
C ASN A 13 8.08 11.13 -1.06
N GLU A 14 6.85 11.26 -1.54
CA GLU A 14 5.71 11.40 -0.64
C GLU A 14 5.20 10.03 -0.18
N LEU A 15 5.68 8.98 -0.82
CA LEU A 15 5.24 7.63 -0.50
C LEU A 15 6.02 7.03 0.67
N GLU A 16 5.30 6.39 1.59
CA GLU A 16 5.94 5.66 2.67
C GLU A 16 6.27 4.24 2.21
N ILE A 17 7.49 4.05 1.76
CA ILE A 17 7.93 2.74 1.27
C ILE A 17 8.64 1.97 2.37
N THR A 18 8.04 0.88 2.80
CA THR A 18 8.63 0.03 3.82
C THR A 18 8.88 -1.36 3.25
N ALA A 19 9.94 -2.00 3.69
CA ALA A 19 10.27 -3.34 3.21
C ALA A 19 9.55 -4.40 4.03
N ILE A 20 8.90 -5.33 3.33
CA ILE A 20 8.20 -6.42 3.99
C ILE A 20 9.17 -7.53 4.36
N ARG A 21 9.16 -7.90 5.63
CA ARG A 21 9.94 -9.03 6.10
C ARG A 21 9.55 -10.31 5.38
N ALA A 22 10.47 -10.88 4.63
CA ALA A 22 10.21 -12.12 3.91
C ALA A 22 10.08 -13.29 4.89
N GLN A 23 11.21 -13.85 5.29
CA GLN A 23 11.21 -14.92 6.29
C GLN A 23 12.48 -14.86 7.13
N GLY A 24 13.34 -13.92 6.83
CA GLY A 24 14.60 -13.81 7.51
C GLY A 24 15.67 -14.68 6.89
N ALA A 25 16.77 -14.87 7.60
CA ALA A 25 17.88 -15.67 7.11
C ALA A 25 18.63 -16.33 8.27
N GLY A 26 19.57 -17.20 7.96
CA GLY A 26 20.32 -17.88 9.00
C GLY A 26 20.50 -19.34 8.72
N GLY A 27 21.65 -19.87 9.14
CA GLY A 27 21.92 -21.28 8.97
C GLY A 27 22.71 -21.58 7.71
N GLN A 28 22.01 -21.61 6.58
CA GLN A 28 22.63 -21.90 5.31
C GLN A 28 22.37 -20.77 4.33
N HIS A 29 22.80 -20.94 3.09
CA HIS A 29 22.72 -19.87 2.10
C HIS A 29 21.36 -19.84 1.45
N VAL A 30 20.79 -18.65 1.36
CA VAL A 30 19.52 -18.45 0.68
C VAL A 30 19.58 -17.17 -0.15
N ASN A 31 19.01 -17.24 -1.35
CA ASN A 31 19.03 -16.09 -2.25
C ASN A 31 17.69 -15.38 -2.25
N LYS A 32 16.68 -16.04 -1.70
CA LYS A 32 15.40 -15.38 -1.48
C LYS A 32 15.45 -14.58 -0.18
N THR A 33 16.05 -13.39 -0.29
CA THR A 33 16.22 -12.51 0.86
C THR A 33 14.99 -11.65 1.07
N SER A 34 15.03 -10.80 2.09
CA SER A 34 13.88 -9.97 2.42
C SER A 34 13.84 -8.74 1.52
N SER A 35 13.09 -8.84 0.44
CA SER A 35 12.94 -7.74 -0.50
C SER A 35 11.52 -7.70 -1.07
N ALA A 36 10.67 -6.94 -0.41
CA ALA A 36 9.29 -6.78 -0.82
C ALA A 36 8.82 -5.37 -0.49
N ILE A 37 7.93 -4.83 -1.30
CA ILE A 37 7.54 -3.44 -1.18
C ILE A 37 6.20 -3.29 -0.47
N HIS A 38 6.22 -2.62 0.67
CA HIS A 38 5.02 -2.29 1.41
C HIS A 38 4.82 -0.79 1.41
N LEU A 39 3.84 -0.33 0.67
CA LEU A 39 3.57 1.10 0.57
C LEU A 39 2.11 1.38 0.85
N ARG A 40 1.86 2.55 1.40
CA ARG A 40 0.49 2.96 1.70
C ARG A 40 0.19 4.29 1.03
N PHE A 41 -0.83 4.28 0.19
CA PHE A 41 -1.31 5.49 -0.46
C PHE A 41 -2.52 5.98 0.31
N ASP A 42 -2.32 7.01 1.12
CA ASP A 42 -3.38 7.50 2.00
C ASP A 42 -4.13 8.66 1.36
N ILE A 43 -5.44 8.65 1.56
CA ILE A 43 -6.32 9.66 1.02
C ILE A 43 -6.49 10.80 2.02
N ARG A 44 -6.61 10.43 3.30
CA ARG A 44 -6.83 11.40 4.38
C ARG A 44 -5.76 12.50 4.36
N ALA A 45 -4.52 12.13 4.05
CA ALA A 45 -3.40 13.08 3.95
C ALA A 45 -3.56 14.03 2.76
N SER A 46 -4.61 13.80 1.98
CA SER A 46 -4.91 14.56 0.77
C SER A 46 -3.87 14.32 -0.31
N GLY A 47 -4.36 13.80 -1.42
CA GLY A 47 -3.54 13.53 -2.57
C GLY A 47 -4.37 13.48 -3.81
N LEU A 48 -5.23 12.49 -3.89
CA LEU A 48 -6.21 12.40 -4.97
C LEU A 48 -7.34 13.39 -4.72
N PRO A 49 -7.90 13.97 -5.80
CA PRO A 49 -9.09 14.81 -5.69
C PRO A 49 -10.23 14.06 -5.02
N GLU A 50 -11.11 14.78 -4.35
CA GLU A 50 -12.14 14.15 -3.52
C GLU A 50 -13.12 13.35 -4.36
N TYR A 51 -13.19 13.65 -5.63
CA TYR A 51 -14.05 12.91 -6.54
C TYR A 51 -13.54 11.49 -6.74
N TYR A 52 -12.23 11.29 -6.59
CA TYR A 52 -11.67 9.96 -6.57
C TYR A 52 -11.84 9.35 -5.18
N LYS A 53 -11.74 10.22 -4.18
CA LYS A 53 -11.92 9.85 -2.78
C LYS A 53 -13.31 9.26 -2.54
N GLN A 54 -14.32 9.86 -3.17
CA GLN A 54 -15.69 9.35 -3.06
C GLN A 54 -15.79 7.93 -3.61
N ARG A 55 -15.16 7.68 -4.75
CA ARG A 55 -15.16 6.37 -5.39
C ARG A 55 -14.64 5.30 -4.42
N LEU A 56 -13.49 5.60 -3.81
CA LEU A 56 -12.80 4.65 -2.93
C LEU A 56 -13.62 4.35 -1.68
N LEU A 57 -14.43 5.30 -1.25
CA LEU A 57 -15.23 5.13 -0.05
C LEU A 57 -16.55 4.43 -0.36
N THR A 58 -16.99 4.49 -1.60
CA THR A 58 -18.23 3.82 -1.99
C THR A 58 -17.99 2.35 -2.32
N ALA A 59 -16.82 2.04 -2.88
CA ALA A 59 -16.52 0.67 -3.26
C ALA A 59 -15.40 0.09 -2.41
N SER A 60 -15.76 -0.73 -1.44
CA SER A 60 -14.79 -1.46 -0.65
C SER A 60 -14.12 -2.52 -1.53
N HIS A 61 -12.95 -2.19 -2.02
CA HIS A 61 -12.30 -3.02 -3.03
C HIS A 61 -11.23 -3.93 -2.40
N HIS A 62 -11.43 -4.27 -1.13
CA HIS A 62 -10.55 -5.17 -0.38
C HIS A 62 -9.23 -4.50 -0.04
N LEU A 63 -8.53 -4.01 -1.08
CA LEU A 63 -7.27 -3.31 -0.91
C LEU A 63 -7.47 -2.01 -0.13
N ILE A 64 -8.69 -1.53 -0.11
CA ILE A 64 -9.05 -0.39 0.70
C ILE A 64 -9.31 -0.86 2.12
N SER A 65 -8.61 -0.30 3.08
CA SER A 65 -8.76 -0.69 4.47
C SER A 65 -10.21 -0.54 4.93
N ASP A 66 -10.68 0.70 4.98
CA ASP A 66 -12.05 0.99 5.43
C ASP A 66 -12.30 2.49 5.43
N ASP A 67 -11.43 3.23 6.11
CA ASP A 67 -11.62 4.67 6.28
C ASP A 67 -11.17 5.47 5.07
N GLY A 68 -10.24 4.92 4.31
CA GLY A 68 -9.82 5.57 3.08
C GLY A 68 -8.32 5.60 2.89
N VAL A 69 -7.69 4.44 2.99
CA VAL A 69 -6.26 4.32 2.70
C VAL A 69 -6.03 3.03 1.91
N ILE A 70 -5.08 3.08 0.98
CA ILE A 70 -4.78 1.92 0.14
C ILE A 70 -3.37 1.41 0.40
N ILE A 71 -3.25 0.20 0.88
CA ILE A 71 -1.95 -0.41 1.09
C ILE A 71 -1.68 -1.44 0.00
N ILE A 72 -0.59 -1.25 -0.72
CA ILE A 72 -0.21 -2.16 -1.78
C ILE A 72 0.84 -3.14 -1.27
N LYS A 73 0.59 -4.42 -1.49
CA LYS A 73 1.48 -5.46 -1.01
C LYS A 73 2.23 -6.10 -2.18
N ALA A 74 3.45 -5.68 -2.40
CA ALA A 74 4.24 -6.16 -3.52
C ALA A 74 5.33 -7.12 -3.05
N GLN A 75 5.31 -8.31 -3.62
CA GLN A 75 6.30 -9.34 -3.33
C GLN A 75 6.35 -10.32 -4.49
N GLU A 76 7.41 -10.25 -5.26
CA GLU A 76 7.55 -11.09 -6.44
C GLU A 76 8.99 -11.50 -6.67
N PHE A 77 9.79 -10.57 -7.20
CA PHE A 77 11.15 -10.89 -7.60
C PHE A 77 12.16 -10.14 -6.74
N ARG A 78 13.44 -10.45 -6.94
CA ARG A 78 14.51 -9.87 -6.12
C ARG A 78 14.83 -8.43 -6.54
N SER A 79 14.16 -7.96 -7.57
CA SER A 79 14.36 -6.60 -8.05
C SER A 79 13.28 -5.68 -7.49
N GLN A 80 13.70 -4.77 -6.61
CA GLN A 80 12.78 -3.84 -5.97
C GLN A 80 12.12 -2.94 -6.98
N GLU A 81 12.86 -2.60 -8.04
CA GLU A 81 12.36 -1.69 -9.07
C GLU A 81 11.05 -2.19 -9.67
N LEU A 82 11.06 -3.43 -10.16
CA LEU A 82 9.88 -4.00 -10.80
C LEU A 82 8.74 -4.16 -9.79
N ASN A 83 9.11 -4.48 -8.56
CA ASN A 83 8.14 -4.58 -7.48
C ASN A 83 7.50 -3.23 -7.19
N ARG A 84 8.31 -2.19 -7.26
CA ARG A 84 7.83 -0.83 -7.08
C ARG A 84 6.88 -0.44 -8.21
N GLU A 85 7.31 -0.65 -9.44
CA GLU A 85 6.51 -0.32 -10.60
C GLU A 85 5.17 -1.06 -10.60
N ALA A 86 5.22 -2.35 -10.28
CA ALA A 86 4.02 -3.16 -10.21
C ALA A 86 3.13 -2.71 -9.05
N ALA A 87 3.75 -2.16 -8.02
CA ALA A 87 3.01 -1.64 -6.87
C ALA A 87 2.27 -0.36 -7.25
N ILE A 88 2.97 0.54 -7.93
CA ILE A 88 2.37 1.78 -8.39
C ILE A 88 1.28 1.51 -9.42
N ALA A 89 1.61 0.67 -10.41
CA ALA A 89 0.66 0.31 -11.45
C ALA A 89 -0.54 -0.42 -10.87
N ARG A 90 -0.33 -1.07 -9.73
CA ARG A 90 -1.40 -1.79 -9.03
C ARG A 90 -2.46 -0.79 -8.54
N LEU A 91 -2.00 0.27 -7.88
CA LEU A 91 -2.92 1.24 -7.29
C LEU A 91 -3.61 2.05 -8.39
N VAL A 92 -2.88 2.32 -9.47
CA VAL A 92 -3.44 3.02 -10.61
C VAL A 92 -4.57 2.21 -11.23
N ALA A 93 -4.38 0.90 -11.30
CA ALA A 93 -5.40 -0.01 -11.81
C ALA A 93 -6.64 0.05 -10.92
N VAL A 94 -6.43 0.02 -9.61
CA VAL A 94 -7.52 0.10 -8.64
C VAL A 94 -8.33 1.38 -8.84
N ILE A 95 -7.64 2.50 -9.04
CA ILE A 95 -8.29 3.78 -9.29
C ILE A 95 -9.20 3.67 -10.52
N LYS A 96 -8.71 3.01 -11.55
CA LYS A 96 -9.45 2.88 -12.81
C LYS A 96 -10.63 1.92 -12.65
N GLU A 97 -10.48 0.92 -11.79
CA GLU A 97 -11.53 -0.07 -11.56
C GLU A 97 -12.74 0.54 -10.87
N LEU A 98 -12.51 1.59 -10.08
CA LEU A 98 -13.57 2.27 -9.37
C LEU A 98 -14.12 3.47 -10.16
N THR A 99 -13.26 4.11 -10.95
CA THR A 99 -13.68 5.26 -11.74
C THR A 99 -14.46 4.81 -12.97
N ALA A 100 -13.95 3.80 -13.65
CA ALA A 100 -14.66 3.19 -14.75
C ALA A 100 -15.35 1.93 -14.26
N GLU A 101 -16.43 1.55 -14.90
CA GLU A 101 -17.18 0.39 -14.49
C GLU A 101 -16.41 -0.89 -14.84
N GLN A 102 -15.60 -1.36 -13.90
CA GLN A 102 -14.81 -2.57 -14.09
C GLN A 102 -15.07 -3.59 -12.99
N LYS A 103 -14.53 -3.31 -11.81
CA LYS A 103 -14.67 -4.19 -10.63
C LYS A 103 -14.18 -5.60 -10.89
N SER A 104 -12.92 -5.87 -10.54
CA SER A 104 -12.38 -7.21 -10.66
C SER A 104 -12.12 -7.80 -9.27
N ARG A 105 -11.76 -9.08 -9.22
CA ARG A 105 -11.53 -9.78 -7.96
C ARG A 105 -10.09 -9.61 -7.51
N ARG A 106 -9.89 -9.55 -6.20
CA ARG A 106 -8.57 -9.39 -5.61
C ARG A 106 -8.65 -9.53 -4.10
N ALA A 107 -8.15 -10.64 -3.57
CA ALA A 107 -8.27 -10.95 -2.16
C ALA A 107 -7.05 -10.49 -1.37
N THR A 108 -7.04 -9.24 -0.99
CA THR A 108 -5.97 -8.68 -0.17
C THR A 108 -6.48 -7.46 0.60
N ARG A 109 -6.72 -7.63 1.90
CA ARG A 109 -7.17 -6.52 2.73
C ARG A 109 -6.11 -6.15 3.76
N PRO A 110 -5.44 -5.01 3.57
CA PRO A 110 -4.47 -4.48 4.51
C PRO A 110 -5.10 -3.50 5.50
N THR A 111 -4.80 -3.67 6.78
CA THR A 111 -5.41 -2.85 7.82
C THR A 111 -4.37 -2.00 8.54
N ARG A 112 -4.26 -0.73 8.12
CA ARG A 112 -3.41 0.27 8.79
C ARG A 112 -3.73 1.67 8.29
N ALA A 113 -4.60 2.37 9.00
CA ALA A 113 -5.08 3.67 8.57
C ALA A 113 -4.65 4.77 9.54
N SER A 114 -4.49 5.97 9.02
CA SER A 114 -4.17 7.14 9.84
C SER A 114 -5.29 8.17 9.71
N LYS A 115 -6.08 8.29 10.75
CA LYS A 115 -7.33 9.05 10.68
C LYS A 115 -7.33 10.20 11.68
N GLU A 116 -7.66 11.40 11.20
CA GLU A 116 -7.77 12.58 12.06
C GLU A 116 -8.72 13.58 11.43
N ARG A 117 -9.39 14.37 12.27
CA ARG A 117 -10.26 15.43 11.77
C ARG A 117 -10.16 16.66 12.66
N ARG A 118 -9.31 17.59 12.27
CA ARG A 118 -9.21 18.88 12.96
C ARG A 118 -10.11 19.90 12.31
N LEU A 119 -10.62 20.82 13.13
CA LEU A 119 -11.52 21.85 12.66
C LEU A 119 -11.06 23.23 13.11
N SER A 120 -11.49 24.26 12.39
CA SER A 120 -11.12 25.63 12.71
C SER A 120 -12.20 26.59 12.23
N SER A 121 -12.77 27.35 13.16
CA SER A 121 -13.79 28.32 12.83
C SER A 121 -13.71 29.54 13.75
N LYS A 122 -13.27 30.67 13.22
CA LYS A 122 -13.22 31.91 13.95
C LYS A 122 -13.95 33.00 13.19
N ALA A 123 -14.62 33.91 13.89
CA ALA A 123 -15.38 34.97 13.25
C ALA A 123 -15.20 36.29 13.98
N GLN A 124 -14.92 37.33 13.21
CA GLN A 124 -14.76 38.68 13.76
C GLN A 124 -15.58 39.67 12.96
N LYS A 125 -16.06 40.71 13.62
CA LYS A 125 -16.86 41.73 12.97
C LYS A 125 -16.59 43.08 13.61
N SER A 126 -16.40 44.10 12.80
CA SER A 126 -16.10 45.43 13.28
C SER A 126 -17.24 46.40 12.97
N SER A 127 -17.89 46.89 14.02
CA SER A 127 -18.98 47.84 13.85
C SER A 127 -18.65 49.15 14.56
N VAL A 128 -18.31 50.16 13.77
CA VAL A 128 -17.97 51.47 14.31
C VAL A 128 -18.67 52.57 13.51
N LYS A 129 -19.27 53.52 14.24
CA LYS A 129 -19.91 54.67 13.61
C LYS A 129 -20.18 55.74 14.66
N ALA A 130 -19.58 56.90 14.46
CA ALA A 130 -19.79 58.03 15.35
C ALA A 130 -20.01 59.29 14.55
N LEU A 131 -21.24 59.79 14.58
CA LEU A 131 -21.58 60.98 13.82
C LEU A 131 -21.86 62.15 14.74
N ARG A 132 -22.02 63.33 14.15
CA ARG A 132 -22.26 64.55 14.89
C ARG A 132 -23.09 65.50 14.03
N GLY A 133 -23.92 66.31 14.66
CA GLY A 133 -24.81 67.17 13.90
C GLY A 133 -24.64 68.63 14.23
N LYS A 134 -25.41 69.47 13.58
CA LYS A 134 -25.37 70.91 13.81
C LYS A 134 -26.75 71.38 14.25
N VAL A 135 -26.78 72.35 15.15
CA VAL A 135 -28.04 72.79 15.72
C VAL A 135 -28.44 74.17 15.22
N ARG A 136 -29.73 74.35 15.01
CA ARG A 136 -30.29 75.66 14.69
C ARG A 136 -31.52 75.88 15.56
N ARG A 137 -31.63 77.05 16.15
CA ARG A 137 -32.72 77.33 17.08
C ARG A 137 -33.44 78.62 16.71
N PRO A 138 -34.77 78.58 16.60
CA PRO A 138 -35.59 79.75 16.28
C PRO A 138 -35.96 80.57 17.51
N LEU A 139 -36.44 81.78 17.27
CA LEU A 139 -36.89 82.66 18.35
C LEU A 139 -38.04 83.52 17.87
N ASP A 140 -39.22 83.30 18.44
CA ASP A 140 -40.41 84.05 18.05
C ASP A 140 -40.72 85.14 19.06
N LEU A 141 -40.96 86.34 18.55
CA LEU A 141 -41.35 87.48 19.38
C LEU A 141 -42.83 87.78 19.20
N GLU A 142 -43.48 86.90 18.46
CA GLU A 142 -44.87 87.10 18.08
C GLU A 142 -45.81 87.05 19.28
N HIS A 143 -46.49 88.15 19.51
CA HIS A 143 -47.42 88.28 20.62
C HIS A 143 -48.77 88.82 20.12
N HIS A 144 -49.81 88.59 20.88
CA HIS A 144 -51.17 88.91 20.42
C HIS A 144 -51.77 90.01 21.30
N HIS A 145 -52.92 90.54 20.87
CA HIS A 145 -53.60 91.61 21.59
C HIS A 145 -54.88 91.07 22.24
N HIS A 146 -55.05 91.35 23.52
CA HIS A 146 -56.27 90.95 24.23
C HIS A 146 -57.23 92.13 24.29
N HIS A 147 -58.53 91.86 24.31
CA HIS A 147 -59.51 92.93 24.32
C HIS A 147 -59.57 93.60 25.69
N HIS A 148 -58.96 94.77 25.77
CA HIS A 148 -58.93 95.59 26.96
C HIS A 148 -58.21 96.88 26.64
N MET A 1 7.69 9.08 -11.99
CA MET A 1 6.65 9.82 -11.27
C MET A 1 5.31 9.11 -11.41
N ILE A 2 4.45 9.24 -10.41
CA ILE A 2 3.16 8.57 -10.41
C ILE A 2 2.13 9.40 -11.18
N ALA A 3 1.65 8.85 -12.28
CA ALA A 3 0.64 9.52 -13.09
C ALA A 3 -0.74 8.96 -12.80
N ILE A 4 -1.66 9.84 -12.46
CA ILE A 4 -3.03 9.45 -12.15
C ILE A 4 -3.95 9.94 -13.27
N SER A 5 -5.17 9.43 -13.32
CA SER A 5 -6.17 9.92 -14.26
C SER A 5 -6.45 11.40 -14.00
N ARG A 6 -7.03 12.09 -15.00
CA ARG A 6 -7.26 13.53 -14.91
C ARG A 6 -5.92 14.26 -14.85
N THR A 7 -5.93 15.53 -14.46
CA THR A 7 -4.68 16.28 -14.36
C THR A 7 -4.06 16.12 -12.96
N VAL A 8 -4.17 14.90 -12.42
CA VAL A 8 -3.61 14.60 -11.11
C VAL A 8 -2.32 13.80 -11.25
N SER A 9 -1.28 14.23 -10.55
CA SER A 9 -0.01 13.52 -10.57
C SER A 9 0.62 13.55 -9.18
N ILE A 10 1.44 12.57 -8.88
CA ILE A 10 2.05 12.41 -7.57
C ILE A 10 3.54 12.13 -7.69
N ALA A 11 4.34 12.83 -6.89
CA ALA A 11 5.78 12.61 -6.87
C ALA A 11 6.12 11.28 -6.19
N ASP A 12 7.23 10.68 -6.59
CA ASP A 12 7.59 9.34 -6.14
C ASP A 12 8.10 9.34 -4.70
N ASN A 13 8.55 10.50 -4.22
CA ASN A 13 9.02 10.61 -2.85
C ASN A 13 7.86 10.79 -1.88
N GLU A 14 6.66 10.91 -2.42
CA GLU A 14 5.47 11.11 -1.63
C GLU A 14 4.85 9.78 -1.22
N LEU A 15 5.44 8.69 -1.68
CA LEU A 15 4.95 7.35 -1.37
C LEU A 15 5.46 6.89 -0.01
N GLU A 16 4.57 6.31 0.79
CA GLU A 16 4.96 5.76 2.07
C GLU A 16 5.48 4.36 1.88
N ILE A 17 6.79 4.22 1.91
CA ILE A 17 7.43 2.94 1.64
C ILE A 17 7.74 2.20 2.93
N THR A 18 7.13 1.04 3.07
CA THR A 18 7.36 0.18 4.22
C THR A 18 7.94 -1.15 3.77
N ALA A 19 8.97 -1.60 4.45
CA ALA A 19 9.63 -2.86 4.11
C ALA A 19 8.92 -4.02 4.80
N ILE A 20 8.55 -5.03 4.03
CA ILE A 20 7.86 -6.19 4.56
C ILE A 20 8.84 -7.08 5.32
N ARG A 21 8.54 -7.33 6.58
CA ARG A 21 9.35 -8.22 7.40
C ARG A 21 8.76 -9.62 7.39
N ALA A 22 7.52 -9.72 7.87
CA ALA A 22 6.79 -10.98 7.94
C ALA A 22 7.55 -12.04 8.74
N GLN A 23 7.35 -12.03 10.04
CA GLN A 23 7.95 -13.04 10.90
C GLN A 23 7.11 -14.31 10.87
N GLY A 24 7.32 -15.12 9.85
CA GLY A 24 6.57 -16.35 9.71
C GLY A 24 5.33 -16.15 8.89
N ALA A 25 4.30 -16.97 9.15
CA ALA A 25 3.02 -16.91 8.45
C ALA A 25 3.13 -17.40 7.02
N GLY A 26 1.99 -17.74 6.43
CA GLY A 26 1.97 -18.21 5.06
C GLY A 26 2.25 -19.69 4.96
N GLY A 27 3.33 -20.13 5.59
CA GLY A 27 3.69 -21.53 5.56
C GLY A 27 5.03 -21.75 4.91
N GLN A 28 5.49 -20.77 4.16
CA GLN A 28 6.77 -20.85 3.48
C GLN A 28 7.88 -20.33 4.38
N HIS A 29 9.11 -20.65 4.04
CA HIS A 29 10.26 -20.20 4.82
C HIS A 29 10.59 -18.76 4.45
N VAL A 30 10.46 -17.86 5.42
CA VAL A 30 10.73 -16.45 5.20
C VAL A 30 11.80 -15.95 6.15
N ASN A 31 11.89 -16.59 7.31
CA ASN A 31 12.91 -16.30 8.32
C ASN A 31 12.83 -14.84 8.76
N LYS A 32 11.58 -14.33 8.80
CA LYS A 32 11.27 -12.94 9.16
C LYS A 32 12.04 -11.92 8.30
N THR A 33 12.51 -12.38 7.15
CA THR A 33 13.24 -11.52 6.24
C THR A 33 12.65 -11.58 4.84
N SER A 34 11.53 -10.90 4.64
CA SER A 34 10.89 -10.86 3.34
C SER A 34 11.65 -9.94 2.40
N SER A 35 11.91 -8.71 2.86
CA SER A 35 12.59 -7.70 2.07
C SER A 35 11.78 -7.34 0.83
N ALA A 36 10.46 -7.51 0.94
CA ALA A 36 9.57 -7.23 -0.17
C ALA A 36 9.06 -5.79 -0.08
N ILE A 37 8.29 -5.40 -1.08
CA ILE A 37 7.87 -4.02 -1.21
C ILE A 37 6.44 -3.84 -0.72
N HIS A 38 6.22 -2.78 0.05
CA HIS A 38 4.91 -2.49 0.60
C HIS A 38 4.73 -0.98 0.72
N LEU A 39 3.60 -0.48 0.27
CA LEU A 39 3.32 0.94 0.37
C LEU A 39 1.87 1.16 0.77
N ARG A 40 1.63 2.26 1.46
CA ARG A 40 0.28 2.60 1.90
C ARG A 40 -0.08 3.99 1.45
N PHE A 41 -1.17 4.09 0.72
CA PHE A 41 -1.62 5.37 0.19
C PHE A 41 -2.96 5.75 0.80
N ASP A 42 -2.96 6.75 1.65
CA ASP A 42 -4.18 7.25 2.24
C ASP A 42 -4.51 8.63 1.70
N ILE A 43 -5.77 9.01 1.81
CA ILE A 43 -6.25 10.29 1.30
C ILE A 43 -5.58 11.46 2.00
N ARG A 44 -5.45 11.36 3.33
CA ARG A 44 -4.91 12.45 4.14
C ARG A 44 -3.48 12.82 3.73
N ALA A 45 -2.74 11.84 3.24
CA ALA A 45 -1.35 12.06 2.85
C ALA A 45 -1.23 13.06 1.70
N SER A 46 -2.26 13.14 0.86
CA SER A 46 -2.21 13.99 -0.31
C SER A 46 -3.43 14.89 -0.41
N GLY A 47 -3.53 15.64 -1.50
CA GLY A 47 -4.66 16.51 -1.70
C GLY A 47 -5.54 16.05 -2.85
N LEU A 48 -6.16 14.90 -2.67
CA LEU A 48 -7.05 14.35 -3.68
C LEU A 48 -8.39 15.09 -3.67
N PRO A 49 -9.01 15.28 -4.85
CA PRO A 49 -10.30 15.96 -4.96
C PRO A 49 -11.41 15.24 -4.20
N GLU A 50 -12.45 15.97 -3.82
CA GLU A 50 -13.58 15.39 -3.09
C GLU A 50 -14.26 14.31 -3.90
N TYR A 51 -14.42 14.57 -5.20
CA TYR A 51 -15.05 13.62 -6.10
C TYR A 51 -14.21 12.36 -6.26
N TYR A 52 -12.92 12.48 -5.99
CA TYR A 52 -12.04 11.33 -5.98
C TYR A 52 -12.19 10.57 -4.67
N LYS A 53 -12.24 11.32 -3.57
CA LYS A 53 -12.44 10.74 -2.23
C LYS A 53 -13.68 9.86 -2.21
N GLN A 54 -14.74 10.33 -2.86
CA GLN A 54 -16.02 9.63 -2.90
C GLN A 54 -15.87 8.20 -3.41
N ARG A 55 -15.31 8.06 -4.60
CA ARG A 55 -15.26 6.77 -5.28
C ARG A 55 -14.20 5.84 -4.70
N LEU A 56 -13.18 6.41 -4.06
CA LEU A 56 -12.10 5.60 -3.50
C LEU A 56 -12.55 4.84 -2.28
N LEU A 57 -13.32 5.49 -1.42
CA LEU A 57 -13.74 4.89 -0.16
C LEU A 57 -14.93 3.97 -0.31
N THR A 58 -15.66 4.10 -1.42
CA THR A 58 -16.87 3.31 -1.61
C THR A 58 -16.55 1.86 -1.99
N ALA A 59 -15.47 1.66 -2.75
CA ALA A 59 -15.14 0.33 -3.26
C ALA A 59 -14.70 -0.61 -2.14
N SER A 60 -15.47 -1.66 -1.94
CA SER A 60 -15.15 -2.66 -0.94
C SER A 60 -14.19 -3.69 -1.52
N HIS A 61 -12.90 -3.41 -1.38
CA HIS A 61 -11.85 -4.27 -1.91
C HIS A 61 -10.82 -4.51 -0.81
N HIS A 62 -10.35 -5.74 -0.65
CA HIS A 62 -9.47 -6.07 0.49
C HIS A 62 -8.11 -5.39 0.40
N LEU A 63 -7.85 -4.72 -0.71
CA LEU A 63 -6.65 -3.89 -0.83
C LEU A 63 -6.77 -2.68 0.08
N ILE A 64 -8.01 -2.28 0.34
CA ILE A 64 -8.29 -1.22 1.29
C ILE A 64 -8.35 -1.82 2.68
N SER A 65 -7.65 -1.20 3.63
CA SER A 65 -7.60 -1.75 4.98
C SER A 65 -8.83 -1.36 5.80
N ASP A 66 -8.81 -0.19 6.41
CA ASP A 66 -9.95 0.27 7.20
C ASP A 66 -9.88 1.77 7.47
N ASP A 67 -8.66 2.26 7.73
CA ASP A 67 -8.44 3.67 8.03
C ASP A 67 -8.57 4.55 6.78
N GLY A 68 -9.25 4.04 5.75
CA GLY A 68 -9.35 4.76 4.50
C GLY A 68 -8.01 4.87 3.81
N VAL A 69 -7.23 3.80 3.90
CA VAL A 69 -5.90 3.76 3.31
C VAL A 69 -5.76 2.52 2.43
N ILE A 70 -5.04 2.67 1.33
CA ILE A 70 -4.80 1.58 0.40
C ILE A 70 -3.48 0.89 0.74
N ILE A 71 -3.54 -0.39 1.06
CA ILE A 71 -2.34 -1.14 1.36
C ILE A 71 -1.97 -2.05 0.19
N ILE A 72 -0.80 -1.81 -0.36
CA ILE A 72 -0.31 -2.61 -1.47
C ILE A 72 0.99 -3.31 -1.08
N LYS A 73 1.02 -4.61 -1.32
CA LYS A 73 2.23 -5.39 -1.12
C LYS A 73 2.66 -5.97 -2.45
N ALA A 74 3.94 -6.21 -2.62
CA ALA A 74 4.47 -6.70 -3.87
C ALA A 74 5.74 -7.51 -3.67
N GLN A 75 5.73 -8.73 -4.20
CA GLN A 75 6.92 -9.56 -4.21
C GLN A 75 6.84 -10.56 -5.36
N GLU A 76 7.56 -10.27 -6.42
CA GLU A 76 7.61 -11.12 -7.59
C GLU A 76 9.03 -11.63 -7.80
N PHE A 77 9.89 -10.74 -8.29
CA PHE A 77 11.31 -11.05 -8.42
C PHE A 77 12.06 -10.33 -7.28
N ARG A 78 13.34 -10.60 -7.13
CA ARG A 78 14.10 -10.02 -6.02
C ARG A 78 14.56 -8.59 -6.32
N SER A 79 14.25 -8.11 -7.51
CA SER A 79 14.61 -6.76 -7.90
C SER A 79 13.56 -5.76 -7.41
N GLN A 80 13.93 -4.97 -6.42
CA GLN A 80 13.00 -4.05 -5.77
C GLN A 80 12.33 -3.09 -6.74
N GLU A 81 13.11 -2.59 -7.69
CA GLU A 81 12.65 -1.60 -8.65
C GLU A 81 11.45 -2.08 -9.46
N LEU A 82 11.52 -3.31 -9.98
CA LEU A 82 10.42 -3.82 -10.78
C LEU A 82 9.19 -4.05 -9.93
N ASN A 83 9.42 -4.46 -8.68
CA ASN A 83 8.35 -4.63 -7.72
C ASN A 83 7.69 -3.29 -7.42
N ARG A 84 8.52 -2.25 -7.31
CA ARG A 84 8.03 -0.90 -7.08
C ARG A 84 7.08 -0.49 -8.19
N GLU A 85 7.55 -0.61 -9.43
CA GLU A 85 6.75 -0.27 -10.59
C GLU A 85 5.48 -1.09 -10.68
N ALA A 86 5.57 -2.36 -10.31
CA ALA A 86 4.42 -3.25 -10.30
C ALA A 86 3.39 -2.78 -9.27
N ALA A 87 3.88 -2.40 -8.09
CA ALA A 87 3.02 -1.89 -7.03
C ALA A 87 2.34 -0.59 -7.46
N ILE A 88 3.12 0.29 -8.07
CA ILE A 88 2.60 1.55 -8.58
C ILE A 88 1.53 1.29 -9.64
N ALA A 89 1.87 0.44 -10.60
CA ALA A 89 0.94 0.08 -11.67
C ALA A 89 -0.34 -0.51 -11.10
N ARG A 90 -0.20 -1.35 -10.08
CA ARG A 90 -1.33 -1.96 -9.41
C ARG A 90 -2.25 -0.91 -8.78
N LEU A 91 -1.68 -0.01 -7.98
CA LEU A 91 -2.49 0.99 -7.27
C LEU A 91 -3.18 1.92 -8.26
N VAL A 92 -2.48 2.30 -9.32
CA VAL A 92 -3.05 3.15 -10.36
C VAL A 92 -4.20 2.43 -11.06
N ALA A 93 -4.00 1.14 -11.36
CA ALA A 93 -5.02 0.33 -12.01
C ALA A 93 -6.29 0.28 -11.16
N VAL A 94 -6.11 0.10 -9.85
CA VAL A 94 -7.23 0.11 -8.91
C VAL A 94 -7.92 1.47 -8.93
N ILE A 95 -7.11 2.53 -8.90
CA ILE A 95 -7.63 3.89 -8.99
C ILE A 95 -8.54 4.05 -10.21
N LYS A 96 -8.09 3.55 -11.35
CA LYS A 96 -8.85 3.64 -12.59
C LYS A 96 -10.14 2.84 -12.50
N GLU A 97 -10.15 1.80 -11.70
CA GLU A 97 -11.33 0.97 -11.53
C GLU A 97 -12.35 1.65 -10.62
N LEU A 98 -11.84 2.46 -9.70
CA LEU A 98 -12.70 3.12 -8.73
C LEU A 98 -13.18 4.49 -9.21
N THR A 99 -12.28 5.26 -9.81
CA THR A 99 -12.58 6.66 -10.12
C THR A 99 -13.21 6.84 -11.50
N ALA A 100 -13.07 5.83 -12.37
CA ALA A 100 -13.62 5.94 -13.72
C ALA A 100 -15.14 5.82 -13.68
N GLU A 101 -15.80 6.57 -14.54
CA GLU A 101 -17.25 6.54 -14.64
C GLU A 101 -17.70 5.33 -15.46
N GLN A 102 -17.40 4.16 -14.92
CA GLN A 102 -17.71 2.90 -15.58
C GLN A 102 -18.63 2.06 -14.71
N LYS A 103 -19.83 1.81 -15.20
CA LYS A 103 -20.84 1.04 -14.47
C LYS A 103 -20.37 -0.39 -14.21
N SER A 104 -21.13 -1.10 -13.37
CA SER A 104 -20.82 -2.47 -13.01
C SER A 104 -19.48 -2.56 -12.28
N ARG A 105 -19.24 -1.60 -11.39
CA ARG A 105 -18.00 -1.54 -10.64
C ARG A 105 -18.00 -2.58 -9.51
N ARG A 106 -16.96 -2.54 -8.69
CA ARG A 106 -16.86 -3.47 -7.56
C ARG A 106 -17.82 -3.08 -6.44
N ALA A 107 -17.88 -3.90 -5.40
CA ALA A 107 -18.80 -3.70 -4.28
C ALA A 107 -18.65 -2.32 -3.65
N THR A 108 -19.74 -1.80 -3.11
CA THR A 108 -19.74 -0.49 -2.50
C THR A 108 -20.41 -0.54 -1.11
N ARG A 109 -19.79 0.12 -0.14
CA ARG A 109 -20.36 0.21 1.21
C ARG A 109 -20.16 1.61 1.77
N PRO A 110 -21.04 2.05 2.68
CA PRO A 110 -20.96 3.39 3.27
C PRO A 110 -19.78 3.55 4.23
N THR A 111 -19.09 4.68 4.13
CA THR A 111 -17.98 4.99 5.01
C THR A 111 -17.60 6.48 4.94
N ARG A 112 -18.33 7.28 5.70
CA ARG A 112 -18.04 8.71 5.85
C ARG A 112 -18.22 9.09 7.32
N ALA A 113 -17.14 9.41 8.01
CA ALA A 113 -17.23 9.63 9.46
C ALA A 113 -16.41 10.82 9.94
N SER A 114 -15.84 11.60 9.03
CA SER A 114 -15.02 12.73 9.42
C SER A 114 -14.94 13.78 8.32
N LYS A 115 -14.85 15.04 8.74
CA LYS A 115 -14.68 16.17 7.83
C LYS A 115 -13.68 17.15 8.43
N GLU A 116 -12.74 17.64 7.63
CA GLU A 116 -11.83 18.67 8.12
C GLU A 116 -12.41 20.05 7.86
N ARG A 117 -12.56 20.82 8.93
CA ARG A 117 -13.11 22.16 8.83
C ARG A 117 -12.50 23.06 9.89
N ARG A 118 -11.57 23.91 9.46
CA ARG A 118 -10.94 24.86 10.37
C ARG A 118 -11.29 26.29 9.95
N LEU A 119 -11.01 26.60 8.68
CA LEU A 119 -11.19 27.94 8.13
C LEU A 119 -10.27 28.95 8.81
N SER A 120 -9.15 29.23 8.17
CA SER A 120 -8.22 30.22 8.68
C SER A 120 -8.76 31.62 8.48
N SER A 121 -9.42 32.15 9.50
CA SER A 121 -10.02 33.47 9.42
C SER A 121 -9.78 34.22 10.72
N LYS A 122 -9.32 35.46 10.59
CA LYS A 122 -9.07 36.30 11.74
C LYS A 122 -9.95 37.55 11.70
N ALA A 123 -10.92 37.62 12.61
CA ALA A 123 -11.84 38.74 12.69
C ALA A 123 -12.45 38.82 14.07
N GLN A 124 -12.75 40.04 14.52
CA GLN A 124 -13.31 40.24 15.84
C GLN A 124 -14.32 41.40 15.79
N LYS A 125 -15.55 41.11 16.18
CA LYS A 125 -16.60 42.12 16.19
C LYS A 125 -17.70 41.76 17.19
N SER A 126 -18.27 42.76 17.82
CA SER A 126 -19.37 42.55 18.76
C SER A 126 -20.26 43.79 18.83
N SER A 127 -21.45 43.68 18.27
CA SER A 127 -22.40 44.77 18.27
C SER A 127 -23.35 44.64 19.45
N VAL A 128 -23.22 45.54 20.43
CA VAL A 128 -24.02 45.47 21.64
C VAL A 128 -24.57 46.83 22.05
N LYS A 129 -25.83 46.85 22.49
CA LYS A 129 -26.47 48.05 22.99
C LYS A 129 -27.40 47.71 24.15
N ALA A 130 -27.23 48.39 25.27
CA ALA A 130 -28.07 48.17 26.44
C ALA A 130 -29.16 49.23 26.50
N LEU A 131 -30.34 48.83 26.97
CA LEU A 131 -31.46 49.75 27.06
C LEU A 131 -32.32 49.40 28.26
N ARG A 132 -32.46 50.34 29.19
CA ARG A 132 -33.32 50.15 30.34
C ARG A 132 -34.46 51.16 30.32
N GLY A 133 -35.67 50.68 30.55
CA GLY A 133 -36.83 51.56 30.52
C GLY A 133 -37.96 51.04 31.38
N LYS A 134 -38.22 51.73 32.47
CA LYS A 134 -39.30 51.36 33.38
C LYS A 134 -40.00 52.62 33.86
N VAL A 135 -41.09 52.97 33.20
CA VAL A 135 -41.79 54.22 33.48
C VAL A 135 -43.08 53.97 34.24
N ARG A 136 -43.69 55.07 34.68
CA ARG A 136 -44.95 55.03 35.39
C ARG A 136 -45.81 56.21 34.96
N ARG A 137 -46.96 55.95 34.37
CA ARG A 137 -47.81 57.01 33.88
C ARG A 137 -49.18 56.98 34.56
N PRO A 138 -49.37 57.82 35.58
CA PRO A 138 -50.62 57.92 36.30
C PRO A 138 -51.55 58.98 35.72
N LEU A 139 -52.73 58.58 35.30
CA LEU A 139 -53.74 59.51 34.82
C LEU A 139 -55.04 59.30 35.57
N ASP A 140 -55.72 60.39 35.89
CA ASP A 140 -56.96 60.33 36.66
C ASP A 140 -58.15 60.77 35.84
N LEU A 141 -59.30 60.24 36.16
CA LEU A 141 -60.54 60.58 35.48
C LEU A 141 -61.58 61.07 36.49
N GLU A 142 -62.13 62.25 36.24
CA GLU A 142 -63.16 62.78 37.12
C GLU A 142 -64.54 62.40 36.60
N HIS A 143 -65.48 62.21 37.52
CA HIS A 143 -66.84 61.83 37.14
C HIS A 143 -67.81 62.24 38.23
N HIS A 144 -68.59 63.27 37.95
CA HIS A 144 -69.63 63.76 38.86
C HIS A 144 -70.45 64.84 38.16
N HIS A 145 -71.75 64.79 38.31
CA HIS A 145 -72.61 65.74 37.61
C HIS A 145 -73.67 66.32 38.54
N HIS A 146 -74.01 67.58 38.31
CA HIS A 146 -75.13 68.22 38.98
C HIS A 146 -75.72 69.32 38.10
N HIS A 147 -76.72 68.97 37.32
CA HIS A 147 -77.34 69.89 36.40
C HIS A 147 -78.85 69.84 36.52
N HIS A 148 -79.44 70.96 36.93
CA HIS A 148 -80.88 71.09 37.08
C HIS A 148 -81.58 70.86 35.74
N MET A 1 7.92 8.92 -10.27
CA MET A 1 6.76 9.84 -10.23
C MET A 1 5.49 9.08 -10.57
N ILE A 2 4.37 9.43 -9.94
CA ILE A 2 3.12 8.70 -10.13
C ILE A 2 2.14 9.54 -10.96
N ALA A 3 1.76 9.00 -12.10
CA ALA A 3 0.83 9.67 -13.00
C ALA A 3 -0.59 9.17 -12.77
N ILE A 4 -1.47 10.08 -12.38
CA ILE A 4 -2.86 9.75 -12.11
C ILE A 4 -3.75 10.34 -13.19
N SER A 5 -5.01 9.90 -13.26
CA SER A 5 -5.97 10.45 -14.20
C SER A 5 -6.23 11.92 -13.86
N ARG A 6 -6.70 12.68 -14.84
CA ARG A 6 -6.90 14.12 -14.69
C ARG A 6 -5.53 14.83 -14.60
N THR A 7 -5.55 16.14 -14.40
CA THR A 7 -4.34 16.95 -14.36
C THR A 7 -3.57 16.81 -13.03
N VAL A 8 -3.93 15.81 -12.24
CA VAL A 8 -3.34 15.64 -10.92
C VAL A 8 -2.33 14.50 -10.91
N SER A 9 -1.06 14.84 -10.71
CA SER A 9 -0.01 13.84 -10.58
C SER A 9 0.46 13.76 -9.14
N ILE A 10 0.92 12.60 -8.71
CA ILE A 10 1.31 12.38 -7.32
C ILE A 10 2.83 12.16 -7.24
N ALA A 11 3.45 12.80 -6.25
CA ALA A 11 4.89 12.69 -6.07
C ALA A 11 5.26 11.36 -5.43
N ASP A 12 6.47 10.89 -5.71
CA ASP A 12 6.95 9.65 -5.14
C ASP A 12 7.27 9.81 -3.65
N ASN A 13 7.37 11.05 -3.22
CA ASN A 13 7.60 11.36 -1.81
C ASN A 13 6.30 11.23 -1.01
N GLU A 14 5.19 11.11 -1.72
CA GLU A 14 3.89 10.94 -1.10
C GLU A 14 3.68 9.51 -0.63
N LEU A 15 4.37 8.57 -1.28
CA LEU A 15 4.20 7.16 -0.98
C LEU A 15 5.05 6.75 0.22
N GLU A 16 4.43 6.08 1.18
CA GLU A 16 5.15 5.54 2.31
C GLU A 16 5.76 4.20 1.96
N ILE A 17 7.08 4.16 1.94
CA ILE A 17 7.81 2.98 1.49
C ILE A 17 8.28 2.16 2.70
N THR A 18 7.91 0.88 2.72
CA THR A 18 8.28 0.00 3.80
C THR A 18 8.53 -1.42 3.28
N ALA A 19 9.42 -2.15 3.92
CA ALA A 19 9.68 -3.54 3.55
C ALA A 19 8.84 -4.47 4.42
N ILE A 20 8.41 -5.58 3.84
CA ILE A 20 7.58 -6.53 4.57
C ILE A 20 8.42 -7.68 5.11
N ARG A 21 8.44 -7.81 6.43
CA ARG A 21 9.09 -8.92 7.10
C ARG A 21 8.42 -9.14 8.45
N ALA A 22 7.27 -9.80 8.42
CA ALA A 22 6.50 -10.02 9.63
C ALA A 22 6.44 -11.50 10.00
N GLN A 23 7.16 -12.31 9.23
CA GLN A 23 7.15 -13.76 9.40
C GLN A 23 5.74 -14.28 9.12
N GLY A 24 5.38 -15.42 9.69
CA GLY A 24 4.07 -15.98 9.45
C GLY A 24 3.62 -16.88 10.59
N ALA A 25 2.32 -17.08 10.68
CA ALA A 25 1.73 -17.91 11.72
C ALA A 25 0.50 -18.63 11.17
N GLY A 26 -0.08 -19.52 11.97
CA GLY A 26 -1.20 -20.30 11.49
C GLY A 26 -0.75 -21.53 10.73
N GLY A 27 0.40 -22.05 11.12
CA GLY A 27 0.97 -23.22 10.49
C GLY A 27 2.44 -23.34 10.77
N GLN A 28 3.03 -24.48 10.42
CA GLN A 28 4.47 -24.66 10.58
C GLN A 28 5.19 -24.47 9.26
N HIS A 29 6.51 -24.32 9.35
CA HIS A 29 7.36 -24.08 8.18
C HIS A 29 7.07 -22.74 7.53
N VAL A 30 6.37 -21.88 8.25
CA VAL A 30 6.08 -20.55 7.79
C VAL A 30 7.15 -19.60 8.29
N ASN A 31 7.78 -18.90 7.36
CA ASN A 31 8.90 -18.02 7.65
C ASN A 31 9.22 -17.19 6.42
N LYS A 32 8.96 -17.79 5.26
CA LYS A 32 9.09 -17.11 3.97
C LYS A 32 8.13 -15.91 3.87
N THR A 33 8.21 -15.20 2.75
CA THR A 33 7.43 -13.98 2.56
C THR A 33 8.02 -12.86 3.43
N SER A 34 9.25 -13.07 3.86
CA SER A 34 9.96 -12.11 4.71
C SER A 34 10.70 -11.08 3.86
N SER A 35 10.36 -11.01 2.59
CA SER A 35 10.95 -10.04 1.68
C SER A 35 9.94 -9.63 0.63
N ALA A 36 9.27 -8.52 0.88
CA ALA A 36 8.28 -7.98 -0.03
C ALA A 36 8.23 -6.46 0.08
N ILE A 37 7.62 -5.82 -0.90
CA ILE A 37 7.51 -4.36 -0.92
C ILE A 37 6.13 -3.93 -0.43
N HIS A 38 6.11 -2.93 0.43
CA HIS A 38 4.87 -2.41 1.00
C HIS A 38 4.83 -0.89 0.86
N LEU A 39 3.70 -0.37 0.46
CA LEU A 39 3.51 1.07 0.35
C LEU A 39 2.10 1.45 0.77
N ARG A 40 1.96 2.66 1.31
CA ARG A 40 0.66 3.19 1.73
C ARG A 40 0.33 4.45 0.94
N PHE A 41 -0.96 4.68 0.71
CA PHE A 41 -1.43 5.89 0.05
C PHE A 41 -2.91 6.09 0.34
N ASP A 42 -3.25 7.16 1.05
CA ASP A 42 -4.63 7.44 1.38
C ASP A 42 -5.04 8.84 0.94
N ILE A 43 -6.35 9.05 0.86
CA ILE A 43 -6.93 10.33 0.46
C ILE A 43 -6.49 11.46 1.38
N ARG A 44 -6.49 11.18 2.67
CA ARG A 44 -6.21 12.19 3.70
C ARG A 44 -4.82 12.76 3.53
N ALA A 45 -3.87 11.90 3.17
CA ALA A 45 -2.49 12.31 3.00
C ALA A 45 -2.36 13.41 1.95
N SER A 46 -2.79 13.09 0.74
CA SER A 46 -2.67 14.01 -0.38
C SER A 46 -3.92 14.90 -0.49
N GLY A 47 -4.12 15.48 -1.66
CA GLY A 47 -5.27 16.33 -1.89
C GLY A 47 -6.07 15.87 -3.09
N LEU A 48 -6.64 14.67 -2.98
CA LEU A 48 -7.39 14.07 -4.07
C LEU A 48 -8.75 14.74 -4.25
N PRO A 49 -9.25 14.81 -5.49
CA PRO A 49 -10.58 15.37 -5.79
C PRO A 49 -11.69 14.53 -5.16
N GLU A 50 -12.77 15.19 -4.76
CA GLU A 50 -13.86 14.51 -4.06
C GLU A 50 -14.51 13.45 -4.93
N TYR A 51 -14.45 13.64 -6.25
CA TYR A 51 -15.00 12.67 -7.18
C TYR A 51 -14.36 11.30 -6.97
N TYR A 52 -13.04 11.31 -6.76
CA TYR A 52 -12.30 10.10 -6.48
C TYR A 52 -12.43 9.73 -5.01
N LYS A 53 -12.45 10.75 -4.16
CA LYS A 53 -12.58 10.57 -2.72
C LYS A 53 -13.81 9.72 -2.36
N GLN A 54 -14.97 10.10 -2.90
CA GLN A 54 -16.20 9.38 -2.60
C GLN A 54 -16.14 7.94 -3.08
N ARG A 55 -15.62 7.73 -4.29
CA ARG A 55 -15.46 6.40 -4.84
C ARG A 55 -14.54 5.54 -3.97
N LEU A 56 -13.51 6.16 -3.41
CA LEU A 56 -12.57 5.44 -2.56
C LEU A 56 -13.15 5.17 -1.18
N LEU A 57 -13.94 6.11 -0.67
CA LEU A 57 -14.56 5.96 0.65
C LEU A 57 -15.64 4.89 0.63
N THR A 58 -16.51 4.93 -0.38
CA THR A 58 -17.53 3.92 -0.53
C THR A 58 -16.90 2.62 -1.00
N ALA A 59 -16.29 2.67 -2.18
CA ALA A 59 -15.56 1.55 -2.77
C ALA A 59 -16.37 0.26 -2.87
N SER A 60 -15.73 -0.75 -3.41
CA SER A 60 -16.27 -2.09 -3.54
C SER A 60 -15.15 -3.00 -4.06
N HIS A 61 -13.93 -2.61 -3.71
CA HIS A 61 -12.73 -3.26 -4.21
C HIS A 61 -11.85 -3.66 -3.04
N HIS A 62 -11.42 -4.91 -3.01
CA HIS A 62 -10.56 -5.38 -1.92
C HIS A 62 -9.11 -5.01 -2.17
N LEU A 63 -8.93 -3.77 -2.57
CA LEU A 63 -7.63 -3.14 -2.64
C LEU A 63 -7.54 -2.05 -1.58
N ILE A 64 -8.70 -1.64 -1.08
CA ILE A 64 -8.78 -0.58 -0.09
C ILE A 64 -8.53 -1.13 1.30
N SER A 65 -7.74 -0.41 2.07
CA SER A 65 -7.37 -0.84 3.41
C SER A 65 -8.51 -0.55 4.39
N ASP A 66 -9.07 0.67 4.30
CA ASP A 66 -10.24 1.05 5.09
C ASP A 66 -10.60 2.52 4.90
N ASP A 67 -9.83 3.39 5.54
CA ASP A 67 -10.16 4.82 5.61
C ASP A 67 -9.68 5.56 4.37
N GLY A 68 -10.06 5.03 3.22
CA GLY A 68 -9.68 5.64 1.95
C GLY A 68 -8.20 5.50 1.66
N VAL A 69 -7.60 4.46 2.21
CA VAL A 69 -6.19 4.20 2.00
C VAL A 69 -6.01 2.91 1.20
N ILE A 70 -5.02 2.91 0.31
CA ILE A 70 -4.75 1.75 -0.52
C ILE A 70 -3.64 0.90 0.10
N ILE A 71 -3.79 -0.40 0.03
CA ILE A 71 -2.78 -1.33 0.53
C ILE A 71 -2.35 -2.29 -0.59
N ILE A 72 -1.09 -2.20 -0.96
CA ILE A 72 -0.55 -3.02 -2.03
C ILE A 72 0.68 -3.79 -1.56
N LYS A 73 0.79 -5.04 -1.98
CA LYS A 73 1.98 -5.83 -1.75
C LYS A 73 2.65 -6.12 -3.08
N ALA A 74 3.94 -6.40 -3.02
CA ALA A 74 4.70 -6.74 -4.22
C ALA A 74 5.87 -7.64 -3.87
N GLN A 75 5.92 -8.80 -4.52
CA GLN A 75 7.02 -9.73 -4.33
C GLN A 75 6.98 -10.80 -5.43
N GLU A 76 7.88 -10.67 -6.39
CA GLU A 76 7.95 -11.59 -7.50
C GLU A 76 9.25 -12.38 -7.45
N PHE A 77 10.36 -11.70 -7.70
CA PHE A 77 11.66 -12.34 -7.69
C PHE A 77 12.50 -11.84 -6.52
N ARG A 78 13.19 -10.73 -6.72
CA ARG A 78 14.06 -10.16 -5.69
C ARG A 78 14.46 -8.73 -6.05
N SER A 79 14.37 -8.39 -7.34
CA SER A 79 14.67 -7.03 -7.78
C SER A 79 13.60 -6.06 -7.28
N GLN A 80 13.99 -5.20 -6.35
CA GLN A 80 13.08 -4.22 -5.76
C GLN A 80 12.45 -3.34 -6.84
N GLU A 81 13.25 -3.04 -7.87
CA GLU A 81 12.79 -2.24 -9.00
C GLU A 81 11.49 -2.77 -9.57
N LEU A 82 11.47 -4.05 -9.89
CA LEU A 82 10.35 -4.69 -10.55
C LEU A 82 9.11 -4.66 -9.65
N ASN A 83 9.31 -4.96 -8.38
CA ASN A 83 8.21 -5.02 -7.43
C ASN A 83 7.70 -3.62 -7.12
N ARG A 84 8.61 -2.65 -7.09
CA ARG A 84 8.26 -1.25 -6.88
C ARG A 84 7.41 -0.74 -8.04
N GLU A 85 7.92 -0.96 -9.26
CA GLU A 85 7.20 -0.60 -10.47
C GLU A 85 5.80 -1.20 -10.49
N ALA A 86 5.71 -2.49 -10.17
CA ALA A 86 4.43 -3.18 -10.12
C ALA A 86 3.50 -2.55 -9.09
N ALA A 87 4.04 -2.28 -7.91
CA ALA A 87 3.26 -1.69 -6.83
C ALA A 87 2.65 -0.35 -7.26
N ILE A 88 3.47 0.48 -7.90
CA ILE A 88 3.02 1.78 -8.36
C ILE A 88 1.93 1.64 -9.41
N ALA A 89 2.20 0.81 -10.42
CA ALA A 89 1.25 0.60 -11.51
C ALA A 89 -0.07 0.04 -11.00
N ARG A 90 0.00 -0.87 -10.05
CA ARG A 90 -1.18 -1.51 -9.50
C ARG A 90 -2.05 -0.51 -8.73
N LEU A 91 -1.42 0.40 -7.97
CA LEU A 91 -2.19 1.37 -7.20
C LEU A 91 -2.88 2.35 -8.13
N VAL A 92 -2.20 2.73 -9.22
CA VAL A 92 -2.78 3.61 -10.22
C VAL A 92 -3.99 2.95 -10.87
N ALA A 93 -3.85 1.66 -11.16
CA ALA A 93 -4.94 0.88 -11.72
C ALA A 93 -6.11 0.79 -10.75
N VAL A 94 -5.81 0.66 -9.46
CA VAL A 94 -6.83 0.61 -8.42
C VAL A 94 -7.64 1.91 -8.39
N ILE A 95 -6.95 3.04 -8.46
CA ILE A 95 -7.61 4.34 -8.48
C ILE A 95 -8.60 4.43 -9.64
N LYS A 96 -8.18 3.94 -10.80
CA LYS A 96 -9.04 3.92 -11.99
C LYS A 96 -10.16 2.89 -11.81
N GLU A 97 -9.83 1.79 -11.16
CA GLU A 97 -10.78 0.71 -10.88
C GLU A 97 -11.99 1.19 -10.07
N LEU A 98 -11.74 2.04 -9.07
CA LEU A 98 -12.81 2.53 -8.21
C LEU A 98 -13.77 3.46 -8.94
N THR A 99 -13.29 4.11 -9.99
CA THR A 99 -14.14 5.03 -10.74
C THR A 99 -14.88 4.31 -11.87
N ALA A 100 -14.46 3.09 -12.18
CA ALA A 100 -15.05 2.34 -13.27
C ALA A 100 -16.02 1.29 -12.73
N GLU A 101 -17.00 0.92 -13.55
CA GLU A 101 -17.93 -0.13 -13.20
C GLU A 101 -17.27 -1.50 -13.39
N GLN A 102 -16.40 -1.84 -12.45
CA GLN A 102 -15.69 -3.12 -12.47
C GLN A 102 -15.56 -3.61 -11.03
N LYS A 103 -14.87 -4.72 -10.84
CA LYS A 103 -14.57 -5.20 -9.49
C LYS A 103 -13.44 -6.22 -9.54
N SER A 104 -12.39 -5.92 -8.80
CA SER A 104 -11.26 -6.82 -8.68
C SER A 104 -10.86 -6.97 -7.22
N ARG A 105 -10.27 -8.11 -6.89
CA ARG A 105 -9.93 -8.44 -5.52
C ARG A 105 -8.53 -9.05 -5.48
N ARG A 106 -7.70 -8.56 -4.57
CA ARG A 106 -6.32 -9.03 -4.48
C ARG A 106 -5.89 -9.23 -3.03
N ALA A 107 -6.00 -8.18 -2.23
CA ALA A 107 -5.51 -8.22 -0.85
C ALA A 107 -6.65 -8.15 0.17
N THR A 108 -6.34 -8.46 1.42
CA THR A 108 -7.33 -8.41 2.50
C THR A 108 -6.60 -8.40 3.85
N ARG A 109 -7.15 -7.64 4.82
CA ARG A 109 -6.73 -7.64 6.25
C ARG A 109 -6.00 -6.35 6.70
N PRO A 110 -4.81 -6.02 6.16
CA PRO A 110 -4.00 -4.90 6.70
C PRO A 110 -4.70 -3.54 6.61
N THR A 111 -5.08 -3.01 7.77
CA THR A 111 -5.75 -1.72 7.85
C THR A 111 -4.91 -0.73 8.66
N ARG A 112 -4.50 0.36 8.01
CA ARG A 112 -3.71 1.42 8.65
C ARG A 112 -3.47 2.56 7.67
N ALA A 113 -3.55 3.79 8.16
CA ALA A 113 -3.36 4.97 7.30
C ALA A 113 -1.96 5.52 7.45
N SER A 114 -1.62 6.51 6.63
CA SER A 114 -0.32 7.17 6.68
C SER A 114 -0.44 8.59 6.14
N LYS A 115 -1.49 9.27 6.58
CA LYS A 115 -1.87 10.58 6.06
C LYS A 115 -0.92 11.69 6.51
N GLU A 116 -1.34 12.94 6.24
CA GLU A 116 -0.56 14.15 6.49
C GLU A 116 0.63 14.27 5.54
N ARG A 117 0.33 14.55 4.27
CA ARG A 117 1.38 14.79 3.26
C ARG A 117 0.94 15.90 2.31
N ARG A 118 0.44 15.49 1.14
CA ARG A 118 -0.16 16.39 0.14
C ARG A 118 0.90 17.12 -0.68
N LEU A 119 1.04 16.65 -1.90
CA LEU A 119 1.93 17.24 -2.88
C LEU A 119 1.62 16.67 -4.26
N SER A 120 0.97 17.47 -5.09
CA SER A 120 0.54 17.03 -6.41
C SER A 120 1.12 17.92 -7.50
N SER A 121 1.49 17.29 -8.61
CA SER A 121 2.07 18.02 -9.73
C SER A 121 1.07 18.11 -10.87
N LYS A 122 1.50 18.68 -11.99
CA LYS A 122 0.61 19.00 -13.10
C LYS A 122 1.40 19.06 -14.42
N ALA A 123 1.04 18.18 -15.36
CA ALA A 123 1.73 18.12 -16.65
C ALA A 123 0.77 17.68 -17.75
N GLN A 124 1.07 18.12 -18.98
CA GLN A 124 0.26 17.77 -20.14
C GLN A 124 1.04 18.04 -21.42
N LYS A 125 1.18 17.02 -22.27
CA LYS A 125 1.89 17.14 -23.53
C LYS A 125 1.51 16.01 -24.48
N SER A 126 0.95 16.37 -25.63
CA SER A 126 0.55 15.38 -26.62
C SER A 126 1.25 15.64 -27.95
N SER A 127 1.54 14.58 -28.70
CA SER A 127 2.23 14.71 -29.97
C SER A 127 1.52 13.94 -31.07
N VAL A 128 1.28 14.59 -32.20
CA VAL A 128 0.66 13.95 -33.35
C VAL A 128 1.37 14.33 -34.64
N LYS A 129 1.38 13.42 -35.60
CA LYS A 129 2.00 13.68 -36.90
C LYS A 129 1.24 12.96 -38.02
N ALA A 130 1.66 13.18 -39.26
CA ALA A 130 0.98 12.59 -40.41
C ALA A 130 1.98 12.15 -41.47
N LEU A 131 1.53 11.24 -42.33
CA LEU A 131 2.36 10.74 -43.43
C LEU A 131 1.51 10.58 -44.69
N ARG A 132 2.13 10.14 -45.78
CA ARG A 132 1.43 9.97 -47.04
C ARG A 132 1.82 8.66 -47.70
N GLY A 133 0.96 8.16 -48.58
CA GLY A 133 1.25 6.94 -49.29
C GLY A 133 1.74 7.18 -50.70
N LYS A 134 1.91 6.11 -51.46
CA LYS A 134 2.41 6.21 -52.82
C LYS A 134 1.74 5.16 -53.71
N VAL A 135 1.28 5.59 -54.89
CA VAL A 135 0.54 4.71 -55.78
C VAL A 135 1.42 4.20 -56.92
N ARG A 136 0.90 3.20 -57.63
CA ARG A 136 1.61 2.61 -58.76
C ARG A 136 0.62 2.33 -59.88
N ARG A 137 1.08 2.42 -61.12
CA ARG A 137 0.22 2.13 -62.27
C ARG A 137 0.62 0.80 -62.91
N PRO A 138 -0.12 -0.27 -62.61
CA PRO A 138 0.12 -1.59 -63.15
C PRO A 138 -0.64 -1.84 -64.44
N LEU A 139 0.07 -2.28 -65.47
CA LEU A 139 -0.55 -2.61 -66.74
C LEU A 139 0.15 -3.79 -67.40
N ASP A 140 -0.63 -4.69 -67.99
CA ASP A 140 -0.06 -5.85 -68.68
C ASP A 140 -0.56 -5.91 -70.11
N LEU A 141 0.23 -6.52 -70.98
CA LEU A 141 -0.09 -6.54 -72.41
C LEU A 141 -0.76 -7.85 -72.78
N GLU A 142 -1.20 -7.95 -74.03
CA GLU A 142 -1.85 -9.14 -74.53
C GLU A 142 -0.94 -9.91 -75.48
N HIS A 143 -1.32 -11.13 -75.81
CA HIS A 143 -0.57 -11.92 -76.77
C HIS A 143 -1.53 -12.75 -77.63
N HIS A 144 -1.78 -12.28 -78.83
CA HIS A 144 -2.68 -12.97 -79.76
C HIS A 144 -1.85 -13.66 -80.83
N HIS A 145 -2.22 -14.89 -81.17
CA HIS A 145 -1.52 -15.61 -82.23
C HIS A 145 -2.51 -16.19 -83.24
N HIS A 146 -1.99 -16.50 -84.42
CA HIS A 146 -2.80 -17.03 -85.50
C HIS A 146 -2.82 -18.55 -85.44
N HIS A 147 -3.87 -19.17 -85.96
CA HIS A 147 -3.94 -20.62 -86.06
C HIS A 147 -4.77 -21.03 -87.28
N HIS A 148 -4.45 -22.18 -87.84
CA HIS A 148 -5.23 -22.74 -88.93
C HIS A 148 -5.89 -24.04 -88.46
N MET A 1 7.88 11.38 -10.87
CA MET A 1 6.57 12.07 -10.95
C MET A 1 5.48 11.06 -11.29
N ILE A 2 4.40 11.07 -10.52
CA ILE A 2 3.29 10.15 -10.72
C ILE A 2 2.20 10.79 -11.58
N ALA A 3 1.85 10.13 -12.67
CA ALA A 3 0.79 10.62 -13.54
C ALA A 3 -0.55 10.00 -13.17
N ILE A 4 -1.37 10.76 -12.48
CA ILE A 4 -2.72 10.31 -12.12
C ILE A 4 -3.68 10.70 -13.23
N SER A 5 -4.84 10.06 -13.27
CA SER A 5 -5.84 10.34 -14.29
C SER A 5 -6.35 11.77 -14.19
N ARG A 6 -7.10 12.20 -15.21
CA ARG A 6 -7.64 13.55 -15.30
C ARG A 6 -6.54 14.55 -15.65
N THR A 7 -5.76 14.96 -14.65
CA THR A 7 -4.73 16.00 -14.83
C THR A 7 -3.84 16.09 -13.59
N VAL A 8 -4.43 15.82 -12.43
CA VAL A 8 -3.73 15.95 -11.17
C VAL A 8 -2.52 15.01 -11.10
N SER A 9 -1.40 15.55 -10.68
CA SER A 9 -0.18 14.77 -10.59
C SER A 9 0.34 14.73 -9.16
N ILE A 10 1.10 13.69 -8.85
CA ILE A 10 1.63 13.49 -7.50
C ILE A 10 3.13 13.23 -7.56
N ALA A 11 3.84 13.66 -6.54
CA ALA A 11 5.26 13.35 -6.43
C ALA A 11 5.45 12.00 -5.76
N ASP A 12 6.17 11.10 -6.42
CA ASP A 12 6.40 9.76 -5.90
C ASP A 12 7.38 9.79 -4.73
N ASN A 13 7.93 10.97 -4.47
CA ASN A 13 8.81 11.16 -3.33
C ASN A 13 8.00 11.23 -2.04
N GLU A 14 6.70 11.49 -2.17
CA GLU A 14 5.81 11.60 -1.04
C GLU A 14 5.27 10.23 -0.63
N LEU A 15 5.53 9.23 -1.46
CA LEU A 15 4.96 7.89 -1.24
C LEU A 15 5.58 7.22 -0.02
N GLU A 16 4.73 6.62 0.79
CA GLU A 16 5.16 5.96 2.01
C GLU A 16 5.60 4.53 1.74
N ILE A 17 6.89 4.35 1.53
CA ILE A 17 7.45 3.02 1.32
C ILE A 17 7.80 2.40 2.67
N THR A 18 7.24 1.23 2.94
CA THR A 18 7.38 0.61 4.24
C THR A 18 8.41 -0.51 4.20
N ALA A 19 9.08 -0.74 5.32
CA ALA A 19 10.07 -1.79 5.42
C ALA A 19 9.49 -2.97 6.17
N ILE A 20 9.24 -4.06 5.46
CA ILE A 20 8.60 -5.21 6.05
C ILE A 20 9.58 -6.00 6.91
N ARG A 21 9.21 -6.22 8.16
CA ARG A 21 10.02 -7.02 9.06
C ARG A 21 9.31 -8.35 9.31
N ALA A 22 7.98 -8.34 9.12
CA ALA A 22 7.17 -9.57 9.20
C ALA A 22 7.11 -10.14 10.61
N GLN A 23 7.27 -9.27 11.60
CA GLN A 23 7.17 -9.71 13.00
C GLN A 23 5.71 -9.77 13.44
N GLY A 24 5.34 -10.85 14.11
CA GLY A 24 3.97 -11.01 14.57
C GLY A 24 3.56 -12.46 14.72
N ALA A 25 3.06 -12.82 15.90
CA ALA A 25 2.70 -14.20 16.19
C ALA A 25 1.53 -14.66 15.34
N GLY A 26 1.81 -15.54 14.39
CA GLY A 26 0.76 -16.06 13.52
C GLY A 26 1.09 -17.47 13.04
N GLY A 27 0.78 -17.75 11.78
CA GLY A 27 1.06 -19.05 11.22
C GLY A 27 0.62 -19.16 9.77
N GLN A 28 -0.56 -19.74 9.55
CA GLN A 28 -1.09 -19.91 8.21
C GLN A 28 -2.18 -18.88 7.94
N HIS A 29 -2.62 -18.83 6.67
CA HIS A 29 -3.66 -17.90 6.21
C HIS A 29 -3.18 -16.46 6.22
N VAL A 30 -1.96 -16.26 6.66
CA VAL A 30 -1.31 -14.96 6.63
C VAL A 30 0.08 -15.10 6.05
N ASN A 31 0.44 -14.23 5.12
CA ASN A 31 1.76 -14.31 4.50
C ASN A 31 2.67 -13.20 5.02
N LYS A 32 3.81 -13.60 5.54
CA LYS A 32 4.80 -12.67 6.03
C LYS A 32 6.12 -12.93 5.32
N THR A 33 6.67 -11.90 4.69
CA THR A 33 7.94 -12.03 3.99
C THR A 33 8.70 -10.71 4.00
N SER A 34 9.98 -10.79 4.34
CA SER A 34 10.83 -9.60 4.36
C SER A 34 11.25 -9.24 2.94
N SER A 35 11.29 -10.24 2.07
CA SER A 35 11.65 -10.04 0.68
C SER A 35 10.40 -9.65 -0.11
N ALA A 36 9.83 -8.51 0.24
CA ALA A 36 8.63 -8.01 -0.41
C ALA A 36 8.54 -6.49 -0.29
N ILE A 37 7.67 -5.89 -1.09
CA ILE A 37 7.51 -4.45 -1.09
C ILE A 37 6.15 -4.06 -0.52
N HIS A 38 6.14 -3.09 0.38
CA HIS A 38 4.91 -2.60 0.98
C HIS A 38 4.86 -1.09 0.90
N LEU A 39 3.78 -0.56 0.38
CA LEU A 39 3.63 0.88 0.25
C LEU A 39 2.29 1.33 0.80
N ARG A 40 2.26 2.56 1.30
CA ARG A 40 1.06 3.11 1.91
C ARG A 40 0.66 4.40 1.18
N PHE A 41 -0.49 4.38 0.53
CA PHE A 41 -0.99 5.55 -0.17
C PHE A 41 -2.33 5.99 0.44
N ASP A 42 -2.28 7.03 1.27
CA ASP A 42 -3.45 7.47 2.01
C ASP A 42 -4.15 8.64 1.31
N ILE A 43 -5.47 8.67 1.42
CA ILE A 43 -6.29 9.69 0.80
C ILE A 43 -6.12 11.03 1.49
N ARG A 44 -6.21 11.01 2.81
CA ARG A 44 -6.19 12.21 3.63
C ARG A 44 -4.80 12.84 3.65
N ALA A 45 -3.78 11.99 3.64
CA ALA A 45 -2.40 12.46 3.64
C ALA A 45 -2.04 13.10 2.30
N SER A 46 -2.68 12.63 1.24
CA SER A 46 -2.40 13.13 -0.09
C SER A 46 -3.43 14.18 -0.49
N GLY A 47 -3.22 14.75 -1.66
CA GLY A 47 -4.14 15.77 -2.15
C GLY A 47 -5.05 15.23 -3.21
N LEU A 48 -5.74 14.14 -2.88
CA LEU A 48 -6.62 13.46 -3.83
C LEU A 48 -7.91 14.23 -4.02
N PRO A 49 -8.46 14.19 -5.25
CA PRO A 49 -9.74 14.84 -5.56
C PRO A 49 -10.90 14.26 -4.76
N GLU A 50 -11.88 15.11 -4.46
CA GLU A 50 -13.02 14.73 -3.64
C GLU A 50 -13.79 13.58 -4.29
N TYR A 51 -13.88 13.62 -5.61
CA TYR A 51 -14.62 12.62 -6.37
C TYR A 51 -14.02 11.23 -6.17
N TYR A 52 -12.69 11.16 -6.12
CA TYR A 52 -11.99 9.90 -5.93
C TYR A 52 -12.05 9.45 -4.48
N LYS A 53 -11.98 10.42 -3.58
CA LYS A 53 -11.99 10.17 -2.13
C LYS A 53 -13.18 9.29 -1.73
N GLN A 54 -14.39 9.72 -2.06
CA GLN A 54 -15.59 8.96 -1.80
C GLN A 54 -15.58 7.60 -2.48
N ARG A 55 -15.14 7.53 -3.73
CA ARG A 55 -15.11 6.28 -4.49
C ARG A 55 -14.17 5.25 -3.85
N LEU A 56 -13.03 5.71 -3.36
CA LEU A 56 -12.06 4.82 -2.72
C LEU A 56 -12.65 4.18 -1.47
N LEU A 57 -13.58 4.86 -0.84
CA LEU A 57 -14.20 4.38 0.39
C LEU A 57 -15.46 3.57 0.11
N THR A 58 -16.03 3.74 -1.07
CA THR A 58 -17.28 3.07 -1.42
C THR A 58 -17.05 1.78 -2.20
N ALA A 59 -16.14 1.83 -3.16
CA ALA A 59 -15.83 0.65 -3.95
C ALA A 59 -14.92 -0.27 -3.17
N SER A 60 -15.45 -1.43 -2.80
CA SER A 60 -14.73 -2.36 -1.95
C SER A 60 -13.73 -3.17 -2.76
N HIS A 61 -12.60 -2.55 -3.07
CA HIS A 61 -11.53 -3.22 -3.79
C HIS A 61 -10.60 -3.83 -2.76
N HIS A 62 -10.24 -5.09 -2.93
CA HIS A 62 -9.43 -5.80 -1.93
C HIS A 62 -7.97 -5.36 -1.94
N LEU A 63 -7.78 -4.07 -1.71
CA LEU A 63 -6.47 -3.48 -1.50
C LEU A 63 -6.56 -2.36 -0.45
N ILE A 64 -7.77 -1.98 -0.06
CA ILE A 64 -7.95 -0.97 0.98
C ILE A 64 -7.60 -1.59 2.33
N SER A 65 -6.76 -0.90 3.09
CA SER A 65 -6.28 -1.44 4.36
C SER A 65 -7.28 -1.18 5.48
N ASP A 66 -7.24 0.01 6.07
CA ASP A 66 -8.12 0.32 7.20
C ASP A 66 -8.18 1.82 7.46
N ASP A 67 -7.04 2.48 7.35
CA ASP A 67 -6.93 3.93 7.59
C ASP A 67 -7.74 4.74 6.56
N GLY A 68 -8.37 4.04 5.62
CA GLY A 68 -8.88 4.71 4.45
C GLY A 68 -7.75 4.88 3.46
N VAL A 69 -6.88 3.88 3.45
CA VAL A 69 -5.63 3.93 2.72
C VAL A 69 -5.51 2.73 1.77
N ILE A 70 -4.89 2.95 0.63
CA ILE A 70 -4.63 1.87 -0.31
C ILE A 70 -3.34 1.17 0.08
N ILE A 71 -3.42 -0.12 0.31
CA ILE A 71 -2.27 -0.89 0.74
C ILE A 71 -1.96 -2.00 -0.26
N ILE A 72 -0.69 -2.16 -0.57
CA ILE A 72 -0.26 -3.22 -1.47
C ILE A 72 0.89 -4.01 -0.85
N LYS A 73 0.70 -5.32 -0.75
CA LYS A 73 1.77 -6.21 -0.35
C LYS A 73 2.28 -6.94 -1.59
N ALA A 74 3.35 -6.42 -2.17
CA ALA A 74 3.86 -6.92 -3.42
C ALA A 74 4.94 -7.95 -3.20
N GLN A 75 4.85 -9.03 -3.95
CA GLN A 75 5.84 -10.10 -3.87
C GLN A 75 5.90 -10.84 -5.21
N GLU A 76 6.97 -10.55 -5.94
CA GLU A 76 7.23 -11.20 -7.22
C GLU A 76 8.13 -12.41 -7.03
N PHE A 77 9.43 -12.18 -7.05
CA PHE A 77 10.42 -13.22 -6.85
C PHE A 77 11.64 -12.67 -6.12
N ARG A 78 12.18 -11.56 -6.63
CA ARG A 78 13.42 -11.03 -6.10
C ARG A 78 13.62 -9.54 -6.39
N SER A 79 13.19 -9.08 -7.56
CA SER A 79 13.47 -7.72 -7.98
C SER A 79 12.62 -6.70 -7.21
N GLN A 80 13.26 -5.98 -6.30
CA GLN A 80 12.57 -4.95 -5.53
C GLN A 80 12.13 -3.82 -6.46
N GLU A 81 12.96 -3.56 -7.45
CA GLU A 81 12.71 -2.53 -8.46
C GLU A 81 11.40 -2.80 -9.20
N LEU A 82 11.25 -4.03 -9.68
CA LEU A 82 10.10 -4.41 -10.45
C LEU A 82 8.86 -4.50 -9.55
N ASN A 83 9.08 -4.89 -8.29
CA ASN A 83 7.99 -4.94 -7.32
C ASN A 83 7.43 -3.54 -7.08
N ARG A 84 8.30 -2.53 -7.11
CA ARG A 84 7.88 -1.15 -7.02
C ARG A 84 6.97 -0.80 -8.20
N GLU A 85 7.46 -1.07 -9.41
CA GLU A 85 6.76 -0.75 -10.64
C GLU A 85 5.38 -1.42 -10.68
N ALA A 86 5.33 -2.68 -10.28
CA ALA A 86 4.08 -3.42 -10.28
C ALA A 86 3.12 -2.87 -9.23
N ALA A 87 3.63 -2.60 -8.03
CA ALA A 87 2.81 -2.09 -6.94
C ALA A 87 2.17 -0.76 -7.32
N ILE A 88 2.99 0.15 -7.86
CA ILE A 88 2.50 1.44 -8.30
C ILE A 88 1.49 1.31 -9.44
N ALA A 89 1.85 0.53 -10.45
CA ALA A 89 0.98 0.34 -11.61
C ALA A 89 -0.37 -0.24 -11.19
N ARG A 90 -0.36 -1.15 -10.21
CA ARG A 90 -1.59 -1.75 -9.71
C ARG A 90 -2.51 -0.71 -9.09
N LEU A 91 -1.96 0.18 -8.26
CA LEU A 91 -2.78 1.18 -7.59
C LEU A 91 -3.30 2.20 -8.61
N VAL A 92 -2.46 2.53 -9.59
CA VAL A 92 -2.86 3.43 -10.67
C VAL A 92 -4.00 2.83 -11.48
N ALA A 93 -3.99 1.51 -11.60
CA ALA A 93 -5.08 0.80 -12.26
C ALA A 93 -6.34 0.82 -11.40
N VAL A 94 -6.15 0.64 -10.09
CA VAL A 94 -7.28 0.69 -9.14
C VAL A 94 -7.99 2.04 -9.24
N ILE A 95 -7.20 3.11 -9.34
CA ILE A 95 -7.73 4.46 -9.51
C ILE A 95 -8.64 4.55 -10.74
N LYS A 96 -8.28 3.80 -11.77
CA LYS A 96 -9.05 3.79 -13.00
C LYS A 96 -10.26 2.86 -12.91
N GLU A 97 -10.11 1.75 -12.18
CA GLU A 97 -11.19 0.78 -12.03
C GLU A 97 -12.37 1.35 -11.24
N LEU A 98 -12.07 2.23 -10.29
CA LEU A 98 -13.10 2.82 -9.45
C LEU A 98 -13.83 3.98 -10.13
N THR A 99 -13.24 4.50 -11.20
CA THR A 99 -13.87 5.56 -11.96
C THR A 99 -14.57 5.00 -13.20
N ALA A 100 -13.83 4.24 -13.99
CA ALA A 100 -14.41 3.47 -15.07
C ALA A 100 -14.54 2.03 -14.61
N GLU A 101 -15.78 1.57 -14.42
CA GLU A 101 -16.05 0.29 -13.79
C GLU A 101 -15.30 -0.85 -14.46
N GLN A 102 -14.22 -1.27 -13.80
CA GLN A 102 -13.38 -2.34 -14.29
C GLN A 102 -13.12 -3.32 -13.17
N LYS A 103 -13.11 -4.61 -13.49
CA LYS A 103 -13.01 -5.64 -12.47
C LYS A 103 -11.72 -6.43 -12.61
N SER A 104 -11.08 -6.69 -11.48
CA SER A 104 -9.82 -7.42 -11.45
C SER A 104 -10.09 -8.92 -11.33
N ARG A 105 -11.31 -9.33 -11.66
CA ARG A 105 -11.76 -10.72 -11.54
C ARG A 105 -11.79 -11.12 -10.06
N ARG A 106 -10.66 -11.59 -9.56
CA ARG A 106 -10.49 -11.91 -8.14
C ARG A 106 -9.00 -12.05 -7.83
N ALA A 107 -8.55 -11.39 -6.77
CA ALA A 107 -7.14 -11.38 -6.42
C ALA A 107 -6.78 -12.55 -5.52
N THR A 108 -5.92 -13.42 -6.01
CA THR A 108 -5.44 -14.56 -5.24
C THR A 108 -3.99 -14.34 -4.83
N ARG A 109 -3.75 -14.40 -3.52
CA ARG A 109 -2.41 -14.22 -2.99
C ARG A 109 -2.01 -15.42 -2.14
N PRO A 110 -0.73 -15.83 -2.21
CA PRO A 110 -0.21 -16.92 -1.39
C PRO A 110 -0.14 -16.55 0.08
N THR A 111 -0.21 -17.55 0.94
CA THR A 111 -0.20 -17.31 2.38
C THR A 111 0.85 -18.18 3.06
N ARG A 112 0.83 -18.17 4.40
CA ARG A 112 1.75 -18.96 5.23
C ARG A 112 3.14 -18.32 5.26
N ALA A 113 3.81 -18.44 6.41
CA ALA A 113 5.15 -17.89 6.56
C ALA A 113 5.91 -18.61 7.67
N SER A 114 5.71 -18.15 8.89
CA SER A 114 6.41 -18.68 10.05
C SER A 114 5.91 -18.00 11.32
N LYS A 115 6.28 -18.55 12.46
CA LYS A 115 5.87 -18.02 13.75
C LYS A 115 7.07 -17.72 14.63
N GLU A 116 7.22 -16.48 15.04
CA GLU A 116 8.28 -16.10 15.96
C GLU A 116 7.69 -15.42 17.19
N ARG A 117 8.29 -15.69 18.34
CA ARG A 117 7.83 -15.13 19.60
C ARG A 117 8.92 -14.29 20.24
N ARG A 118 8.51 -13.29 21.00
CA ARG A 118 9.45 -12.39 21.65
C ARG A 118 8.82 -11.81 22.91
N LEU A 119 9.64 -11.55 23.92
CA LEU A 119 9.13 -11.01 25.17
C LEU A 119 10.12 -9.98 25.72
N SER A 120 9.62 -8.79 25.99
CA SER A 120 10.44 -7.75 26.58
C SER A 120 9.66 -7.04 27.68
N SER A 121 10.12 -7.21 28.92
CA SER A 121 9.51 -6.57 30.07
C SER A 121 10.58 -5.96 30.97
N LYS A 122 10.60 -4.64 31.06
CA LYS A 122 11.54 -3.94 31.92
C LYS A 122 10.83 -2.76 32.58
N ALA A 123 11.14 -2.53 33.85
CA ALA A 123 10.52 -1.46 34.61
C ALA A 123 11.44 -0.94 35.70
N GLN A 124 11.77 0.34 35.65
CA GLN A 124 12.63 0.96 36.64
C GLN A 124 11.87 2.07 37.38
N LYS A 125 12.03 2.11 38.70
CA LYS A 125 11.33 3.08 39.52
C LYS A 125 12.05 3.26 40.85
N SER A 126 12.62 4.44 41.07
CA SER A 126 13.38 4.70 42.27
C SER A 126 13.40 6.20 42.59
N SER A 127 13.14 6.52 43.84
CA SER A 127 13.17 7.90 44.32
C SER A 127 13.80 7.96 45.71
N VAL A 128 13.98 9.17 46.24
CA VAL A 128 14.60 9.34 47.56
C VAL A 128 14.02 10.56 48.28
N LYS A 129 13.60 10.34 49.53
CA LYS A 129 13.08 11.40 50.37
C LYS A 129 13.72 11.32 51.75
N ALA A 130 14.46 12.35 52.10
CA ALA A 130 15.14 12.39 53.40
C ALA A 130 14.96 13.77 54.04
N LEU A 131 14.23 13.80 55.14
CA LEU A 131 13.97 15.03 55.85
C LEU A 131 14.45 14.94 57.30
N ARG A 132 15.12 15.99 57.75
CA ARG A 132 15.53 16.11 59.14
C ARG A 132 14.81 17.28 59.80
N GLY A 133 14.53 17.15 61.08
CA GLY A 133 13.89 18.21 61.82
C GLY A 133 14.29 18.17 63.28
N LYS A 134 14.26 19.33 63.93
CA LYS A 134 14.66 19.41 65.32
C LYS A 134 13.77 20.40 66.09
N VAL A 135 13.54 20.08 67.35
CA VAL A 135 12.78 20.94 68.25
C VAL A 135 13.06 20.54 69.70
N ARG A 136 13.33 21.52 70.56
CA ARG A 136 13.66 21.23 71.95
C ARG A 136 13.35 22.41 72.84
N ARG A 137 12.51 22.18 73.84
CA ARG A 137 12.23 23.16 74.88
C ARG A 137 11.67 22.45 76.11
N PRO A 138 12.41 22.52 77.24
CA PRO A 138 12.01 21.87 78.49
C PRO A 138 10.72 22.46 79.07
N LEU A 139 9.96 21.65 79.79
CA LEU A 139 8.73 22.10 80.40
C LEU A 139 8.90 22.16 81.92
N ASP A 140 9.02 23.37 82.44
CA ASP A 140 9.06 23.57 83.88
C ASP A 140 7.72 24.14 84.34
N LEU A 141 7.16 23.55 85.38
CA LEU A 141 5.86 23.95 85.87
C LEU A 141 5.89 24.12 87.38
N GLU A 142 5.28 25.18 87.87
CA GLU A 142 5.23 25.44 89.29
C GLU A 142 3.91 24.96 89.87
N HIS A 143 3.80 24.94 91.19
CA HIS A 143 2.59 24.47 91.85
C HIS A 143 2.00 25.58 92.71
N HIS A 144 1.37 26.56 92.07
CA HIS A 144 0.74 27.66 92.80
C HIS A 144 -0.49 27.17 93.54
N HIS A 145 -0.90 27.91 94.56
CA HIS A 145 -2.04 27.51 95.37
C HIS A 145 -3.19 28.49 95.17
N HIS A 146 -4.19 28.06 94.39
CA HIS A 146 -5.40 28.86 94.20
C HIS A 146 -6.21 28.88 95.50
N HIS A 147 -6.93 29.97 95.73
CA HIS A 147 -7.66 30.13 96.98
C HIS A 147 -9.14 30.36 96.73
N HIS A 148 -9.93 30.05 97.75
CA HIS A 148 -11.35 30.39 97.75
C HIS A 148 -11.70 30.93 99.13
N MET A 1 7.34 8.88 -10.53
CA MET A 1 6.27 9.64 -9.85
C MET A 1 4.99 8.82 -9.79
N ILE A 2 3.99 9.33 -9.08
CA ILE A 2 2.69 8.68 -9.04
C ILE A 2 1.78 9.36 -10.05
N ALA A 3 1.70 8.79 -11.25
CA ALA A 3 0.94 9.40 -12.34
C ALA A 3 -0.50 8.92 -12.33
N ILE A 4 -1.40 9.85 -12.09
CA ILE A 4 -2.82 9.55 -12.07
C ILE A 4 -3.46 10.21 -13.29
N SER A 5 -4.68 9.81 -13.63
CA SER A 5 -5.41 10.44 -14.72
C SER A 5 -5.85 11.85 -14.31
N ARG A 6 -6.43 12.59 -15.25
CA ARG A 6 -6.81 13.98 -15.02
C ARG A 6 -5.54 14.83 -14.85
N THR A 7 -5.69 16.04 -14.34
CA THR A 7 -4.55 16.93 -14.13
C THR A 7 -3.96 16.75 -12.73
N VAL A 8 -4.29 15.64 -12.09
CA VAL A 8 -3.84 15.38 -10.73
C VAL A 8 -2.85 14.22 -10.68
N SER A 9 -1.68 14.47 -10.14
CA SER A 9 -0.68 13.43 -9.95
C SER A 9 0.14 13.74 -8.70
N ILE A 10 0.82 12.73 -8.16
CA ILE A 10 1.55 12.89 -6.91
C ILE A 10 3.04 12.68 -7.15
N ALA A 11 3.88 13.43 -6.43
CA ALA A 11 5.31 13.29 -6.56
C ALA A 11 5.76 11.88 -6.15
N ASP A 12 6.90 11.46 -6.69
CA ASP A 12 7.36 10.07 -6.56
C ASP A 12 7.69 9.70 -5.12
N ASN A 13 8.46 10.54 -4.46
CA ASN A 13 8.99 10.19 -3.14
C ASN A 13 8.04 10.62 -2.02
N GLU A 14 6.78 10.85 -2.37
CA GLU A 14 5.77 11.19 -1.40
C GLU A 14 5.27 9.96 -0.66
N LEU A 15 5.16 8.85 -1.37
CA LEU A 15 4.69 7.60 -0.77
C LEU A 15 5.85 6.86 -0.12
N GLU A 16 5.60 6.30 1.05
CA GLU A 16 6.61 5.55 1.77
C GLU A 16 6.60 4.09 1.36
N ILE A 17 7.78 3.58 1.06
CA ILE A 17 7.93 2.18 0.70
C ILE A 17 8.51 1.42 1.89
N THR A 18 7.72 0.55 2.46
CA THR A 18 8.15 -0.27 3.59
C THR A 18 8.34 -1.70 3.15
N ALA A 19 9.24 -2.41 3.80
CA ALA A 19 9.46 -3.82 3.53
C ALA A 19 8.44 -4.65 4.28
N ILE A 20 7.78 -5.57 3.57
CA ILE A 20 6.78 -6.42 4.20
C ILE A 20 7.44 -7.36 5.20
N ARG A 21 7.13 -7.15 6.47
CA ARG A 21 7.67 -7.97 7.54
C ARG A 21 6.64 -9.04 7.92
N ALA A 22 6.15 -9.71 6.88
CA ALA A 22 5.14 -10.75 7.01
C ALA A 22 5.07 -11.50 5.70
N GLN A 23 4.18 -12.49 5.62
CA GLN A 23 3.98 -13.29 4.40
C GLN A 23 5.21 -14.18 4.14
N GLY A 24 5.04 -15.16 3.28
CA GLY A 24 6.13 -16.05 2.94
C GLY A 24 5.76 -16.99 1.81
N ALA A 25 6.47 -18.10 1.72
CA ALA A 25 6.21 -19.10 0.70
C ALA A 25 6.35 -20.50 1.30
N GLY A 26 5.32 -21.31 1.10
CA GLY A 26 5.35 -22.66 1.63
C GLY A 26 6.23 -23.58 0.81
N GLY A 27 7.44 -23.79 1.28
CA GLY A 27 8.38 -24.65 0.59
C GLY A 27 9.81 -24.31 0.94
N GLN A 28 10.33 -23.28 0.29
CA GLN A 28 11.66 -22.78 0.58
C GLN A 28 11.56 -21.31 0.95
N HIS A 29 12.69 -20.67 1.20
CA HIS A 29 12.69 -19.24 1.50
C HIS A 29 13.28 -18.47 0.34
N VAL A 30 12.40 -18.01 -0.53
CA VAL A 30 12.78 -17.26 -1.71
C VAL A 30 12.93 -15.78 -1.38
N ASN A 31 12.04 -15.30 -0.53
CA ASN A 31 12.02 -13.90 -0.13
C ASN A 31 12.48 -13.76 1.31
N LYS A 32 13.46 -14.57 1.69
CA LYS A 32 14.01 -14.53 3.04
C LYS A 32 14.52 -13.14 3.35
N THR A 33 14.23 -12.67 4.57
CA THR A 33 14.50 -11.30 4.97
C THR A 33 13.52 -10.36 4.27
N SER A 34 12.82 -9.54 5.06
CA SER A 34 11.80 -8.64 4.54
C SER A 34 12.34 -7.78 3.39
N SER A 35 11.95 -8.13 2.17
CA SER A 35 12.39 -7.39 0.99
C SER A 35 11.22 -7.09 0.06
N ALA A 36 10.03 -7.53 0.48
CA ALA A 36 8.84 -7.31 -0.30
C ALA A 36 8.36 -5.88 -0.12
N ILE A 37 7.56 -5.42 -1.05
CA ILE A 37 7.18 -4.00 -1.11
C ILE A 37 5.79 -3.76 -0.53
N HIS A 38 5.76 -2.90 0.47
CA HIS A 38 4.52 -2.43 1.06
C HIS A 38 4.49 -0.90 1.09
N LEU A 39 3.67 -0.31 0.24
CA LEU A 39 3.51 1.13 0.24
C LEU A 39 2.10 1.46 0.63
N ARG A 40 1.91 2.59 1.30
CA ARG A 40 0.57 2.99 1.71
C ARG A 40 0.13 4.27 1.01
N PHE A 41 -0.97 4.16 0.28
CA PHE A 41 -1.54 5.30 -0.40
C PHE A 41 -2.96 5.54 0.09
N ASP A 42 -3.15 6.57 0.90
CA ASP A 42 -4.47 6.89 1.40
C ASP A 42 -4.92 8.26 0.93
N ILE A 43 -6.23 8.44 0.87
CA ILE A 43 -6.83 9.68 0.42
C ILE A 43 -6.38 10.86 1.28
N ARG A 44 -6.34 10.65 2.59
CA ARG A 44 -6.02 11.70 3.55
C ARG A 44 -4.59 12.24 3.37
N ALA A 45 -3.80 11.58 2.52
CA ALA A 45 -2.43 11.99 2.29
C ALA A 45 -2.30 12.82 1.00
N SER A 46 -3.39 12.96 0.27
CA SER A 46 -3.35 13.67 -1.01
C SER A 46 -4.56 14.58 -1.15
N GLY A 47 -4.33 15.78 -1.68
CA GLY A 47 -5.41 16.73 -1.89
C GLY A 47 -6.21 16.41 -3.14
N LEU A 48 -6.86 15.27 -3.13
CA LEU A 48 -7.64 14.79 -4.27
C LEU A 48 -8.97 15.55 -4.37
N PRO A 49 -9.50 15.70 -5.61
CA PRO A 49 -10.83 16.27 -5.84
C PRO A 49 -11.91 15.44 -5.16
N GLU A 50 -12.95 16.10 -4.67
CA GLU A 50 -13.93 15.46 -3.79
C GLU A 50 -14.65 14.28 -4.44
N TYR A 51 -15.00 14.41 -5.71
CA TYR A 51 -15.70 13.34 -6.42
C TYR A 51 -14.88 12.06 -6.46
N TYR A 52 -13.63 12.18 -6.90
CA TYR A 52 -12.74 11.04 -6.98
C TYR A 52 -12.44 10.51 -5.59
N LYS A 53 -12.31 11.43 -4.64
CA LYS A 53 -12.07 11.08 -3.25
C LYS A 53 -13.19 10.18 -2.69
N GLN A 54 -14.43 10.47 -3.06
CA GLN A 54 -15.56 9.65 -2.62
C GLN A 54 -15.44 8.23 -3.18
N ARG A 55 -15.14 8.14 -4.47
CA ARG A 55 -15.00 6.86 -5.14
C ARG A 55 -13.84 6.05 -4.57
N LEU A 56 -12.77 6.73 -4.21
CA LEU A 56 -11.57 6.06 -3.68
C LEU A 56 -11.80 5.60 -2.24
N LEU A 57 -12.66 6.30 -1.51
CA LEU A 57 -12.99 5.91 -0.14
C LEU A 57 -13.92 4.72 -0.12
N THR A 58 -14.91 4.71 -1.01
CA THR A 58 -15.87 3.62 -1.08
C THR A 58 -15.20 2.35 -1.60
N ALA A 59 -14.43 2.49 -2.69
CA ALA A 59 -13.65 1.40 -3.25
C ALA A 59 -14.52 0.21 -3.66
N SER A 60 -13.88 -0.92 -3.93
CA SER A 60 -14.58 -2.14 -4.32
C SER A 60 -13.63 -3.33 -4.32
N HIS A 61 -12.60 -3.26 -3.49
CA HIS A 61 -11.61 -4.32 -3.41
C HIS A 61 -11.05 -4.42 -2.00
N HIS A 62 -10.56 -5.60 -1.64
CA HIS A 62 -10.10 -5.86 -0.26
C HIS A 62 -8.75 -5.21 0.04
N LEU A 63 -8.31 -4.30 -0.82
CA LEU A 63 -7.03 -3.63 -0.63
C LEU A 63 -7.17 -2.45 0.33
N ILE A 64 -8.42 -2.13 0.69
CA ILE A 64 -8.67 -1.11 1.69
C ILE A 64 -8.49 -1.69 3.09
N SER A 65 -7.75 -0.97 3.92
CA SER A 65 -7.45 -1.43 5.26
C SER A 65 -8.46 -0.91 6.28
N ASP A 66 -8.28 0.34 6.70
CA ASP A 66 -9.07 0.91 7.76
C ASP A 66 -10.06 1.96 7.26
N ASP A 67 -9.61 3.20 7.12
CA ASP A 67 -10.48 4.29 6.70
C ASP A 67 -10.54 4.39 5.19
N GLY A 68 -9.57 5.08 4.61
CA GLY A 68 -9.50 5.22 3.18
C GLY A 68 -8.08 5.12 2.69
N VAL A 69 -7.43 4.02 3.00
CA VAL A 69 -6.08 3.77 2.56
C VAL A 69 -6.02 2.50 1.72
N ILE A 70 -5.20 2.53 0.68
CA ILE A 70 -5.01 1.39 -0.19
C ILE A 70 -3.64 0.78 0.07
N ILE A 71 -3.61 -0.47 0.47
CA ILE A 71 -2.37 -1.17 0.71
C ILE A 71 -2.05 -2.09 -0.45
N ILE A 72 -0.94 -1.82 -1.11
CA ILE A 72 -0.50 -2.66 -2.21
C ILE A 72 0.57 -3.62 -1.73
N LYS A 73 0.26 -4.90 -1.78
CA LYS A 73 1.22 -5.92 -1.43
C LYS A 73 1.89 -6.47 -2.67
N ALA A 74 3.20 -6.31 -2.72
CA ALA A 74 3.97 -6.75 -3.87
C ALA A 74 5.01 -7.78 -3.47
N GLN A 75 4.96 -8.92 -4.12
CA GLN A 75 5.90 -10.00 -3.90
C GLN A 75 5.98 -10.83 -5.16
N GLU A 76 7.05 -10.61 -5.91
CA GLU A 76 7.26 -11.28 -7.18
C GLU A 76 8.61 -11.98 -7.18
N PHE A 77 9.64 -11.18 -6.99
CA PHE A 77 11.01 -11.64 -7.04
C PHE A 77 11.90 -10.54 -6.46
N ARG A 78 13.20 -10.61 -6.69
CA ARG A 78 14.12 -9.57 -6.22
C ARG A 78 13.93 -8.27 -7.00
N SER A 79 14.80 -7.30 -6.73
CA SER A 79 14.78 -6.01 -7.41
C SER A 79 13.54 -5.20 -6.99
N GLN A 80 13.68 -4.51 -5.87
CA GLN A 80 12.60 -3.71 -5.31
C GLN A 80 12.10 -2.66 -6.30
N GLU A 81 12.97 -2.26 -7.21
CA GLU A 81 12.61 -1.28 -8.23
C GLU A 81 11.41 -1.74 -9.04
N LEU A 82 11.49 -2.94 -9.60
CA LEU A 82 10.43 -3.46 -10.44
C LEU A 82 9.23 -3.85 -9.59
N ASN A 83 9.49 -4.24 -8.36
CA ASN A 83 8.41 -4.52 -7.41
C ASN A 83 7.66 -3.24 -7.11
N ARG A 84 8.41 -2.15 -6.96
CA ARG A 84 7.85 -0.83 -6.68
C ARG A 84 7.02 -0.33 -7.85
N GLU A 85 7.64 -0.35 -9.03
CA GLU A 85 6.99 0.15 -10.24
C GLU A 85 5.71 -0.63 -10.54
N ALA A 86 5.74 -1.93 -10.27
CA ALA A 86 4.57 -2.77 -10.45
C ALA A 86 3.51 -2.45 -9.40
N ALA A 87 3.97 -2.16 -8.19
CA ALA A 87 3.07 -1.75 -7.11
C ALA A 87 2.39 -0.43 -7.45
N ILE A 88 3.17 0.49 -8.02
CA ILE A 88 2.65 1.79 -8.46
C ILE A 88 1.59 1.57 -9.55
N ALA A 89 1.95 0.81 -10.57
CA ALA A 89 1.03 0.51 -11.65
C ALA A 89 -0.21 -0.20 -11.14
N ARG A 90 -0.04 -1.08 -10.16
CA ARG A 90 -1.14 -1.84 -9.60
C ARG A 90 -2.06 -0.95 -8.77
N LEU A 91 -1.51 0.04 -8.08
CA LEU A 91 -2.36 0.94 -7.29
C LEU A 91 -3.15 1.85 -8.22
N VAL A 92 -2.54 2.24 -9.34
CA VAL A 92 -3.25 3.02 -10.35
C VAL A 92 -4.35 2.17 -10.99
N ALA A 93 -4.06 0.88 -11.16
CA ALA A 93 -5.05 -0.07 -11.64
C ALA A 93 -6.23 -0.13 -10.70
N VAL A 94 -5.95 -0.13 -9.40
CA VAL A 94 -6.99 -0.10 -8.38
C VAL A 94 -7.79 1.21 -8.49
N ILE A 95 -7.09 2.30 -8.74
CA ILE A 95 -7.74 3.59 -8.94
C ILE A 95 -8.72 3.52 -10.12
N LYS A 96 -8.31 2.85 -11.21
CA LYS A 96 -9.19 2.64 -12.35
C LYS A 96 -10.44 1.87 -11.94
N GLU A 97 -10.28 0.92 -11.02
CA GLU A 97 -11.40 0.16 -10.48
C GLU A 97 -12.33 1.06 -9.67
N LEU A 98 -11.72 1.84 -8.78
CA LEU A 98 -12.47 2.67 -7.84
C LEU A 98 -13.18 3.83 -8.54
N THR A 99 -12.59 4.38 -9.58
CA THR A 99 -13.18 5.51 -10.27
C THR A 99 -14.04 5.07 -11.46
N ALA A 100 -14.03 3.78 -11.75
CA ALA A 100 -14.81 3.24 -12.86
C ALA A 100 -16.31 3.37 -12.60
N GLU A 101 -17.08 3.30 -13.67
CA GLU A 101 -18.53 3.41 -13.58
C GLU A 101 -19.12 2.13 -12.98
N GLN A 102 -19.65 2.27 -11.75
CA GLN A 102 -20.23 1.15 -11.01
C GLN A 102 -19.18 0.10 -10.63
N LYS A 103 -19.44 -0.62 -9.55
CA LYS A 103 -18.50 -1.62 -9.05
C LYS A 103 -19.17 -2.56 -8.05
N SER A 104 -19.66 -2.02 -6.94
CA SER A 104 -20.32 -2.83 -5.94
C SER A 104 -21.60 -2.14 -5.49
N ARG A 105 -22.51 -2.93 -4.93
CA ARG A 105 -23.82 -2.43 -4.56
C ARG A 105 -23.81 -1.76 -3.19
N ARG A 106 -22.89 -2.17 -2.32
CA ARG A 106 -22.86 -1.65 -0.97
C ARG A 106 -21.46 -1.25 -0.54
N ALA A 107 -21.24 0.05 -0.42
CA ALA A 107 -19.97 0.61 0.04
C ALA A 107 -20.20 2.01 0.57
N THR A 108 -19.65 2.30 1.76
CA THR A 108 -19.85 3.59 2.38
C THR A 108 -18.66 3.97 3.26
N ARG A 109 -18.14 5.18 3.05
CA ARG A 109 -17.03 5.69 3.85
C ARG A 109 -16.97 7.22 3.79
N PRO A 110 -17.70 7.89 4.69
CA PRO A 110 -17.64 9.34 4.84
C PRO A 110 -16.68 9.77 5.96
N THR A 111 -16.37 11.05 6.01
CA THR A 111 -15.49 11.60 7.04
C THR A 111 -15.30 13.10 6.84
N ARG A 112 -14.90 13.77 7.91
CA ARG A 112 -14.61 15.21 7.89
C ARG A 112 -13.95 15.62 9.20
N ALA A 113 -13.07 16.61 9.16
CA ALA A 113 -12.34 17.05 10.35
C ALA A 113 -11.43 18.25 10.08
N SER A 114 -10.95 18.84 11.17
CA SER A 114 -9.89 19.85 11.13
C SER A 114 -10.38 21.18 10.56
N LYS A 115 -11.19 21.88 11.34
CA LYS A 115 -11.59 23.24 11.02
C LYS A 115 -11.50 24.12 12.25
N GLU A 116 -10.58 25.07 12.24
CA GLU A 116 -10.37 25.97 13.38
C GLU A 116 -9.43 27.11 13.01
N ARG A 117 -9.93 28.35 13.05
CA ARG A 117 -9.12 29.55 12.81
C ARG A 117 -9.95 30.83 12.94
N ARG A 118 -10.07 31.34 14.17
CA ARG A 118 -10.74 32.62 14.38
C ARG A 118 -10.05 33.40 15.49
N LEU A 119 -9.88 34.68 15.24
CA LEU A 119 -9.23 35.60 16.18
C LEU A 119 -9.66 37.03 15.90
N SER A 120 -10.69 37.50 16.60
CA SER A 120 -11.21 38.85 16.36
C SER A 120 -11.57 39.54 17.67
N SER A 121 -10.87 40.64 17.97
CA SER A 121 -11.17 41.47 19.13
C SER A 121 -10.78 42.92 18.83
N LYS A 122 -11.55 43.88 19.37
CA LYS A 122 -11.36 45.30 19.05
C LYS A 122 -12.35 46.18 19.82
N ALA A 123 -12.41 47.46 19.41
CA ALA A 123 -13.42 48.42 19.89
C ALA A 123 -13.18 48.93 21.31
N GLN A 124 -13.01 50.24 21.42
CA GLN A 124 -12.87 50.91 22.72
C GLN A 124 -13.49 52.30 22.69
N LYS A 125 -14.43 52.55 23.62
CA LYS A 125 -15.08 53.85 23.75
C LYS A 125 -14.45 54.65 24.88
N SER A 126 -14.66 55.97 24.85
CA SER A 126 -14.13 56.87 25.88
C SER A 126 -14.63 58.31 25.65
N SER A 127 -15.47 58.80 26.54
CA SER A 127 -16.01 60.15 26.44
C SER A 127 -16.78 60.55 27.71
N VAL A 128 -16.31 61.60 28.36
CA VAL A 128 -17.00 62.16 29.53
C VAL A 128 -16.86 63.68 29.54
N LYS A 129 -17.92 64.38 29.95
CA LYS A 129 -17.90 65.84 30.02
C LYS A 129 -19.23 66.39 30.53
N ALA A 130 -19.26 66.75 31.81
CA ALA A 130 -20.43 67.37 32.41
C ALA A 130 -20.02 68.33 33.51
N LEU A 131 -20.63 69.52 33.53
CA LEU A 131 -20.30 70.52 34.53
C LEU A 131 -21.30 71.69 34.51
N ARG A 132 -21.88 71.99 35.67
CA ARG A 132 -22.71 73.17 35.88
C ARG A 132 -23.31 73.14 37.28
N GLY A 133 -22.79 73.97 38.16
CA GLY A 133 -23.27 74.00 39.53
C GLY A 133 -23.92 75.32 39.88
N LYS A 134 -25.23 75.36 39.84
CA LYS A 134 -25.97 76.60 40.10
C LYS A 134 -26.73 76.52 41.42
N VAL A 135 -26.74 77.65 42.13
CA VAL A 135 -27.45 77.78 43.38
C VAL A 135 -28.05 79.17 43.48
N ARG A 136 -29.27 79.27 43.99
CA ARG A 136 -29.94 80.56 44.11
C ARG A 136 -30.30 80.88 45.55
N ARG A 137 -30.22 82.16 45.88
CA ARG A 137 -30.60 82.66 47.19
C ARG A 137 -31.64 83.78 47.05
N PRO A 138 -32.92 83.47 47.24
CA PRO A 138 -34.01 84.44 47.10
C PRO A 138 -34.25 85.19 48.41
N LEU A 139 -33.17 85.52 49.10
CA LEU A 139 -33.25 86.06 50.44
C LEU A 139 -33.41 87.58 50.44
N ASP A 140 -34.52 88.03 51.01
CA ASP A 140 -34.76 89.44 51.29
C ASP A 140 -35.90 89.57 52.28
N LEU A 141 -35.57 89.89 53.52
CA LEU A 141 -36.53 89.84 54.61
C LEU A 141 -36.61 91.20 55.30
N GLU A 142 -37.77 91.85 55.25
CA GLU A 142 -37.92 93.15 55.87
C GLU A 142 -38.48 93.04 57.29
N HIS A 143 -38.13 93.99 58.12
CA HIS A 143 -38.61 94.01 59.50
C HIS A 143 -39.32 95.33 59.79
N HIS A 144 -40.63 95.26 59.99
CA HIS A 144 -41.42 96.44 60.31
C HIS A 144 -42.14 96.27 61.63
N HIS A 145 -42.61 97.39 62.17
CA HIS A 145 -43.43 97.40 63.39
C HIS A 145 -42.67 96.82 64.58
N HIS A 146 -41.67 97.56 65.05
CA HIS A 146 -40.96 97.19 66.27
C HIS A 146 -41.93 97.24 67.45
N HIS A 147 -41.97 96.17 68.23
CA HIS A 147 -42.89 96.09 69.35
C HIS A 147 -42.23 95.40 70.53
N HIS A 148 -42.98 95.24 71.60
CA HIS A 148 -42.52 94.48 72.75
C HIS A 148 -42.68 93.01 72.46
N MET A 1 7.48 8.31 -10.78
CA MET A 1 6.49 9.39 -10.59
C MET A 1 5.07 8.84 -10.69
N ILE A 2 4.18 9.30 -9.84
CA ILE A 2 2.80 8.83 -9.85
C ILE A 2 1.89 9.85 -10.51
N ALA A 3 1.29 9.46 -11.63
CA ALA A 3 0.40 10.34 -12.36
C ALA A 3 -1.02 9.80 -12.33
N ILE A 4 -1.96 10.63 -11.87
CA ILE A 4 -3.36 10.25 -11.78
C ILE A 4 -4.17 11.02 -12.82
N SER A 5 -5.40 10.59 -13.07
CA SER A 5 -6.31 11.32 -13.95
C SER A 5 -6.47 12.75 -13.44
N ARG A 6 -6.79 13.67 -14.34
CA ARG A 6 -6.78 15.12 -14.06
C ARG A 6 -5.34 15.61 -14.02
N THR A 7 -5.13 16.79 -13.45
CA THR A 7 -3.80 17.37 -13.38
C THR A 7 -3.20 17.20 -11.98
N VAL A 8 -3.50 16.07 -11.35
CA VAL A 8 -3.00 15.79 -10.02
C VAL A 8 -1.93 14.69 -10.05
N SER A 9 -0.75 15.00 -9.55
CA SER A 9 0.34 14.04 -9.56
C SER A 9 0.94 13.89 -8.17
N ILE A 10 1.50 12.71 -7.91
CA ILE A 10 2.17 12.42 -6.65
C ILE A 10 3.64 12.15 -6.91
N ALA A 11 4.52 12.75 -6.13
CA ALA A 11 5.96 12.60 -6.31
C ALA A 11 6.38 11.15 -6.08
N ASP A 12 7.44 10.73 -6.76
CA ASP A 12 7.91 9.36 -6.70
C ASP A 12 8.36 9.00 -5.29
N ASN A 13 8.94 9.97 -4.60
CA ASN A 13 9.41 9.76 -3.24
C ASN A 13 8.51 10.52 -2.26
N GLU A 14 7.22 10.60 -2.61
CA GLU A 14 6.23 11.14 -1.69
C GLU A 14 5.60 10.02 -0.88
N LEU A 15 5.44 8.86 -1.52
CA LEU A 15 4.82 7.72 -0.89
C LEU A 15 5.75 7.09 0.14
N GLU A 16 5.20 6.73 1.29
CA GLU A 16 5.96 6.13 2.35
C GLU A 16 6.15 4.64 2.07
N ILE A 17 7.32 4.32 1.54
CA ILE A 17 7.65 2.95 1.15
C ILE A 17 8.10 2.14 2.36
N THR A 18 7.62 0.91 2.44
CA THR A 18 7.97 0.00 3.52
C THR A 18 8.26 -1.39 2.97
N ALA A 19 9.15 -2.11 3.64
CA ALA A 19 9.47 -3.47 3.23
C ALA A 19 8.56 -4.48 3.93
N ILE A 20 8.13 -5.50 3.21
CA ILE A 20 7.28 -6.52 3.79
C ILE A 20 8.12 -7.64 4.38
N ARG A 21 8.03 -7.79 5.69
CA ARG A 21 8.76 -8.82 6.39
C ARG A 21 7.81 -9.62 7.28
N ALA A 22 7.29 -10.70 6.73
CA ALA A 22 6.39 -11.56 7.48
C ALA A 22 7.18 -12.60 8.25
N GLN A 23 7.46 -12.31 9.52
CA GLN A 23 8.30 -13.17 10.32
C GLN A 23 7.49 -14.33 10.88
N GLY A 24 7.31 -15.35 10.05
CA GLY A 24 6.58 -16.52 10.47
C GLY A 24 7.05 -17.75 9.72
N ALA A 25 7.78 -18.61 10.42
CA ALA A 25 8.35 -19.81 9.80
C ALA A 25 7.48 -21.04 10.03
N GLY A 26 7.37 -21.46 11.28
CA GLY A 26 6.68 -22.70 11.60
C GLY A 26 5.18 -22.54 11.78
N GLY A 27 4.61 -21.61 11.02
CA GLY A 27 3.17 -21.40 11.09
C GLY A 27 2.44 -22.14 9.99
N GLN A 28 3.13 -22.40 8.89
CA GLN A 28 2.53 -23.06 7.74
C GLN A 28 3.60 -23.39 6.71
N HIS A 29 3.28 -24.31 5.82
CA HIS A 29 4.24 -24.80 4.82
C HIS A 29 4.20 -23.92 3.57
N VAL A 30 3.43 -22.85 3.67
CA VAL A 30 3.24 -21.92 2.56
C VAL A 30 4.54 -21.21 2.16
N ASN A 31 5.42 -21.00 3.15
CA ASN A 31 6.66 -20.25 2.96
C ASN A 31 6.36 -18.78 2.70
N LYS A 32 6.43 -17.97 3.76
CA LYS A 32 6.11 -16.56 3.68
C LYS A 32 7.35 -15.76 3.28
N THR A 33 7.28 -15.17 2.10
CA THR A 33 8.38 -14.41 1.55
C THR A 33 8.43 -13.01 2.13
N SER A 34 9.63 -12.58 2.51
CA SER A 34 9.84 -11.23 3.01
C SER A 34 10.60 -10.39 1.98
N SER A 35 10.35 -10.70 0.71
CA SER A 35 11.00 -9.99 -0.39
C SER A 35 9.95 -9.21 -1.20
N ALA A 36 9.00 -8.63 -0.49
CA ALA A 36 7.90 -7.93 -1.12
C ALA A 36 7.92 -6.45 -0.79
N ILE A 37 7.32 -5.66 -1.67
CA ILE A 37 7.28 -4.22 -1.52
C ILE A 37 5.92 -3.76 -1.00
N HIS A 38 5.95 -2.84 -0.05
CA HIS A 38 4.75 -2.30 0.56
C HIS A 38 4.74 -0.79 0.49
N LEU A 39 3.62 -0.22 0.10
CA LEU A 39 3.48 1.23 0.06
C LEU A 39 2.14 1.64 0.63
N ARG A 40 2.10 2.83 1.22
CA ARG A 40 0.87 3.38 1.75
C ARG A 40 0.37 4.51 0.86
N PHE A 41 -0.73 4.26 0.18
CA PHE A 41 -1.37 5.28 -0.62
C PHE A 41 -2.50 5.89 0.20
N ASP A 42 -2.25 7.07 0.75
CA ASP A 42 -3.19 7.69 1.66
C ASP A 42 -3.97 8.79 0.96
N ILE A 43 -5.28 8.82 1.19
CA ILE A 43 -6.16 9.78 0.54
C ILE A 43 -6.04 11.15 1.21
N ARG A 44 -6.01 11.16 2.53
CA ARG A 44 -5.94 12.41 3.28
C ARG A 44 -4.61 13.12 3.05
N ALA A 45 -3.55 12.33 2.98
CA ALA A 45 -2.20 12.88 2.80
C ALA A 45 -1.96 13.40 1.39
N SER A 46 -2.89 13.14 0.49
CA SER A 46 -2.78 13.61 -0.87
C SER A 46 -3.84 14.67 -1.17
N GLY A 47 -3.93 15.06 -2.43
CA GLY A 47 -4.92 16.04 -2.84
C GLY A 47 -5.66 15.61 -4.09
N LEU A 48 -6.29 14.46 -4.02
CA LEU A 48 -7.02 13.90 -5.15
C LEU A 48 -8.34 14.64 -5.34
N PRO A 49 -8.88 14.63 -6.57
CA PRO A 49 -10.19 15.23 -6.85
C PRO A 49 -11.29 14.58 -6.00
N GLU A 50 -12.31 15.38 -5.68
CA GLU A 50 -13.38 14.96 -4.77
C GLU A 50 -13.97 13.61 -5.14
N TYR A 51 -14.42 13.49 -6.38
CA TYR A 51 -15.11 12.29 -6.81
C TYR A 51 -14.18 11.09 -6.86
N TYR A 52 -12.92 11.31 -7.20
CA TYR A 52 -11.95 10.23 -7.29
C TYR A 52 -11.66 9.64 -5.91
N LYS A 53 -11.48 10.51 -4.92
CA LYS A 53 -11.17 10.04 -3.57
C LYS A 53 -12.37 9.34 -2.94
N GLN A 54 -13.58 9.80 -3.27
CA GLN A 54 -14.79 9.23 -2.70
C GLN A 54 -15.07 7.83 -3.26
N ARG A 55 -14.73 7.62 -4.54
CA ARG A 55 -14.92 6.30 -5.16
C ARG A 55 -14.11 5.22 -4.44
N LEU A 56 -13.01 5.64 -3.84
CA LEU A 56 -12.12 4.72 -3.13
C LEU A 56 -12.72 4.31 -1.78
N LEU A 57 -13.41 5.25 -1.13
CA LEU A 57 -13.95 5.00 0.20
C LEU A 57 -15.37 4.45 0.15
N THR A 58 -16.01 4.55 -1.00
CA THR A 58 -17.36 4.04 -1.17
C THR A 58 -17.33 2.58 -1.60
N ALA A 59 -16.33 2.23 -2.41
CA ALA A 59 -16.14 0.86 -2.84
C ALA A 59 -15.54 0.03 -1.70
N SER A 60 -16.22 -1.04 -1.34
CA SER A 60 -15.73 -1.91 -0.29
C SER A 60 -14.64 -2.82 -0.84
N HIS A 61 -13.50 -2.22 -1.15
CA HIS A 61 -12.37 -2.96 -1.68
C HIS A 61 -11.46 -3.35 -0.53
N HIS A 62 -11.03 -4.61 -0.50
CA HIS A 62 -10.37 -5.17 0.69
C HIS A 62 -8.95 -4.67 0.82
N LEU A 63 -8.48 -3.97 -0.21
CA LEU A 63 -7.17 -3.30 -0.16
C LEU A 63 -7.23 -2.03 0.69
N ILE A 64 -8.44 -1.57 0.98
CA ILE A 64 -8.63 -0.44 1.88
C ILE A 64 -8.46 -0.94 3.31
N SER A 65 -7.77 -0.18 4.14
CA SER A 65 -7.46 -0.64 5.48
C SER A 65 -8.46 -0.07 6.51
N ASP A 66 -8.19 1.14 6.98
CA ASP A 66 -9.02 1.74 8.02
C ASP A 66 -9.38 3.18 7.69
N ASP A 67 -8.43 4.08 7.90
CA ASP A 67 -8.72 5.51 7.83
C ASP A 67 -8.20 6.13 6.54
N GLY A 68 -8.77 5.70 5.43
CA GLY A 68 -8.53 6.36 4.16
C GLY A 68 -7.13 6.14 3.60
N VAL A 69 -6.60 4.95 3.76
CA VAL A 69 -5.33 4.61 3.16
C VAL A 69 -5.41 3.22 2.51
N ILE A 70 -4.76 3.08 1.37
CA ILE A 70 -4.80 1.84 0.61
C ILE A 70 -3.53 1.04 0.83
N ILE A 71 -3.69 -0.26 1.08
CA ILE A 71 -2.57 -1.14 1.30
C ILE A 71 -2.35 -2.05 0.10
N ILE A 72 -1.14 -1.98 -0.45
CA ILE A 72 -0.77 -2.82 -1.58
C ILE A 72 0.43 -3.67 -1.22
N LYS A 73 0.36 -4.95 -1.52
CA LYS A 73 1.48 -5.86 -1.35
C LYS A 73 1.88 -6.45 -2.69
N ALA A 74 3.02 -6.00 -3.16
CA ALA A 74 3.51 -6.38 -4.47
C ALA A 74 4.77 -7.20 -4.38
N GLN A 75 4.74 -8.38 -4.98
CA GLN A 75 5.89 -9.26 -4.98
C GLN A 75 5.83 -10.23 -6.15
N GLU A 76 6.69 -10.00 -7.12
CA GLU A 76 6.94 -10.98 -8.17
C GLU A 76 7.77 -12.12 -7.58
N PHE A 77 8.98 -11.77 -7.15
CA PHE A 77 9.88 -12.75 -6.54
C PHE A 77 10.75 -12.08 -5.48
N ARG A 78 11.52 -11.06 -5.87
CA ARG A 78 12.43 -10.40 -4.94
C ARG A 78 12.78 -8.99 -5.39
N SER A 79 13.05 -8.81 -6.69
CA SER A 79 13.51 -7.53 -7.23
C SER A 79 12.62 -6.36 -6.79
N GLN A 80 13.20 -5.49 -5.98
CA GLN A 80 12.46 -4.41 -5.34
C GLN A 80 11.98 -3.39 -6.35
N GLU A 81 12.83 -3.05 -7.31
CA GLU A 81 12.53 -1.99 -8.27
C GLU A 81 11.27 -2.31 -9.07
N LEU A 82 11.24 -3.49 -9.68
CA LEU A 82 10.12 -3.85 -10.54
C LEU A 82 8.87 -4.04 -9.72
N ASN A 83 9.02 -4.57 -8.51
CA ASN A 83 7.91 -4.75 -7.60
C ASN A 83 7.34 -3.39 -7.18
N ARG A 84 8.22 -2.43 -6.96
CA ARG A 84 7.80 -1.09 -6.58
C ARG A 84 7.03 -0.44 -7.72
N GLU A 85 7.58 -0.53 -8.92
CA GLU A 85 6.93 0.02 -10.10
C GLU A 85 5.60 -0.66 -10.37
N ALA A 86 5.54 -1.96 -10.13
CA ALA A 86 4.30 -2.72 -10.29
C ALA A 86 3.28 -2.28 -9.25
N ALA A 87 3.77 -1.89 -8.08
CA ALA A 87 2.91 -1.36 -7.03
C ALA A 87 2.34 0.00 -7.43
N ILE A 88 3.17 0.81 -8.08
CA ILE A 88 2.73 2.10 -8.61
C ILE A 88 1.61 1.89 -9.63
N ALA A 89 1.85 0.99 -10.58
CA ALA A 89 0.85 0.66 -11.57
C ALA A 89 -0.38 0.04 -10.91
N ARG A 90 -0.13 -0.72 -9.84
CA ARG A 90 -1.21 -1.38 -9.10
C ARG A 90 -2.19 -0.35 -8.54
N LEU A 91 -1.66 0.68 -7.87
CA LEU A 91 -2.52 1.68 -7.25
C LEU A 91 -3.31 2.44 -8.32
N VAL A 92 -2.66 2.74 -9.44
CA VAL A 92 -3.32 3.42 -10.55
C VAL A 92 -4.44 2.56 -11.10
N ALA A 93 -4.18 1.26 -11.20
CA ALA A 93 -5.19 0.31 -11.65
C ALA A 93 -6.33 0.21 -10.65
N VAL A 94 -6.00 0.13 -9.36
CA VAL A 94 -7.03 0.11 -8.32
C VAL A 94 -7.94 1.32 -8.44
N ILE A 95 -7.35 2.48 -8.68
CA ILE A 95 -8.11 3.70 -8.85
C ILE A 95 -9.08 3.59 -10.03
N LYS A 96 -8.60 3.07 -11.16
CA LYS A 96 -9.44 2.97 -12.36
C LYS A 96 -10.44 1.82 -12.25
N GLU A 97 -10.09 0.77 -11.52
CA GLU A 97 -11.00 -0.34 -11.27
C GLU A 97 -12.21 0.10 -10.44
N LEU A 98 -11.99 1.09 -9.57
CA LEU A 98 -13.05 1.60 -8.71
C LEU A 98 -13.79 2.78 -9.35
N THR A 99 -13.07 3.65 -10.04
CA THR A 99 -13.69 4.82 -10.66
C THR A 99 -14.51 4.43 -11.90
N ALA A 100 -13.98 3.47 -12.64
CA ALA A 100 -14.70 2.91 -13.78
C ALA A 100 -15.31 1.57 -13.39
N GLU A 101 -16.24 1.09 -14.19
CA GLU A 101 -16.86 -0.19 -13.94
C GLU A 101 -16.07 -1.31 -14.63
N GLN A 102 -14.92 -1.65 -14.05
CA GLN A 102 -14.04 -2.64 -14.64
C GLN A 102 -13.64 -3.70 -13.62
N LYS A 103 -12.95 -4.73 -14.10
CA LYS A 103 -12.38 -5.76 -13.25
C LYS A 103 -11.28 -6.52 -13.99
N SER A 104 -10.05 -6.26 -13.62
CA SER A 104 -8.91 -6.92 -14.24
C SER A 104 -8.01 -7.57 -13.19
N ARG A 105 -7.57 -8.80 -13.47
CA ARG A 105 -6.66 -9.53 -12.57
C ARG A 105 -6.24 -10.85 -13.20
N ARG A 106 -4.95 -11.18 -13.03
CA ARG A 106 -4.39 -12.40 -13.58
C ARG A 106 -3.21 -12.86 -12.72
N ALA A 107 -3.29 -14.08 -12.21
CA ALA A 107 -2.25 -14.63 -11.36
C ALA A 107 -1.86 -16.03 -11.79
N THR A 108 -0.69 -16.15 -12.43
CA THR A 108 -0.17 -17.44 -12.86
C THR A 108 1.36 -17.39 -12.89
N ARG A 109 1.98 -18.11 -11.96
CA ARG A 109 3.43 -18.13 -11.87
C ARG A 109 3.95 -19.56 -11.70
N PRO A 110 4.51 -20.15 -12.77
CA PRO A 110 5.08 -21.48 -12.72
C PRO A 110 6.55 -21.47 -12.30
N THR A 111 6.90 -22.30 -11.34
CA THR A 111 8.27 -22.40 -10.86
C THR A 111 8.54 -23.81 -10.34
N ARG A 112 9.47 -24.52 -10.97
CA ARG A 112 9.74 -25.91 -10.64
C ARG A 112 11.16 -26.31 -11.03
N ALA A 113 11.84 -27.05 -10.16
CA ALA A 113 13.21 -27.49 -10.43
C ALA A 113 13.52 -28.78 -9.69
N SER A 114 14.56 -29.49 -10.14
CA SER A 114 15.03 -30.70 -9.47
C SER A 114 16.55 -30.83 -9.60
N LYS A 115 17.01 -31.30 -10.76
CA LYS A 115 18.42 -31.54 -11.05
C LYS A 115 19.12 -32.38 -9.96
N GLU A 116 19.14 -33.69 -10.15
CA GLU A 116 19.81 -34.58 -9.21
C GLU A 116 20.34 -35.81 -9.93
N ARG A 117 21.28 -36.52 -9.29
CA ARG A 117 21.89 -37.71 -9.89
C ARG A 117 22.71 -38.49 -8.85
N ARG A 118 22.58 -39.81 -8.87
CA ARG A 118 23.46 -40.69 -8.11
C ARG A 118 23.49 -42.08 -8.72
N LEU A 119 24.68 -42.49 -9.17
CA LEU A 119 24.86 -43.78 -9.81
C LEU A 119 26.34 -44.12 -9.94
N SER A 120 26.68 -45.38 -9.63
CA SER A 120 28.04 -45.87 -9.76
C SER A 120 28.06 -47.40 -9.72
N SER A 121 28.40 -48.01 -10.83
CA SER A 121 28.40 -49.47 -10.93
C SER A 121 29.51 -49.97 -11.86
N LYS A 122 30.17 -51.05 -11.45
CA LYS A 122 31.24 -51.66 -12.23
C LYS A 122 31.52 -53.07 -11.72
N ALA A 123 31.42 -54.06 -12.61
CA ALA A 123 31.60 -55.46 -12.23
C ALA A 123 31.64 -56.38 -13.45
N GLN A 124 32.82 -56.91 -13.75
CA GLN A 124 32.95 -57.93 -14.80
C GLN A 124 33.97 -58.99 -14.40
N LYS A 125 33.52 -60.02 -13.70
CA LYS A 125 34.39 -61.12 -13.29
C LYS A 125 33.69 -62.46 -13.47
N SER A 126 34.22 -63.29 -14.36
CA SER A 126 33.67 -64.63 -14.60
C SER A 126 34.73 -65.55 -15.19
N SER A 127 34.95 -66.70 -14.56
CA SER A 127 35.88 -67.69 -15.07
C SER A 127 35.64 -69.05 -14.43
N VAL A 128 34.90 -69.90 -15.14
CA VAL A 128 34.61 -71.25 -14.67
C VAL A 128 34.38 -72.17 -15.88
N LYS A 129 34.83 -73.41 -15.77
CA LYS A 129 34.69 -74.37 -16.86
C LYS A 129 34.91 -75.80 -16.37
N ALA A 130 33.82 -76.54 -16.22
CA ALA A 130 33.88 -77.94 -15.83
C ALA A 130 32.63 -78.66 -16.30
N LEU A 131 32.80 -79.69 -17.12
CA LEU A 131 31.67 -80.46 -17.63
C LEU A 131 32.12 -81.84 -18.09
N ARG A 132 31.38 -82.87 -17.69
CA ARG A 132 31.66 -84.24 -18.07
C ARG A 132 30.53 -85.14 -17.58
N GLY A 133 30.39 -86.31 -18.19
CA GLY A 133 29.36 -87.24 -17.77
C GLY A 133 28.92 -88.12 -18.91
N LYS A 134 28.55 -89.36 -18.60
CA LYS A 134 28.13 -90.31 -19.61
C LYS A 134 26.88 -91.05 -19.14
N VAL A 135 25.72 -90.66 -19.66
CA VAL A 135 24.46 -91.25 -19.23
C VAL A 135 23.66 -91.79 -20.42
N ARG A 136 23.34 -93.08 -20.36
CA ARG A 136 22.53 -93.73 -21.39
C ARG A 136 22.28 -95.19 -21.01
N ARG A 137 21.02 -95.53 -20.84
CA ARG A 137 20.61 -96.90 -20.53
C ARG A 137 19.26 -97.19 -21.16
N PRO A 138 19.24 -97.57 -22.43
CA PRO A 138 18.03 -97.83 -23.19
C PRO A 138 17.64 -99.31 -23.23
N LEU A 139 16.33 -99.55 -23.28
CA LEU A 139 15.78 -100.88 -23.50
C LEU A 139 14.46 -100.74 -24.26
N ASP A 140 14.26 -101.57 -25.27
CA ASP A 140 13.05 -101.50 -26.09
C ASP A 140 12.78 -102.80 -26.81
N LEU A 141 11.88 -103.59 -26.25
CA LEU A 141 11.50 -104.87 -26.84
C LEU A 141 9.99 -105.08 -26.73
N GLU A 142 9.31 -105.00 -27.87
CA GLU A 142 7.88 -105.23 -27.92
C GLU A 142 7.51 -105.99 -29.18
N HIS A 143 6.83 -107.12 -29.02
CA HIS A 143 6.39 -107.94 -30.14
C HIS A 143 5.08 -108.61 -29.80
N HIS A 144 3.99 -108.16 -30.41
CA HIS A 144 2.69 -108.78 -30.20
C HIS A 144 2.11 -109.27 -31.51
N HIS A 145 1.24 -110.26 -31.44
CA HIS A 145 0.71 -110.90 -32.63
C HIS A 145 -0.81 -110.75 -32.69
N HIS A 146 -1.34 -110.80 -33.90
CA HIS A 146 -2.77 -110.64 -34.12
C HIS A 146 -3.29 -111.73 -35.04
N HIS A 147 -3.82 -112.79 -34.45
CA HIS A 147 -4.34 -113.91 -35.21
C HIS A 147 -5.74 -114.28 -34.75
N HIS A 148 -6.60 -114.62 -35.71
CA HIS A 148 -7.92 -115.13 -35.41
C HIS A 148 -8.48 -115.84 -36.64
N MET A 1 7.15 10.09 -11.14
CA MET A 1 6.00 10.92 -10.72
C MET A 1 4.72 10.09 -10.74
N ILE A 2 3.72 10.47 -9.97
CA ILE A 2 2.48 9.70 -9.90
C ILE A 2 1.36 10.42 -10.64
N ALA A 3 0.62 9.67 -11.46
CA ALA A 3 -0.50 10.23 -12.20
C ALA A 3 -1.82 9.64 -11.70
N ILE A 4 -2.67 10.50 -11.17
CA ILE A 4 -3.96 10.09 -10.64
C ILE A 4 -5.06 10.39 -11.66
N SER A 5 -6.22 9.78 -11.49
CA SER A 5 -7.38 10.07 -12.32
C SER A 5 -7.79 11.54 -12.13
N ARG A 6 -8.58 12.06 -13.06
CA ARG A 6 -8.97 13.48 -13.06
C ARG A 6 -7.78 14.37 -13.39
N THR A 7 -6.85 13.80 -14.16
CA THR A 7 -5.63 14.50 -14.63
C THR A 7 -4.89 15.23 -13.50
N VAL A 8 -4.98 14.67 -12.30
CA VAL A 8 -4.26 15.21 -11.15
C VAL A 8 -2.94 14.47 -10.95
N SER A 9 -1.83 15.17 -11.13
CA SER A 9 -0.53 14.57 -10.94
C SER A 9 -0.02 14.83 -9.53
N ILE A 10 0.67 13.85 -8.97
CA ILE A 10 1.24 13.96 -7.63
C ILE A 10 2.74 13.74 -7.69
N ALA A 11 3.49 14.34 -6.76
CA ALA A 11 4.94 14.25 -6.76
C ALA A 11 5.42 12.81 -6.60
N ASP A 12 6.73 12.62 -6.69
CA ASP A 12 7.32 11.30 -6.82
C ASP A 12 7.46 10.59 -5.47
N ASN A 13 8.13 11.22 -4.52
CA ASN A 13 8.41 10.58 -3.23
C ASN A 13 7.21 10.77 -2.28
N GLU A 14 6.02 10.88 -2.85
CA GLU A 14 4.82 10.98 -2.06
C GLU A 14 4.34 9.58 -1.67
N LEU A 15 4.73 8.59 -2.47
CA LEU A 15 4.42 7.20 -2.15
C LEU A 15 5.30 6.72 -1.00
N GLU A 16 4.67 6.26 0.06
CA GLU A 16 5.38 5.83 1.24
C GLU A 16 5.80 4.37 1.11
N ILE A 17 7.06 4.15 0.80
CA ILE A 17 7.57 2.81 0.58
C ILE A 17 8.05 2.18 1.89
N THR A 18 7.52 1.02 2.19
CA THR A 18 7.91 0.28 3.38
C THR A 18 8.43 -1.11 3.01
N ALA A 19 9.49 -1.54 3.65
CA ALA A 19 10.03 -2.87 3.43
C ALA A 19 9.49 -3.84 4.48
N ILE A 20 9.01 -4.99 4.03
CA ILE A 20 8.47 -5.99 4.93
C ILE A 20 9.57 -6.93 5.41
N ARG A 21 9.54 -7.29 6.68
CA ARG A 21 10.53 -8.18 7.26
C ARG A 21 9.99 -8.87 8.51
N ALA A 22 8.68 -8.75 8.73
CA ALA A 22 8.08 -9.27 9.95
C ALA A 22 6.66 -9.75 9.72
N GLN A 23 6.16 -10.56 10.67
CA GLN A 23 4.81 -11.13 10.65
C GLN A 23 4.69 -12.21 9.58
N GLY A 24 4.69 -13.46 10.04
CA GLY A 24 4.56 -14.59 9.14
C GLY A 24 3.45 -15.51 9.55
N ALA A 25 2.27 -14.95 9.77
CA ALA A 25 1.11 -15.72 10.18
C ALA A 25 -0.15 -15.18 9.52
N GLY A 26 -1.24 -15.92 9.62
CA GLY A 26 -2.49 -15.47 9.03
C GLY A 26 -2.96 -16.38 7.91
N GLY A 27 -3.41 -17.56 8.27
CA GLY A 27 -3.92 -18.48 7.28
C GLY A 27 -2.96 -19.63 7.01
N GLN A 28 -1.83 -19.62 7.74
CA GLN A 28 -0.82 -20.67 7.64
C GLN A 28 -0.14 -20.66 6.27
N HIS A 29 0.93 -21.46 6.15
CA HIS A 29 1.61 -21.71 4.88
C HIS A 29 2.24 -20.44 4.32
N VAL A 30 2.38 -19.45 5.18
CA VAL A 30 2.96 -18.18 4.80
C VAL A 30 4.26 -17.95 5.56
N ASN A 31 5.15 -17.15 4.99
CA ASN A 31 6.43 -16.85 5.61
C ASN A 31 6.41 -15.44 6.18
N LYS A 32 7.53 -15.01 6.74
CA LYS A 32 7.63 -13.70 7.38
C LYS A 32 7.73 -12.57 6.37
N THR A 33 7.66 -12.91 5.09
CA THR A 33 7.69 -11.92 4.01
C THR A 33 8.96 -11.05 4.10
N SER A 34 10.08 -11.71 4.39
CA SER A 34 11.35 -11.03 4.53
C SER A 34 11.82 -10.47 3.19
N SER A 35 12.01 -9.15 3.16
CA SER A 35 12.48 -8.44 1.97
C SER A 35 11.43 -8.44 0.87
N ALA A 36 10.45 -7.56 1.02
CA ALA A 36 9.38 -7.38 0.05
C ALA A 36 8.97 -5.92 0.00
N ILE A 37 8.23 -5.56 -1.03
CA ILE A 37 7.83 -4.18 -1.23
C ILE A 37 6.39 -3.96 -0.77
N HIS A 38 6.21 -2.96 0.08
CA HIS A 38 4.92 -2.61 0.62
C HIS A 38 4.76 -1.10 0.60
N LEU A 39 3.65 -0.60 0.10
CA LEU A 39 3.41 0.84 0.11
C LEU A 39 1.93 1.13 0.31
N ARG A 40 1.63 2.26 0.93
CA ARG A 40 0.25 2.64 1.17
C ARG A 40 -0.02 4.04 0.64
N PHE A 41 -1.26 4.27 0.22
CA PHE A 41 -1.68 5.58 -0.25
C PHE A 41 -2.91 6.04 0.52
N ASP A 42 -2.75 7.09 1.30
CA ASP A 42 -3.84 7.65 2.10
C ASP A 42 -4.42 8.89 1.42
N ILE A 43 -5.70 9.15 1.66
CA ILE A 43 -6.40 10.26 1.03
C ILE A 43 -5.92 11.62 1.58
N ARG A 44 -5.78 11.71 2.91
CA ARG A 44 -5.42 12.97 3.53
C ARG A 44 -3.91 13.25 3.35
N ALA A 45 -3.23 12.34 2.67
CA ALA A 45 -1.83 12.55 2.33
C ALA A 45 -1.71 13.43 1.09
N SER A 46 -2.85 13.77 0.50
CA SER A 46 -2.89 14.62 -0.68
C SER A 46 -4.25 15.31 -0.77
N GLY A 47 -4.55 15.86 -1.94
CA GLY A 47 -5.81 16.56 -2.13
C GLY A 47 -6.57 16.03 -3.33
N LEU A 48 -7.30 14.94 -3.12
CA LEU A 48 -8.06 14.31 -4.19
C LEU A 48 -9.34 15.09 -4.51
N PRO A 49 -9.85 14.98 -5.75
CA PRO A 49 -11.11 15.62 -6.15
C PRO A 49 -12.31 15.04 -5.39
N GLU A 50 -13.32 15.88 -5.16
CA GLU A 50 -14.48 15.51 -4.35
C GLU A 50 -15.19 14.26 -4.88
N TYR A 51 -15.41 14.21 -6.18
CA TYR A 51 -16.09 13.07 -6.80
C TYR A 51 -15.35 11.77 -6.53
N TYR A 52 -14.03 11.82 -6.67
CA TYR A 52 -13.19 10.65 -6.50
C TYR A 52 -13.05 10.29 -5.03
N LYS A 53 -12.77 11.31 -4.23
CA LYS A 53 -12.54 11.16 -2.80
C LYS A 53 -13.66 10.38 -2.11
N GLN A 54 -14.90 10.80 -2.35
CA GLN A 54 -16.05 10.20 -1.67
C GLN A 54 -16.24 8.74 -2.07
N ARG A 55 -16.06 8.44 -3.35
CA ARG A 55 -16.30 7.10 -3.87
C ARG A 55 -15.28 6.10 -3.33
N LEU A 56 -14.12 6.59 -2.92
CA LEU A 56 -13.10 5.73 -2.32
C LEU A 56 -13.60 5.12 -1.01
N LEU A 57 -14.44 5.86 -0.30
CA LEU A 57 -15.02 5.37 0.95
C LEU A 57 -16.27 4.56 0.68
N THR A 58 -16.98 4.92 -0.37
CA THR A 58 -18.20 4.23 -0.76
C THR A 58 -17.91 2.85 -1.34
N ALA A 59 -16.88 2.78 -2.19
CA ALA A 59 -16.49 1.52 -2.79
C ALA A 59 -15.43 0.84 -1.95
N SER A 60 -15.82 -0.21 -1.25
CA SER A 60 -14.89 -0.99 -0.46
C SER A 60 -14.11 -1.93 -1.37
N HIS A 61 -13.28 -1.33 -2.23
CA HIS A 61 -12.44 -2.08 -3.15
C HIS A 61 -11.51 -2.96 -2.33
N HIS A 62 -11.32 -4.20 -2.76
CA HIS A 62 -10.67 -5.22 -1.92
C HIS A 62 -9.26 -4.80 -1.48
N LEU A 63 -8.56 -4.04 -2.30
CA LEU A 63 -7.21 -3.60 -1.95
C LEU A 63 -7.23 -2.45 -0.94
N ILE A 64 -8.41 -1.94 -0.64
CA ILE A 64 -8.57 -1.02 0.47
C ILE A 64 -8.67 -1.85 1.74
N SER A 65 -7.91 -1.49 2.77
CA SER A 65 -7.88 -2.33 3.95
C SER A 65 -9.16 -2.14 4.75
N ASP A 66 -9.31 -0.99 5.39
CA ASP A 66 -10.54 -0.68 6.11
C ASP A 66 -10.62 0.80 6.43
N ASP A 67 -9.49 1.34 6.88
CA ASP A 67 -9.41 2.73 7.32
C ASP A 67 -9.53 3.69 6.13
N GLY A 68 -9.60 3.12 4.93
CA GLY A 68 -9.75 3.93 3.73
C GLY A 68 -8.46 4.03 2.95
N VAL A 69 -7.42 3.34 3.42
CA VAL A 69 -6.11 3.46 2.81
C VAL A 69 -5.83 2.24 1.93
N ILE A 70 -5.14 2.48 0.82
CA ILE A 70 -4.85 1.42 -0.14
C ILE A 70 -3.54 0.73 0.22
N ILE A 71 -3.58 -0.59 0.35
CA ILE A 71 -2.40 -1.36 0.67
C ILE A 71 -2.01 -2.27 -0.48
N ILE A 72 -0.80 -2.07 -1.00
CA ILE A 72 -0.28 -2.92 -2.06
C ILE A 72 1.06 -3.51 -1.64
N LYS A 73 1.16 -4.84 -1.72
CA LYS A 73 2.41 -5.52 -1.44
C LYS A 73 2.85 -6.32 -2.65
N ALA A 74 4.16 -6.38 -2.89
CA ALA A 74 4.69 -7.14 -4.01
C ALA A 74 5.97 -7.85 -3.61
N GLN A 75 6.08 -9.11 -4.00
CA GLN A 75 7.23 -9.92 -3.61
C GLN A 75 7.42 -11.08 -4.59
N GLU A 76 8.41 -10.97 -5.47
CA GLU A 76 8.79 -12.07 -6.32
C GLU A 76 10.17 -12.59 -5.92
N PHE A 77 11.14 -11.68 -5.88
CA PHE A 77 12.50 -12.03 -5.51
C PHE A 77 13.07 -10.91 -4.68
N ARG A 78 14.36 -10.95 -4.39
CA ARG A 78 15.01 -9.89 -3.63
C ARG A 78 15.40 -8.72 -4.54
N SER A 79 14.88 -8.75 -5.76
CA SER A 79 15.07 -7.64 -6.68
C SER A 79 13.92 -6.64 -6.49
N GLN A 80 14.20 -5.60 -5.73
CA GLN A 80 13.19 -4.62 -5.35
C GLN A 80 12.75 -3.76 -6.53
N GLU A 81 13.59 -3.69 -7.57
CA GLU A 81 13.29 -2.90 -8.76
C GLU A 81 11.96 -3.36 -9.38
N LEU A 82 11.85 -4.66 -9.64
CA LEU A 82 10.66 -5.21 -10.27
C LEU A 82 9.52 -5.34 -9.25
N ASN A 83 9.89 -5.60 -8.01
CA ASN A 83 8.91 -5.65 -6.93
C ASN A 83 8.22 -4.30 -6.79
N ARG A 84 9.02 -3.24 -6.81
CA ARG A 84 8.50 -1.89 -6.65
C ARG A 84 7.65 -1.48 -7.84
N GLU A 85 8.17 -1.71 -9.04
CA GLU A 85 7.48 -1.32 -10.26
C GLU A 85 6.09 -1.97 -10.35
N ALA A 86 6.00 -3.23 -9.92
CA ALA A 86 4.75 -3.96 -9.95
C ALA A 86 3.76 -3.37 -8.97
N ALA A 87 4.23 -3.08 -7.76
CA ALA A 87 3.39 -2.48 -6.73
C ALA A 87 2.83 -1.14 -7.19
N ILE A 88 3.71 -0.32 -7.76
CA ILE A 88 3.32 0.99 -8.26
C ILE A 88 2.30 0.87 -9.40
N ALA A 89 2.63 0.07 -10.41
CA ALA A 89 1.77 -0.12 -11.56
C ALA A 89 0.39 -0.64 -11.14
N ARG A 90 0.38 -1.54 -10.17
CA ARG A 90 -0.87 -2.11 -9.67
C ARG A 90 -1.74 -1.04 -9.03
N LEU A 91 -1.16 -0.21 -8.16
CA LEU A 91 -1.95 0.79 -7.45
C LEU A 91 -2.48 1.84 -8.41
N VAL A 92 -1.67 2.22 -9.39
CA VAL A 92 -2.09 3.20 -10.39
C VAL A 92 -3.29 2.67 -11.17
N ALA A 93 -3.26 1.39 -11.50
CA ALA A 93 -4.38 0.73 -12.16
C ALA A 93 -5.63 0.79 -11.29
N VAL A 94 -5.46 0.44 -10.01
CA VAL A 94 -6.57 0.46 -9.05
C VAL A 94 -7.15 1.86 -8.91
N ILE A 95 -6.26 2.86 -8.83
CA ILE A 95 -6.67 4.26 -8.78
C ILE A 95 -7.56 4.61 -9.95
N LYS A 96 -7.28 4.00 -11.09
CA LYS A 96 -8.06 4.24 -12.29
C LYS A 96 -9.36 3.44 -12.30
N GLU A 97 -9.38 2.28 -11.63
CA GLU A 97 -10.58 1.42 -11.58
C GLU A 97 -11.77 2.14 -10.95
N LEU A 98 -11.50 3.11 -10.10
CA LEU A 98 -12.56 3.87 -9.43
C LEU A 98 -13.24 4.83 -10.40
N THR A 99 -12.59 5.10 -11.51
CA THR A 99 -13.14 6.01 -12.51
C THR A 99 -13.44 5.27 -13.82
N ALA A 100 -12.45 4.55 -14.34
CA ALA A 100 -12.64 3.67 -15.47
C ALA A 100 -13.04 2.30 -14.93
N GLU A 101 -14.17 1.79 -15.39
CA GLU A 101 -14.76 0.60 -14.83
C GLU A 101 -13.79 -0.58 -14.77
N GLN A 102 -13.89 -1.32 -13.68
CA GLN A 102 -12.97 -2.40 -13.34
C GLN A 102 -12.68 -3.33 -14.52
N LYS A 103 -11.41 -3.44 -14.88
CA LYS A 103 -10.99 -4.32 -15.95
C LYS A 103 -10.32 -5.57 -15.40
N SER A 104 -9.08 -5.44 -14.96
CA SER A 104 -8.34 -6.57 -14.44
C SER A 104 -7.16 -6.12 -13.59
N ARG A 105 -7.17 -6.52 -12.33
CA ARG A 105 -6.07 -6.26 -11.42
C ARG A 105 -5.45 -7.58 -10.97
N ARG A 106 -4.25 -7.87 -11.46
CA ARG A 106 -3.63 -9.16 -11.28
C ARG A 106 -2.38 -9.07 -10.42
N ALA A 107 -2.21 -10.00 -9.49
CA ALA A 107 -1.05 -10.01 -8.61
C ALA A 107 -0.78 -11.42 -8.10
N THR A 108 0.48 -11.69 -7.77
CA THR A 108 0.89 -12.99 -7.25
C THR A 108 1.65 -12.81 -5.93
N ARG A 109 2.15 -13.90 -5.37
CA ARG A 109 2.90 -13.83 -4.12
C ARG A 109 3.56 -15.18 -3.79
N PRO A 110 4.73 -15.46 -4.38
CA PRO A 110 5.51 -16.66 -4.05
C PRO A 110 6.02 -16.64 -2.61
N THR A 111 5.82 -17.73 -1.91
CA THR A 111 6.19 -17.82 -0.50
C THR A 111 7.45 -18.66 -0.30
N ARG A 112 8.59 -17.99 -0.23
CA ARG A 112 9.87 -18.65 -0.04
C ARG A 112 10.80 -17.79 0.80
N ALA A 113 11.82 -18.43 1.39
CA ALA A 113 12.86 -17.75 2.17
C ALA A 113 12.38 -17.31 3.55
N SER A 114 13.27 -17.43 4.53
CA SER A 114 12.99 -17.01 5.89
C SER A 114 14.31 -16.85 6.64
N LYS A 115 14.31 -16.12 7.75
CA LYS A 115 15.55 -15.81 8.47
C LYS A 115 15.28 -15.27 9.87
N GLU A 116 15.87 -15.93 10.87
CA GLU A 116 15.82 -15.47 12.26
C GLU A 116 17.08 -15.91 13.01
N ARG A 117 17.60 -15.03 13.87
CA ARG A 117 18.77 -15.32 14.67
C ARG A 117 18.70 -14.55 15.99
N ARG A 118 19.20 -15.16 17.06
CA ARG A 118 19.15 -14.52 18.38
C ARG A 118 20.43 -14.81 19.16
N LEU A 119 20.87 -13.85 19.97
CA LEU A 119 22.09 -14.01 20.76
C LEU A 119 22.14 -13.01 21.91
N SER A 120 22.40 -13.50 23.12
CA SER A 120 22.52 -12.64 24.30
C SER A 120 23.14 -13.41 25.46
N SER A 121 24.24 -12.89 26.00
CA SER A 121 24.89 -13.51 27.16
C SER A 121 26.08 -12.68 27.64
N LYS A 122 25.93 -12.02 28.78
CA LYS A 122 27.03 -11.29 29.40
C LYS A 122 26.63 -10.83 30.80
N ALA A 123 27.41 -11.24 31.80
CA ALA A 123 27.17 -10.84 33.18
C ALA A 123 28.46 -10.89 33.99
N GLN A 124 28.75 -9.81 34.72
CA GLN A 124 29.98 -9.74 35.51
C GLN A 124 29.78 -8.77 36.68
N LYS A 125 30.39 -9.07 37.82
CA LYS A 125 30.21 -8.24 39.02
C LYS A 125 31.45 -8.32 39.92
N SER A 126 31.92 -7.16 40.38
CA SER A 126 33.09 -7.08 41.26
C SER A 126 33.03 -5.82 42.13
N SER A 127 33.25 -6.00 43.43
CA SER A 127 33.18 -4.88 44.38
C SER A 127 33.88 -5.23 45.69
N VAL A 128 34.66 -4.29 46.21
CA VAL A 128 35.35 -4.46 47.48
C VAL A 128 35.28 -3.19 48.32
N LYS A 129 34.58 -3.25 49.45
CA LYS A 129 34.47 -2.11 50.36
C LYS A 129 34.98 -2.46 51.75
N ALA A 130 35.80 -1.58 52.30
CA ALA A 130 36.30 -1.72 53.67
C ALA A 130 36.56 -0.36 54.28
N LEU A 131 36.39 -0.24 55.60
CA LEU A 131 36.61 1.03 56.28
C LEU A 131 36.95 0.79 57.76
N ARG A 132 37.52 1.81 58.40
CA ARG A 132 37.89 1.73 59.81
C ARG A 132 37.94 3.12 60.42
N GLY A 133 38.27 3.21 61.70
CA GLY A 133 38.35 4.49 62.36
C GLY A 133 39.27 4.46 63.56
N LYS A 134 39.51 5.62 64.16
CA LYS A 134 40.35 5.73 65.34
C LYS A 134 40.15 7.08 66.02
N VAL A 135 40.11 7.08 67.35
CA VAL A 135 39.91 8.31 68.12
C VAL A 135 40.08 8.03 69.61
N ARG A 136 40.47 9.06 70.37
CA ARG A 136 40.60 8.94 71.82
C ARG A 136 40.43 10.32 72.47
N ARG A 137 40.04 10.33 73.74
CA ARG A 137 39.84 11.59 74.46
C ARG A 137 39.71 11.33 75.95
N PRO A 138 40.85 11.31 76.67
CA PRO A 138 40.89 11.10 78.11
C PRO A 138 40.96 12.40 78.89
N LEU A 139 40.07 12.58 79.85
CA LEU A 139 40.06 13.78 80.67
C LEU A 139 39.59 13.48 82.08
N ASP A 140 40.34 13.98 83.05
CA ASP A 140 39.96 13.88 84.45
C ASP A 140 39.97 15.27 85.08
N LEU A 141 39.26 15.41 86.19
CA LEU A 141 39.21 16.67 86.90
C LEU A 141 39.39 16.40 88.38
N GLU A 142 40.24 17.19 89.03
CA GLU A 142 40.50 17.03 90.45
C GLU A 142 39.40 17.66 91.30
N HIS A 143 39.53 17.52 92.61
CA HIS A 143 38.56 18.08 93.54
C HIS A 143 39.24 18.48 94.83
N HIS A 144 38.84 19.61 95.38
CA HIS A 144 39.33 20.05 96.67
C HIS A 144 38.16 20.55 97.51
N HIS A 145 37.52 19.62 98.21
CA HIS A 145 36.34 19.94 99.02
C HIS A 145 36.73 20.11 100.46
N HIS A 146 36.91 21.36 100.87
CA HIS A 146 37.31 21.67 102.23
C HIS A 146 36.10 21.75 103.17
N HIS A 147 36.19 21.01 104.27
CA HIS A 147 35.19 21.09 105.34
C HIS A 147 35.12 22.52 105.88
N HIS A 148 33.96 23.13 105.78
CA HIS A 148 33.79 24.50 106.23
C HIS A 148 32.67 24.60 107.25
N MET A 1 7.77 9.34 -9.21
CA MET A 1 6.70 10.35 -9.22
C MET A 1 5.39 9.70 -9.63
N ILE A 2 4.39 9.76 -8.75
CA ILE A 2 3.11 9.14 -9.00
C ILE A 2 2.24 10.06 -9.86
N ALA A 3 1.76 9.54 -10.97
CA ALA A 3 0.96 10.32 -11.90
C ALA A 3 -0.48 9.83 -11.92
N ILE A 4 -1.39 10.70 -11.50
CA ILE A 4 -2.80 10.39 -11.47
C ILE A 4 -3.48 11.01 -12.69
N SER A 5 -4.69 10.58 -13.00
CA SER A 5 -5.43 11.12 -14.13
C SER A 5 -5.94 12.53 -13.79
N ARG A 6 -6.68 13.11 -14.74
CA ARG A 6 -7.23 14.47 -14.60
C ARG A 6 -6.10 15.50 -14.61
N THR A 7 -5.39 15.64 -13.49
CA THR A 7 -4.30 16.61 -13.38
C THR A 7 -3.57 16.46 -12.04
N VAL A 8 -3.72 15.30 -11.40
CA VAL A 8 -3.18 15.11 -10.06
C VAL A 8 -1.86 14.35 -10.11
N SER A 9 -0.94 14.69 -9.22
CA SER A 9 0.32 13.99 -9.12
C SER A 9 0.81 13.98 -7.68
N ILE A 10 1.54 12.93 -7.33
CA ILE A 10 2.05 12.74 -5.98
C ILE A 10 3.55 12.56 -6.02
N ALA A 11 4.27 13.35 -5.23
CA ALA A 11 5.72 13.25 -5.16
C ALA A 11 6.16 11.94 -4.50
N ASP A 12 7.36 11.50 -4.81
CA ASP A 12 7.87 10.21 -4.36
C ASP A 12 7.99 10.14 -2.84
N ASN A 13 8.24 11.27 -2.21
CA ASN A 13 8.50 11.28 -0.78
C ASN A 13 7.22 11.38 0.04
N GLU A 14 6.09 11.57 -0.65
CA GLU A 14 4.82 11.71 0.03
C GLU A 14 4.32 10.36 0.53
N LEU A 15 4.48 9.33 -0.28
CA LEU A 15 4.02 8.00 0.08
C LEU A 15 5.08 7.27 0.91
N GLU A 16 4.63 6.49 1.88
CA GLU A 16 5.54 5.71 2.71
C GLU A 16 5.95 4.42 2.04
N ILE A 17 7.21 4.33 1.66
CA ILE A 17 7.76 3.09 1.16
C ILE A 17 8.47 2.37 2.30
N THR A 18 7.93 1.24 2.72
CA THR A 18 8.46 0.52 3.86
C THR A 18 8.88 -0.89 3.50
N ALA A 19 9.94 -1.35 4.13
CA ALA A 19 10.37 -2.72 3.99
C ALA A 19 9.56 -3.60 4.92
N ILE A 20 8.97 -4.67 4.38
CA ILE A 20 8.10 -5.54 5.15
C ILE A 20 8.92 -6.28 6.20
N ARG A 21 8.68 -5.98 7.46
CA ARG A 21 9.34 -6.68 8.54
C ARG A 21 8.61 -7.98 8.82
N ALA A 22 9.03 -9.05 8.15
CA ALA A 22 8.34 -10.32 8.22
C ALA A 22 9.21 -11.37 8.88
N GLN A 23 9.85 -10.97 9.98
CA GLN A 23 10.72 -11.84 10.74
C GLN A 23 9.93 -13.04 11.27
N GLY A 24 10.13 -14.18 10.64
CA GLY A 24 9.45 -15.39 11.04
C GLY A 24 10.03 -16.59 10.36
N ALA A 25 11.34 -16.73 10.47
CA ALA A 25 12.04 -17.85 9.85
C ALA A 25 12.23 -18.97 10.86
N GLY A 26 12.55 -18.60 12.09
CA GLY A 26 12.69 -19.56 13.15
C GLY A 26 14.13 -19.97 13.38
N GLY A 27 14.72 -20.60 12.38
CA GLY A 27 16.08 -21.06 12.50
C GLY A 27 16.43 -22.09 11.44
N GLN A 28 17.52 -22.83 11.67
CA GLN A 28 17.99 -23.83 10.73
C GLN A 28 18.36 -23.18 9.39
N HIS A 29 18.47 -23.99 8.35
CA HIS A 29 18.80 -23.51 7.01
C HIS A 29 17.53 -23.02 6.31
N VAL A 30 16.45 -23.03 7.04
CA VAL A 30 15.13 -22.64 6.51
C VAL A 30 14.91 -21.14 6.67
N ASN A 31 15.93 -20.44 7.14
CA ASN A 31 15.85 -19.00 7.35
C ASN A 31 15.57 -18.26 6.06
N LYS A 32 14.62 -17.34 6.12
CA LYS A 32 14.21 -16.55 4.96
C LYS A 32 13.83 -15.14 5.39
N THR A 33 13.76 -14.23 4.43
CA THR A 33 13.40 -12.85 4.71
C THR A 33 12.56 -12.27 3.57
N SER A 34 12.34 -10.97 3.61
CA SER A 34 11.45 -10.32 2.68
C SER A 34 12.16 -9.83 1.42
N SER A 35 11.43 -9.81 0.33
CA SER A 35 11.86 -9.18 -0.91
C SER A 35 10.62 -8.60 -1.59
N ALA A 36 10.14 -7.48 -1.08
CA ALA A 36 8.86 -6.94 -1.49
C ALA A 36 8.80 -5.44 -1.25
N ILE A 37 7.81 -4.80 -1.87
CA ILE A 37 7.57 -3.37 -1.70
C ILE A 37 6.25 -3.14 -0.98
N HIS A 38 6.33 -2.46 0.15
CA HIS A 38 5.14 -2.06 0.91
C HIS A 38 4.99 -0.55 0.87
N LEU A 39 3.84 -0.07 0.47
CA LEU A 39 3.60 1.36 0.41
C LEU A 39 2.24 1.72 0.97
N ARG A 40 2.13 2.91 1.55
CA ARG A 40 0.85 3.43 2.01
C ARG A 40 0.33 4.47 1.04
N PHE A 41 -0.78 4.18 0.39
CA PHE A 41 -1.45 5.20 -0.39
C PHE A 41 -2.58 5.79 0.46
N ASP A 42 -2.32 6.95 1.02
CA ASP A 42 -3.22 7.51 2.03
C ASP A 42 -4.03 8.67 1.46
N ILE A 43 -5.34 8.52 1.45
CA ILE A 43 -6.23 9.55 0.92
C ILE A 43 -6.27 10.77 1.83
N ARG A 44 -6.36 10.50 3.13
CA ARG A 44 -6.43 11.57 4.12
C ARG A 44 -5.20 12.48 4.06
N ALA A 45 -4.03 11.88 3.83
CA ALA A 45 -2.77 12.62 3.80
C ALA A 45 -2.58 13.37 2.48
N SER A 46 -3.34 13.01 1.45
CA SER A 46 -3.18 13.62 0.16
C SER A 46 -4.34 14.57 -0.15
N GLY A 47 -4.25 15.24 -1.29
CA GLY A 47 -5.29 16.16 -1.70
C GLY A 47 -5.98 15.70 -2.97
N LEU A 48 -6.52 14.50 -2.92
CA LEU A 48 -7.20 13.91 -4.07
C LEU A 48 -8.54 14.61 -4.31
N PRO A 49 -8.97 14.70 -5.58
CA PRO A 49 -10.27 15.27 -5.94
C PRO A 49 -11.41 14.48 -5.33
N GLU A 50 -12.48 15.17 -4.95
CA GLU A 50 -13.60 14.56 -4.24
C GLU A 50 -14.27 13.47 -5.07
N TYR A 51 -14.30 13.65 -6.39
CA TYR A 51 -14.90 12.66 -7.28
C TYR A 51 -14.16 11.34 -7.20
N TYR A 52 -12.86 11.40 -6.99
CA TYR A 52 -12.04 10.21 -6.82
C TYR A 52 -12.20 9.67 -5.41
N LYS A 53 -12.19 10.59 -4.45
CA LYS A 53 -12.29 10.26 -3.04
C LYS A 53 -13.61 9.52 -2.74
N GLN A 54 -14.71 10.05 -3.26
CA GLN A 54 -16.03 9.48 -3.00
C GLN A 54 -16.13 8.04 -3.50
N ARG A 55 -15.62 7.78 -4.69
CA ARG A 55 -15.64 6.43 -5.25
C ARG A 55 -14.88 5.46 -4.36
N LEU A 56 -13.76 5.92 -3.81
CA LEU A 56 -12.90 5.07 -2.98
C LEU A 56 -13.54 4.79 -1.63
N LEU A 57 -14.38 5.72 -1.17
CA LEU A 57 -15.01 5.59 0.14
C LEU A 57 -16.35 4.86 0.05
N THR A 58 -17.00 4.93 -1.10
CA THR A 58 -18.28 4.27 -1.28
C THR A 58 -18.11 2.79 -1.56
N ALA A 59 -17.23 2.47 -2.49
CA ALA A 59 -16.98 1.08 -2.85
C ALA A 59 -16.06 0.42 -1.84
N SER A 60 -16.62 -0.52 -1.08
CA SER A 60 -15.86 -1.21 -0.05
C SER A 60 -14.94 -2.26 -0.67
N HIS A 61 -13.84 -1.79 -1.24
CA HIS A 61 -12.84 -2.65 -1.85
C HIS A 61 -11.84 -3.10 -0.79
N HIS A 62 -11.48 -4.39 -0.76
CA HIS A 62 -10.62 -4.94 0.29
C HIS A 62 -9.23 -4.29 0.29
N LEU A 63 -8.92 -3.55 -0.77
CA LEU A 63 -7.64 -2.86 -0.85
C LEU A 63 -7.57 -1.71 0.15
N ILE A 64 -8.75 -1.24 0.57
CA ILE A 64 -8.81 -0.22 1.61
C ILE A 64 -8.63 -0.89 2.96
N SER A 65 -7.81 -0.30 3.81
CA SER A 65 -7.54 -0.89 5.11
C SER A 65 -8.69 -0.62 6.09
N ASP A 66 -8.71 0.59 6.66
CA ASP A 66 -9.75 0.93 7.63
C ASP A 66 -10.02 2.44 7.65
N ASP A 67 -8.96 3.22 7.85
CA ASP A 67 -9.09 4.68 7.97
C ASP A 67 -9.24 5.34 6.61
N GLY A 68 -8.90 4.61 5.56
CA GLY A 68 -8.99 5.16 4.22
C GLY A 68 -7.65 5.14 3.52
N VAL A 69 -6.73 4.34 4.03
CA VAL A 69 -5.43 4.19 3.41
C VAL A 69 -5.39 2.86 2.64
N ILE A 70 -4.70 2.86 1.51
CA ILE A 70 -4.58 1.67 0.69
C ILE A 70 -3.19 1.06 0.87
N ILE A 71 -3.15 -0.20 1.28
CA ILE A 71 -1.88 -0.88 1.50
C ILE A 71 -1.65 -1.93 0.41
N ILE A 72 -0.55 -1.77 -0.31
CA ILE A 72 -0.19 -2.70 -1.35
C ILE A 72 1.09 -3.43 -0.96
N LYS A 73 1.08 -4.75 -1.08
CA LYS A 73 2.26 -5.55 -0.84
C LYS A 73 2.65 -6.30 -2.10
N ALA A 74 3.62 -5.78 -2.82
CA ALA A 74 4.03 -6.33 -4.10
C ALA A 74 5.32 -7.11 -3.96
N GLN A 75 5.29 -8.36 -4.41
CA GLN A 75 6.44 -9.24 -4.32
C GLN A 75 6.38 -10.32 -5.39
N GLU A 76 7.19 -10.16 -6.42
CA GLU A 76 7.30 -11.17 -7.44
C GLU A 76 8.71 -11.74 -7.51
N PHE A 77 9.72 -10.88 -7.34
CA PHE A 77 11.10 -11.32 -7.45
C PHE A 77 11.98 -10.53 -6.49
N ARG A 78 13.27 -10.86 -6.43
CA ARG A 78 14.22 -10.11 -5.59
C ARG A 78 14.42 -8.70 -6.13
N SER A 79 14.12 -8.52 -7.41
CA SER A 79 14.28 -7.22 -8.05
C SER A 79 13.22 -6.24 -7.57
N GLN A 80 13.63 -5.32 -6.71
CA GLN A 80 12.74 -4.29 -6.17
C GLN A 80 12.25 -3.36 -7.27
N GLU A 81 12.98 -3.31 -8.38
CA GLU A 81 12.62 -2.50 -9.52
C GLU A 81 11.25 -2.90 -10.06
N LEU A 82 11.09 -4.19 -10.35
CA LEU A 82 9.85 -4.70 -10.91
C LEU A 82 8.76 -4.72 -9.85
N ASN A 83 9.16 -4.99 -8.62
CA ASN A 83 8.25 -4.95 -7.48
C ASN A 83 7.70 -3.54 -7.30
N ARG A 84 8.56 -2.55 -7.50
CA ARG A 84 8.17 -1.15 -7.41
C ARG A 84 7.11 -0.85 -8.47
N GLU A 85 7.42 -1.22 -9.71
CA GLU A 85 6.51 -1.01 -10.83
C GLU A 85 5.16 -1.67 -10.58
N ALA A 86 5.19 -2.92 -10.13
CA ALA A 86 3.96 -3.66 -9.87
C ALA A 86 3.10 -2.98 -8.83
N ALA A 87 3.72 -2.48 -7.77
CA ALA A 87 3.02 -1.78 -6.71
C ALA A 87 2.36 -0.51 -7.25
N ILE A 88 3.12 0.27 -8.00
CA ILE A 88 2.63 1.51 -8.57
C ILE A 88 1.54 1.24 -9.61
N ALA A 89 1.83 0.34 -10.53
CA ALA A 89 0.89 0.01 -11.61
C ALA A 89 -0.42 -0.53 -11.03
N ARG A 90 -0.32 -1.25 -9.92
CA ARG A 90 -1.49 -1.83 -9.29
C ARG A 90 -2.43 -0.74 -8.78
N LEU A 91 -1.88 0.28 -8.13
CA LEU A 91 -2.69 1.35 -7.57
C LEU A 91 -3.31 2.19 -8.68
N VAL A 92 -2.56 2.36 -9.78
CA VAL A 92 -3.07 3.06 -10.95
C VAL A 92 -4.22 2.28 -11.58
N ALA A 93 -4.09 0.95 -11.61
CA ALA A 93 -5.16 0.09 -12.09
C ALA A 93 -6.40 0.22 -11.21
N VAL A 94 -6.17 0.35 -9.91
CA VAL A 94 -7.25 0.57 -8.94
C VAL A 94 -7.98 1.87 -9.26
N ILE A 95 -7.22 2.90 -9.61
CA ILE A 95 -7.79 4.17 -10.01
C ILE A 95 -8.76 3.95 -11.17
N LYS A 96 -8.33 3.18 -12.16
CA LYS A 96 -9.16 2.89 -13.33
C LYS A 96 -10.40 2.09 -12.95
N GLU A 97 -10.25 1.07 -12.10
CA GLU A 97 -11.37 0.21 -11.74
C GLU A 97 -12.34 0.91 -10.79
N LEU A 98 -11.84 1.84 -9.99
CA LEU A 98 -12.69 2.59 -9.07
C LEU A 98 -13.40 3.76 -9.74
N THR A 99 -12.78 4.34 -10.77
CA THR A 99 -13.41 5.45 -11.49
C THR A 99 -14.20 4.93 -12.69
N ALA A 100 -14.26 3.60 -12.81
CA ALA A 100 -15.00 2.97 -13.89
C ALA A 100 -16.49 3.00 -13.59
N GLU A 101 -17.23 3.65 -14.47
CA GLU A 101 -18.68 3.72 -14.32
C GLU A 101 -19.28 2.39 -14.78
N GLN A 102 -19.31 1.44 -13.87
CA GLN A 102 -19.77 0.08 -14.16
C GLN A 102 -20.66 -0.44 -13.04
N LYS A 103 -21.28 -1.60 -13.28
CA LYS A 103 -22.19 -2.21 -12.30
C LYS A 103 -21.45 -2.90 -11.15
N SER A 104 -20.21 -2.49 -10.93
CA SER A 104 -19.44 -2.99 -9.80
C SER A 104 -19.76 -2.17 -8.56
N ARG A 105 -20.65 -2.69 -7.71
CA ARG A 105 -21.07 -1.94 -6.53
C ARG A 105 -20.74 -2.69 -5.25
N ARG A 106 -21.67 -3.57 -4.83
CA ARG A 106 -21.57 -4.28 -3.56
C ARG A 106 -21.62 -3.29 -2.39
N ALA A 107 -21.55 -3.78 -1.16
CA ALA A 107 -21.55 -2.92 0.04
C ALA A 107 -22.92 -2.27 0.23
N THR A 108 -22.98 -1.20 1.00
CA THR A 108 -24.24 -0.55 1.29
C THR A 108 -24.29 0.88 0.73
N ARG A 109 -23.26 1.24 -0.01
CA ARG A 109 -23.13 2.60 -0.51
C ARG A 109 -23.37 2.66 -2.01
N PRO A 110 -24.29 3.52 -2.45
CA PRO A 110 -24.72 3.62 -3.84
C PRO A 110 -23.70 4.31 -4.74
N THR A 111 -22.92 3.51 -5.44
CA THR A 111 -22.05 4.00 -6.49
C THR A 111 -22.76 3.89 -7.83
N ARG A 112 -22.38 4.72 -8.79
CA ARG A 112 -23.01 4.70 -10.10
C ARG A 112 -22.66 3.43 -10.85
N ALA A 113 -23.68 2.79 -11.41
CA ALA A 113 -23.53 1.50 -12.07
C ALA A 113 -24.47 1.37 -13.25
N SER A 114 -24.01 1.80 -14.41
CA SER A 114 -24.83 1.75 -15.61
C SER A 114 -24.26 0.78 -16.64
N LYS A 115 -22.95 0.89 -16.89
CA LYS A 115 -22.30 0.09 -17.93
C LYS A 115 -21.76 -1.23 -17.38
N GLU A 116 -21.63 -2.21 -18.26
CA GLU A 116 -21.03 -3.49 -17.90
C GLU A 116 -20.67 -4.28 -19.15
N ARG A 117 -19.38 -4.33 -19.47
CA ARG A 117 -18.91 -5.18 -20.56
C ARG A 117 -18.64 -6.57 -20.04
N ARG A 118 -19.65 -7.43 -20.13
CA ARG A 118 -19.52 -8.80 -19.66
C ARG A 118 -19.47 -9.75 -20.84
N LEU A 119 -18.38 -10.50 -20.91
CA LEU A 119 -18.16 -11.43 -22.01
C LEU A 119 -17.09 -12.44 -21.66
N SER A 120 -17.14 -13.58 -22.33
CA SER A 120 -16.11 -14.60 -22.21
C SER A 120 -16.04 -15.38 -23.53
N SER A 121 -14.90 -15.32 -24.21
CA SER A 121 -14.79 -15.90 -25.53
C SER A 121 -13.60 -16.84 -25.64
N LYS A 122 -13.78 -18.07 -25.14
CA LYS A 122 -12.83 -19.16 -25.33
C LYS A 122 -13.29 -20.39 -24.57
N ALA A 123 -14.10 -21.22 -25.22
CA ALA A 123 -14.56 -22.45 -24.64
C ALA A 123 -14.31 -23.61 -25.59
N GLN A 124 -13.71 -24.68 -25.09
CA GLN A 124 -13.40 -25.82 -25.93
C GLN A 124 -13.54 -27.12 -25.15
N LYS A 125 -14.74 -27.66 -25.14
CA LYS A 125 -15.05 -28.86 -24.38
C LYS A 125 -14.94 -30.12 -25.25
N SER A 126 -14.25 -31.13 -24.74
CA SER A 126 -14.15 -32.41 -25.43
C SER A 126 -13.98 -33.55 -24.43
N SER A 127 -15.06 -34.25 -24.15
CA SER A 127 -15.04 -35.35 -23.19
C SER A 127 -16.01 -36.46 -23.59
N VAL A 128 -15.49 -37.51 -24.21
CA VAL A 128 -16.31 -38.64 -24.63
C VAL A 128 -15.59 -39.97 -24.41
N LYS A 129 -15.75 -40.53 -23.22
CA LYS A 129 -15.13 -41.81 -22.88
C LYS A 129 -15.76 -42.41 -21.64
N ALA A 130 -16.31 -43.61 -21.77
CA ALA A 130 -16.96 -44.30 -20.67
C ALA A 130 -16.82 -45.81 -20.83
N LEU A 131 -16.96 -46.54 -19.73
CA LEU A 131 -16.89 -48.00 -19.76
C LEU A 131 -17.59 -48.61 -18.56
N ARG A 132 -18.47 -49.56 -18.83
CA ARG A 132 -19.22 -50.23 -17.78
C ARG A 132 -19.28 -51.72 -18.08
N GLY A 133 -19.00 -52.56 -17.09
CA GLY A 133 -19.07 -53.99 -17.31
C GLY A 133 -18.32 -54.81 -16.28
N LYS A 134 -19.08 -55.48 -15.41
CA LYS A 134 -18.53 -56.43 -14.46
C LYS A 134 -19.48 -57.60 -14.30
N VAL A 135 -18.96 -58.81 -14.34
CA VAL A 135 -19.80 -60.01 -14.34
C VAL A 135 -19.81 -60.68 -12.97
N ARG A 136 -20.79 -61.55 -12.77
CA ARG A 136 -20.90 -62.31 -11.53
C ARG A 136 -20.84 -63.80 -11.83
N ARG A 137 -20.01 -64.52 -11.10
CA ARG A 137 -19.92 -65.97 -11.26
C ARG A 137 -20.35 -66.67 -9.97
N PRO A 138 -21.60 -67.12 -9.92
CA PRO A 138 -22.16 -67.84 -8.77
C PRO A 138 -21.87 -69.34 -8.83
N LEU A 139 -21.51 -69.91 -7.69
CA LEU A 139 -21.22 -71.33 -7.62
C LEU A 139 -22.27 -72.05 -6.77
N ASP A 140 -22.47 -73.32 -7.06
CA ASP A 140 -23.40 -74.16 -6.31
C ASP A 140 -22.65 -75.27 -5.60
N LEU A 141 -22.91 -75.45 -4.32
CA LEU A 141 -22.17 -76.44 -3.54
C LEU A 141 -22.97 -76.86 -2.30
N GLU A 142 -23.36 -78.13 -2.28
CA GLU A 142 -23.91 -78.75 -1.09
C GLU A 142 -23.72 -80.26 -1.17
N HIS A 143 -22.88 -80.79 -0.28
CA HIS A 143 -22.68 -82.22 -0.23
C HIS A 143 -23.69 -82.83 0.74
N HIS A 144 -24.87 -83.09 0.22
CA HIS A 144 -25.99 -83.59 1.01
C HIS A 144 -25.86 -85.10 1.21
N HIS A 145 -25.52 -85.51 2.42
CA HIS A 145 -25.27 -86.92 2.70
C HIS A 145 -26.35 -87.49 3.64
N HIS A 146 -26.76 -88.72 3.37
CA HIS A 146 -27.70 -89.42 4.22
C HIS A 146 -27.00 -90.58 4.92
N HIS A 147 -27.78 -91.46 5.55
CA HIS A 147 -27.22 -92.65 6.17
C HIS A 147 -28.13 -93.83 5.92
N HIS A 148 -27.69 -94.73 5.05
CA HIS A 148 -28.45 -95.95 4.76
C HIS A 148 -28.07 -97.03 5.75
N MET A 1 7.72 9.68 -10.48
CA MET A 1 6.55 10.39 -9.93
C MET A 1 5.27 9.65 -10.32
N ILE A 2 4.36 9.50 -9.35
CA ILE A 2 3.13 8.76 -9.59
C ILE A 2 2.15 9.59 -10.41
N ALA A 3 1.93 9.15 -11.64
CA ALA A 3 1.02 9.85 -12.52
C ALA A 3 -0.39 9.30 -12.39
N ILE A 4 -1.30 10.12 -11.90
CA ILE A 4 -2.69 9.74 -11.75
C ILE A 4 -3.49 10.29 -12.93
N SER A 5 -4.67 9.74 -13.18
CA SER A 5 -5.53 10.22 -14.25
C SER A 5 -5.96 11.65 -13.94
N ARG A 6 -6.15 12.45 -14.99
CA ARG A 6 -6.43 13.88 -14.86
C ARG A 6 -5.22 14.61 -14.28
N THR A 7 -5.41 15.85 -13.87
CA THR A 7 -4.32 16.68 -13.38
C THR A 7 -3.96 16.36 -11.92
N VAL A 8 -3.83 15.08 -11.62
CA VAL A 8 -3.48 14.63 -10.28
C VAL A 8 -2.19 13.81 -10.32
N SER A 9 -1.29 14.05 -9.41
CA SER A 9 -0.04 13.30 -9.34
C SER A 9 0.49 13.27 -7.92
N ILE A 10 1.34 12.28 -7.64
CA ILE A 10 1.94 12.13 -6.31
C ILE A 10 3.45 12.19 -6.41
N ALA A 11 4.06 13.07 -5.64
CA ALA A 11 5.50 13.23 -5.64
C ALA A 11 6.19 12.05 -4.96
N ASP A 12 7.49 11.90 -5.22
CA ASP A 12 8.26 10.77 -4.72
C ASP A 12 8.30 10.75 -3.19
N ASN A 13 8.51 11.92 -2.60
CA ASN A 13 8.64 12.04 -1.15
C ASN A 13 7.28 11.88 -0.47
N GLU A 14 6.21 11.99 -1.24
CA GLU A 14 4.87 11.86 -0.72
C GLU A 14 4.49 10.39 -0.56
N LEU A 15 5.30 9.51 -1.15
CA LEU A 15 5.08 8.09 -1.07
C LEU A 15 5.67 7.52 0.20
N GLU A 16 4.87 6.76 0.94
CA GLU A 16 5.35 6.09 2.14
C GLU A 16 5.98 4.76 1.76
N ILE A 17 7.29 4.77 1.59
CA ILE A 17 8.01 3.57 1.20
C ILE A 17 8.55 2.87 2.42
N THR A 18 8.20 1.60 2.58
CA THR A 18 8.63 0.81 3.72
C THR A 18 9.06 -0.59 3.27
N ALA A 19 10.03 -1.14 3.98
CA ALA A 19 10.49 -2.49 3.68
C ALA A 19 9.74 -3.49 4.55
N ILE A 20 9.33 -4.61 3.96
CA ILE A 20 8.62 -5.63 4.71
C ILE A 20 9.59 -6.50 5.49
N ARG A 21 9.58 -6.32 6.80
CA ARG A 21 10.45 -7.08 7.67
C ARG A 21 9.64 -8.14 8.39
N ALA A 22 9.89 -9.39 8.07
CA ALA A 22 9.17 -10.49 8.68
C ALA A 22 9.98 -11.08 9.83
N GLN A 23 9.41 -12.09 10.47
CA GLN A 23 10.05 -12.77 11.59
C GLN A 23 11.31 -13.51 11.13
N GLY A 24 12.29 -13.59 12.02
CA GLY A 24 13.50 -14.30 11.70
C GLY A 24 13.44 -15.74 12.15
N ALA A 25 14.03 -16.63 11.36
CA ALA A 25 14.04 -18.05 11.70
C ALA A 25 14.68 -18.29 13.06
N GLY A 26 14.02 -19.09 13.88
CA GLY A 26 14.50 -19.33 15.24
C GLY A 26 15.27 -20.63 15.37
N GLY A 27 16.08 -20.73 16.42
CA GLY A 27 16.89 -21.90 16.64
C GLY A 27 18.10 -21.91 15.74
N GLN A 28 18.39 -23.06 15.13
CA GLN A 28 19.48 -23.16 14.19
C GLN A 28 18.97 -22.79 12.80
N HIS A 29 19.89 -22.39 11.93
CA HIS A 29 19.56 -21.88 10.60
C HIS A 29 18.68 -20.65 10.71
N VAL A 30 19.31 -19.50 10.69
CA VAL A 30 18.61 -18.24 10.86
C VAL A 30 18.54 -17.48 9.54
N ASN A 31 17.37 -16.93 9.27
CA ASN A 31 17.15 -16.15 8.05
C ASN A 31 16.22 -14.98 8.36
N LYS A 32 16.69 -13.77 8.09
CA LYS A 32 15.87 -12.59 8.26
C LYS A 32 15.35 -12.14 6.90
N THR A 33 14.04 -12.04 6.78
CA THR A 33 13.42 -11.66 5.53
C THR A 33 12.99 -10.20 5.55
N SER A 34 13.51 -9.43 4.62
CA SER A 34 13.16 -8.03 4.49
C SER A 34 13.19 -7.61 3.02
N SER A 35 13.07 -8.60 2.14
CA SER A 35 13.16 -8.38 0.71
C SER A 35 11.78 -8.42 0.06
N ALA A 36 10.97 -7.41 0.36
CA ALA A 36 9.64 -7.29 -0.22
C ALA A 36 9.21 -5.82 -0.23
N ILE A 37 8.27 -5.49 -1.08
CA ILE A 37 7.85 -4.09 -1.26
C ILE A 37 6.56 -3.79 -0.51
N HIS A 38 6.57 -2.69 0.24
CA HIS A 38 5.39 -2.23 0.96
C HIS A 38 5.27 -0.72 0.84
N LEU A 39 4.18 -0.25 0.26
CA LEU A 39 3.94 1.18 0.16
C LEU A 39 2.54 1.52 0.67
N ARG A 40 2.40 2.72 1.21
CA ARG A 40 1.12 3.16 1.73
C ARG A 40 0.80 4.56 1.22
N PHE A 41 -0.49 4.88 1.12
CA PHE A 41 -0.91 6.20 0.70
C PHE A 41 -2.28 6.54 1.30
N ASP A 42 -2.36 7.71 1.90
CA ASP A 42 -3.61 8.20 2.48
C ASP A 42 -4.22 9.29 1.61
N ILE A 43 -5.54 9.23 1.44
CA ILE A 43 -6.27 10.20 0.60
C ILE A 43 -6.16 11.61 1.18
N ARG A 44 -6.31 11.71 2.50
CA ARG A 44 -6.27 13.00 3.19
C ARG A 44 -4.89 13.65 3.10
N ALA A 45 -3.85 12.83 2.99
CA ALA A 45 -2.47 13.32 2.95
C ALA A 45 -2.24 14.27 1.78
N SER A 46 -2.70 13.88 0.60
CA SER A 46 -2.48 14.68 -0.60
C SER A 46 -3.72 15.48 -0.99
N GLY A 47 -4.78 15.29 -0.23
CA GLY A 47 -6.02 16.01 -0.48
C GLY A 47 -6.61 15.70 -1.85
N LEU A 48 -7.08 14.47 -2.02
CA LEU A 48 -7.68 14.06 -3.28
C LEU A 48 -9.08 14.65 -3.44
N PRO A 49 -9.50 14.91 -4.68
CA PRO A 49 -10.83 15.44 -4.99
C PRO A 49 -11.94 14.49 -4.53
N GLU A 50 -13.13 15.05 -4.35
CA GLU A 50 -14.27 14.28 -3.84
C GLU A 50 -14.68 13.20 -4.83
N TYR A 51 -14.55 13.49 -6.12
CA TYR A 51 -14.90 12.55 -7.17
C TYR A 51 -14.14 11.23 -6.99
N TYR A 52 -12.90 11.34 -6.53
CA TYR A 52 -12.10 10.16 -6.25
C TYR A 52 -12.45 9.61 -4.87
N LYS A 53 -12.46 10.50 -3.87
CA LYS A 53 -12.67 10.12 -2.48
C LYS A 53 -13.95 9.32 -2.28
N GLN A 54 -15.05 9.81 -2.86
CA GLN A 54 -16.35 9.16 -2.67
C GLN A 54 -16.35 7.75 -3.24
N ARG A 55 -15.74 7.57 -4.41
CA ARG A 55 -15.70 6.28 -5.06
C ARG A 55 -14.74 5.33 -4.37
N LEU A 56 -13.67 5.87 -3.81
CA LEU A 56 -12.69 5.06 -3.09
C LEU A 56 -13.30 4.49 -1.81
N LEU A 57 -14.26 5.20 -1.24
CA LEU A 57 -14.90 4.78 -0.01
C LEU A 57 -16.11 3.89 -0.28
N THR A 58 -16.76 4.10 -1.42
CA THR A 58 -17.93 3.30 -1.79
C THR A 58 -17.53 1.94 -2.37
N ALA A 59 -16.45 1.93 -3.14
CA ALA A 59 -15.94 0.69 -3.68
C ALA A 59 -14.90 0.11 -2.74
N SER A 60 -15.36 -0.69 -1.79
CA SER A 60 -14.49 -1.28 -0.78
C SER A 60 -13.56 -2.33 -1.40
N HIS A 61 -12.39 -1.88 -1.82
CA HIS A 61 -11.36 -2.77 -2.30
C HIS A 61 -10.56 -3.29 -1.11
N HIS A 62 -10.00 -4.49 -1.24
CA HIS A 62 -9.23 -5.09 -0.15
C HIS A 62 -7.85 -4.46 -0.08
N LEU A 63 -7.48 -3.78 -1.18
CA LEU A 63 -6.28 -2.96 -1.21
C LEU A 63 -6.46 -1.75 -0.29
N ILE A 64 -7.71 -1.42 0.00
CA ILE A 64 -8.03 -0.37 0.95
C ILE A 64 -8.08 -0.98 2.34
N SER A 65 -7.33 -0.43 3.27
CA SER A 65 -7.22 -1.02 4.60
C SER A 65 -8.55 -0.90 5.35
N ASP A 66 -8.82 0.29 5.87
CA ASP A 66 -10.09 0.54 6.57
C ASP A 66 -10.22 2.01 6.94
N ASP A 67 -9.14 2.58 7.47
CA ASP A 67 -9.15 3.98 7.90
C ASP A 67 -8.91 4.93 6.74
N GLY A 68 -9.43 4.58 5.57
CA GLY A 68 -9.32 5.42 4.39
C GLY A 68 -7.91 5.51 3.87
N VAL A 69 -7.13 4.45 4.01
CA VAL A 69 -5.76 4.43 3.55
C VAL A 69 -5.51 3.17 2.75
N ILE A 70 -4.68 3.27 1.72
CA ILE A 70 -4.39 2.14 0.85
C ILE A 70 -3.05 1.50 1.20
N ILE A 71 -2.99 0.18 1.20
CA ILE A 71 -1.76 -0.54 1.47
C ILE A 71 -1.56 -1.63 0.43
N ILE A 72 -0.44 -1.54 -0.29
CA ILE A 72 -0.09 -2.59 -1.23
C ILE A 72 1.24 -3.23 -0.83
N LYS A 73 1.23 -4.54 -0.69
CA LYS A 73 2.45 -5.28 -0.50
C LYS A 73 2.60 -6.27 -1.64
N ALA A 74 3.81 -6.61 -2.01
CA ALA A 74 4.02 -7.44 -3.17
C ALA A 74 5.34 -8.21 -3.10
N GLN A 75 5.37 -9.33 -3.82
CA GLN A 75 6.57 -10.12 -4.00
C GLN A 75 6.45 -10.88 -5.32
N GLU A 76 7.14 -10.39 -6.32
CA GLU A 76 7.09 -10.97 -7.64
C GLU A 76 8.41 -11.65 -7.97
N PHE A 77 9.50 -11.07 -7.53
CA PHE A 77 10.83 -11.55 -7.87
C PHE A 77 11.87 -10.81 -7.02
N ARG A 78 13.09 -11.33 -6.97
CA ARG A 78 14.16 -10.70 -6.21
C ARG A 78 14.59 -9.34 -6.80
N SER A 79 13.98 -8.96 -7.92
CA SER A 79 14.17 -7.63 -8.45
C SER A 79 13.09 -6.70 -7.90
N GLN A 80 13.39 -6.06 -6.77
CA GLN A 80 12.42 -5.23 -6.07
C GLN A 80 11.99 -4.03 -6.90
N GLU A 81 12.86 -3.60 -7.82
CA GLU A 81 12.52 -2.49 -8.72
C GLU A 81 11.25 -2.81 -9.51
N LEU A 82 11.23 -4.02 -10.06
CA LEU A 82 10.10 -4.47 -10.84
C LEU A 82 8.87 -4.65 -9.95
N ASN A 83 9.11 -5.08 -8.71
CA ASN A 83 8.03 -5.29 -7.76
C ASN A 83 7.42 -3.94 -7.38
N ARG A 84 8.27 -2.94 -7.29
CA ARG A 84 7.83 -1.57 -7.00
C ARG A 84 6.93 -1.06 -8.11
N GLU A 85 7.40 -1.23 -9.35
CA GLU A 85 6.65 -0.83 -10.52
C GLU A 85 5.28 -1.51 -10.56
N ALA A 86 5.25 -2.79 -10.24
CA ALA A 86 4.01 -3.56 -10.23
C ALA A 86 3.04 -3.02 -9.19
N ALA A 87 3.57 -2.67 -8.02
CA ALA A 87 2.75 -2.12 -6.95
C ALA A 87 2.17 -0.76 -7.36
N ILE A 88 3.00 0.04 -8.02
CA ILE A 88 2.56 1.35 -8.51
C ILE A 88 1.49 1.20 -9.59
N ALA A 89 1.77 0.36 -10.58
CA ALA A 89 0.83 0.11 -11.67
C ALA A 89 -0.50 -0.39 -11.13
N ARG A 90 -0.44 -1.22 -10.10
CA ARG A 90 -1.63 -1.75 -9.45
C ARG A 90 -2.54 -0.62 -8.98
N LEU A 91 -1.98 0.31 -8.21
CA LEU A 91 -2.78 1.37 -7.61
C LEU A 91 -3.33 2.32 -8.68
N VAL A 92 -2.52 2.59 -9.70
CA VAL A 92 -2.94 3.46 -10.79
C VAL A 92 -4.13 2.85 -11.54
N ALA A 93 -4.05 1.55 -11.80
CA ALA A 93 -5.13 0.85 -12.48
C ALA A 93 -6.41 0.90 -11.66
N VAL A 94 -6.29 0.64 -10.36
CA VAL A 94 -7.43 0.67 -9.45
C VAL A 94 -8.12 2.04 -9.49
N ILE A 95 -7.34 3.10 -9.43
CA ILE A 95 -7.88 4.45 -9.48
C ILE A 95 -8.66 4.66 -10.78
N LYS A 96 -8.07 4.22 -11.90
CA LYS A 96 -8.70 4.38 -13.21
C LYS A 96 -9.93 3.48 -13.36
N GLU A 97 -10.01 2.45 -12.54
CA GLU A 97 -11.18 1.57 -12.55
C GLU A 97 -12.36 2.25 -11.86
N LEU A 98 -12.11 2.79 -10.68
CA LEU A 98 -13.16 3.42 -9.88
C LEU A 98 -13.60 4.74 -10.51
N THR A 99 -12.64 5.52 -11.00
CA THR A 99 -12.95 6.81 -11.58
C THR A 99 -12.78 6.79 -13.09
N ALA A 100 -13.24 5.70 -13.72
CA ALA A 100 -13.20 5.57 -15.16
C ALA A 100 -14.03 6.65 -15.83
N GLU A 101 -13.52 7.19 -16.94
CA GLU A 101 -14.23 8.21 -17.69
C GLU A 101 -15.13 7.55 -18.73
N GLN A 102 -15.67 8.34 -19.65
CA GLN A 102 -16.56 7.79 -20.67
C GLN A 102 -15.77 6.98 -21.69
N LYS A 103 -15.84 5.67 -21.57
CA LYS A 103 -15.12 4.76 -22.44
C LYS A 103 -15.95 4.42 -23.68
N SER A 104 -15.35 3.60 -24.56
CA SER A 104 -16.01 3.14 -25.78
C SER A 104 -16.25 4.27 -26.78
N ARG A 105 -15.66 5.43 -26.51
CA ARG A 105 -15.81 6.58 -27.38
C ARG A 105 -14.76 6.55 -28.49
N ARG A 106 -14.98 7.35 -29.52
CA ARG A 106 -14.05 7.42 -30.64
C ARG A 106 -13.37 8.78 -30.67
N ALA A 107 -12.08 8.78 -30.99
CA ALA A 107 -11.37 10.04 -31.18
C ALA A 107 -11.89 10.73 -32.43
N THR A 108 -12.56 11.86 -32.23
CA THR A 108 -13.18 12.59 -33.33
C THR A 108 -12.14 13.36 -34.15
N ARG A 109 -10.89 13.23 -33.76
CA ARG A 109 -9.81 13.93 -34.43
C ARG A 109 -8.70 12.93 -34.77
N PRO A 110 -8.74 12.36 -35.99
CA PRO A 110 -7.74 11.41 -36.46
C PRO A 110 -6.51 12.11 -37.01
N THR A 111 -5.54 11.32 -37.48
CA THR A 111 -4.32 11.85 -38.09
C THR A 111 -3.41 12.50 -37.04
N ARG A 112 -2.12 12.63 -37.38
CA ARG A 112 -1.11 13.31 -36.55
C ARG A 112 -0.64 12.44 -35.40
N ALA A 113 -1.46 11.47 -35.00
CA ALA A 113 -1.07 10.51 -33.99
C ALA A 113 0.16 9.73 -34.46
N SER A 114 1.28 9.96 -33.81
CA SER A 114 2.54 9.36 -34.23
C SER A 114 3.01 8.36 -33.20
N LYS A 115 2.83 7.08 -33.49
CA LYS A 115 3.19 6.02 -32.56
C LYS A 115 4.19 5.06 -33.19
N GLU A 116 5.19 4.67 -32.40
CA GLU A 116 6.26 3.81 -32.87
C GLU A 116 6.38 2.59 -31.95
N ARG A 117 6.53 1.42 -32.56
CA ARG A 117 6.60 0.18 -31.80
C ARG A 117 7.58 -0.80 -32.44
N ARG A 118 8.16 -1.67 -31.61
CA ARG A 118 9.03 -2.73 -32.10
C ARG A 118 9.19 -3.80 -31.04
N LEU A 119 9.40 -5.04 -31.49
CA LEU A 119 9.59 -6.16 -30.56
C LEU A 119 10.42 -7.25 -31.24
N SER A 120 11.68 -7.35 -30.83
CA SER A 120 12.59 -8.31 -31.42
C SER A 120 13.67 -8.71 -30.41
N SER A 121 13.48 -9.85 -29.77
CA SER A 121 14.44 -10.34 -28.78
C SER A 121 14.18 -11.82 -28.49
N LYS A 122 15.15 -12.45 -27.80
CA LYS A 122 15.04 -13.85 -27.38
C LYS A 122 15.25 -14.81 -28.55
N ALA A 123 16.46 -15.34 -28.63
CA ALA A 123 16.79 -16.35 -29.63
C ALA A 123 17.77 -17.35 -29.03
N GLN A 124 17.35 -18.60 -28.93
CA GLN A 124 18.17 -19.63 -28.32
C GLN A 124 17.81 -21.02 -28.83
N LYS A 125 18.81 -21.75 -29.30
CA LYS A 125 18.62 -23.12 -29.76
C LYS A 125 19.69 -24.02 -29.15
N SER A 126 19.26 -25.10 -28.50
CA SER A 126 20.17 -26.05 -27.88
C SER A 126 19.40 -27.18 -27.20
N SER A 127 19.44 -28.36 -27.79
CA SER A 127 18.82 -29.54 -27.21
C SER A 127 19.68 -30.77 -27.49
N VAL A 128 20.34 -31.28 -26.45
CA VAL A 128 21.25 -32.41 -26.63
C VAL A 128 21.00 -33.51 -25.60
N LYS A 129 20.11 -34.42 -25.95
CA LYS A 129 19.87 -35.60 -25.13
C LYS A 129 19.72 -36.82 -26.02
N ALA A 130 20.82 -37.50 -26.26
CA ALA A 130 20.82 -38.70 -27.09
C ALA A 130 21.38 -39.88 -26.30
N LEU A 131 20.65 -40.98 -26.29
CA LEU A 131 21.06 -42.16 -25.56
C LEU A 131 20.91 -43.40 -26.44
N ARG A 132 21.80 -44.36 -26.23
CA ARG A 132 21.80 -45.58 -27.01
C ARG A 132 21.58 -46.78 -26.11
N GLY A 133 20.80 -47.75 -26.59
CA GLY A 133 20.50 -48.92 -25.79
C GLY A 133 21.17 -50.16 -26.33
N LYS A 134 20.65 -51.32 -25.94
CA LYS A 134 21.16 -52.58 -26.44
C LYS A 134 20.06 -53.64 -26.51
N VAL A 135 19.91 -54.25 -27.67
CA VAL A 135 18.89 -55.25 -27.87
C VAL A 135 19.51 -56.65 -27.79
N ARG A 136 19.63 -57.14 -26.58
CA ARG A 136 20.10 -58.50 -26.34
C ARG A 136 19.71 -58.93 -24.94
N ARG A 137 18.81 -59.89 -24.86
CA ARG A 137 18.33 -60.39 -23.58
C ARG A 137 17.96 -61.86 -23.69
N PRO A 138 18.93 -62.75 -23.45
CA PRO A 138 18.70 -64.18 -23.42
C PRO A 138 18.40 -64.66 -22.00
N LEU A 139 17.75 -65.80 -21.89
CA LEU A 139 17.48 -66.40 -20.59
C LEU A 139 18.51 -67.47 -20.31
N ASP A 140 19.17 -67.38 -19.17
CA ASP A 140 20.19 -68.34 -18.78
C ASP A 140 19.54 -69.65 -18.40
N LEU A 141 20.13 -70.76 -18.85
CA LEU A 141 19.58 -72.07 -18.60
C LEU A 141 19.90 -72.51 -17.18
N GLU A 142 18.95 -72.29 -16.28
CA GLU A 142 19.11 -72.69 -14.90
C GLU A 142 18.39 -74.01 -14.64
N HIS A 143 19.12 -75.09 -14.74
CA HIS A 143 18.58 -76.42 -14.49
C HIS A 143 19.54 -77.23 -13.64
N HIS A 144 19.20 -77.35 -12.37
CA HIS A 144 19.97 -78.16 -11.43
C HIS A 144 19.92 -79.63 -11.83
N HIS A 145 20.72 -80.45 -11.16
CA HIS A 145 20.82 -81.86 -11.50
C HIS A 145 19.50 -82.59 -11.34
N HIS A 146 19.31 -83.60 -12.18
CA HIS A 146 18.07 -84.37 -12.26
C HIS A 146 17.61 -84.90 -10.89
N HIS A 147 16.33 -84.72 -10.61
CA HIS A 147 15.71 -85.26 -9.41
C HIS A 147 15.00 -86.55 -9.75
N HIS A 148 15.22 -87.58 -8.95
CA HIS A 148 14.54 -88.85 -9.16
C HIS A 148 13.30 -88.92 -8.26
N MET A 1 7.58 9.56 -9.79
CA MET A 1 6.32 10.16 -9.28
C MET A 1 5.13 9.53 -10.00
N ILE A 2 3.99 9.48 -9.31
CA ILE A 2 2.81 8.84 -9.86
C ILE A 2 1.95 9.87 -10.58
N ALA A 3 1.69 9.62 -11.85
CA ALA A 3 0.86 10.51 -12.65
C ALA A 3 -0.58 9.99 -12.71
N ILE A 4 -1.47 10.67 -12.02
CA ILE A 4 -2.89 10.30 -12.02
C ILE A 4 -3.63 11.12 -13.06
N SER A 5 -4.80 10.64 -13.47
CA SER A 5 -5.58 11.27 -14.51
C SER A 5 -6.11 12.66 -14.11
N ARG A 6 -6.86 13.27 -15.03
CA ARG A 6 -7.40 14.61 -14.85
C ARG A 6 -6.30 15.67 -14.89
N THR A 7 -5.55 15.79 -13.80
CA THR A 7 -4.49 16.79 -13.71
C THR A 7 -3.77 16.69 -12.36
N VAL A 8 -3.82 15.52 -11.74
CA VAL A 8 -3.28 15.34 -10.39
C VAL A 8 -2.12 14.36 -10.40
N SER A 9 -0.93 14.82 -10.04
CA SER A 9 0.22 13.95 -9.91
C SER A 9 0.67 13.92 -8.44
N ILE A 10 1.24 12.80 -8.03
CA ILE A 10 1.72 12.64 -6.66
C ILE A 10 3.20 12.28 -6.68
N ALA A 11 3.99 12.99 -5.88
CA ALA A 11 5.41 12.71 -5.77
C ALA A 11 5.64 11.37 -5.08
N ASP A 12 6.46 10.52 -5.69
CA ASP A 12 6.73 9.19 -5.15
C ASP A 12 7.68 9.29 -3.97
N ASN A 13 8.29 10.46 -3.81
CA ASN A 13 9.18 10.72 -2.69
C ASN A 13 8.37 10.94 -1.41
N GLU A 14 7.06 11.10 -1.56
CA GLU A 14 6.16 11.33 -0.46
C GLU A 14 5.67 10.00 0.13
N LEU A 15 5.96 8.91 -0.56
CA LEU A 15 5.42 7.61 -0.20
C LEU A 15 6.16 7.01 1.00
N GLU A 16 5.42 6.32 1.86
CA GLU A 16 6.00 5.61 2.97
C GLU A 16 6.33 4.17 2.58
N ILE A 17 7.61 3.88 2.45
CA ILE A 17 8.05 2.54 2.11
C ILE A 17 8.27 1.71 3.36
N THR A 18 7.66 0.54 3.41
CA THR A 18 7.78 -0.35 4.54
C THR A 18 8.23 -1.73 4.09
N ALA A 19 8.99 -2.40 4.93
CA ALA A 19 9.43 -3.76 4.64
C ALA A 19 8.50 -4.76 5.32
N ILE A 20 8.34 -5.93 4.71
CA ILE A 20 7.51 -6.97 5.27
C ILE A 20 8.32 -7.84 6.23
N ARG A 21 7.81 -7.99 7.43
CA ARG A 21 8.49 -8.74 8.47
C ARG A 21 7.59 -9.87 8.99
N ALA A 22 8.02 -10.55 10.04
CA ALA A 22 7.23 -11.61 10.64
C ALA A 22 6.50 -11.08 11.87
N GLN A 23 6.46 -9.76 11.97
CA GLN A 23 5.81 -9.08 13.09
C GLN A 23 4.39 -8.67 12.72
N GLY A 24 3.85 -7.68 13.43
CA GLY A 24 2.53 -7.17 13.12
C GLY A 24 2.59 -5.94 12.23
N ALA A 25 1.52 -5.14 12.27
CA ALA A 25 1.42 -3.88 11.49
C ALA A 25 1.17 -4.15 10.01
N GLY A 26 1.95 -5.05 9.43
CA GLY A 26 1.72 -5.47 8.06
C GLY A 26 1.13 -6.87 8.02
N GLY A 27 0.02 -7.03 8.73
CA GLY A 27 -0.51 -8.34 8.98
C GLY A 27 -0.08 -8.82 10.36
N GLN A 28 -0.27 -10.09 10.65
CA GLN A 28 0.22 -10.65 11.90
C GLN A 28 0.80 -12.02 11.64
N HIS A 29 1.99 -12.26 12.21
CA HIS A 29 2.70 -13.54 12.13
C HIS A 29 2.64 -14.20 10.75
N VAL A 30 3.64 -13.94 9.94
CA VAL A 30 3.69 -14.47 8.59
C VAL A 30 5.11 -14.90 8.25
N ASN A 31 5.25 -15.86 7.35
CA ASN A 31 6.56 -16.37 6.97
C ASN A 31 6.82 -16.18 5.49
N LYS A 32 5.99 -15.38 4.84
CA LYS A 32 6.17 -15.09 3.43
C LYS A 32 6.79 -13.71 3.24
N THR A 33 8.10 -13.64 3.28
CA THR A 33 8.81 -12.39 3.06
C THR A 33 10.21 -12.63 2.52
N SER A 34 10.34 -12.42 1.23
CA SER A 34 11.63 -12.53 0.55
C SER A 34 12.03 -11.16 0.01
N SER A 35 11.28 -10.70 -0.97
CA SER A 35 11.45 -9.37 -1.52
C SER A 35 10.08 -8.75 -1.76
N ALA A 36 9.53 -8.15 -0.71
CA ALA A 36 8.18 -7.63 -0.75
C ALA A 36 8.16 -6.12 -0.53
N ILE A 37 7.47 -5.42 -1.40
CA ILE A 37 7.29 -3.99 -1.26
C ILE A 37 5.93 -3.66 -0.67
N HIS A 38 5.96 -3.00 0.46
CA HIS A 38 4.75 -2.50 1.11
C HIS A 38 4.81 -0.98 1.19
N LEU A 39 4.01 -0.31 0.39
CA LEU A 39 3.99 1.14 0.39
C LEU A 39 2.66 1.65 0.94
N ARG A 40 2.71 2.82 1.57
CA ARG A 40 1.50 3.44 2.10
C ARG A 40 1.12 4.66 1.28
N PHE A 41 -0.02 4.58 0.62
CA PHE A 41 -0.56 5.71 -0.10
C PHE A 41 -1.87 6.12 0.56
N ASP A 42 -1.84 7.17 1.36
CA ASP A 42 -3.00 7.55 2.14
C ASP A 42 -3.62 8.85 1.64
N ILE A 43 -4.94 8.87 1.65
CA ILE A 43 -5.72 10.03 1.25
C ILE A 43 -5.65 11.12 2.33
N ARG A 44 -5.71 10.67 3.58
CA ARG A 44 -5.75 11.56 4.75
C ARG A 44 -4.74 12.71 4.66
N ALA A 45 -3.48 12.39 4.32
CA ALA A 45 -2.43 13.40 4.29
C ALA A 45 -2.36 14.15 2.96
N SER A 46 -2.91 13.54 1.91
CA SER A 46 -2.80 14.11 0.59
C SER A 46 -4.02 14.96 0.25
N GLY A 47 -3.99 15.54 -0.93
CA GLY A 47 -5.09 16.37 -1.39
C GLY A 47 -5.68 15.85 -2.68
N LEU A 48 -6.17 14.63 -2.64
CA LEU A 48 -6.76 14.00 -3.82
C LEU A 48 -8.15 14.56 -4.09
N PRO A 49 -8.54 14.65 -5.37
CA PRO A 49 -9.87 15.12 -5.78
C PRO A 49 -10.97 14.30 -5.11
N GLU A 50 -11.94 14.99 -4.55
CA GLU A 50 -12.99 14.35 -3.77
C GLU A 50 -13.84 13.42 -4.63
N TYR A 51 -13.98 13.76 -5.90
CA TYR A 51 -14.71 12.91 -6.85
C TYR A 51 -14.11 11.51 -6.91
N TYR A 52 -12.79 11.44 -6.88
CA TYR A 52 -12.08 10.17 -6.86
C TYR A 52 -12.06 9.60 -5.45
N LYS A 53 -11.89 10.51 -4.49
CA LYS A 53 -11.82 10.17 -3.08
C LYS A 53 -13.04 9.38 -2.62
N GLN A 54 -14.23 9.87 -2.98
CA GLN A 54 -15.47 9.22 -2.59
C GLN A 54 -15.58 7.81 -3.16
N ARG A 55 -15.19 7.65 -4.42
CA ARG A 55 -15.19 6.35 -5.05
C ARG A 55 -14.28 5.37 -4.30
N LEU A 56 -13.10 5.85 -3.92
CA LEU A 56 -12.13 5.05 -3.18
C LEU A 56 -12.69 4.63 -1.82
N LEU A 57 -13.40 5.54 -1.18
CA LEU A 57 -13.96 5.30 0.15
C LEU A 57 -15.22 4.44 0.08
N THR A 58 -15.78 4.32 -1.12
CA THR A 58 -16.98 3.54 -1.33
C THR A 58 -16.66 2.11 -1.72
N ALA A 59 -15.79 1.93 -2.70
CA ALA A 59 -15.49 0.61 -3.22
C ALA A 59 -14.23 0.02 -2.59
N SER A 60 -14.40 -0.80 -1.56
CA SER A 60 -13.28 -1.51 -0.98
C SER A 60 -12.94 -2.70 -1.87
N HIS A 61 -12.23 -2.42 -2.95
CA HIS A 61 -11.87 -3.44 -3.93
C HIS A 61 -10.97 -4.50 -3.32
N HIS A 62 -9.99 -4.05 -2.55
CA HIS A 62 -9.10 -4.94 -1.78
C HIS A 62 -7.98 -4.14 -1.12
N LEU A 63 -7.44 -3.19 -1.87
CA LEU A 63 -6.31 -2.39 -1.40
C LEU A 63 -6.75 -1.30 -0.41
N ILE A 64 -8.05 -1.06 -0.34
CA ILE A 64 -8.58 -0.05 0.57
C ILE A 64 -8.79 -0.68 1.95
N SER A 65 -8.20 -0.06 2.95
CA SER A 65 -8.29 -0.58 4.31
C SER A 65 -9.55 -0.06 5.01
N ASP A 66 -9.47 1.12 5.60
CA ASP A 66 -10.62 1.70 6.31
C ASP A 66 -10.44 3.20 6.48
N ASP A 67 -9.31 3.59 7.08
CA ASP A 67 -9.05 4.99 7.43
C ASP A 67 -9.00 5.91 6.20
N GLY A 68 -8.87 5.31 5.03
CA GLY A 68 -8.70 6.08 3.83
C GLY A 68 -7.26 6.01 3.36
N VAL A 69 -6.69 4.83 3.48
CA VAL A 69 -5.34 4.58 3.05
C VAL A 69 -5.30 3.36 2.15
N ILE A 70 -4.45 3.40 1.15
CA ILE A 70 -4.31 2.30 0.21
C ILE A 70 -3.02 1.55 0.47
N ILE A 71 -3.15 0.28 0.82
CA ILE A 71 -1.99 -0.55 1.07
C ILE A 71 -1.77 -1.53 -0.09
N ILE A 72 -0.63 -1.39 -0.74
CA ILE A 72 -0.26 -2.29 -1.81
C ILE A 72 0.97 -3.09 -1.38
N LYS A 73 0.87 -4.40 -1.44
CA LYS A 73 2.01 -5.26 -1.17
C LYS A 73 2.31 -6.10 -2.41
N ALA A 74 3.55 -6.08 -2.82
CA ALA A 74 3.97 -6.84 -3.99
C ALA A 74 5.14 -7.75 -3.64
N GLN A 75 4.96 -9.03 -3.88
CA GLN A 75 6.00 -10.01 -3.60
C GLN A 75 5.81 -11.27 -4.44
N GLU A 76 6.62 -11.37 -5.50
CA GLU A 76 6.67 -12.56 -6.32
C GLU A 76 8.10 -12.78 -6.79
N PHE A 77 8.75 -11.69 -7.20
CA PHE A 77 10.12 -11.74 -7.67
C PHE A 77 10.95 -10.69 -6.93
N ARG A 78 12.25 -10.70 -7.15
CA ARG A 78 13.16 -9.75 -6.51
C ARG A 78 13.32 -8.51 -7.42
N SER A 79 14.35 -7.71 -7.14
CA SER A 79 14.58 -6.46 -7.86
C SER A 79 13.49 -5.44 -7.53
N GLN A 80 13.66 -4.78 -6.40
CA GLN A 80 12.65 -3.89 -5.85
C GLN A 80 12.26 -2.76 -6.79
N GLU A 81 13.10 -2.52 -7.79
CA GLU A 81 12.82 -1.55 -8.82
C GLU A 81 11.49 -1.86 -9.50
N LEU A 82 11.33 -3.11 -9.92
CA LEU A 82 10.11 -3.54 -10.62
C LEU A 82 8.97 -3.72 -9.63
N ASN A 83 9.32 -4.17 -8.42
CA ASN A 83 8.34 -4.33 -7.35
C ASN A 83 7.64 -3.00 -7.07
N ARG A 84 8.42 -1.93 -7.06
CA ARG A 84 7.88 -0.59 -6.83
C ARG A 84 6.90 -0.23 -7.94
N GLU A 85 7.35 -0.37 -9.17
CA GLU A 85 6.55 -0.03 -10.35
C GLU A 85 5.28 -0.87 -10.41
N ALA A 86 5.40 -2.16 -10.12
CA ALA A 86 4.26 -3.07 -10.13
C ALA A 86 3.23 -2.66 -9.10
N ALA A 87 3.69 -2.21 -7.94
CA ALA A 87 2.81 -1.73 -6.88
C ALA A 87 2.03 -0.52 -7.37
N ILE A 88 2.72 0.39 -8.04
CA ILE A 88 2.09 1.57 -8.61
C ILE A 88 1.08 1.18 -9.68
N ALA A 89 1.49 0.31 -10.58
CA ALA A 89 0.63 -0.15 -11.67
C ALA A 89 -0.65 -0.78 -11.13
N ARG A 90 -0.51 -1.53 -10.04
CA ARG A 90 -1.67 -2.16 -9.39
C ARG A 90 -2.68 -1.11 -8.92
N LEU A 91 -2.22 -0.07 -8.24
CA LEU A 91 -3.12 0.93 -7.68
C LEU A 91 -3.75 1.76 -8.80
N VAL A 92 -2.99 2.01 -9.87
CA VAL A 92 -3.50 2.75 -11.02
C VAL A 92 -4.67 2.02 -11.67
N ALA A 93 -4.52 0.72 -11.85
CA ALA A 93 -5.59 -0.10 -12.42
C ALA A 93 -6.84 -0.03 -11.57
N VAL A 94 -6.66 -0.13 -10.25
CA VAL A 94 -7.78 -0.04 -9.31
C VAL A 94 -8.50 1.30 -9.44
N ILE A 95 -7.73 2.37 -9.63
CA ILE A 95 -8.30 3.69 -9.83
C ILE A 95 -9.25 3.70 -11.02
N LYS A 96 -8.87 3.01 -12.08
CA LYS A 96 -9.70 2.93 -13.28
C LYS A 96 -10.97 2.11 -13.02
N GLU A 97 -10.88 1.12 -12.13
CA GLU A 97 -12.02 0.30 -11.77
C GLU A 97 -13.04 1.08 -10.96
N LEU A 98 -12.56 2.00 -10.14
CA LEU A 98 -13.41 2.77 -9.25
C LEU A 98 -13.93 4.04 -9.91
N THR A 99 -13.40 4.36 -11.08
CA THR A 99 -13.87 5.53 -11.81
C THR A 99 -14.81 5.12 -12.94
N ALA A 100 -14.32 4.25 -13.81
CA ALA A 100 -15.11 3.70 -14.89
C ALA A 100 -15.78 2.41 -14.44
N GLU A 101 -16.69 1.90 -15.25
CA GLU A 101 -17.33 0.62 -14.97
C GLU A 101 -16.28 -0.45 -14.68
N GLN A 102 -16.31 -0.98 -13.45
CA GLN A 102 -15.28 -1.88 -12.94
C GLN A 102 -14.98 -3.01 -13.91
N LYS A 103 -13.70 -3.15 -14.25
CA LYS A 103 -13.26 -4.16 -15.19
C LYS A 103 -12.91 -5.45 -14.45
N SER A 104 -12.97 -6.57 -15.14
CA SER A 104 -12.70 -7.86 -14.53
C SER A 104 -11.22 -8.02 -14.20
N ARG A 105 -10.91 -8.08 -12.92
CA ARG A 105 -9.55 -8.30 -12.46
C ARG A 105 -9.51 -9.51 -11.55
N ARG A 106 -8.39 -10.21 -11.53
CA ARG A 106 -8.25 -11.40 -10.70
C ARG A 106 -7.94 -11.00 -9.26
N ALA A 107 -8.96 -11.02 -8.41
CA ALA A 107 -8.81 -10.56 -7.04
C ALA A 107 -8.77 -11.74 -6.07
N THR A 108 -7.62 -11.93 -5.43
CA THR A 108 -7.48 -12.92 -4.39
C THR A 108 -7.87 -12.30 -3.05
N ARG A 109 -9.00 -12.72 -2.50
CA ARG A 109 -9.54 -12.09 -1.30
C ARG A 109 -9.17 -12.85 -0.02
N PRO A 110 -9.67 -14.09 0.18
CA PRO A 110 -9.63 -14.75 1.48
C PRO A 110 -8.37 -15.58 1.72
N THR A 111 -7.87 -15.51 2.95
CA THR A 111 -6.80 -16.35 3.44
C THR A 111 -6.56 -16.09 4.93
N ARG A 112 -7.14 -16.93 5.77
CA ARG A 112 -7.07 -16.75 7.21
C ARG A 112 -6.85 -18.10 7.90
N ALA A 113 -5.94 -18.13 8.88
CA ALA A 113 -5.66 -19.38 9.59
C ALA A 113 -5.41 -19.12 11.07
N SER A 114 -4.17 -18.78 11.41
CA SER A 114 -3.79 -18.56 12.81
C SER A 114 -4.45 -17.30 13.38
N LYS A 115 -5.02 -17.44 14.57
CA LYS A 115 -5.75 -16.36 15.20
C LYS A 115 -5.12 -15.99 16.54
N GLU A 116 -4.99 -14.70 16.80
CA GLU A 116 -4.43 -14.21 18.05
C GLU A 116 -4.75 -12.73 18.25
N ARG A 117 -5.84 -12.47 18.98
CA ARG A 117 -6.25 -11.12 19.32
C ARG A 117 -6.95 -11.11 20.69
N ARG A 118 -6.21 -10.71 21.71
CA ARG A 118 -6.77 -10.62 23.06
C ARG A 118 -7.38 -9.24 23.29
N LEU A 119 -8.30 -9.17 24.25
CA LEU A 119 -9.00 -7.94 24.56
C LEU A 119 -8.87 -7.65 26.06
N SER A 120 -8.33 -6.50 26.41
CA SER A 120 -8.13 -6.13 27.81
C SER A 120 -8.34 -4.63 28.02
N SER A 121 -9.53 -4.25 28.45
CA SER A 121 -9.84 -2.85 28.75
C SER A 121 -11.11 -2.74 29.60
N LYS A 122 -10.96 -2.29 30.84
CA LYS A 122 -12.08 -2.09 31.76
C LYS A 122 -11.76 -0.99 32.76
N ALA A 123 -12.75 -0.14 33.05
CA ALA A 123 -12.58 0.93 34.02
C ALA A 123 -13.92 1.24 34.69
N GLN A 124 -13.85 1.55 35.99
CA GLN A 124 -15.04 1.83 36.77
C GLN A 124 -14.74 2.86 37.86
N LYS A 125 -15.75 3.63 38.25
CA LYS A 125 -15.59 4.66 39.27
C LYS A 125 -16.95 5.11 39.79
N SER A 126 -17.03 5.42 41.07
CA SER A 126 -18.28 5.86 41.67
C SER A 126 -18.08 7.16 42.47
N SER A 127 -18.85 8.18 42.14
CA SER A 127 -18.78 9.46 42.85
C SER A 127 -20.13 10.19 42.79
N VAL A 128 -20.93 10.06 43.83
CA VAL A 128 -22.25 10.67 43.87
C VAL A 128 -22.60 11.17 45.28
N LYS A 129 -22.71 12.48 45.43
CA LYS A 129 -23.11 13.07 46.70
C LYS A 129 -23.78 14.42 46.48
N ALA A 130 -24.89 14.65 47.18
CA ALA A 130 -25.60 15.91 47.10
C ALA A 130 -26.39 16.17 48.38
N LEU A 131 -26.66 17.44 48.67
CA LEU A 131 -27.44 17.82 49.84
C LEU A 131 -28.03 19.21 49.67
N ARG A 132 -29.00 19.56 50.52
CA ARG A 132 -29.63 20.86 50.51
C ARG A 132 -30.53 21.02 51.72
N GLY A 133 -30.61 22.22 52.27
CA GLY A 133 -31.49 22.48 53.40
C GLY A 133 -31.71 23.96 53.61
N LYS A 134 -32.97 24.37 53.70
CA LYS A 134 -33.30 25.78 53.90
C LYS A 134 -34.59 25.91 54.69
N VAL A 135 -34.59 26.79 55.69
CA VAL A 135 -35.78 27.05 56.48
C VAL A 135 -35.75 28.46 57.06
N ARG A 136 -36.78 29.25 56.77
CA ARG A 136 -36.89 30.62 57.26
C ARG A 136 -38.28 30.85 57.85
N ARG A 137 -38.50 32.05 58.37
CA ARG A 137 -39.78 32.39 58.99
C ARG A 137 -40.11 33.86 58.78
N PRO A 138 -41.41 34.19 58.70
CA PRO A 138 -41.88 35.58 58.60
C PRO A 138 -41.60 36.37 59.88
N LEU A 139 -42.13 37.58 59.97
CA LEU A 139 -41.88 38.43 61.11
C LEU A 139 -43.13 39.20 61.54
N ASP A 140 -43.58 38.96 62.76
CA ASP A 140 -44.71 39.68 63.33
C ASP A 140 -44.22 40.94 64.03
N LEU A 141 -44.71 42.08 63.59
CA LEU A 141 -44.25 43.36 64.13
C LEU A 141 -45.42 44.22 64.56
N GLU A 142 -45.13 45.25 65.33
CA GLU A 142 -46.11 46.24 65.73
C GLU A 142 -45.62 47.63 65.36
N HIS A 143 -46.50 48.61 65.44
CA HIS A 143 -46.13 49.99 65.11
C HIS A 143 -47.13 50.96 65.72
N HIS A 144 -46.64 51.81 66.61
CA HIS A 144 -47.49 52.77 67.29
C HIS A 144 -47.86 53.90 66.33
N HIS A 145 -49.07 54.41 66.46
CA HIS A 145 -49.47 55.55 65.65
C HIS A 145 -49.94 56.67 66.58
N HIS A 146 -49.15 57.72 66.64
CA HIS A 146 -49.42 58.81 67.56
C HIS A 146 -49.94 60.02 66.79
N HIS A 147 -51.06 60.56 67.25
CA HIS A 147 -51.74 61.65 66.53
C HIS A 147 -50.96 62.95 66.62
N HIS A 148 -50.09 63.05 67.61
CA HIS A 148 -49.26 64.24 67.77
C HIS A 148 -48.03 63.90 68.61
N MET A 1 7.31 8.06 -10.42
CA MET A 1 6.32 9.15 -10.37
C MET A 1 4.91 8.57 -10.32
N ILE A 2 4.04 9.16 -9.50
CA ILE A 2 2.66 8.71 -9.40
C ILE A 2 1.79 9.50 -10.38
N ALA A 3 1.55 8.91 -11.54
CA ALA A 3 0.78 9.58 -12.58
C ALA A 3 -0.68 9.17 -12.53
N ILE A 4 -1.51 10.05 -12.00
CA ILE A 4 -2.95 9.83 -11.94
C ILE A 4 -3.57 10.26 -13.27
N SER A 5 -4.71 9.67 -13.60
CA SER A 5 -5.38 9.97 -14.85
C SER A 5 -6.01 11.36 -14.81
N ARG A 6 -6.43 11.81 -15.98
CA ARG A 6 -7.12 13.10 -16.16
C ARG A 6 -6.19 14.31 -15.92
N THR A 7 -5.88 14.62 -14.67
CA THR A 7 -5.18 15.88 -14.37
C THR A 7 -4.51 15.87 -12.98
N VAL A 8 -4.27 14.69 -12.42
CA VAL A 8 -3.68 14.61 -11.08
C VAL A 8 -2.36 13.85 -11.13
N SER A 9 -1.40 14.24 -10.29
CA SER A 9 -0.15 13.50 -10.15
C SER A 9 0.47 13.73 -8.78
N ILE A 10 1.22 12.74 -8.31
CA ILE A 10 1.91 12.82 -7.02
C ILE A 10 3.39 12.53 -7.22
N ALA A 11 4.24 13.28 -6.54
CA ALA A 11 5.69 13.12 -6.66
C ALA A 11 6.15 11.75 -6.20
N ASP A 12 7.18 11.24 -6.86
CA ASP A 12 7.63 9.86 -6.69
C ASP A 12 8.12 9.58 -5.26
N ASN A 13 8.87 10.50 -4.68
CA ASN A 13 9.50 10.24 -3.38
C ASN A 13 8.57 10.62 -2.23
N GLU A 14 7.30 10.90 -2.54
CA GLU A 14 6.32 11.21 -1.52
C GLU A 14 5.62 9.95 -1.03
N LEU A 15 6.00 8.81 -1.59
CA LEU A 15 5.42 7.53 -1.19
C LEU A 15 6.07 7.01 0.08
N GLU A 16 5.27 6.33 0.89
CA GLU A 16 5.79 5.68 2.08
C GLU A 16 6.12 4.23 1.77
N ILE A 17 7.40 3.91 1.84
CA ILE A 17 7.88 2.58 1.49
C ILE A 17 8.35 1.84 2.74
N THR A 18 7.65 0.77 3.07
CA THR A 18 7.98 -0.03 4.23
C THR A 18 8.49 -1.39 3.78
N ALA A 19 9.37 -1.98 4.57
CA ALA A 19 9.91 -3.30 4.28
C ALA A 19 9.12 -4.36 5.04
N ILE A 20 9.05 -5.56 4.47
CA ILE A 20 8.33 -6.64 5.11
C ILE A 20 9.32 -7.63 5.72
N ARG A 21 9.09 -7.96 6.99
CA ARG A 21 9.98 -8.87 7.73
C ARG A 21 9.79 -10.32 7.28
N ALA A 22 8.61 -10.86 7.53
CA ALA A 22 8.33 -12.26 7.23
C ALA A 22 7.20 -12.38 6.21
N GLN A 23 6.95 -13.59 5.73
CA GLN A 23 5.92 -13.80 4.74
C GLN A 23 4.56 -14.00 5.40
N GLY A 24 3.61 -13.14 5.08
CA GLY A 24 2.27 -13.28 5.60
C GLY A 24 1.45 -14.24 4.77
N ALA A 25 1.99 -15.43 4.56
CA ALA A 25 1.35 -16.46 3.75
C ALA A 25 1.99 -17.81 4.02
N GLY A 26 1.30 -18.65 4.76
CA GLY A 26 1.84 -19.97 5.08
C GLY A 26 1.33 -21.03 4.13
N GLY A 27 2.16 -21.39 3.17
CA GLY A 27 1.78 -22.39 2.19
C GLY A 27 2.66 -22.36 0.98
N GLN A 28 2.96 -21.15 0.51
CA GLN A 28 3.83 -20.97 -0.64
C GLN A 28 5.30 -21.03 -0.21
N HIS A 29 6.20 -20.93 -1.18
CA HIS A 29 7.63 -20.99 -0.90
C HIS A 29 8.04 -19.92 0.12
N VAL A 30 8.71 -20.35 1.18
CA VAL A 30 9.09 -19.43 2.26
C VAL A 30 10.59 -19.16 2.23
N ASN A 31 10.94 -17.91 2.40
CA ASN A 31 12.34 -17.51 2.50
C ASN A 31 12.45 -16.24 3.32
N LYS A 32 13.56 -16.08 4.03
CA LYS A 32 13.79 -14.90 4.84
C LYS A 32 14.57 -13.86 4.06
N THR A 33 13.87 -13.13 3.20
CA THR A 33 14.45 -12.07 2.41
C THR A 33 13.36 -11.07 2.01
N SER A 34 13.60 -9.80 2.25
CA SER A 34 12.64 -8.77 1.91
C SER A 34 12.67 -8.47 0.41
N SER A 35 11.98 -9.29 -0.35
CA SER A 35 11.82 -9.07 -1.77
C SER A 35 10.43 -8.53 -2.08
N ALA A 36 9.72 -8.17 -1.01
CA ALA A 36 8.38 -7.66 -1.12
C ALA A 36 8.32 -6.19 -0.73
N ILE A 37 7.66 -5.39 -1.54
CA ILE A 37 7.54 -3.97 -1.30
C ILE A 37 6.17 -3.65 -0.69
N HIS A 38 6.18 -2.90 0.40
CA HIS A 38 4.95 -2.50 1.07
C HIS A 38 4.84 -0.98 1.08
N LEU A 39 3.87 -0.45 0.34
CA LEU A 39 3.68 0.99 0.28
C LEU A 39 2.26 1.36 0.65
N ARG A 40 2.10 2.55 1.22
CA ARG A 40 0.79 3.04 1.60
C ARG A 40 0.57 4.43 1.00
N PHE A 41 -0.64 4.66 0.53
CA PHE A 41 -1.02 5.96 -0.01
C PHE A 41 -2.37 6.38 0.54
N ASP A 42 -2.38 7.42 1.35
CA ASP A 42 -3.61 7.90 1.96
C ASP A 42 -4.00 9.26 1.40
N ILE A 43 -5.26 9.63 1.60
CA ILE A 43 -5.79 10.90 1.12
C ILE A 43 -4.99 12.08 1.64
N ARG A 44 -4.66 12.04 2.93
CA ARG A 44 -4.01 13.17 3.59
C ARG A 44 -2.58 13.37 3.10
N ALA A 45 -2.05 12.40 2.37
CA ALA A 45 -0.69 12.48 1.84
C ALA A 45 -0.64 13.33 0.58
N SER A 46 -1.80 13.75 0.11
CA SER A 46 -1.88 14.56 -1.10
C SER A 46 -3.17 15.39 -1.10
N GLY A 47 -3.52 15.91 -2.25
CA GLY A 47 -4.74 16.67 -2.39
C GLY A 47 -5.65 16.07 -3.44
N LEU A 48 -6.06 14.83 -3.21
CA LEU A 48 -6.88 14.09 -4.16
C LEU A 48 -8.26 14.73 -4.31
N PRO A 49 -8.82 14.71 -5.52
CA PRO A 49 -10.16 15.24 -5.78
C PRO A 49 -11.22 14.45 -5.02
N GLU A 50 -12.24 15.15 -4.55
CA GLU A 50 -13.29 14.54 -3.73
C GLU A 50 -14.01 13.43 -4.49
N TYR A 51 -14.05 13.57 -5.82
CA TYR A 51 -14.68 12.58 -6.67
C TYR A 51 -13.98 11.23 -6.55
N TYR A 52 -12.67 11.26 -6.36
CA TYR A 52 -11.89 10.07 -6.15
C TYR A 52 -12.00 9.64 -4.70
N LYS A 53 -11.91 10.61 -3.79
CA LYS A 53 -11.98 10.37 -2.36
C LYS A 53 -13.25 9.64 -1.95
N GLN A 54 -14.39 10.06 -2.51
CA GLN A 54 -15.66 9.42 -2.23
C GLN A 54 -15.68 7.97 -2.71
N ARG A 55 -15.20 7.75 -3.93
CA ARG A 55 -15.21 6.43 -4.53
C ARG A 55 -14.28 5.46 -3.80
N LEU A 56 -13.27 6.01 -3.12
CA LEU A 56 -12.36 5.20 -2.33
C LEU A 56 -13.10 4.46 -1.22
N LEU A 57 -14.15 5.07 -0.72
CA LEU A 57 -14.92 4.51 0.39
C LEU A 57 -16.06 3.63 -0.11
N THR A 58 -16.49 3.87 -1.35
CA THR A 58 -17.61 3.14 -1.91
C THR A 58 -17.16 1.83 -2.56
N ALA A 59 -16.02 1.85 -3.23
CA ALA A 59 -15.51 0.67 -3.88
C ALA A 59 -14.50 -0.05 -3.01
N SER A 60 -15.00 -0.93 -2.16
CA SER A 60 -14.15 -1.72 -1.27
C SER A 60 -13.17 -2.57 -2.07
N HIS A 61 -11.91 -2.52 -1.71
CA HIS A 61 -10.86 -3.25 -2.40
C HIS A 61 -9.91 -3.88 -1.41
N HIS A 62 -9.19 -4.91 -1.86
CA HIS A 62 -8.25 -5.64 -0.99
C HIS A 62 -7.03 -4.79 -0.63
N LEU A 63 -7.01 -3.56 -1.13
CA LEU A 63 -5.90 -2.65 -0.84
C LEU A 63 -6.32 -1.59 0.17
N ILE A 64 -7.60 -1.56 0.50
CA ILE A 64 -8.12 -0.57 1.43
C ILE A 64 -8.05 -1.09 2.85
N SER A 65 -7.59 -0.25 3.76
CA SER A 65 -7.54 -0.62 5.16
C SER A 65 -8.82 -0.22 5.88
N ASP A 66 -9.10 1.09 5.94
CA ASP A 66 -10.27 1.58 6.64
C ASP A 66 -10.67 2.98 6.17
N ASP A 67 -9.93 4.00 6.61
CA ASP A 67 -10.35 5.38 6.41
C ASP A 67 -9.66 6.02 5.22
N GLY A 68 -9.87 5.43 4.05
CA GLY A 68 -9.42 6.03 2.80
C GLY A 68 -7.92 5.96 2.61
N VAL A 69 -7.32 4.86 3.00
CA VAL A 69 -5.90 4.65 2.74
C VAL A 69 -5.71 3.38 1.91
N ILE A 70 -4.77 3.43 0.99
CA ILE A 70 -4.51 2.31 0.10
C ILE A 70 -3.14 1.70 0.41
N ILE A 71 -3.15 0.45 0.83
CA ILE A 71 -1.92 -0.27 1.10
C ILE A 71 -1.69 -1.32 0.03
N ILE A 72 -0.56 -1.21 -0.65
CA ILE A 72 -0.21 -2.17 -1.68
C ILE A 72 1.04 -2.92 -1.26
N LYS A 73 1.00 -4.24 -1.36
CA LYS A 73 2.19 -5.04 -1.14
C LYS A 73 2.49 -5.80 -2.42
N ALA A 74 3.73 -5.75 -2.84
CA ALA A 74 4.14 -6.35 -4.08
C ALA A 74 5.13 -7.46 -3.82
N GLN A 75 4.91 -8.59 -4.45
CA GLN A 75 5.78 -9.74 -4.29
C GLN A 75 5.69 -10.61 -5.55
N GLU A 76 6.72 -10.53 -6.36
CA GLU A 76 6.81 -11.32 -7.58
C GLU A 76 7.93 -12.34 -7.44
N PHE A 77 9.17 -11.91 -7.64
CA PHE A 77 10.31 -12.79 -7.48
C PHE A 77 11.27 -12.27 -6.40
N ARG A 78 12.17 -11.38 -6.78
CA ARG A 78 13.17 -10.89 -5.84
C ARG A 78 13.68 -9.48 -6.21
N SER A 79 13.08 -8.89 -7.23
CA SER A 79 13.53 -7.60 -7.72
C SER A 79 12.67 -6.48 -7.15
N GLN A 80 13.16 -5.85 -6.08
CA GLN A 80 12.41 -4.82 -5.37
C GLN A 80 11.98 -3.68 -6.29
N GLU A 81 12.89 -3.26 -7.17
CA GLU A 81 12.66 -2.11 -8.03
C GLU A 81 11.43 -2.30 -8.92
N LEU A 82 11.40 -3.38 -9.69
CA LEU A 82 10.31 -3.62 -10.61
C LEU A 82 9.05 -4.00 -9.85
N ASN A 83 9.22 -4.65 -8.71
CA ASN A 83 8.08 -4.98 -7.85
C ASN A 83 7.42 -3.71 -7.34
N ARG A 84 8.25 -2.73 -6.98
CA ARG A 84 7.76 -1.42 -6.54
C ARG A 84 6.95 -0.76 -7.64
N GLU A 85 7.57 -0.65 -8.80
CA GLU A 85 6.93 -0.03 -9.96
C GLU A 85 5.63 -0.73 -10.33
N ALA A 86 5.62 -2.05 -10.22
CA ALA A 86 4.42 -2.83 -10.49
C ALA A 86 3.33 -2.52 -9.48
N ALA A 87 3.72 -2.35 -8.23
CA ALA A 87 2.77 -1.99 -7.18
C ALA A 87 2.16 -0.62 -7.46
N ILE A 88 2.97 0.27 -8.01
CA ILE A 88 2.49 1.59 -8.42
C ILE A 88 1.49 1.45 -9.57
N ALA A 89 1.85 0.66 -10.57
CA ALA A 89 0.97 0.40 -11.70
C ALA A 89 -0.33 -0.27 -11.22
N ARG A 90 -0.21 -1.11 -10.20
CA ARG A 90 -1.38 -1.76 -9.60
C ARG A 90 -2.37 -0.73 -9.08
N LEU A 91 -1.90 0.22 -8.30
CA LEU A 91 -2.78 1.22 -7.68
C LEU A 91 -3.36 2.14 -8.75
N VAL A 92 -2.58 2.42 -9.79
CA VAL A 92 -3.04 3.21 -10.93
C VAL A 92 -4.23 2.52 -11.60
N ALA A 93 -4.13 1.21 -11.81
CA ALA A 93 -5.21 0.44 -12.39
C ALA A 93 -6.44 0.46 -11.50
N VAL A 94 -6.21 0.36 -10.20
CA VAL A 94 -7.29 0.43 -9.22
C VAL A 94 -8.01 1.78 -9.31
N ILE A 95 -7.24 2.84 -9.46
CA ILE A 95 -7.80 4.18 -9.63
C ILE A 95 -8.78 4.21 -10.81
N LYS A 96 -8.41 3.54 -11.89
CA LYS A 96 -9.23 3.48 -13.08
C LYS A 96 -10.47 2.62 -12.86
N GLU A 97 -10.36 1.65 -11.97
CA GLU A 97 -11.49 0.79 -11.63
C GLU A 97 -12.54 1.58 -10.84
N LEU A 98 -12.07 2.45 -9.96
CA LEU A 98 -12.94 3.26 -9.13
C LEU A 98 -13.50 4.44 -9.90
N THR A 99 -12.67 5.05 -10.74
CA THR A 99 -13.08 6.23 -11.51
C THR A 99 -13.68 5.81 -12.84
N ALA A 100 -14.08 4.56 -12.94
CA ALA A 100 -14.65 4.01 -14.15
C ALA A 100 -16.01 4.63 -14.47
N GLU A 101 -16.47 4.40 -15.68
CA GLU A 101 -17.76 4.89 -16.13
C GLU A 101 -18.80 3.78 -15.93
N GLN A 102 -20.09 4.15 -15.92
CA GLN A 102 -21.16 3.21 -15.62
C GLN A 102 -21.10 2.80 -14.15
N LYS A 103 -21.79 1.72 -13.80
CA LYS A 103 -21.82 1.25 -12.43
C LYS A 103 -20.55 0.51 -12.07
N SER A 104 -20.44 -0.72 -12.56
CA SER A 104 -19.30 -1.60 -12.26
C SER A 104 -19.12 -1.78 -10.74
N ARG A 105 -17.99 -2.39 -10.37
CA ARG A 105 -17.57 -2.55 -8.98
C ARG A 105 -18.71 -3.06 -8.09
N ARG A 106 -19.44 -4.04 -8.60
CA ARG A 106 -20.55 -4.62 -7.87
C ARG A 106 -20.03 -5.65 -6.86
N ALA A 107 -18.77 -6.02 -7.01
CA ALA A 107 -18.11 -6.93 -6.08
C ALA A 107 -17.39 -6.14 -5.00
N THR A 108 -18.07 -5.93 -3.89
CA THR A 108 -17.52 -5.15 -2.78
C THR A 108 -17.31 -6.03 -1.56
N ARG A 109 -16.08 -6.02 -1.05
CA ARG A 109 -15.75 -6.72 0.19
C ARG A 109 -15.17 -5.74 1.21
N PRO A 110 -16.01 -5.31 2.16
CA PRO A 110 -15.63 -4.33 3.17
C PRO A 110 -14.62 -4.87 4.19
N THR A 111 -13.41 -4.34 4.13
CA THR A 111 -12.41 -4.64 5.12
C THR A 111 -12.29 -3.49 6.10
N ARG A 112 -12.35 -3.80 7.38
CA ARG A 112 -12.37 -2.78 8.42
C ARG A 112 -11.13 -2.91 9.30
N ALA A 113 -10.00 -2.47 8.77
CA ALA A 113 -8.72 -2.62 9.46
C ALA A 113 -8.11 -1.27 9.81
N SER A 114 -8.08 -0.97 11.09
CA SER A 114 -7.54 0.29 11.56
C SER A 114 -6.20 0.08 12.26
N LYS A 115 -5.21 0.87 11.87
CA LYS A 115 -3.87 0.74 12.42
C LYS A 115 -3.17 2.09 12.38
N GLU A 116 -3.15 2.77 13.52
CA GLU A 116 -2.61 4.12 13.57
C GLU A 116 -1.72 4.32 14.79
N ARG A 117 -0.44 4.60 14.56
CA ARG A 117 0.48 4.99 15.62
C ARG A 117 1.81 5.38 15.00
N ARG A 118 2.49 6.35 15.61
CA ARG A 118 3.77 6.82 15.11
C ARG A 118 4.68 7.27 16.24
N LEU A 119 5.75 6.52 16.45
CA LEU A 119 6.71 6.83 17.51
C LEU A 119 8.13 6.60 17.00
N SER A 120 8.25 6.41 15.70
CA SER A 120 9.52 6.08 15.08
C SER A 120 10.33 7.34 14.76
N SER A 121 10.33 8.29 15.68
CA SER A 121 10.93 9.59 15.41
C SER A 121 11.83 10.07 16.55
N LYS A 122 12.34 9.15 17.38
CA LYS A 122 13.29 9.54 18.42
C LYS A 122 14.43 8.54 18.52
N ALA A 123 15.64 9.03 18.32
CA ALA A 123 16.84 8.21 18.35
C ALA A 123 18.07 9.08 18.08
N GLN A 124 18.99 9.14 19.04
CA GLN A 124 20.16 9.98 18.88
C GLN A 124 21.38 9.35 19.56
N LYS A 125 22.26 8.78 18.76
CA LYS A 125 23.55 8.30 19.23
C LYS A 125 24.42 7.90 18.06
N SER A 126 25.40 8.73 17.75
CA SER A 126 26.33 8.47 16.66
C SER A 126 27.64 9.23 16.87
N SER A 127 28.46 8.73 17.80
CA SER A 127 29.75 9.34 18.10
C SER A 127 30.62 8.35 18.89
N VAL A 128 31.47 7.62 18.20
CA VAL A 128 32.37 6.68 18.87
C VAL A 128 33.57 6.33 17.98
N LYS A 129 34.61 7.17 18.07
CA LYS A 129 35.88 6.92 17.40
C LYS A 129 36.97 7.74 18.08
N ALA A 130 37.92 7.04 18.69
CA ALA A 130 39.02 7.69 19.41
C ALA A 130 40.05 6.65 19.84
N LEU A 131 41.01 6.38 18.98
CA LEU A 131 42.04 5.39 19.28
C LEU A 131 43.39 5.81 18.70
N ARG A 132 44.13 6.57 19.48
CA ARG A 132 45.52 6.92 19.15
C ARG A 132 46.21 7.42 20.41
N GLY A 133 46.96 6.54 21.05
CA GLY A 133 47.70 6.92 22.25
C GLY A 133 48.84 5.97 22.51
N LYS A 134 50.04 6.51 22.61
CA LYS A 134 51.22 5.70 22.85
C LYS A 134 52.29 6.51 23.57
N VAL A 135 52.98 5.86 24.50
CA VAL A 135 54.07 6.51 25.23
C VAL A 135 55.26 6.76 24.33
N ARG A 136 55.85 7.94 24.45
CA ARG A 136 56.98 8.33 23.63
C ARG A 136 57.83 9.39 24.34
N ARG A 137 59.13 9.18 24.34
CA ARG A 137 60.07 10.11 24.93
C ARG A 137 61.50 9.70 24.60
N PRO A 138 62.24 10.56 23.88
CA PRO A 138 63.65 10.34 23.61
C PRO A 138 64.53 10.86 24.73
N LEU A 139 65.68 10.23 24.94
CA LEU A 139 66.59 10.63 26.00
C LEU A 139 67.95 11.01 25.43
N ASP A 140 68.22 12.31 25.40
CA ASP A 140 69.52 12.82 24.97
C ASP A 140 70.37 13.11 26.19
N LEU A 141 69.84 12.72 27.35
CA LEU A 141 70.47 12.99 28.63
C LEU A 141 71.84 12.32 28.74
N GLU A 142 72.88 13.11 28.58
CA GLU A 142 74.25 12.65 28.74
C GLU A 142 75.19 13.84 28.81
N HIS A 143 75.76 14.05 29.98
CA HIS A 143 76.74 15.11 30.16
C HIS A 143 78.07 14.51 30.59
N HIS A 144 78.97 14.39 29.63
CA HIS A 144 80.28 13.79 29.86
C HIS A 144 81.16 14.74 30.67
N HIS A 145 80.98 14.72 31.99
CA HIS A 145 81.68 15.64 32.86
C HIS A 145 82.29 14.90 34.05
N HIS A 146 83.41 14.24 33.80
CA HIS A 146 84.16 13.56 34.85
C HIS A 146 85.65 13.79 34.65
N HIS A 147 86.18 14.84 35.26
CA HIS A 147 87.58 15.18 35.11
C HIS A 147 88.41 14.80 36.32
N HIS A 148 89.64 14.37 36.08
CA HIS A 148 90.61 14.13 37.14
C HIS A 148 92.01 14.36 36.61
N MET A 1 7.60 12.20 -10.84
CA MET A 1 6.25 12.23 -10.23
C MET A 1 5.30 11.31 -10.99
N ILE A 2 4.43 10.63 -10.25
CA ILE A 2 3.50 9.69 -10.85
C ILE A 2 2.29 10.42 -11.43
N ALA A 3 2.08 10.28 -12.72
CA ALA A 3 0.97 10.95 -13.40
C ALA A 3 -0.29 10.08 -13.35
N ILE A 4 -1.35 10.64 -12.79
CA ILE A 4 -2.64 9.97 -12.69
C ILE A 4 -3.55 10.50 -13.79
N SER A 5 -4.67 9.83 -14.05
CA SER A 5 -5.65 10.32 -15.01
C SER A 5 -6.09 11.73 -14.64
N ARG A 6 -6.42 12.54 -15.64
CA ARG A 6 -6.61 13.98 -15.47
C ARG A 6 -5.25 14.65 -15.23
N THR A 7 -5.25 15.88 -14.74
CA THR A 7 -4.00 16.62 -14.55
C THR A 7 -3.42 16.39 -13.15
N VAL A 8 -4.05 15.50 -12.38
CA VAL A 8 -3.60 15.24 -11.01
C VAL A 8 -2.38 14.31 -11.02
N SER A 9 -1.46 14.52 -10.08
CA SER A 9 -0.26 13.72 -10.00
C SER A 9 0.18 13.56 -8.55
N ILE A 10 0.92 12.49 -8.26
CA ILE A 10 1.39 12.20 -6.91
C ILE A 10 2.91 12.02 -6.91
N ALA A 11 3.57 12.62 -5.93
CA ALA A 11 5.02 12.50 -5.84
C ALA A 11 5.40 11.19 -5.17
N ASP A 12 6.40 10.51 -5.72
CA ASP A 12 6.84 9.23 -5.20
C ASP A 12 7.45 9.37 -3.82
N ASN A 13 7.86 10.58 -3.48
CA ASN A 13 8.43 10.87 -2.17
C ASN A 13 7.34 10.84 -1.09
N GLU A 14 6.10 11.05 -1.51
CA GLU A 14 4.97 11.07 -0.61
C GLU A 14 4.55 9.66 -0.22
N LEU A 15 5.02 8.68 -0.98
CA LEU A 15 4.64 7.29 -0.76
C LEU A 15 5.50 6.66 0.34
N GLU A 16 4.85 6.14 1.36
CA GLU A 16 5.53 5.48 2.45
C GLU A 16 5.84 4.05 2.07
N ILE A 17 7.10 3.80 1.75
CA ILE A 17 7.55 2.50 1.31
C ILE A 17 8.18 1.73 2.47
N THR A 18 7.76 0.50 2.67
CA THR A 18 8.24 -0.32 3.77
C THR A 18 8.58 -1.73 3.27
N ALA A 19 9.54 -2.37 3.91
CA ALA A 19 9.88 -3.75 3.61
C ALA A 19 9.19 -4.69 4.60
N ILE A 20 8.50 -5.70 4.08
CA ILE A 20 7.72 -6.59 4.93
C ILE A 20 8.40 -7.94 5.14
N ARG A 21 8.56 -8.33 6.40
CA ARG A 21 8.97 -9.68 6.75
C ARG A 21 7.97 -10.31 7.70
N ALA A 22 7.12 -11.18 7.15
CA ALA A 22 6.19 -11.99 7.95
C ALA A 22 5.20 -11.15 8.77
N GLN A 23 5.00 -9.89 8.39
CA GLN A 23 4.08 -9.02 9.12
C GLN A 23 2.64 -9.41 8.86
N GLY A 24 1.82 -9.28 9.89
CA GLY A 24 0.43 -9.68 9.79
C GLY A 24 -0.53 -8.54 10.02
N ALA A 25 -0.47 -7.54 9.14
CA ALA A 25 -1.37 -6.41 9.22
C ALA A 25 -1.65 -5.85 7.82
N GLY A 26 -2.93 -5.58 7.54
CA GLY A 26 -3.30 -5.05 6.24
C GLY A 26 -2.96 -6.00 5.12
N GLY A 27 -3.68 -7.11 5.04
CA GLY A 27 -3.33 -8.14 4.10
C GLY A 27 -2.10 -8.86 4.57
N GLN A 28 -2.25 -9.67 5.60
CA GLN A 28 -1.14 -10.30 6.28
C GLN A 28 -0.36 -11.24 5.38
N HIS A 29 0.96 -11.12 5.49
CA HIS A 29 1.90 -11.96 4.75
C HIS A 29 1.72 -11.82 3.24
N VAL A 30 2.44 -12.63 2.48
CA VAL A 30 2.33 -12.63 1.03
C VAL A 30 3.14 -13.79 0.43
N ASN A 31 4.25 -14.09 1.08
CA ASN A 31 5.14 -15.16 0.64
C ASN A 31 5.65 -15.94 1.83
N LYS A 32 6.00 -17.20 1.63
CA LYS A 32 6.52 -18.04 2.69
C LYS A 32 7.92 -17.59 3.10
N THR A 33 8.57 -16.86 2.21
CA THR A 33 9.91 -16.34 2.49
C THR A 33 9.88 -14.82 2.53
N SER A 34 8.66 -14.26 2.58
CA SER A 34 8.49 -12.81 2.63
C SER A 34 9.13 -12.14 1.42
N SER A 35 9.59 -10.90 1.59
CA SER A 35 10.19 -10.10 0.53
C SER A 35 9.14 -9.54 -0.41
N ALA A 36 8.58 -8.42 -0.02
CA ALA A 36 7.58 -7.71 -0.81
C ALA A 36 7.65 -6.23 -0.50
N ILE A 37 7.13 -5.42 -1.39
CA ILE A 37 7.18 -3.97 -1.20
C ILE A 37 5.85 -3.48 -0.66
N HIS A 38 5.92 -2.74 0.44
CA HIS A 38 4.76 -2.13 1.05
C HIS A 38 4.70 -0.65 0.73
N LEU A 39 3.60 -0.20 0.18
CA LEU A 39 3.39 1.22 -0.01
C LEU A 39 2.00 1.58 0.49
N ARG A 40 1.88 2.76 1.05
CA ARG A 40 0.60 3.25 1.52
C ARG A 40 0.43 4.71 1.17
N PHE A 41 -0.81 5.14 1.06
CA PHE A 41 -1.13 6.53 0.76
C PHE A 41 -2.49 6.89 1.33
N ASP A 42 -2.51 7.86 2.24
CA ASP A 42 -3.76 8.28 2.85
C ASP A 42 -4.46 9.31 1.97
N ILE A 43 -5.15 8.79 0.97
CA ILE A 43 -5.91 9.61 0.02
C ILE A 43 -6.92 10.49 0.76
N ARG A 44 -7.58 9.90 1.74
CA ARG A 44 -8.56 10.61 2.55
C ARG A 44 -7.94 11.85 3.21
N ALA A 45 -6.63 11.84 3.40
CA ALA A 45 -5.95 12.96 4.02
C ALA A 45 -5.34 13.88 2.97
N SER A 46 -4.53 13.33 2.08
CA SER A 46 -3.82 14.13 1.11
C SER A 46 -3.72 13.41 -0.23
N GLY A 47 -3.69 14.19 -1.31
CA GLY A 47 -3.33 13.65 -2.60
C GLY A 47 -4.40 13.81 -3.66
N LEU A 48 -5.20 12.76 -3.82
CA LEU A 48 -6.17 12.68 -4.91
C LEU A 48 -7.40 13.55 -4.67
N PRO A 49 -8.08 13.95 -5.75
CA PRO A 49 -9.33 14.72 -5.68
C PRO A 49 -10.41 13.95 -4.93
N GLU A 50 -11.33 14.69 -4.33
CA GLU A 50 -12.37 14.09 -3.49
C GLU A 50 -13.36 13.28 -4.32
N TYR A 51 -13.41 13.53 -5.62
CA TYR A 51 -14.22 12.71 -6.53
C TYR A 51 -13.81 11.26 -6.43
N TYR A 52 -12.52 11.00 -6.62
CA TYR A 52 -11.96 9.67 -6.47
C TYR A 52 -12.08 9.21 -5.02
N LYS A 53 -11.73 10.11 -4.11
CA LYS A 53 -11.70 9.83 -2.67
C LYS A 53 -13.02 9.20 -2.20
N GLN A 54 -14.13 9.86 -2.50
CA GLN A 54 -15.44 9.39 -2.05
C GLN A 54 -15.77 8.00 -2.58
N ARG A 55 -15.46 7.77 -3.85
CA ARG A 55 -15.75 6.49 -4.48
C ARG A 55 -14.90 5.37 -3.90
N LEU A 56 -13.69 5.70 -3.48
CA LEU A 56 -12.78 4.74 -2.89
C LEU A 56 -13.30 4.22 -1.56
N LEU A 57 -13.97 5.09 -0.81
CA LEU A 57 -14.52 4.72 0.48
C LEU A 57 -15.86 4.03 0.31
N THR A 58 -16.72 4.56 -0.54
CA THR A 58 -18.04 4.02 -0.74
C THR A 58 -17.99 2.63 -1.40
N ALA A 59 -17.05 2.45 -2.32
CA ALA A 59 -16.83 1.15 -2.92
C ALA A 59 -15.65 0.47 -2.26
N SER A 60 -15.90 -0.18 -1.12
CA SER A 60 -14.85 -0.85 -0.38
C SER A 60 -14.37 -2.08 -1.15
N HIS A 61 -13.33 -1.89 -1.95
CA HIS A 61 -12.80 -2.93 -2.84
C HIS A 61 -11.80 -3.81 -2.08
N HIS A 62 -11.82 -3.70 -0.75
CA HIS A 62 -10.95 -4.47 0.15
C HIS A 62 -9.50 -3.98 0.09
N LEU A 63 -9.07 -3.55 -1.09
CA LEU A 63 -7.74 -2.95 -1.26
C LEU A 63 -7.65 -1.65 -0.46
N ILE A 64 -8.79 -1.03 -0.21
CA ILE A 64 -8.88 0.07 0.73
C ILE A 64 -8.80 -0.51 2.13
N SER A 65 -7.85 -0.03 2.92
CA SER A 65 -7.53 -0.67 4.19
C SER A 65 -8.58 -0.41 5.25
N ASP A 66 -8.73 0.85 5.64
CA ASP A 66 -9.65 1.18 6.73
C ASP A 66 -10.26 2.56 6.56
N ASP A 67 -9.52 3.58 6.96
CA ASP A 67 -10.06 4.93 7.01
C ASP A 67 -9.50 5.77 5.86
N GLY A 68 -9.81 5.34 4.65
CA GLY A 68 -9.44 6.10 3.46
C GLY A 68 -7.98 6.02 3.11
N VAL A 69 -7.36 4.89 3.41
CA VAL A 69 -5.95 4.69 3.12
C VAL A 69 -5.78 3.42 2.29
N ILE A 70 -4.84 3.44 1.37
CA ILE A 70 -4.59 2.28 0.53
C ILE A 70 -3.25 1.63 0.88
N ILE A 71 -3.27 0.33 1.08
CA ILE A 71 -2.07 -0.44 1.30
C ILE A 71 -1.98 -1.55 0.27
N ILE A 72 -0.95 -1.49 -0.57
CA ILE A 72 -0.77 -2.46 -1.64
C ILE A 72 0.48 -3.31 -1.38
N LYS A 73 0.45 -4.56 -1.81
CA LYS A 73 1.63 -5.42 -1.76
C LYS A 73 2.01 -5.87 -3.16
N ALA A 74 3.29 -6.13 -3.34
CA ALA A 74 3.80 -6.54 -4.63
C ALA A 74 5.11 -7.30 -4.48
N GLN A 75 5.25 -8.38 -5.23
CA GLN A 75 6.45 -9.18 -5.23
C GLN A 75 6.45 -10.16 -6.41
N GLU A 76 7.23 -9.86 -7.43
CA GLU A 76 7.35 -10.76 -8.57
C GLU A 76 8.72 -11.41 -8.60
N PHE A 77 9.73 -10.72 -8.07
CA PHE A 77 11.09 -11.24 -8.05
C PHE A 77 11.86 -10.59 -6.91
N ARG A 78 13.15 -10.86 -6.84
CA ARG A 78 14.01 -10.26 -5.81
C ARG A 78 14.19 -8.77 -6.07
N SER A 79 14.11 -8.39 -7.35
CA SER A 79 14.32 -7.02 -7.78
C SER A 79 13.32 -6.07 -7.13
N GLN A 80 13.83 -5.24 -6.22
CA GLN A 80 13.01 -4.26 -5.52
C GLN A 80 12.39 -3.28 -6.51
N GLU A 81 13.18 -2.85 -7.48
CA GLU A 81 12.77 -1.84 -8.46
C GLU A 81 11.47 -2.25 -9.16
N LEU A 82 11.45 -3.48 -9.67
CA LEU A 82 10.30 -4.00 -10.40
C LEU A 82 9.12 -4.22 -9.46
N ASN A 83 9.40 -4.58 -8.22
CA ASN A 83 8.34 -4.78 -7.24
C ASN A 83 7.70 -3.45 -6.86
N ARG A 84 8.52 -2.39 -6.82
CA ARG A 84 8.02 -1.06 -6.57
C ARG A 84 7.16 -0.57 -7.74
N GLU A 85 7.69 -0.74 -8.95
CA GLU A 85 7.00 -0.27 -10.14
C GLU A 85 5.70 -1.03 -10.35
N ALA A 86 5.69 -2.31 -9.97
CA ALA A 86 4.50 -3.13 -10.05
C ALA A 86 3.46 -2.65 -9.04
N ALA A 87 3.91 -2.28 -7.86
CA ALA A 87 3.02 -1.76 -6.83
C ALA A 87 2.35 -0.47 -7.30
N ILE A 88 3.13 0.38 -7.95
CA ILE A 88 2.61 1.62 -8.52
C ILE A 88 1.58 1.32 -9.59
N ALA A 89 1.92 0.44 -10.51
CA ALA A 89 1.01 0.08 -11.60
C ALA A 89 -0.27 -0.57 -11.06
N ARG A 90 -0.13 -1.34 -9.99
CA ARG A 90 -1.27 -1.98 -9.35
C ARG A 90 -2.25 -0.96 -8.77
N LEU A 91 -1.73 0.12 -8.18
CA LEU A 91 -2.60 1.15 -7.59
C LEU A 91 -3.26 1.95 -8.69
N VAL A 92 -2.55 2.16 -9.79
CA VAL A 92 -3.11 2.83 -10.96
C VAL A 92 -4.27 2.01 -11.53
N ALA A 93 -4.11 0.69 -11.48
CA ALA A 93 -5.17 -0.22 -11.90
C ALA A 93 -6.41 -0.05 -11.02
N VAL A 94 -6.20 0.10 -9.73
CA VAL A 94 -7.31 0.32 -8.79
C VAL A 94 -8.01 1.64 -9.08
N ILE A 95 -7.22 2.69 -9.31
CA ILE A 95 -7.77 3.99 -9.70
C ILE A 95 -8.64 3.85 -10.94
N LYS A 96 -8.13 3.09 -11.92
CA LYS A 96 -8.82 2.83 -13.15
C LYS A 96 -10.14 2.09 -12.92
N GLU A 97 -10.19 1.27 -11.87
CA GLU A 97 -11.39 0.51 -11.52
C GLU A 97 -12.52 1.44 -11.10
N LEU A 98 -12.19 2.42 -10.27
CA LEU A 98 -13.20 3.31 -9.69
C LEU A 98 -13.84 4.20 -10.75
N THR A 99 -13.07 4.60 -11.73
CA THR A 99 -13.60 5.44 -12.80
C THR A 99 -14.27 4.60 -13.88
N ALA A 100 -14.09 3.28 -13.82
CA ALA A 100 -14.76 2.39 -14.75
C ALA A 100 -16.21 2.17 -14.32
N GLU A 101 -17.13 2.54 -15.19
CA GLU A 101 -18.55 2.48 -14.91
C GLU A 101 -19.03 1.03 -14.86
N GLN A 102 -18.58 0.25 -15.84
CA GLN A 102 -18.93 -1.16 -15.91
C GLN A 102 -17.64 -1.99 -15.92
N LYS A 103 -17.40 -2.72 -14.84
CA LYS A 103 -16.16 -3.46 -14.70
C LYS A 103 -16.40 -4.91 -14.28
N SER A 104 -16.69 -5.12 -13.00
CA SER A 104 -16.81 -6.46 -12.42
C SER A 104 -15.45 -7.16 -12.46
N ARG A 105 -15.39 -8.40 -11.93
CA ARG A 105 -14.16 -9.20 -11.94
C ARG A 105 -13.12 -8.61 -10.98
N ARG A 106 -12.06 -9.38 -10.68
CA ARG A 106 -10.91 -8.89 -9.93
C ARG A 106 -11.31 -8.56 -8.48
N ALA A 107 -12.10 -9.44 -7.89
CA ALA A 107 -12.61 -9.23 -6.55
C ALA A 107 -12.19 -10.34 -5.59
N THR A 108 -11.12 -11.05 -5.94
CA THR A 108 -10.68 -12.17 -5.12
C THR A 108 -9.16 -12.18 -4.96
N ARG A 109 -8.71 -12.18 -3.71
CA ARG A 109 -7.29 -12.31 -3.38
C ARG A 109 -7.12 -13.07 -2.08
N PRO A 110 -6.57 -14.28 -2.13
CA PRO A 110 -6.33 -15.11 -0.95
C PRO A 110 -5.31 -14.47 0.01
N THR A 111 -5.51 -14.71 1.30
CA THR A 111 -4.64 -14.17 2.33
C THR A 111 -4.28 -15.27 3.34
N ARG A 112 -2.99 -15.55 3.47
CA ARG A 112 -2.53 -16.66 4.29
C ARG A 112 -2.14 -16.20 5.69
N ALA A 113 -2.72 -16.85 6.69
CA ALA A 113 -2.38 -16.57 8.08
C ALA A 113 -1.42 -17.61 8.63
N SER A 114 -0.16 -17.50 8.23
CA SER A 114 0.89 -18.39 8.73
C SER A 114 1.74 -17.66 9.77
N LYS A 115 1.93 -18.27 10.92
CA LYS A 115 2.59 -17.63 12.04
C LYS A 115 3.96 -18.24 12.31
N GLU A 116 4.83 -17.47 12.95
CA GLU A 116 6.10 -17.97 13.45
C GLU A 116 6.21 -17.68 14.94
N ARG A 117 6.10 -16.39 15.28
CA ARG A 117 6.15 -15.92 16.66
C ARG A 117 7.39 -16.47 17.37
N ARG A 118 8.56 -15.99 16.98
CA ARG A 118 9.81 -16.50 17.52
C ARG A 118 10.79 -15.36 17.80
N LEU A 119 11.38 -15.39 18.98
CA LEU A 119 12.36 -14.39 19.39
C LEU A 119 13.30 -14.95 20.46
N SER A 120 14.49 -14.39 20.53
CA SER A 120 15.50 -14.77 21.51
C SER A 120 16.72 -13.87 21.36
N SER A 121 16.82 -12.84 22.19
CA SER A 121 17.91 -11.89 22.06
C SER A 121 18.73 -11.76 23.35
N LYS A 122 19.89 -12.42 23.38
CA LYS A 122 20.87 -12.23 24.43
C LYS A 122 22.24 -12.74 23.96
N ALA A 123 23.19 -11.83 23.80
CA ALA A 123 24.52 -12.21 23.34
C ALA A 123 25.60 -11.25 23.81
N GLN A 124 26.21 -11.58 24.94
CA GLN A 124 27.38 -10.86 25.41
C GLN A 124 28.19 -11.76 26.35
N LYS A 125 28.86 -12.74 25.76
CA LYS A 125 29.70 -13.67 26.49
C LYS A 125 30.94 -13.99 25.67
N SER A 126 32.09 -13.53 26.13
CA SER A 126 33.31 -13.70 25.37
C SER A 126 34.31 -14.58 26.11
N SER A 127 34.44 -15.81 25.65
CA SER A 127 35.44 -16.73 26.16
C SER A 127 36.34 -17.15 25.01
N VAL A 128 37.65 -17.02 25.19
CA VAL A 128 38.58 -17.23 24.08
C VAL A 128 39.77 -18.11 24.48
N LYS A 129 39.84 -19.28 23.88
CA LYS A 129 40.99 -20.18 24.00
C LYS A 129 40.96 -21.22 22.89
N ALA A 130 41.45 -20.85 21.71
CA ALA A 130 41.52 -21.77 20.60
C ALA A 130 42.83 -22.53 20.61
N LEU A 131 42.78 -23.77 21.09
CA LEU A 131 43.98 -24.59 21.19
C LEU A 131 43.60 -26.06 21.19
N ARG A 132 44.22 -26.82 20.30
CA ARG A 132 44.00 -28.26 20.20
C ARG A 132 45.25 -28.95 19.68
N GLY A 133 45.26 -30.27 19.66
CA GLY A 133 46.40 -31.00 19.13
C GLY A 133 46.46 -32.44 19.61
N LYS A 134 46.03 -33.36 18.75
CA LYS A 134 46.09 -34.78 19.06
C LYS A 134 45.94 -35.61 17.79
N VAL A 135 46.47 -36.81 17.81
CA VAL A 135 46.35 -37.74 16.69
C VAL A 135 46.20 -39.16 17.22
N ARG A 136 45.39 -39.98 16.56
CA ARG A 136 45.14 -41.33 17.02
C ARG A 136 45.58 -42.36 15.99
N ARG A 137 45.55 -43.64 16.39
CA ARG A 137 45.91 -44.73 15.50
C ARG A 137 44.71 -45.66 15.29
N PRO A 138 44.49 -46.10 14.04
CA PRO A 138 43.44 -47.06 13.72
C PRO A 138 43.78 -48.46 14.23
N LEU A 139 42.76 -49.22 14.60
CA LEU A 139 42.94 -50.56 15.14
C LEU A 139 42.89 -51.58 14.01
N ASP A 140 43.85 -52.50 13.99
CA ASP A 140 43.94 -53.51 12.94
C ASP A 140 43.70 -54.89 13.51
N LEU A 141 43.08 -55.75 12.71
CA LEU A 141 42.81 -57.11 13.13
C LEU A 141 42.54 -58.02 11.93
N GLU A 142 42.87 -59.29 12.09
CA GLU A 142 42.51 -60.32 11.13
C GLU A 142 42.02 -61.54 11.91
N HIS A 143 40.71 -61.73 11.90
CA HIS A 143 40.13 -62.81 12.68
C HIS A 143 39.44 -63.82 11.77
N HIS A 144 40.14 -64.90 11.49
CA HIS A 144 39.61 -65.96 10.64
C HIS A 144 39.24 -67.18 11.47
N HIS A 145 38.36 -68.00 10.95
CA HIS A 145 38.00 -69.26 11.58
C HIS A 145 37.73 -70.31 10.51
N HIS A 146 38.26 -71.50 10.71
CA HIS A 146 38.25 -72.51 9.65
C HIS A 146 38.01 -73.91 10.21
N HIS A 147 36.90 -74.50 9.81
CA HIS A 147 36.61 -75.90 10.12
C HIS A 147 36.08 -76.58 8.87
N HIS A 148 36.06 -77.91 8.86
CA HIS A 148 35.61 -78.62 7.67
C HIS A 148 34.26 -79.29 7.92
N MET A 1 8.15 9.80 -9.23
CA MET A 1 6.90 10.41 -8.70
C MET A 1 5.71 9.49 -8.99
N ILE A 2 4.63 9.66 -8.25
CA ILE A 2 3.44 8.85 -8.46
C ILE A 2 2.53 9.50 -9.48
N ALA A 3 2.20 8.76 -10.53
CA ALA A 3 1.35 9.27 -11.59
C ALA A 3 -0.08 8.78 -11.43
N ILE A 4 -1.02 9.72 -11.45
CA ILE A 4 -2.43 9.40 -11.35
C ILE A 4 -3.10 9.67 -12.70
N SER A 5 -4.31 9.17 -12.88
CA SER A 5 -5.04 9.36 -14.12
C SER A 5 -5.38 10.84 -14.36
N ARG A 6 -5.88 11.13 -15.56
CA ARG A 6 -6.24 12.50 -15.97
C ARG A 6 -4.99 13.36 -16.15
N THR A 7 -4.44 13.83 -15.05
CA THR A 7 -3.26 14.69 -15.08
C THR A 7 -2.74 14.95 -13.66
N VAL A 8 -3.11 14.08 -12.72
CA VAL A 8 -2.74 14.26 -11.32
C VAL A 8 -1.42 13.56 -11.02
N SER A 9 -0.62 14.14 -10.16
CA SER A 9 0.63 13.52 -9.75
C SER A 9 0.92 13.77 -8.28
N ILE A 10 1.63 12.84 -7.65
CA ILE A 10 1.96 12.94 -6.24
C ILE A 10 3.47 12.76 -6.06
N ALA A 11 4.04 13.49 -5.11
CA ALA A 11 5.48 13.42 -4.86
C ALA A 11 5.87 12.05 -4.32
N ASP A 12 6.99 11.55 -4.82
CA ASP A 12 7.49 10.22 -4.45
C ASP A 12 7.86 10.16 -2.97
N ASN A 13 8.24 11.30 -2.42
CA ASN A 13 8.70 11.39 -1.04
C ASN A 13 7.54 11.43 -0.05
N GLU A 14 6.31 11.47 -0.55
CA GLU A 14 5.15 11.56 0.29
C GLU A 14 4.70 10.19 0.82
N LEU A 15 4.59 9.23 -0.08
CA LEU A 15 4.08 7.92 0.28
C LEU A 15 5.16 7.10 1.00
N GLU A 16 4.72 6.27 1.94
CA GLU A 16 5.62 5.45 2.71
C GLU A 16 6.05 4.22 1.92
N ILE A 17 7.20 4.29 1.29
CA ILE A 17 7.76 3.15 0.58
C ILE A 17 8.61 2.33 1.55
N THR A 18 8.15 1.13 1.86
CA THR A 18 8.84 0.28 2.85
C THR A 18 8.91 -1.17 2.38
N ALA A 19 9.94 -1.87 2.82
CA ALA A 19 10.09 -3.29 2.52
C ALA A 19 9.25 -4.11 3.49
N ILE A 20 8.79 -5.28 3.05
CA ILE A 20 7.90 -6.08 3.87
C ILE A 20 8.66 -6.99 4.82
N ARG A 21 8.84 -6.52 6.03
CA ARG A 21 9.28 -7.37 7.12
C ARG A 21 8.05 -7.85 7.86
N ALA A 22 7.53 -9.00 7.45
CA ALA A 22 6.23 -9.46 7.91
C ALA A 22 6.33 -10.25 9.22
N GLN A 23 7.41 -10.05 9.96
CA GLN A 23 7.65 -10.72 11.24
C GLN A 23 8.02 -12.19 11.03
N GLY A 24 8.82 -12.73 11.94
CA GLY A 24 9.20 -14.12 11.88
C GLY A 24 9.89 -14.55 13.16
N ALA A 25 9.56 -15.74 13.63
CA ALA A 25 10.13 -16.25 14.88
C ALA A 25 11.27 -17.22 14.60
N GLY A 26 11.95 -17.64 15.65
CA GLY A 26 13.03 -18.59 15.51
C GLY A 26 12.51 -20.00 15.33
N GLY A 27 12.03 -20.29 14.13
CA GLY A 27 11.47 -21.59 13.84
C GLY A 27 10.14 -21.45 13.13
N GLN A 28 10.19 -21.43 11.80
CA GLN A 28 9.02 -21.26 10.93
C GLN A 28 8.22 -20.01 11.31
N HIS A 29 6.99 -19.92 10.78
CA HIS A 29 6.15 -18.72 10.93
C HIS A 29 6.71 -17.56 10.11
N VAL A 30 7.73 -17.86 9.32
CA VAL A 30 8.31 -16.88 8.41
C VAL A 30 7.36 -16.68 7.25
N ASN A 31 7.15 -15.43 6.86
CA ASN A 31 6.12 -15.10 5.89
C ASN A 31 6.69 -14.99 4.48
N LYS A 32 7.78 -14.25 4.31
CA LYS A 32 8.38 -14.08 3.00
C LYS A 32 9.86 -13.69 3.12
N THR A 33 10.51 -13.45 1.99
CA THR A 33 11.94 -13.16 1.96
C THR A 33 12.23 -11.68 2.22
N SER A 34 11.19 -10.93 2.58
CA SER A 34 11.29 -9.51 2.91
C SER A 34 11.55 -8.63 1.68
N SER A 35 11.91 -9.26 0.56
CA SER A 35 12.16 -8.52 -0.67
C SER A 35 10.86 -8.26 -1.43
N ALA A 36 10.02 -7.44 -0.82
CA ALA A 36 8.76 -7.05 -1.42
C ALA A 36 8.43 -5.62 -1.02
N ILE A 37 7.58 -4.97 -1.79
CA ILE A 37 7.28 -3.56 -1.57
C ILE A 37 5.95 -3.36 -0.88
N HIS A 38 5.97 -2.58 0.19
CA HIS A 38 4.78 -2.19 0.93
C HIS A 38 4.67 -0.68 0.97
N LEU A 39 3.68 -0.15 0.30
CA LEU A 39 3.45 1.28 0.28
C LEU A 39 2.03 1.60 0.72
N ARG A 40 1.88 2.77 1.33
CA ARG A 40 0.58 3.22 1.80
C ARG A 40 -0.01 4.27 0.86
N PHE A 41 -1.33 4.25 0.73
CA PHE A 41 -2.05 5.27 0.00
C PHE A 41 -3.39 5.49 0.67
N ASP A 42 -3.51 6.59 1.42
CA ASP A 42 -4.70 6.85 2.18
C ASP A 42 -5.46 8.05 1.63
N ILE A 43 -6.73 8.15 1.99
CA ILE A 43 -7.60 9.22 1.53
C ILE A 43 -7.29 10.52 2.27
N ARG A 44 -7.11 10.41 3.58
CA ARG A 44 -7.01 11.57 4.47
C ARG A 44 -5.83 12.49 4.08
N ALA A 45 -4.82 11.92 3.43
CA ALA A 45 -3.70 12.71 2.92
C ALA A 45 -4.17 13.76 1.92
N SER A 46 -5.27 13.45 1.24
CA SER A 46 -5.89 14.33 0.27
C SER A 46 -4.98 14.55 -0.94
N GLY A 47 -5.41 15.44 -1.81
CA GLY A 47 -4.70 15.71 -3.04
C GLY A 47 -5.56 15.42 -4.25
N LEU A 48 -6.24 14.29 -4.20
CA LEU A 48 -7.17 13.90 -5.25
C LEU A 48 -8.45 14.72 -5.14
N PRO A 49 -9.10 15.00 -6.28
CA PRO A 49 -10.40 15.69 -6.32
C PRO A 49 -11.48 14.87 -5.61
N GLU A 50 -12.55 15.54 -5.20
CA GLU A 50 -13.68 14.88 -4.53
C GLU A 50 -14.14 13.68 -5.35
N TYR A 51 -14.29 13.90 -6.64
CA TYR A 51 -14.74 12.87 -7.58
C TYR A 51 -13.94 11.58 -7.42
N TYR A 52 -12.63 11.72 -7.25
CA TYR A 52 -11.77 10.55 -7.08
C TYR A 52 -11.74 10.04 -5.65
N LYS A 53 -11.53 10.93 -4.69
CA LYS A 53 -11.33 10.50 -3.30
C LYS A 53 -12.62 9.98 -2.67
N GLN A 54 -13.77 10.52 -3.07
CA GLN A 54 -15.05 10.03 -2.56
C GLN A 54 -15.29 8.59 -3.00
N ARG A 55 -14.83 8.26 -4.21
CA ARG A 55 -14.94 6.89 -4.71
C ARG A 55 -14.13 5.91 -3.87
N LEU A 56 -13.11 6.42 -3.19
CA LEU A 56 -12.28 5.59 -2.32
C LEU A 56 -13.05 5.17 -1.07
N LEU A 57 -14.00 5.99 -0.64
CA LEU A 57 -14.81 5.68 0.53
C LEU A 57 -16.06 4.90 0.13
N THR A 58 -16.63 5.28 -1.00
CA THR A 58 -17.86 4.65 -1.48
C THR A 58 -17.61 3.24 -2.02
N ALA A 59 -16.57 3.08 -2.83
CA ALA A 59 -16.25 1.79 -3.38
C ALA A 59 -15.32 1.03 -2.43
N SER A 60 -15.91 0.44 -1.40
CA SER A 60 -15.16 -0.33 -0.42
C SER A 60 -14.63 -1.61 -1.04
N HIS A 61 -13.43 -1.53 -1.60
CA HIS A 61 -12.74 -2.67 -2.17
C HIS A 61 -12.07 -3.48 -1.07
N HIS A 62 -11.67 -4.71 -1.39
CA HIS A 62 -10.89 -5.51 -0.46
C HIS A 62 -9.48 -4.96 -0.40
N LEU A 63 -9.12 -4.28 -1.47
CA LEU A 63 -7.85 -3.58 -1.54
C LEU A 63 -7.77 -2.47 -0.49
N ILE A 64 -8.93 -1.99 -0.03
CA ILE A 64 -8.97 -1.12 1.13
C ILE A 64 -8.62 -1.97 2.33
N SER A 65 -7.61 -1.58 3.08
CA SER A 65 -7.01 -2.50 4.03
C SER A 65 -7.37 -2.19 5.48
N ASP A 66 -6.73 -1.18 6.04
CA ASP A 66 -6.88 -0.89 7.47
C ASP A 66 -8.23 -0.22 7.74
N ASP A 67 -8.34 1.03 7.31
CA ASP A 67 -9.58 1.79 7.44
C ASP A 67 -9.78 2.69 6.24
N GLY A 68 -8.94 3.70 6.14
CA GLY A 68 -9.01 4.63 5.04
C GLY A 68 -7.71 4.66 4.26
N VAL A 69 -7.09 3.50 4.14
CA VAL A 69 -5.82 3.38 3.46
C VAL A 69 -5.74 2.05 2.73
N ILE A 70 -5.11 2.05 1.56
CA ILE A 70 -4.88 0.82 0.84
C ILE A 70 -3.45 0.35 1.06
N ILE A 71 -3.30 -0.92 1.34
CA ILE A 71 -1.99 -1.53 1.46
C ILE A 71 -1.73 -2.38 0.23
N ILE A 72 -0.79 -1.93 -0.58
CA ILE A 72 -0.43 -2.66 -1.78
C ILE A 72 0.82 -3.48 -1.52
N LYS A 73 0.67 -4.79 -1.60
CA LYS A 73 1.78 -5.70 -1.40
C LYS A 73 2.31 -6.19 -2.73
N ALA A 74 3.42 -5.61 -3.11
CA ALA A 74 4.02 -5.90 -4.40
C ALA A 74 5.13 -6.90 -4.25
N GLN A 75 5.04 -7.98 -5.00
CA GLN A 75 5.99 -9.07 -4.90
C GLN A 75 6.07 -9.84 -6.22
N GLU A 76 7.12 -9.56 -6.97
CA GLU A 76 7.44 -10.32 -8.15
C GLU A 76 8.61 -11.25 -7.88
N PHE A 77 9.79 -10.67 -7.65
CA PHE A 77 10.99 -11.45 -7.35
C PHE A 77 12.19 -10.53 -7.10
N ARG A 78 12.31 -10.06 -5.85
CA ARG A 78 13.45 -9.24 -5.44
C ARG A 78 13.47 -7.91 -6.22
N SER A 79 14.42 -7.03 -5.87
CA SER A 79 14.63 -5.77 -6.59
C SER A 79 13.48 -4.79 -6.34
N GLN A 80 13.78 -3.72 -5.61
CA GLN A 80 12.78 -2.72 -5.27
C GLN A 80 12.29 -1.98 -6.51
N GLU A 81 13.14 -1.92 -7.53
CA GLU A 81 12.83 -1.18 -8.75
C GLU A 81 11.56 -1.72 -9.42
N LEU A 82 11.56 -3.00 -9.72
CA LEU A 82 10.47 -3.61 -10.46
C LEU A 82 9.26 -3.80 -9.57
N ASN A 83 9.53 -4.13 -8.32
CA ASN A 83 8.47 -4.32 -7.34
C ASN A 83 7.72 -3.02 -7.07
N ARG A 84 8.42 -1.89 -7.11
CA ARG A 84 7.77 -0.60 -6.96
C ARG A 84 6.85 -0.33 -8.15
N GLU A 85 7.36 -0.60 -9.34
CA GLU A 85 6.60 -0.39 -10.56
C GLU A 85 5.33 -1.23 -10.58
N ALA A 86 5.44 -2.47 -10.14
CA ALA A 86 4.29 -3.35 -10.02
C ALA A 86 3.28 -2.77 -9.04
N ALA A 87 3.78 -2.29 -7.91
CA ALA A 87 2.92 -1.67 -6.90
C ALA A 87 2.17 -0.48 -7.49
N ILE A 88 2.90 0.39 -8.18
CA ILE A 88 2.33 1.57 -8.81
C ILE A 88 1.28 1.18 -9.83
N ALA A 89 1.65 0.29 -10.75
CA ALA A 89 0.74 -0.14 -11.81
C ALA A 89 -0.53 -0.76 -11.25
N ARG A 90 -0.39 -1.52 -10.18
CA ARG A 90 -1.54 -2.18 -9.57
C ARG A 90 -2.42 -1.18 -8.81
N LEU A 91 -1.81 -0.17 -8.17
CA LEU A 91 -2.59 0.80 -7.42
C LEU A 91 -3.32 1.75 -8.36
N VAL A 92 -2.68 2.09 -9.48
CA VAL A 92 -3.32 2.93 -10.48
C VAL A 92 -4.46 2.15 -11.15
N ALA A 93 -4.28 0.84 -11.26
CA ALA A 93 -5.33 -0.03 -11.77
C ALA A 93 -6.60 0.07 -10.92
N VAL A 94 -6.41 0.14 -9.60
CA VAL A 94 -7.53 0.33 -8.68
C VAL A 94 -8.26 1.62 -8.99
N ILE A 95 -7.49 2.66 -9.32
CA ILE A 95 -8.04 3.96 -9.67
C ILE A 95 -8.98 3.84 -10.88
N LYS A 96 -8.63 2.97 -11.81
CA LYS A 96 -9.47 2.71 -12.97
C LYS A 96 -10.71 1.94 -12.57
N GLU A 97 -10.58 1.02 -11.63
CA GLU A 97 -11.73 0.22 -11.18
C GLU A 97 -12.79 1.10 -10.52
N LEU A 98 -12.37 2.14 -9.83
CA LEU A 98 -13.29 3.00 -9.11
C LEU A 98 -13.98 4.00 -10.03
N THR A 99 -13.26 4.52 -11.01
CA THR A 99 -13.80 5.56 -11.87
C THR A 99 -14.40 5.00 -13.15
N ALA A 100 -13.80 3.93 -13.66
CA ALA A 100 -14.31 3.27 -14.85
C ALA A 100 -15.13 2.05 -14.47
N GLU A 101 -15.85 1.48 -15.43
CA GLU A 101 -16.70 0.33 -15.17
C GLU A 101 -15.87 -0.94 -15.12
N GLN A 102 -14.84 -0.94 -14.26
CA GLN A 102 -13.95 -2.08 -14.14
C GLN A 102 -14.34 -2.94 -12.95
N LYS A 103 -14.99 -4.04 -13.26
CA LYS A 103 -15.43 -4.98 -12.25
C LYS A 103 -14.36 -6.04 -12.06
N SER A 104 -13.97 -6.26 -10.81
CA SER A 104 -12.92 -7.22 -10.51
C SER A 104 -13.39 -8.65 -10.82
N ARG A 105 -12.49 -9.47 -11.34
CA ARG A 105 -12.85 -10.83 -11.75
C ARG A 105 -11.64 -11.76 -11.65
N ARG A 106 -11.92 -13.06 -11.71
CA ARG A 106 -10.89 -14.11 -11.74
C ARG A 106 -10.17 -14.21 -10.40
N ALA A 107 -9.18 -13.36 -10.18
CA ALA A 107 -8.39 -13.35 -8.94
C ALA A 107 -7.61 -14.66 -8.70
N THR A 108 -6.52 -14.55 -7.95
CA THR A 108 -5.71 -15.70 -7.57
C THR A 108 -5.10 -15.44 -6.20
N ARG A 109 -5.14 -16.43 -5.31
CA ARG A 109 -4.55 -16.26 -3.98
C ARG A 109 -4.07 -17.58 -3.39
N PRO A 110 -2.74 -17.81 -3.41
CA PRO A 110 -2.11 -18.92 -2.74
C PRO A 110 -1.54 -18.50 -1.37
N THR A 111 -2.34 -18.70 -0.32
CA THR A 111 -1.94 -18.28 1.02
C THR A 111 -1.27 -19.44 1.76
N ARG A 112 0.01 -19.64 1.50
CA ARG A 112 0.78 -20.70 2.15
C ARG A 112 2.20 -20.26 2.44
N ALA A 113 2.70 -20.64 3.61
CA ALA A 113 4.06 -20.33 4.02
C ALA A 113 4.39 -21.07 5.31
N SER A 114 5.58 -20.80 5.85
CA SER A 114 6.01 -21.37 7.14
C SER A 114 6.26 -22.87 7.08
N LYS A 115 7.50 -23.24 6.76
CA LYS A 115 7.94 -24.63 6.83
C LYS A 115 9.39 -24.65 7.26
N GLU A 116 9.63 -24.98 8.53
CA GLU A 116 10.96 -24.92 9.11
C GLU A 116 10.93 -25.41 10.55
N ARG A 117 11.96 -26.14 10.96
CA ARG A 117 12.06 -26.62 12.32
C ARG A 117 13.46 -26.36 12.88
N ARG A 118 13.67 -25.15 13.38
CA ARG A 118 14.94 -24.79 13.97
C ARG A 118 14.86 -24.96 15.49
N LEU A 119 15.81 -25.67 16.05
CA LEU A 119 15.81 -25.96 17.48
C LEU A 119 16.69 -24.97 18.23
N SER A 120 16.53 -24.94 19.55
CA SER A 120 17.31 -24.05 20.39
C SER A 120 18.00 -24.83 21.50
N SER A 121 19.30 -25.05 21.35
CA SER A 121 20.07 -25.76 22.35
C SER A 121 20.51 -24.82 23.46
N LYS A 122 20.94 -25.39 24.58
CA LYS A 122 21.33 -24.62 25.74
C LYS A 122 22.84 -24.69 25.94
N ALA A 123 23.53 -23.60 25.59
CA ALA A 123 24.97 -23.51 25.77
C ALA A 123 25.31 -22.48 26.84
N GLN A 124 24.44 -22.38 27.83
CA GLN A 124 24.60 -21.42 28.91
C GLN A 124 24.33 -22.12 30.24
N LYS A 125 25.33 -22.16 31.11
CA LYS A 125 25.23 -22.90 32.35
C LYS A 125 25.37 -21.95 33.55
N SER A 126 24.25 -21.66 34.20
CA SER A 126 24.25 -20.78 35.37
C SER A 126 24.04 -21.61 36.63
N SER A 127 24.61 -21.18 37.74
CA SER A 127 24.51 -21.92 38.99
C SER A 127 24.58 -20.99 40.21
N VAL A 128 23.53 -21.00 41.00
CA VAL A 128 23.48 -20.26 42.24
C VAL A 128 23.01 -21.19 43.36
N LYS A 129 23.57 -21.05 44.54
CA LYS A 129 23.27 -21.96 45.63
C LYS A 129 21.97 -21.59 46.34
N ALA A 130 21.16 -22.59 46.58
CA ALA A 130 19.92 -22.44 47.33
C ALA A 130 19.73 -23.65 48.22
N LEU A 131 20.12 -23.52 49.48
CA LEU A 131 20.10 -24.64 50.42
C LEU A 131 20.06 -24.10 51.85
N ARG A 132 21.14 -23.45 52.25
CA ARG A 132 21.22 -22.85 53.57
C ARG A 132 20.82 -21.39 53.51
N GLY A 133 20.11 -20.92 54.53
CA GLY A 133 19.67 -19.54 54.56
C GLY A 133 18.44 -19.34 55.40
N LYS A 134 18.30 -20.12 56.46
CA LYS A 134 17.18 -19.99 57.37
C LYS A 134 17.64 -19.52 58.74
N VAL A 135 18.64 -18.65 58.75
CA VAL A 135 19.12 -18.08 60.00
C VAL A 135 18.33 -16.81 60.34
N ARG A 136 17.41 -16.94 61.30
CA ARG A 136 16.60 -15.80 61.70
C ARG A 136 17.22 -15.09 62.89
N ARG A 137 17.84 -13.95 62.63
CA ARG A 137 18.36 -13.12 63.71
C ARG A 137 18.44 -11.66 63.26
N PRO A 138 17.30 -10.97 63.25
CA PRO A 138 17.23 -9.55 62.93
C PRO A 138 17.49 -8.67 64.15
N LEU A 139 18.40 -7.72 64.01
CA LEU A 139 18.74 -6.85 65.12
C LEU A 139 17.66 -5.78 65.29
N ASP A 140 16.67 -6.11 66.09
CA ASP A 140 15.59 -5.19 66.40
C ASP A 140 16.07 -4.15 67.41
N LEU A 141 16.85 -3.20 66.91
CA LEU A 141 17.56 -2.26 67.76
C LEU A 141 16.67 -1.09 68.17
N GLU A 142 16.10 -1.20 69.37
CA GLU A 142 15.36 -0.11 70.00
C GLU A 142 14.75 -0.58 71.31
N HIS A 143 14.70 0.32 72.28
CA HIS A 143 14.04 0.04 73.55
C HIS A 143 12.92 1.06 73.77
N HIS A 144 12.00 1.09 72.82
CA HIS A 144 10.90 2.04 72.84
C HIS A 144 9.77 1.55 73.74
N HIS A 145 9.92 1.81 75.03
CA HIS A 145 8.93 1.42 76.02
C HIS A 145 8.90 2.41 77.17
N HIS A 146 7.79 2.41 77.90
CA HIS A 146 7.65 3.20 79.12
C HIS A 146 6.31 2.87 79.76
N HIS A 147 6.29 2.74 81.08
CA HIS A 147 5.08 2.36 81.79
C HIS A 147 4.33 3.60 82.25
N HIS A 148 3.01 3.52 82.24
CA HIS A 148 2.19 4.63 82.70
C HIS A 148 1.23 4.14 83.78
N MET A 1 8.64 7.93 -10.11
CA MET A 1 7.70 9.05 -9.88
C MET A 1 6.28 8.54 -10.02
N ILE A 2 5.35 9.13 -9.28
CA ILE A 2 3.97 8.71 -9.34
C ILE A 2 3.24 9.47 -10.44
N ALA A 3 3.15 8.86 -11.61
CA ALA A 3 2.48 9.46 -12.74
C ALA A 3 1.07 8.91 -12.87
N ILE A 4 0.10 9.74 -12.52
CA ILE A 4 -1.30 9.36 -12.62
C ILE A 4 -1.85 9.81 -13.97
N SER A 5 -3.01 9.30 -14.37
CA SER A 5 -3.66 9.75 -15.58
C SER A 5 -4.10 11.21 -15.42
N ARG A 6 -4.29 11.89 -16.55
CA ARG A 6 -4.66 13.30 -16.55
C ARG A 6 -3.46 14.13 -16.05
N THR A 7 -3.70 15.39 -15.69
CA THR A 7 -2.61 16.30 -15.31
C THR A 7 -2.22 16.13 -13.83
N VAL A 8 -2.44 14.94 -13.28
CA VAL A 8 -2.14 14.67 -11.88
C VAL A 8 -0.87 13.83 -11.74
N SER A 9 0.08 14.33 -10.96
CA SER A 9 1.31 13.60 -10.68
C SER A 9 1.74 13.83 -9.23
N ILE A 10 2.49 12.87 -8.68
CA ILE A 10 2.98 12.96 -7.31
C ILE A 10 4.45 12.56 -7.26
N ALA A 11 5.21 13.13 -6.34
CA ALA A 11 6.61 12.78 -6.16
C ALA A 11 6.76 11.31 -5.75
N ASP A 12 7.83 10.68 -6.22
CA ASP A 12 8.05 9.24 -6.03
C ASP A 12 8.24 8.89 -4.56
N ASN A 13 9.06 9.67 -3.87
CA ASN A 13 9.45 9.37 -2.50
C ASN A 13 8.37 9.76 -1.49
N GLU A 14 7.26 10.31 -1.97
CA GLU A 14 6.25 10.84 -1.08
C GLU A 14 5.33 9.75 -0.52
N LEU A 15 5.41 8.55 -1.07
CA LEU A 15 4.63 7.43 -0.56
C LEU A 15 5.23 6.93 0.75
N GLU A 16 4.42 6.25 1.55
CA GLU A 16 4.92 5.64 2.78
C GLU A 16 5.44 4.24 2.47
N ILE A 17 6.73 4.12 2.28
CA ILE A 17 7.35 2.84 2.00
C ILE A 17 7.76 2.15 3.30
N THR A 18 7.30 0.93 3.48
CA THR A 18 7.60 0.17 4.67
C THR A 18 8.15 -1.21 4.31
N ALA A 19 9.02 -1.73 5.15
CA ALA A 19 9.56 -3.07 4.94
C ALA A 19 8.66 -4.10 5.59
N ILE A 20 8.41 -5.18 4.88
CA ILE A 20 7.55 -6.24 5.39
C ILE A 20 8.30 -7.06 6.45
N ARG A 21 7.69 -7.21 7.61
CA ARG A 21 8.25 -8.02 8.67
C ARG A 21 8.35 -9.47 8.23
N ALA A 22 9.48 -10.11 8.57
CA ALA A 22 9.83 -11.44 8.08
C ALA A 22 10.23 -11.38 6.61
N GLN A 23 11.49 -11.67 6.34
CA GLN A 23 12.07 -11.50 5.01
C GLN A 23 11.44 -12.47 4.01
N GLY A 24 10.62 -11.92 3.12
CA GLY A 24 9.99 -12.72 2.10
C GLY A 24 8.66 -13.28 2.55
N ALA A 25 8.71 -14.25 3.46
CA ALA A 25 7.52 -14.88 3.98
C ALA A 25 7.75 -15.30 5.43
N GLY A 26 6.67 -15.40 6.19
CA GLY A 26 6.79 -15.81 7.58
C GLY A 26 6.44 -17.26 7.78
N GLY A 27 5.63 -17.80 6.88
CA GLY A 27 5.23 -19.19 6.96
C GLY A 27 6.25 -20.13 6.34
N GLN A 28 7.45 -20.12 6.89
CA GLN A 28 8.58 -20.92 6.39
C GLN A 28 9.03 -20.39 5.03
N HIS A 29 10.12 -20.98 4.51
CA HIS A 29 10.77 -20.49 3.29
C HIS A 29 11.33 -19.09 3.51
N VAL A 30 11.52 -18.73 4.78
CA VAL A 30 12.01 -17.42 5.16
C VAL A 30 13.38 -17.16 4.54
N ASN A 31 13.56 -15.96 4.01
CA ASN A 31 14.79 -15.58 3.35
C ASN A 31 15.61 -14.70 4.28
N LYS A 32 16.88 -14.52 3.96
CA LYS A 32 17.71 -13.55 4.67
C LYS A 32 17.84 -12.30 3.81
N THR A 33 17.56 -12.46 2.53
CA THR A 33 17.58 -11.36 1.58
C THR A 33 16.17 -10.84 1.35
N SER A 34 15.87 -9.69 1.92
CA SER A 34 14.55 -9.10 1.79
C SER A 34 14.60 -7.87 0.90
N SER A 35 13.53 -7.65 0.16
CA SER A 35 13.43 -6.50 -0.74
C SER A 35 12.00 -6.38 -1.27
N ALA A 36 11.04 -6.76 -0.45
CA ALA A 36 9.65 -6.71 -0.82
C ALA A 36 9.11 -5.31 -0.55
N ILE A 37 8.28 -4.83 -1.45
CA ILE A 37 7.77 -3.48 -1.36
C ILE A 37 6.39 -3.44 -0.75
N HIS A 38 6.33 -2.81 0.42
CA HIS A 38 5.07 -2.57 1.11
C HIS A 38 4.81 -1.08 1.16
N LEU A 39 3.93 -0.62 0.30
CA LEU A 39 3.62 0.79 0.22
C LEU A 39 2.26 1.08 0.86
N ARG A 40 2.15 2.25 1.44
CA ARG A 40 0.96 2.65 2.15
C ARG A 40 0.34 3.88 1.49
N PHE A 41 -0.82 3.69 0.89
CA PHE A 41 -1.51 4.79 0.22
C PHE A 41 -2.82 5.10 0.94
N ASP A 42 -2.88 6.28 1.53
CA ASP A 42 -4.01 6.66 2.36
C ASP A 42 -4.90 7.68 1.64
N ILE A 43 -6.19 7.60 1.88
CA ILE A 43 -7.17 8.49 1.25
C ILE A 43 -7.07 9.90 1.83
N ARG A 44 -6.96 9.98 3.15
CA ARG A 44 -6.94 11.27 3.85
C ARG A 44 -5.65 12.04 3.52
N ALA A 45 -4.65 11.32 3.04
CA ALA A 45 -3.42 11.93 2.58
C ALA A 45 -3.68 12.87 1.40
N SER A 46 -4.83 12.66 0.75
CA SER A 46 -5.29 13.51 -0.34
C SER A 46 -4.38 13.40 -1.57
N GLY A 47 -4.81 14.06 -2.62
CA GLY A 47 -4.08 14.05 -3.87
C GLY A 47 -5.00 13.79 -5.05
N LEU A 48 -5.91 12.85 -4.88
CA LEU A 48 -6.85 12.48 -5.91
C LEU A 48 -7.98 13.51 -6.02
N PRO A 49 -8.61 13.62 -7.21
CA PRO A 49 -9.76 14.49 -7.44
C PRO A 49 -10.97 14.09 -6.60
N GLU A 50 -11.96 14.98 -6.53
CA GLU A 50 -13.13 14.80 -5.67
C GLU A 50 -13.88 13.50 -5.98
N TYR A 51 -14.24 13.31 -7.25
CA TYR A 51 -15.04 12.16 -7.65
C TYR A 51 -14.36 10.83 -7.31
N TYR A 52 -13.06 10.76 -7.54
CA TYR A 52 -12.31 9.55 -7.26
C TYR A 52 -12.21 9.33 -5.75
N LYS A 53 -12.05 10.42 -5.01
CA LYS A 53 -12.01 10.39 -3.56
C LYS A 53 -13.34 9.89 -2.98
N GLN A 54 -14.44 10.36 -3.57
CA GLN A 54 -15.77 9.92 -3.17
C GLN A 54 -15.92 8.41 -3.28
N ARG A 55 -15.53 7.88 -4.43
CA ARG A 55 -15.63 6.45 -4.73
C ARG A 55 -14.83 5.60 -3.75
N LEU A 56 -13.67 6.11 -3.33
CA LEU A 56 -12.75 5.35 -2.50
C LEU A 56 -13.39 4.85 -1.21
N LEU A 57 -14.29 5.64 -0.65
CA LEU A 57 -14.92 5.28 0.61
C LEU A 57 -16.19 4.45 0.38
N THR A 58 -16.87 4.72 -0.73
CA THR A 58 -18.14 4.09 -1.01
C THR A 58 -17.98 2.70 -1.63
N ALA A 59 -16.99 2.56 -2.52
CA ALA A 59 -16.82 1.32 -3.25
C ALA A 59 -16.07 0.28 -2.44
N SER A 60 -16.77 -0.77 -2.07
CA SER A 60 -16.18 -1.85 -1.29
C SER A 60 -15.40 -2.80 -2.19
N HIS A 61 -14.27 -2.32 -2.69
CA HIS A 61 -13.40 -3.14 -3.52
C HIS A 61 -12.31 -3.72 -2.65
N HIS A 62 -12.09 -5.02 -2.73
CA HIS A 62 -11.17 -5.70 -1.85
C HIS A 62 -9.70 -5.38 -2.16
N LEU A 63 -9.36 -4.15 -1.83
CA LEU A 63 -8.00 -3.64 -1.90
C LEU A 63 -7.77 -2.65 -0.76
N ILE A 64 -8.86 -1.96 -0.37
CA ILE A 64 -8.85 -1.14 0.84
C ILE A 64 -8.57 -2.04 2.05
N SER A 65 -7.72 -1.59 2.95
CA SER A 65 -7.38 -2.40 4.11
C SER A 65 -8.54 -2.46 5.09
N ASP A 66 -8.96 -1.30 5.59
CA ASP A 66 -10.08 -1.22 6.52
C ASP A 66 -10.54 0.22 6.75
N ASP A 67 -9.66 1.03 7.32
CA ASP A 67 -10.00 2.40 7.69
C ASP A 67 -10.15 3.29 6.46
N GLY A 68 -9.02 3.74 5.95
CA GLY A 68 -9.04 4.57 4.76
C GLY A 68 -7.71 4.52 4.03
N VAL A 69 -7.11 3.34 4.01
CA VAL A 69 -5.80 3.17 3.43
C VAL A 69 -5.74 1.86 2.64
N ILE A 70 -4.95 1.84 1.58
CA ILE A 70 -4.73 0.63 0.81
C ILE A 70 -3.30 0.12 1.00
N ILE A 71 -3.17 -1.17 1.22
CA ILE A 71 -1.86 -1.80 1.40
C ILE A 71 -1.59 -2.76 0.25
N ILE A 72 -0.50 -2.52 -0.46
CA ILE A 72 -0.12 -3.38 -1.58
C ILE A 72 1.17 -4.11 -1.24
N LYS A 73 1.13 -5.43 -1.32
CA LYS A 73 2.33 -6.23 -1.17
C LYS A 73 2.85 -6.66 -2.53
N ALA A 74 3.95 -6.06 -2.91
CA ALA A 74 4.58 -6.31 -4.20
C ALA A 74 5.95 -6.92 -4.00
N GLN A 75 6.17 -8.08 -4.61
CA GLN A 75 7.42 -8.79 -4.43
C GLN A 75 7.70 -9.76 -5.58
N GLU A 76 8.61 -9.37 -6.45
CA GLU A 76 9.20 -10.31 -7.39
C GLU A 76 10.39 -10.98 -6.71
N PHE A 77 11.40 -10.18 -6.42
CA PHE A 77 12.51 -10.60 -5.57
C PHE A 77 13.39 -9.40 -5.21
N ARG A 78 14.33 -9.06 -6.07
CA ARG A 78 15.29 -7.99 -5.78
C ARG A 78 15.19 -6.86 -6.80
N SER A 79 14.40 -7.06 -7.83
CA SER A 79 14.17 -6.00 -8.80
C SER A 79 13.21 -4.96 -8.22
N GLN A 80 13.78 -4.05 -7.42
CA GLN A 80 13.01 -3.02 -6.74
C GLN A 80 12.20 -2.18 -7.72
N GLU A 81 12.75 -2.00 -8.91
CA GLU A 81 12.13 -1.16 -9.93
C GLU A 81 10.74 -1.69 -10.30
N LEU A 82 10.69 -2.95 -10.71
CA LEU A 82 9.42 -3.54 -11.15
C LEU A 82 8.49 -3.71 -9.97
N ASN A 83 9.05 -3.97 -8.79
CA ASN A 83 8.27 -4.08 -7.57
C ASN A 83 7.54 -2.77 -7.31
N ARG A 84 8.22 -1.65 -7.55
CA ARG A 84 7.61 -0.35 -7.39
C ARG A 84 6.66 -0.04 -8.55
N GLU A 85 7.10 -0.32 -9.77
CA GLU A 85 6.30 -0.08 -10.95
C GLU A 85 4.97 -0.82 -10.87
N ALA A 86 5.02 -2.08 -10.47
CA ALA A 86 3.82 -2.89 -10.34
C ALA A 86 2.92 -2.34 -9.25
N ALA A 87 3.53 -1.83 -8.19
CA ALA A 87 2.79 -1.21 -7.10
C ALA A 87 2.11 0.07 -7.58
N ILE A 88 2.86 0.89 -8.32
CA ILE A 88 2.32 2.13 -8.88
C ILE A 88 1.19 1.81 -9.85
N ALA A 89 1.44 0.88 -10.76
CA ALA A 89 0.44 0.47 -11.74
C ALA A 89 -0.81 -0.04 -11.04
N ARG A 90 -0.62 -0.80 -9.96
CA ARG A 90 -1.75 -1.33 -9.22
C ARG A 90 -2.54 -0.20 -8.54
N LEU A 91 -1.84 0.76 -7.94
CA LEU A 91 -2.53 1.84 -7.24
C LEU A 91 -3.26 2.74 -8.23
N VAL A 92 -2.66 2.95 -9.39
CA VAL A 92 -3.31 3.70 -10.47
C VAL A 92 -4.54 2.93 -10.95
N ALA A 93 -4.42 1.60 -10.99
CA ALA A 93 -5.54 0.75 -11.32
C ALA A 93 -6.66 0.90 -10.28
N VAL A 94 -6.27 0.95 -9.00
CA VAL A 94 -7.24 1.13 -7.91
C VAL A 94 -8.07 2.40 -8.12
N ILE A 95 -7.41 3.47 -8.52
CA ILE A 95 -8.07 4.74 -8.82
C ILE A 95 -9.12 4.53 -9.91
N LYS A 96 -8.81 3.66 -10.86
CA LYS A 96 -9.74 3.34 -11.94
C LYS A 96 -10.81 2.36 -11.46
N GLU A 97 -10.40 1.36 -10.68
CA GLU A 97 -11.28 0.27 -10.26
C GLU A 97 -12.59 0.77 -9.67
N LEU A 98 -12.52 1.80 -8.85
CA LEU A 98 -13.67 2.27 -8.11
C LEU A 98 -14.50 3.27 -8.91
N THR A 99 -13.98 3.71 -10.05
CA THR A 99 -14.66 4.68 -10.87
C THR A 99 -15.00 4.12 -12.25
N ALA A 100 -14.01 3.51 -12.89
CA ALA A 100 -14.15 2.95 -14.21
C ALA A 100 -14.32 1.44 -14.12
N GLU A 101 -15.45 0.96 -14.63
CA GLU A 101 -15.78 -0.45 -14.56
C GLU A 101 -14.82 -1.29 -15.40
N GLN A 102 -13.90 -1.97 -14.72
CA GLN A 102 -13.00 -2.91 -15.38
C GLN A 102 -12.69 -4.08 -14.44
N LYS A 103 -12.22 -3.76 -13.23
CA LYS A 103 -11.99 -4.75 -12.17
C LYS A 103 -10.83 -5.68 -12.50
N SER A 104 -9.69 -5.39 -11.90
CA SER A 104 -8.48 -6.15 -12.14
C SER A 104 -7.93 -6.70 -10.83
N ARG A 105 -8.27 -7.94 -10.51
CA ARG A 105 -7.77 -8.58 -9.30
C ARG A 105 -6.67 -9.59 -9.64
N ARG A 106 -5.43 -9.12 -9.55
CA ARG A 106 -4.28 -9.95 -9.84
C ARG A 106 -3.19 -9.76 -8.78
N ALA A 107 -3.17 -10.65 -7.80
CA ALA A 107 -2.15 -10.63 -6.76
C ALA A 107 -0.96 -11.49 -7.16
N THR A 108 0.14 -11.35 -6.43
CA THR A 108 1.33 -12.15 -6.69
C THR A 108 1.86 -12.74 -5.39
N ARG A 109 2.09 -14.04 -5.39
CA ARG A 109 2.55 -14.75 -4.20
C ARG A 109 3.64 -15.76 -4.56
N PRO A 110 4.90 -15.32 -4.68
CA PRO A 110 6.04 -16.18 -4.96
C PRO A 110 6.57 -16.85 -3.71
N THR A 111 7.13 -18.05 -3.87
CA THR A 111 7.69 -18.79 -2.75
C THR A 111 9.14 -19.18 -3.02
N ARG A 112 9.62 -18.83 -4.21
CA ARG A 112 10.97 -19.17 -4.63
C ARG A 112 11.98 -18.11 -4.19
N ALA A 113 12.03 -17.86 -2.88
CA ALA A 113 12.96 -16.89 -2.34
C ALA A 113 13.44 -17.28 -0.95
N SER A 114 14.62 -17.87 -0.89
CA SER A 114 15.25 -18.19 0.38
C SER A 114 16.76 -18.36 0.17
N LYS A 115 17.55 -17.89 1.13
CA LYS A 115 19.00 -17.95 1.04
C LYS A 115 19.58 -18.43 2.37
N GLU A 116 20.63 -19.23 2.30
CA GLU A 116 21.22 -19.81 3.50
C GLU A 116 22.53 -19.11 3.88
N ARG A 117 22.54 -18.53 5.08
CA ARG A 117 23.74 -17.92 5.63
C ARG A 117 23.77 -18.04 7.15
N ARG A 118 24.78 -18.73 7.67
CA ARG A 118 24.98 -18.87 9.09
C ARG A 118 26.43 -19.26 9.38
N LEU A 119 27.03 -18.57 10.35
CA LEU A 119 28.40 -18.84 10.73
C LEU A 119 28.72 -18.21 12.09
N SER A 120 29.51 -18.92 12.88
CA SER A 120 29.94 -18.46 14.19
C SER A 120 30.83 -19.51 14.83
N SER A 121 32.05 -19.14 15.20
CA SER A 121 32.97 -20.06 15.83
C SER A 121 34.08 -19.33 16.58
N LYS A 122 34.16 -19.56 17.89
CA LYS A 122 35.18 -18.97 18.74
C LYS A 122 35.03 -19.46 20.17
N ALA A 123 35.94 -20.33 20.59
CA ALA A 123 35.90 -20.89 21.93
C ALA A 123 37.17 -20.53 22.70
N GLN A 124 37.06 -20.49 24.02
CA GLN A 124 38.19 -20.17 24.89
C GLN A 124 37.90 -20.58 26.33
N LYS A 125 38.69 -21.52 26.84
CA LYS A 125 38.56 -21.96 28.21
C LYS A 125 39.93 -21.92 28.90
N SER A 126 39.91 -21.61 30.19
CA SER A 126 41.12 -21.61 31.00
C SER A 126 40.77 -21.85 32.47
N SER A 127 40.82 -23.10 32.88
CA SER A 127 40.47 -23.47 34.25
C SER A 127 41.38 -24.58 34.75
N VAL A 128 41.83 -24.45 35.99
CA VAL A 128 42.63 -25.48 36.63
C VAL A 128 42.11 -25.73 38.05
N LYS A 129 41.49 -26.88 38.25
CA LYS A 129 40.92 -27.24 39.54
C LYS A 129 41.35 -28.64 39.95
N ALA A 130 41.78 -28.76 41.19
CA ALA A 130 42.16 -30.05 41.77
C ALA A 130 41.77 -30.09 43.24
N LEU A 131 40.61 -30.65 43.52
CA LEU A 131 40.08 -30.68 44.88
C LEU A 131 40.24 -32.06 45.51
N ARG A 132 41.27 -32.22 46.33
CA ARG A 132 41.48 -33.47 47.05
C ARG A 132 41.17 -33.27 48.53
N GLY A 133 40.33 -34.14 49.07
CA GLY A 133 39.98 -34.07 50.47
C GLY A 133 39.31 -35.34 50.95
N LYS A 134 40.01 -36.10 51.77
CA LYS A 134 39.46 -37.33 52.30
C LYS A 134 38.72 -37.07 53.61
N VAL A 135 37.70 -37.87 53.87
CA VAL A 135 36.86 -37.66 55.04
C VAL A 135 37.31 -38.52 56.21
N ARG A 136 37.44 -37.89 57.37
CA ARG A 136 37.74 -38.59 58.61
C ARG A 136 36.62 -38.32 59.62
N ARG A 137 36.24 -39.33 60.38
CA ARG A 137 35.06 -39.20 61.24
C ARG A 137 35.13 -40.11 62.46
N PRO A 138 35.46 -39.55 63.63
CA PRO A 138 35.41 -40.24 64.90
C PRO A 138 34.10 -39.98 65.65
N LEU A 139 33.81 -40.79 66.67
CA LEU A 139 32.59 -40.62 67.44
C LEU A 139 32.72 -41.21 68.84
N ASP A 140 32.42 -40.41 69.86
CA ASP A 140 32.41 -40.88 71.24
C ASP A 140 31.58 -39.94 72.10
N LEU A 141 30.77 -40.49 72.99
CA LEU A 141 29.88 -39.67 73.82
C LEU A 141 30.19 -39.88 75.29
N GLU A 142 29.56 -39.08 76.14
CA GLU A 142 29.74 -39.20 77.58
C GLU A 142 28.44 -39.63 78.25
N HIS A 143 28.54 -40.44 79.29
CA HIS A 143 27.38 -40.88 80.05
C HIS A 143 27.80 -41.62 81.30
N HIS A 144 27.27 -41.20 82.43
CA HIS A 144 27.48 -41.90 83.69
C HIS A 144 26.32 -41.61 84.62
N HIS A 145 26.08 -42.49 85.58
CA HIS A 145 25.01 -42.30 86.54
C HIS A 145 25.47 -41.33 87.63
N HIS A 146 24.76 -40.23 87.78
CA HIS A 146 25.10 -39.24 88.81
C HIS A 146 24.87 -39.85 90.19
N HIS A 147 25.74 -39.51 91.14
CA HIS A 147 25.56 -39.98 92.50
C HIS A 147 24.60 -39.05 93.25
N HIS A 148 24.81 -37.75 93.09
CA HIS A 148 23.94 -36.75 93.67
C HIS A 148 24.46 -35.36 93.31
N MET A 1 7.73 7.85 -10.34
CA MET A 1 6.77 8.89 -9.88
C MET A 1 5.34 8.35 -9.98
N ILE A 2 4.41 8.99 -9.27
CA ILE A 2 3.02 8.58 -9.30
C ILE A 2 2.21 9.48 -10.23
N ALA A 3 1.66 8.90 -11.29
CA ALA A 3 0.83 9.65 -12.22
C ALA A 3 -0.62 9.16 -12.15
N ILE A 4 -1.52 10.09 -11.83
CA ILE A 4 -2.94 9.77 -11.73
C ILE A 4 -3.67 10.36 -12.94
N SER A 5 -4.90 9.93 -13.17
CA SER A 5 -5.73 10.51 -14.21
C SER A 5 -5.94 12.01 -13.95
N ARG A 6 -6.13 12.77 -15.03
CA ARG A 6 -6.08 14.25 -14.98
C ARG A 6 -4.64 14.71 -14.75
N THR A 7 -4.46 16.01 -14.54
CA THR A 7 -3.13 16.57 -14.32
C THR A 7 -2.76 16.48 -12.83
N VAL A 8 -2.96 15.32 -12.25
CA VAL A 8 -2.64 15.10 -10.85
C VAL A 8 -1.47 14.13 -10.71
N SER A 9 -0.35 14.63 -10.22
CA SER A 9 0.83 13.80 -10.04
C SER A 9 1.30 13.86 -8.59
N ILE A 10 1.97 12.80 -8.16
CA ILE A 10 2.54 12.74 -6.82
C ILE A 10 3.98 12.28 -6.91
N ALA A 11 4.86 12.90 -6.13
CA ALA A 11 6.29 12.60 -6.22
C ALA A 11 6.58 11.15 -5.87
N ASP A 12 7.62 10.62 -6.49
CA ASP A 12 8.00 9.22 -6.33
C ASP A 12 8.52 8.98 -4.92
N ASN A 13 9.10 10.01 -4.33
CA ASN A 13 9.67 9.93 -2.98
C ASN A 13 8.58 10.14 -1.93
N GLU A 14 7.41 10.62 -2.35
CA GLU A 14 6.31 10.89 -1.44
C GLU A 14 5.64 9.59 -0.98
N LEU A 15 6.03 8.48 -1.59
CA LEU A 15 5.49 7.18 -1.22
C LEU A 15 6.15 6.68 0.05
N GLU A 16 5.34 6.27 1.01
CA GLU A 16 5.84 5.70 2.25
C GLU A 16 6.01 4.21 2.11
N ILE A 17 7.27 3.79 2.07
CA ILE A 17 7.62 2.40 1.90
C ILE A 17 8.02 1.81 3.24
N THR A 18 7.34 0.75 3.64
CA THR A 18 7.67 0.07 4.87
C THR A 18 8.18 -1.33 4.56
N ALA A 19 9.05 -1.85 5.39
CA ALA A 19 9.63 -3.17 5.17
C ALA A 19 8.75 -4.24 5.79
N ILE A 20 8.63 -5.36 5.08
CA ILE A 20 7.86 -6.48 5.58
C ILE A 20 8.64 -7.20 6.68
N ARG A 21 8.00 -7.38 7.82
CA ARG A 21 8.61 -8.06 8.95
C ARG A 21 7.55 -8.86 9.67
N ALA A 22 7.58 -10.17 9.45
CA ALA A 22 6.50 -11.05 9.87
C ALA A 22 6.42 -11.18 11.39
N GLN A 23 7.49 -11.65 12.00
CA GLN A 23 7.47 -11.93 13.43
C GLN A 23 8.87 -11.88 14.03
N GLY A 24 8.93 -12.03 15.35
CA GLY A 24 10.20 -12.14 16.03
C GLY A 24 10.55 -13.59 16.31
N ALA A 25 11.73 -14.01 15.89
CA ALA A 25 12.11 -15.40 16.00
C ALA A 25 12.96 -15.64 17.25
N GLY A 26 13.04 -16.89 17.68
CA GLY A 26 13.83 -17.23 18.85
C GLY A 26 15.32 -17.15 18.59
N GLY A 27 15.74 -17.74 17.47
CA GLY A 27 17.13 -17.68 17.09
C GLY A 27 17.28 -17.18 15.67
N GLN A 28 16.29 -16.40 15.24
CA GLN A 28 16.25 -15.85 13.88
C GLN A 28 16.09 -16.95 12.83
N HIS A 29 16.07 -16.52 11.57
CA HIS A 29 15.91 -17.42 10.41
C HIS A 29 14.83 -18.47 10.58
N VAL A 30 13.65 -18.14 10.12
CA VAL A 30 12.51 -19.05 10.10
C VAL A 30 11.91 -19.06 8.72
N ASN A 31 11.54 -17.88 8.26
CA ASN A 31 11.12 -17.68 6.88
C ASN A 31 12.17 -16.83 6.18
N LYS A 32 12.06 -16.68 4.87
CA LYS A 32 13.05 -15.93 4.10
C LYS A 32 13.07 -14.46 4.50
N THR A 33 14.19 -13.79 4.24
CA THR A 33 14.30 -12.38 4.55
C THR A 33 13.32 -11.57 3.70
N SER A 34 12.29 -11.06 4.35
CA SER A 34 11.24 -10.33 3.68
C SER A 34 11.69 -8.91 3.35
N SER A 35 12.29 -8.77 2.17
CA SER A 35 12.78 -7.47 1.72
C SER A 35 11.88 -6.91 0.62
N ALA A 36 10.62 -7.33 0.63
CA ALA A 36 9.67 -6.89 -0.35
C ALA A 36 9.20 -5.47 -0.07
N ILE A 37 8.42 -4.94 -0.98
CA ILE A 37 7.98 -3.55 -0.88
C ILE A 37 6.54 -3.47 -0.35
N HIS A 38 6.38 -2.84 0.80
CA HIS A 38 5.07 -2.59 1.36
C HIS A 38 4.80 -1.09 1.40
N LEU A 39 3.95 -0.64 0.49
CA LEU A 39 3.66 0.78 0.37
C LEU A 39 2.28 1.07 0.91
N ARG A 40 2.11 2.28 1.43
CA ARG A 40 0.83 2.70 1.97
C ARG A 40 0.38 4.00 1.30
N PHE A 41 -0.62 3.88 0.44
CA PHE A 41 -1.11 5.01 -0.31
C PHE A 41 -2.34 5.61 0.38
N ASP A 42 -2.14 6.74 1.04
CA ASP A 42 -3.21 7.37 1.79
C ASP A 42 -3.74 8.60 1.06
N ILE A 43 -5.05 8.63 0.86
CA ILE A 43 -5.72 9.75 0.21
C ILE A 43 -5.42 11.05 0.95
N ARG A 44 -5.48 10.97 2.28
CA ARG A 44 -5.34 12.14 3.15
C ARG A 44 -3.94 12.75 3.05
N ALA A 45 -2.99 12.00 2.48
CA ALA A 45 -1.61 12.46 2.38
C ALA A 45 -1.42 13.44 1.22
N SER A 46 -2.39 13.48 0.33
CA SER A 46 -2.30 14.34 -0.84
C SER A 46 -3.64 15.06 -1.05
N GLY A 47 -3.79 15.73 -2.18
CA GLY A 47 -5.00 16.46 -2.47
C GLY A 47 -5.63 16.01 -3.76
N LEU A 48 -6.16 14.80 -3.76
CA LEU A 48 -6.81 14.24 -4.94
C LEU A 48 -8.19 14.87 -5.13
N PRO A 49 -8.69 14.91 -6.38
CA PRO A 49 -10.03 15.46 -6.67
C PRO A 49 -11.12 14.78 -5.84
N GLU A 50 -12.09 15.59 -5.41
CA GLU A 50 -13.15 15.14 -4.52
C GLU A 50 -13.86 13.90 -5.06
N TYR A 51 -14.09 13.87 -6.37
CA TYR A 51 -14.79 12.78 -7.04
C TYR A 51 -14.14 11.44 -6.74
N TYR A 52 -12.81 11.41 -6.82
CA TYR A 52 -12.06 10.19 -6.61
C TYR A 52 -12.17 9.72 -5.17
N LYS A 53 -12.09 10.65 -4.23
CA LYS A 53 -12.16 10.34 -2.82
C LYS A 53 -13.51 9.73 -2.48
N GLN A 54 -14.56 10.24 -3.11
CA GLN A 54 -15.92 9.76 -2.88
C GLN A 54 -16.01 8.25 -3.13
N ARG A 55 -15.51 7.83 -4.28
CA ARG A 55 -15.55 6.42 -4.67
C ARG A 55 -14.67 5.55 -3.78
N LEU A 56 -13.49 6.06 -3.42
CA LEU A 56 -12.53 5.31 -2.63
C LEU A 56 -13.05 5.06 -1.21
N LEU A 57 -13.88 5.96 -0.72
CA LEU A 57 -14.43 5.82 0.64
C LEU A 57 -15.64 4.88 0.67
N THR A 58 -16.37 4.81 -0.43
CA THR A 58 -17.58 3.99 -0.50
C THR A 58 -17.25 2.55 -0.84
N ALA A 59 -16.37 2.35 -1.81
CA ALA A 59 -16.01 1.01 -2.27
C ALA A 59 -15.37 0.19 -1.16
N SER A 60 -15.98 -0.96 -0.87
CA SER A 60 -15.49 -1.85 0.17
C SER A 60 -14.48 -2.84 -0.40
N HIS A 61 -13.48 -2.31 -1.08
CA HIS A 61 -12.45 -3.13 -1.70
C HIS A 61 -11.38 -3.46 -0.66
N HIS A 62 -11.08 -4.74 -0.49
CA HIS A 62 -10.19 -5.22 0.58
C HIS A 62 -8.81 -4.54 0.56
N LEU A 63 -8.37 -4.08 -0.61
CA LEU A 63 -7.12 -3.35 -0.72
C LEU A 63 -7.11 -2.09 0.16
N ILE A 64 -8.30 -1.56 0.44
CA ILE A 64 -8.41 -0.42 1.35
C ILE A 64 -8.19 -0.92 2.77
N SER A 65 -7.31 -0.25 3.51
CA SER A 65 -6.86 -0.76 4.80
C SER A 65 -7.82 -0.35 5.92
N ASP A 66 -8.15 0.93 6.00
CA ASP A 66 -8.97 1.42 7.11
C ASP A 66 -9.82 2.61 6.69
N ASP A 67 -9.24 3.82 6.73
CA ASP A 67 -9.97 5.01 6.30
C ASP A 67 -9.90 5.15 4.78
N GLY A 68 -8.82 5.75 4.32
CA GLY A 68 -8.63 5.95 2.90
C GLY A 68 -7.21 5.64 2.48
N VAL A 69 -6.62 4.63 3.11
CA VAL A 69 -5.28 4.23 2.78
C VAL A 69 -5.32 2.87 2.10
N ILE A 70 -4.46 2.69 1.11
CA ILE A 70 -4.39 1.46 0.36
C ILE A 70 -3.10 0.73 0.68
N ILE A 71 -3.23 -0.50 1.13
CA ILE A 71 -2.07 -1.31 1.46
C ILE A 71 -1.80 -2.32 0.35
N ILE A 72 -0.66 -2.16 -0.30
CA ILE A 72 -0.27 -3.04 -1.38
C ILE A 72 1.07 -3.69 -1.07
N LYS A 73 1.12 -5.00 -1.19
CA LYS A 73 2.39 -5.71 -1.08
C LYS A 73 2.93 -6.01 -2.46
N ALA A 74 4.12 -5.54 -2.69
CA ALA A 74 4.79 -5.79 -3.95
C ALA A 74 5.90 -6.80 -3.75
N GLN A 75 5.81 -7.89 -4.49
CA GLN A 75 6.77 -8.97 -4.38
C GLN A 75 6.81 -9.79 -5.65
N GLU A 76 7.85 -9.58 -6.43
CA GLU A 76 8.10 -10.39 -7.61
C GLU A 76 9.03 -11.53 -7.21
N PHE A 77 10.25 -11.17 -6.88
CA PHE A 77 11.27 -12.12 -6.43
C PHE A 77 12.58 -11.37 -6.23
N ARG A 78 12.82 -10.41 -7.11
CA ARG A 78 14.05 -9.64 -7.10
C ARG A 78 13.81 -8.25 -7.69
N SER A 79 14.78 -7.37 -7.50
CA SER A 79 14.75 -6.01 -8.04
C SER A 79 13.55 -5.23 -7.54
N GLN A 80 13.76 -4.56 -6.42
CA GLN A 80 12.72 -3.77 -5.77
C GLN A 80 12.24 -2.64 -6.70
N GLU A 81 13.13 -2.21 -7.56
CA GLU A 81 12.82 -1.18 -8.57
C GLU A 81 11.56 -1.55 -9.35
N LEU A 82 11.54 -2.75 -9.93
CA LEU A 82 10.42 -3.18 -10.75
C LEU A 82 9.21 -3.50 -9.89
N ASN A 83 9.49 -3.90 -8.65
CA ASN A 83 8.43 -4.19 -7.69
C ASN A 83 7.58 -2.94 -7.45
N ARG A 84 8.24 -1.78 -7.39
CA ARG A 84 7.55 -0.51 -7.20
C ARG A 84 6.64 -0.23 -8.39
N GLU A 85 7.22 -0.34 -9.59
CA GLU A 85 6.50 -0.07 -10.83
C GLU A 85 5.22 -0.90 -10.92
N ALA A 86 5.34 -2.19 -10.56
CA ALA A 86 4.19 -3.09 -10.56
C ALA A 86 3.13 -2.64 -9.55
N ALA A 87 3.58 -2.27 -8.36
CA ALA A 87 2.69 -1.79 -7.32
C ALA A 87 1.92 -0.56 -7.79
N ILE A 88 2.66 0.37 -8.41
CA ILE A 88 2.07 1.59 -8.97
C ILE A 88 1.04 1.24 -10.04
N ALA A 89 1.44 0.40 -10.98
CA ALA A 89 0.56 -0.02 -12.08
C ALA A 89 -0.71 -0.66 -11.55
N ARG A 90 -0.59 -1.46 -10.49
CA ARG A 90 -1.75 -2.09 -9.89
C ARG A 90 -2.68 -1.06 -9.23
N LEU A 91 -2.12 -0.18 -8.41
CA LEU A 91 -2.93 0.76 -7.65
C LEU A 91 -3.64 1.76 -8.59
N VAL A 92 -2.93 2.22 -9.61
CA VAL A 92 -3.50 3.15 -10.59
C VAL A 92 -4.63 2.46 -11.34
N ALA A 93 -4.45 1.18 -11.64
CA ALA A 93 -5.46 0.40 -12.32
C ALA A 93 -6.72 0.32 -11.47
N VAL A 94 -6.55 0.08 -10.16
CA VAL A 94 -7.67 0.01 -9.24
C VAL A 94 -8.45 1.32 -9.24
N ILE A 95 -7.72 2.43 -9.24
CA ILE A 95 -8.34 3.75 -9.32
C ILE A 95 -9.20 3.86 -10.58
N LYS A 96 -8.68 3.34 -11.69
CA LYS A 96 -9.38 3.38 -12.96
C LYS A 96 -10.56 2.41 -13.00
N GLU A 97 -10.50 1.36 -12.18
CA GLU A 97 -11.61 0.41 -12.08
C GLU A 97 -12.83 1.10 -11.47
N LEU A 98 -12.58 1.91 -10.43
CA LEU A 98 -13.65 2.61 -9.74
C LEU A 98 -14.16 3.81 -10.53
N THR A 99 -13.27 4.41 -11.31
CA THR A 99 -13.63 5.59 -12.09
C THR A 99 -13.79 5.23 -13.57
N ALA A 100 -14.11 3.98 -13.84
CA ALA A 100 -14.32 3.52 -15.21
C ALA A 100 -15.66 4.02 -15.74
N GLU A 101 -15.59 4.93 -16.71
CA GLU A 101 -16.78 5.47 -17.31
C GLU A 101 -17.33 4.50 -18.35
N GLN A 102 -18.21 3.62 -17.89
CA GLN A 102 -18.84 2.62 -18.73
C GLN A 102 -20.30 2.49 -18.37
N LYS A 103 -21.08 1.89 -19.24
CA LYS A 103 -22.51 1.71 -18.97
C LYS A 103 -22.92 0.25 -19.15
N SER A 104 -23.29 -0.38 -18.05
CA SER A 104 -23.79 -1.74 -18.07
C SER A 104 -25.26 -1.76 -18.47
N ARG A 105 -25.89 -0.60 -18.36
CA ARG A 105 -27.27 -0.40 -18.75
C ARG A 105 -27.36 0.85 -19.61
N ARG A 106 -28.33 0.88 -20.51
CA ARG A 106 -28.49 2.02 -21.41
C ARG A 106 -28.97 3.25 -20.65
N ALA A 107 -28.04 4.17 -20.41
CA ALA A 107 -28.33 5.37 -19.63
C ALA A 107 -28.36 6.60 -20.53
N THR A 108 -28.46 6.36 -21.84
CA THR A 108 -28.52 7.40 -22.87
C THR A 108 -27.53 8.54 -22.63
N ARG A 109 -26.28 8.30 -22.99
CA ARG A 109 -25.19 9.25 -22.77
C ARG A 109 -24.39 9.46 -24.04
N PRO A 110 -24.61 10.60 -24.73
CA PRO A 110 -23.95 10.93 -25.99
C PRO A 110 -22.62 11.65 -25.77
N THR A 111 -21.93 11.30 -24.70
CA THR A 111 -20.66 11.94 -24.36
C THR A 111 -19.48 11.25 -25.04
N ARG A 112 -18.63 12.03 -25.68
CA ARG A 112 -17.46 11.50 -26.37
C ARG A 112 -16.26 12.43 -26.17
N ALA A 113 -16.41 13.66 -26.65
CA ALA A 113 -15.38 14.70 -26.53
C ALA A 113 -14.10 14.35 -27.29
N SER A 114 -13.97 14.88 -28.49
CA SER A 114 -12.77 14.71 -29.28
C SER A 114 -12.05 16.04 -29.42
N LYS A 115 -10.78 16.08 -29.04
CA LYS A 115 -10.01 17.30 -29.09
C LYS A 115 -9.01 17.26 -30.24
N GLU A 116 -9.00 18.30 -31.06
CA GLU A 116 -8.11 18.37 -32.20
C GLU A 116 -7.65 19.80 -32.43
N ARG A 117 -6.34 20.00 -32.37
CA ARG A 117 -5.73 21.29 -32.69
C ARG A 117 -4.24 21.11 -32.95
N ARG A 118 -3.76 21.73 -34.02
CA ARG A 118 -2.35 21.68 -34.35
C ARG A 118 -1.89 23.03 -34.89
N LEU A 119 -0.59 23.28 -34.82
CA LEU A 119 -0.02 24.52 -35.33
C LEU A 119 1.46 24.33 -35.65
N SER A 120 1.73 24.02 -36.91
CA SER A 120 3.10 23.88 -37.37
C SER A 120 3.68 25.26 -37.69
N SER A 121 4.10 25.96 -36.64
CA SER A 121 4.65 27.29 -36.77
C SER A 121 6.15 27.29 -36.49
N LYS A 122 6.91 27.91 -37.40
CA LYS A 122 8.36 28.01 -37.25
C LYS A 122 8.92 28.88 -38.36
N ALA A 123 9.60 29.96 -38.00
CA ALA A 123 10.12 30.89 -38.98
C ALA A 123 11.48 31.44 -38.57
N GLN A 124 12.53 30.81 -39.08
CA GLN A 124 13.89 31.29 -38.90
C GLN A 124 14.84 30.49 -39.79
N LYS A 125 15.03 30.96 -41.01
CA LYS A 125 15.91 30.30 -41.95
C LYS A 125 16.77 31.32 -42.69
N SER A 126 17.92 31.62 -42.13
CA SER A 126 18.85 32.53 -42.77
C SER A 126 19.84 31.75 -43.61
N SER A 127 19.65 31.77 -44.92
CA SER A 127 20.51 31.05 -45.83
C SER A 127 21.53 31.99 -46.46
N VAL A 128 22.79 31.81 -46.09
CA VAL A 128 23.86 32.62 -46.65
C VAL A 128 24.21 32.13 -48.05
N LYS A 129 24.80 32.99 -48.85
CA LYS A 129 25.13 32.66 -50.23
C LYS A 129 26.55 33.11 -50.56
N ALA A 130 27.37 32.17 -50.98
CA ALA A 130 28.76 32.45 -51.31
C ALA A 130 28.91 32.71 -52.80
N LEU A 131 29.73 33.68 -53.15
CA LEU A 131 29.98 34.02 -54.55
C LEU A 131 31.16 33.21 -55.08
N ARG A 132 30.85 32.24 -55.93
CA ARG A 132 31.88 31.40 -56.52
C ARG A 132 32.44 32.04 -57.78
N GLY A 133 33.53 32.77 -57.63
CA GLY A 133 34.15 33.44 -58.75
C GLY A 133 35.32 34.30 -58.31
N LYS A 134 36.42 34.18 -59.02
CA LYS A 134 37.62 34.93 -58.70
C LYS A 134 38.03 35.84 -59.85
N VAL A 135 39.02 36.68 -59.59
CA VAL A 135 39.59 37.53 -60.63
C VAL A 135 40.90 36.94 -61.13
N ARG A 136 41.61 37.72 -61.94
CA ARG A 136 42.89 37.28 -62.49
C ARG A 136 44.00 38.13 -61.88
N ARG A 137 45.23 37.91 -62.29
CA ARG A 137 46.35 38.72 -61.80
C ARG A 137 46.49 39.97 -62.66
N PRO A 138 46.09 41.13 -62.11
CA PRO A 138 46.09 42.39 -62.86
C PRO A 138 47.48 42.98 -62.98
N LEU A 139 47.92 43.21 -64.21
CA LEU A 139 49.22 43.83 -64.46
C LEU A 139 49.09 45.34 -64.48
N ASP A 140 48.93 45.93 -63.30
CA ASP A 140 48.77 47.36 -63.18
C ASP A 140 50.10 47.99 -62.79
N LEU A 141 50.71 48.70 -63.73
CA LEU A 141 52.06 49.21 -63.55
C LEU A 141 52.06 50.52 -62.77
N GLU A 142 52.81 50.52 -61.67
CA GLU A 142 53.05 51.72 -60.91
C GLU A 142 54.23 52.48 -61.50
N HIS A 143 54.03 53.72 -61.88
CA HIS A 143 55.10 54.50 -62.48
C HIS A 143 55.59 55.57 -61.53
N HIS A 144 56.90 55.75 -61.46
CA HIS A 144 57.49 56.71 -60.55
C HIS A 144 57.29 58.13 -61.06
N HIS A 145 57.10 59.07 -60.15
CA HIS A 145 56.95 60.46 -60.49
C HIS A 145 57.08 61.32 -59.24
N HIS A 146 57.88 62.37 -59.33
CA HIS A 146 58.13 63.23 -58.19
C HIS A 146 58.41 64.63 -58.65
N HIS A 147 57.49 65.53 -58.41
CA HIS A 147 57.63 66.90 -58.86
C HIS A 147 56.68 67.82 -58.09
N HIS A 148 57.19 68.96 -57.66
CA HIS A 148 56.38 69.96 -56.99
C HIS A 148 55.98 71.06 -57.97
N MET A 1 7.92 7.55 -9.99
CA MET A 1 6.93 8.65 -10.08
C MET A 1 5.52 8.06 -10.19
N ILE A 2 4.57 8.66 -9.50
CA ILE A 2 3.20 8.18 -9.52
C ILE A 2 2.32 9.12 -10.34
N ALA A 3 1.89 8.65 -11.50
CA ALA A 3 1.07 9.45 -12.40
C ALA A 3 -0.39 9.02 -12.31
N ILE A 4 -1.21 9.87 -11.71
CA ILE A 4 -2.63 9.58 -11.53
C ILE A 4 -3.42 10.20 -12.68
N SER A 5 -4.64 9.72 -12.88
CA SER A 5 -5.53 10.26 -13.89
C SER A 5 -5.87 11.71 -13.54
N ARG A 6 -6.24 12.48 -14.57
CA ARG A 6 -6.49 13.92 -14.42
C ARG A 6 -5.18 14.69 -14.23
N THR A 7 -5.28 15.92 -13.77
CA THR A 7 -4.11 16.80 -13.68
C THR A 7 -3.41 16.67 -12.32
N VAL A 8 -3.36 15.46 -11.78
CA VAL A 8 -2.69 15.24 -10.50
C VAL A 8 -1.57 14.21 -10.61
N SER A 9 -0.41 14.56 -10.12
CA SER A 9 0.73 13.66 -10.09
C SER A 9 1.31 13.60 -8.69
N ILE A 10 1.88 12.47 -8.31
CA ILE A 10 2.44 12.28 -6.98
C ILE A 10 3.89 11.84 -7.08
N ALA A 11 4.76 12.55 -6.35
CA ALA A 11 6.19 12.26 -6.37
C ALA A 11 6.49 10.90 -5.75
N ASP A 12 7.58 10.29 -6.22
CA ASP A 12 7.93 8.92 -5.85
C ASP A 12 8.38 8.83 -4.40
N ASN A 13 9.05 9.87 -3.93
CA ASN A 13 9.64 9.88 -2.58
C ASN A 13 8.63 10.37 -1.54
N GLU A 14 7.40 10.64 -1.97
CA GLU A 14 6.40 11.20 -1.08
C GLU A 14 5.59 10.12 -0.38
N LEU A 15 5.59 8.92 -0.94
CA LEU A 15 4.82 7.82 -0.36
C LEU A 15 5.61 7.11 0.73
N GLU A 16 4.91 6.34 1.54
CA GLU A 16 5.53 5.55 2.58
C GLU A 16 5.90 4.18 2.02
N ILE A 17 7.16 4.02 1.64
CA ILE A 17 7.64 2.77 1.07
C ILE A 17 8.41 1.99 2.11
N THR A 18 7.86 0.86 2.54
CA THR A 18 8.50 0.02 3.54
C THR A 18 8.87 -1.33 2.95
N ALA A 19 9.91 -1.94 3.47
CA ALA A 19 10.27 -3.29 3.08
C ALA A 19 9.63 -4.26 4.05
N ILE A 20 8.70 -5.07 3.53
CA ILE A 20 7.96 -6.01 4.38
C ILE A 20 8.90 -6.90 5.15
N ARG A 21 8.83 -6.80 6.47
CA ARG A 21 9.72 -7.54 7.35
C ARG A 21 8.90 -8.45 8.26
N ALA A 22 8.05 -7.83 9.09
CA ALA A 22 7.17 -8.57 10.01
C ALA A 22 7.98 -9.42 10.98
N GLN A 23 7.30 -10.27 11.73
CA GLN A 23 7.98 -11.18 12.65
C GLN A 23 8.15 -12.54 11.97
N GLY A 24 9.03 -12.58 10.99
CA GLY A 24 9.27 -13.81 10.25
C GLY A 24 10.34 -14.66 10.87
N ALA A 25 10.21 -14.92 12.16
CA ALA A 25 11.18 -15.70 12.89
C ALA A 25 10.57 -17.01 13.35
N GLY A 26 11.39 -18.05 13.44
CA GLY A 26 10.91 -19.34 13.89
C GLY A 26 10.93 -20.37 12.78
N GLY A 27 11.12 -21.63 13.15
CA GLY A 27 11.16 -22.70 12.17
C GLY A 27 9.78 -23.18 11.78
N GLN A 28 9.02 -22.33 11.12
CA GLN A 28 7.66 -22.65 10.72
C GLN A 28 7.57 -22.73 9.20
N HIS A 29 6.40 -23.10 8.70
CA HIS A 29 6.21 -23.32 7.27
C HIS A 29 5.45 -22.17 6.64
N VAL A 30 5.50 -21.03 7.29
CA VAL A 30 4.89 -19.81 6.78
C VAL A 30 5.46 -19.49 5.39
N ASN A 31 6.73 -19.14 5.37
CA ASN A 31 7.47 -18.88 4.13
C ASN A 31 6.89 -17.70 3.36
N LYS A 32 7.59 -17.34 2.28
CA LYS A 32 7.12 -16.29 1.36
C LYS A 32 7.08 -14.92 2.03
N THR A 33 6.74 -13.89 1.25
CA THR A 33 6.60 -12.52 1.75
C THR A 33 7.91 -12.05 2.39
N SER A 34 9.03 -12.62 1.94
CA SER A 34 10.32 -12.32 2.50
C SER A 34 11.00 -11.22 1.68
N SER A 35 10.99 -10.01 2.24
CA SER A 35 11.53 -8.83 1.57
C SER A 35 10.68 -8.45 0.36
N ALA A 36 9.65 -7.66 0.61
CA ALA A 36 8.75 -7.21 -0.43
C ALA A 36 8.45 -5.73 -0.24
N ILE A 37 7.64 -5.17 -1.13
CA ILE A 37 7.35 -3.75 -1.09
C ILE A 37 6.01 -3.47 -0.44
N HIS A 38 6.05 -2.71 0.64
CA HIS A 38 4.85 -2.27 1.33
C HIS A 38 4.67 -0.77 1.14
N LEU A 39 3.61 -0.38 0.46
CA LEU A 39 3.29 1.02 0.31
C LEU A 39 1.85 1.26 0.70
N ARG A 40 1.61 2.42 1.30
CA ARG A 40 0.27 2.77 1.72
C ARG A 40 -0.16 4.07 1.05
N PHE A 41 -1.25 3.99 0.30
CA PHE A 41 -1.79 5.14 -0.39
C PHE A 41 -2.89 5.75 0.47
N ASP A 42 -2.57 6.83 1.16
CA ASP A 42 -3.45 7.37 2.19
C ASP A 42 -4.23 8.59 1.70
N ILE A 43 -5.48 8.65 2.14
CA ILE A 43 -6.37 9.75 1.77
C ILE A 43 -6.06 11.00 2.61
N ARG A 44 -5.84 10.80 3.91
CA ARG A 44 -5.59 11.93 4.81
C ARG A 44 -4.30 12.67 4.42
N ALA A 45 -3.34 11.92 3.88
CA ALA A 45 -2.12 12.51 3.35
C ALA A 45 -2.44 13.51 2.24
N SER A 46 -3.62 13.34 1.64
CA SER A 46 -4.18 14.20 0.61
C SER A 46 -3.34 14.25 -0.66
N GLY A 47 -4.02 14.54 -1.76
CA GLY A 47 -3.39 14.57 -3.06
C GLY A 47 -4.36 14.19 -4.14
N LEU A 48 -5.20 13.22 -3.83
CA LEU A 48 -6.24 12.77 -4.74
C LEU A 48 -7.39 13.78 -4.78
N PRO A 49 -8.00 13.96 -5.96
CA PRO A 49 -9.16 14.84 -6.12
C PRO A 49 -10.38 14.33 -5.35
N GLU A 50 -11.31 15.23 -5.06
CA GLU A 50 -12.50 14.89 -4.25
C GLU A 50 -13.26 13.73 -4.86
N TYR A 51 -13.31 13.68 -6.18
CA TYR A 51 -14.02 12.63 -6.91
C TYR A 51 -13.46 11.26 -6.55
N TYR A 52 -12.15 11.11 -6.69
CA TYR A 52 -11.49 9.85 -6.41
C TYR A 52 -11.54 9.52 -4.93
N LYS A 53 -11.44 10.55 -4.11
CA LYS A 53 -11.52 10.40 -2.66
C LYS A 53 -12.84 9.75 -2.27
N GLN A 54 -13.94 10.29 -2.79
CA GLN A 54 -15.27 9.80 -2.47
C GLN A 54 -15.45 8.36 -2.96
N ARG A 55 -14.96 8.08 -4.15
CA ARG A 55 -15.05 6.75 -4.74
C ARG A 55 -14.38 5.69 -3.86
N LEU A 56 -13.18 6.01 -3.36
CA LEU A 56 -12.41 5.08 -2.54
C LEU A 56 -13.15 4.74 -1.25
N LEU A 57 -13.84 5.72 -0.70
CA LEU A 57 -14.58 5.53 0.55
C LEU A 57 -15.92 4.85 0.29
N THR A 58 -16.34 4.82 -0.97
CA THR A 58 -17.61 4.21 -1.33
C THR A 58 -17.45 2.75 -1.72
N ALA A 59 -16.52 2.48 -2.63
CA ALA A 59 -16.34 1.13 -3.15
C ALA A 59 -15.58 0.27 -2.16
N SER A 60 -16.25 -0.78 -1.69
CA SER A 60 -15.64 -1.71 -0.74
C SER A 60 -14.69 -2.66 -1.48
N HIS A 61 -13.54 -2.13 -1.86
CA HIS A 61 -12.51 -2.92 -2.53
C HIS A 61 -11.55 -3.45 -1.47
N HIS A 62 -11.28 -4.75 -1.48
CA HIS A 62 -10.57 -5.40 -0.36
C HIS A 62 -9.07 -5.06 -0.35
N LEU A 63 -8.70 -3.97 -1.00
CA LEU A 63 -7.33 -3.47 -0.91
C LEU A 63 -7.26 -2.35 0.13
N ILE A 64 -8.43 -1.87 0.54
CA ILE A 64 -8.51 -0.91 1.62
C ILE A 64 -8.35 -1.65 2.95
N SER A 65 -7.47 -1.16 3.79
CA SER A 65 -7.16 -1.86 5.03
C SER A 65 -8.19 -1.56 6.13
N ASP A 66 -8.01 -0.45 6.82
CA ASP A 66 -8.91 -0.09 7.91
C ASP A 66 -9.07 1.42 8.01
N ASP A 67 -7.96 2.14 7.96
CA ASP A 67 -7.97 3.60 8.08
C ASP A 67 -8.47 4.30 6.82
N GLY A 68 -9.12 3.54 5.95
CA GLY A 68 -9.55 4.08 4.68
C GLY A 68 -8.37 4.32 3.76
N VAL A 69 -7.26 3.65 4.05
CA VAL A 69 -6.04 3.80 3.29
C VAL A 69 -5.82 2.56 2.42
N ILE A 70 -5.28 2.77 1.22
CA ILE A 70 -5.04 1.69 0.29
C ILE A 70 -3.68 1.05 0.55
N ILE A 71 -3.69 -0.21 0.93
CA ILE A 71 -2.44 -0.94 1.15
C ILE A 71 -2.16 -1.86 -0.02
N ILE A 72 -1.03 -1.62 -0.67
CA ILE A 72 -0.61 -2.47 -1.77
C ILE A 72 0.58 -3.32 -1.33
N LYS A 73 0.40 -4.62 -1.32
CA LYS A 73 1.49 -5.53 -1.06
C LYS A 73 2.10 -5.98 -2.37
N ALA A 74 3.25 -5.42 -2.67
CA ALA A 74 3.90 -5.66 -3.93
C ALA A 74 5.04 -6.64 -3.77
N GLN A 75 4.96 -7.72 -4.53
CA GLN A 75 5.96 -8.76 -4.54
C GLN A 75 5.77 -9.62 -5.76
N GLU A 76 6.65 -9.46 -6.75
CA GLU A 76 6.56 -10.23 -7.97
C GLU A 76 7.83 -11.02 -8.20
N PHE A 77 8.87 -10.38 -8.70
CA PHE A 77 10.13 -11.07 -8.94
C PHE A 77 11.30 -10.09 -9.08
N ARG A 78 12.12 -10.02 -8.03
CA ARG A 78 13.38 -9.26 -8.05
C ARG A 78 13.17 -7.74 -8.09
N SER A 79 14.15 -7.02 -7.54
CA SER A 79 14.21 -5.56 -7.62
C SER A 79 13.07 -4.86 -6.89
N GLN A 80 13.40 -4.18 -5.79
CA GLN A 80 12.45 -3.34 -5.08
C GLN A 80 11.91 -2.27 -6.01
N GLU A 81 12.79 -1.82 -6.89
CA GLU A 81 12.48 -0.77 -7.85
C GLU A 81 11.34 -1.19 -8.78
N LEU A 82 11.50 -2.33 -9.44
CA LEU A 82 10.51 -2.76 -10.41
C LEU A 82 9.23 -3.19 -9.71
N ASN A 83 9.37 -3.75 -8.50
CA ASN A 83 8.20 -4.12 -7.70
C ASN A 83 7.43 -2.87 -7.28
N ARG A 84 8.15 -1.78 -7.06
CA ARG A 84 7.54 -0.49 -6.75
C ARG A 84 6.70 -0.01 -7.92
N GLU A 85 7.34 0.00 -9.08
CA GLU A 85 6.67 0.38 -10.32
C GLU A 85 5.48 -0.52 -10.60
N ALA A 86 5.64 -1.81 -10.30
CA ALA A 86 4.54 -2.77 -10.43
C ALA A 86 3.42 -2.42 -9.46
N ALA A 87 3.78 -2.03 -8.25
CA ALA A 87 2.80 -1.59 -7.26
C ALA A 87 2.05 -0.37 -7.76
N ILE A 88 2.76 0.54 -8.41
CA ILE A 88 2.15 1.69 -9.03
C ILE A 88 1.16 1.24 -10.10
N ALA A 89 1.62 0.35 -10.99
CA ALA A 89 0.76 -0.20 -12.03
C ALA A 89 -0.47 -0.87 -11.43
N ARG A 90 -0.27 -1.56 -10.31
CA ARG A 90 -1.37 -2.18 -9.58
C ARG A 90 -2.39 -1.14 -9.11
N LEU A 91 -1.92 -0.13 -8.40
CA LEU A 91 -2.82 0.87 -7.81
C LEU A 91 -3.49 1.72 -8.87
N VAL A 92 -2.76 2.03 -9.94
CA VAL A 92 -3.31 2.80 -11.06
C VAL A 92 -4.50 2.06 -11.68
N ALA A 93 -4.37 0.74 -11.82
CA ALA A 93 -5.45 -0.07 -12.36
C ALA A 93 -6.65 -0.08 -11.42
N VAL A 94 -6.37 -0.22 -10.13
CA VAL A 94 -7.41 -0.23 -9.10
C VAL A 94 -8.16 1.09 -9.07
N ILE A 95 -7.44 2.20 -9.20
CA ILE A 95 -8.06 3.52 -9.27
C ILE A 95 -9.04 3.58 -10.45
N LYS A 96 -8.64 2.98 -11.56
CA LYS A 96 -9.49 2.92 -12.73
C LYS A 96 -10.65 1.95 -12.56
N GLU A 97 -10.55 1.02 -11.61
CA GLU A 97 -11.67 0.11 -11.33
C GLU A 97 -12.86 0.88 -10.78
N LEU A 98 -12.57 1.95 -10.04
CA LEU A 98 -13.61 2.72 -9.39
C LEU A 98 -14.12 3.85 -10.28
N THR A 99 -13.47 4.05 -11.41
CA THR A 99 -13.85 5.10 -12.35
C THR A 99 -14.33 4.50 -13.68
N ALA A 100 -13.48 3.67 -14.25
CA ALA A 100 -13.82 2.94 -15.47
C ALA A 100 -14.36 1.57 -15.10
N GLU A 101 -14.92 0.85 -16.07
CA GLU A 101 -15.50 -0.44 -15.80
C GLU A 101 -14.44 -1.52 -15.58
N GLN A 102 -13.95 -1.58 -14.32
CA GLN A 102 -13.09 -2.66 -13.78
C GLN A 102 -11.93 -3.09 -14.69
N LYS A 103 -10.71 -2.78 -14.25
CA LYS A 103 -9.49 -3.19 -14.95
C LYS A 103 -8.60 -3.97 -13.99
N SER A 104 -8.27 -5.20 -14.34
CA SER A 104 -7.47 -6.04 -13.44
C SER A 104 -6.66 -7.09 -14.20
N ARG A 105 -5.53 -7.48 -13.62
CA ARG A 105 -4.69 -8.55 -14.15
C ARG A 105 -4.44 -9.57 -13.04
N ARG A 106 -4.30 -10.84 -13.41
CA ARG A 106 -4.14 -11.90 -12.42
C ARG A 106 -2.79 -12.59 -12.56
N ALA A 107 -1.72 -11.80 -12.64
CA ALA A 107 -0.37 -12.34 -12.71
C ALA A 107 0.18 -12.54 -11.30
N THR A 108 0.62 -13.77 -11.00
CA THR A 108 1.07 -14.09 -9.66
C THR A 108 2.50 -14.65 -9.64
N ARG A 109 3.42 -13.87 -9.11
CA ARG A 109 4.79 -14.33 -8.91
C ARG A 109 5.19 -14.14 -7.46
N PRO A 110 5.61 -15.21 -6.78
CA PRO A 110 6.10 -15.14 -5.42
C PRO A 110 7.60 -14.89 -5.36
N THR A 111 7.99 -13.68 -5.00
CA THR A 111 9.39 -13.32 -4.91
C THR A 111 9.87 -13.41 -3.46
N ARG A 112 11.18 -13.56 -3.29
CA ARG A 112 11.79 -13.54 -1.97
C ARG A 112 13.23 -13.07 -2.11
N ALA A 113 13.71 -12.34 -1.12
CA ALA A 113 15.07 -11.86 -1.14
C ALA A 113 15.79 -12.21 0.16
N SER A 114 16.56 -13.28 0.12
CA SER A 114 17.36 -13.69 1.26
C SER A 114 18.82 -13.35 1.02
N LYS A 115 19.29 -12.30 1.68
CA LYS A 115 20.65 -11.84 1.47
C LYS A 115 21.38 -11.68 2.80
N GLU A 116 22.71 -11.80 2.74
CA GLU A 116 23.56 -11.62 3.91
C GLU A 116 24.69 -10.65 3.56
N ARG A 117 24.41 -9.74 2.63
CA ARG A 117 25.44 -8.86 2.09
C ARG A 117 25.89 -7.82 3.13
N ARG A 118 27.17 -7.86 3.43
CA ARG A 118 27.77 -6.90 4.35
C ARG A 118 29.27 -6.81 4.07
N LEU A 119 29.72 -5.61 3.77
CA LEU A 119 31.11 -5.41 3.38
C LEU A 119 31.72 -4.21 4.10
N SER A 120 32.81 -4.46 4.80
CA SER A 120 33.57 -3.41 5.45
C SER A 120 35.03 -3.88 5.62
N SER A 121 35.87 -3.51 4.66
CA SER A 121 37.25 -3.96 4.64
C SER A 121 38.03 -3.22 3.57
N LYS A 122 38.86 -2.27 4.00
CA LYS A 122 39.73 -1.54 3.09
C LYS A 122 41.14 -1.50 3.66
N ALA A 123 42.12 -1.81 2.81
CA ALA A 123 43.52 -1.80 3.23
C ALA A 123 44.42 -1.41 2.07
N GLN A 124 45.41 -0.57 2.36
CA GLN A 124 46.37 -0.15 1.36
C GLN A 124 47.78 -0.16 1.95
N LYS A 125 48.67 -0.89 1.29
CA LYS A 125 50.07 -0.95 1.71
C LYS A 125 50.97 -0.64 0.53
N SER A 126 51.90 0.29 0.72
CA SER A 126 52.72 0.76 -0.39
C SER A 126 54.17 0.97 0.05
N SER A 127 54.93 1.69 -0.78
CA SER A 127 56.33 2.03 -0.50
C SER A 127 57.23 0.79 -0.59
N VAL A 128 57.85 0.63 -1.74
CA VAL A 128 58.80 -0.46 -1.95
C VAL A 128 59.89 -0.01 -2.92
N LYS A 129 61.14 -0.28 -2.57
CA LYS A 129 62.27 0.14 -3.39
C LYS A 129 63.40 -0.89 -3.37
N ALA A 130 63.76 -1.36 -4.55
CA ALA A 130 64.84 -2.33 -4.71
C ALA A 130 65.23 -2.44 -6.18
N LEU A 131 66.26 -1.74 -6.57
CA LEU A 131 66.69 -1.72 -7.97
C LEU A 131 68.16 -2.13 -8.08
N ARG A 132 68.58 -2.49 -9.30
CA ARG A 132 69.97 -2.87 -9.55
C ARG A 132 70.19 -3.05 -11.05
N GLY A 133 71.45 -3.17 -11.45
CA GLY A 133 71.79 -3.38 -12.84
C GLY A 133 73.03 -4.23 -12.99
N LYS A 134 73.16 -4.90 -14.13
CA LYS A 134 74.32 -5.76 -14.37
C LYS A 134 74.63 -5.86 -15.86
N VAL A 135 75.88 -5.54 -16.21
CA VAL A 135 76.37 -5.68 -17.57
C VAL A 135 77.83 -6.11 -17.58
N ARG A 136 78.16 -7.05 -18.47
CA ARG A 136 79.52 -7.54 -18.61
C ARG A 136 79.66 -8.25 -19.94
N ARG A 137 80.78 -7.99 -20.63
CA ARG A 137 81.02 -8.61 -21.92
C ARG A 137 82.20 -9.58 -21.85
N PRO A 138 81.90 -10.89 -21.83
CA PRO A 138 82.90 -11.94 -21.95
C PRO A 138 83.11 -12.33 -23.41
N LEU A 139 84.00 -13.28 -23.67
CA LEU A 139 84.26 -13.70 -25.04
C LEU A 139 84.95 -15.06 -25.08
N ASP A 140 84.29 -16.03 -25.69
CA ASP A 140 84.84 -17.36 -25.85
C ASP A 140 85.10 -17.62 -27.33
N LEU A 141 86.31 -18.09 -27.65
CA LEU A 141 86.66 -18.39 -29.03
C LEU A 141 87.95 -19.20 -29.06
N GLU A 142 87.82 -20.50 -29.26
CA GLU A 142 88.98 -21.38 -29.34
C GLU A 142 88.70 -22.56 -30.26
N HIS A 143 89.41 -22.60 -31.37
CA HIS A 143 89.29 -23.72 -32.30
C HIS A 143 90.66 -24.14 -32.81
N HIS A 144 91.29 -25.05 -32.09
CA HIS A 144 92.54 -25.65 -32.52
C HIS A 144 92.32 -27.13 -32.78
N HIS A 145 92.50 -27.53 -34.03
CA HIS A 145 92.18 -28.89 -34.44
C HIS A 145 93.33 -29.50 -35.24
N HIS A 146 93.72 -30.71 -34.87
CA HIS A 146 94.75 -31.44 -35.61
C HIS A 146 94.31 -32.89 -35.83
N HIS A 147 93.76 -33.16 -37.00
CA HIS A 147 93.32 -34.51 -37.33
C HIS A 147 94.49 -35.32 -37.86
N HIS A 148 95.21 -35.95 -36.93
CA HIS A 148 96.39 -36.73 -37.27
C HIS A 148 96.85 -37.52 -36.05
N MET A 1 7.62 7.59 -8.86
CA MET A 1 6.69 8.72 -9.07
C MET A 1 5.34 8.22 -9.56
N ILE A 2 4.28 8.57 -8.85
CA ILE A 2 2.94 8.10 -9.20
C ILE A 2 2.08 9.27 -9.68
N ALA A 3 1.85 9.33 -10.98
CA ALA A 3 0.99 10.35 -11.54
C ALA A 3 -0.44 9.82 -11.66
N ILE A 4 -1.37 10.47 -10.99
CA ILE A 4 -2.77 10.09 -11.04
C ILE A 4 -3.40 10.73 -12.29
N SER A 5 -4.59 10.27 -12.66
CA SER A 5 -5.28 10.83 -13.80
C SER A 5 -5.59 12.31 -13.59
N ARG A 6 -5.69 13.04 -14.70
CA ARG A 6 -5.96 14.48 -14.69
C ARG A 6 -4.74 15.26 -14.18
N THR A 7 -3.56 14.74 -14.52
CA THR A 7 -2.26 15.39 -14.28
C THR A 7 -2.02 15.74 -12.80
N VAL A 8 -2.74 15.08 -11.90
CA VAL A 8 -2.50 15.23 -10.47
C VAL A 8 -1.51 14.17 -10.01
N SER A 9 -0.26 14.57 -9.77
CA SER A 9 0.78 13.63 -9.44
C SER A 9 1.06 13.58 -7.94
N ILE A 10 1.58 12.44 -7.49
CA ILE A 10 1.98 12.24 -6.11
C ILE A 10 3.40 11.68 -6.06
N ALA A 11 4.28 12.36 -5.36
CA ALA A 11 5.68 11.95 -5.27
C ALA A 11 5.85 10.77 -4.32
N ASP A 12 6.88 9.99 -4.55
CA ASP A 12 7.20 8.83 -3.71
C ASP A 12 7.52 9.28 -2.29
N ASN A 13 7.92 10.54 -2.16
CA ASN A 13 8.27 11.13 -0.87
C ASN A 13 7.04 11.23 0.04
N GLU A 14 5.87 11.35 -0.57
CA GLU A 14 4.63 11.55 0.15
C GLU A 14 4.05 10.22 0.64
N LEU A 15 4.52 9.14 0.06
CA LEU A 15 4.03 7.80 0.38
C LEU A 15 4.75 7.23 1.59
N GLU A 16 4.05 6.38 2.34
CA GLU A 16 4.65 5.69 3.47
C GLU A 16 5.27 4.38 2.98
N ILE A 17 6.60 4.40 2.82
CA ILE A 17 7.32 3.28 2.24
C ILE A 17 7.96 2.41 3.32
N THR A 18 7.75 1.10 3.23
CA THR A 18 8.34 0.16 4.16
C THR A 18 8.78 -1.11 3.45
N ALA A 19 9.86 -1.71 3.93
CA ALA A 19 10.29 -3.00 3.43
C ALA A 19 9.70 -4.11 4.28
N ILE A 20 9.16 -5.13 3.63
CA ILE A 20 8.54 -6.23 4.36
C ILE A 20 9.60 -7.10 5.01
N ARG A 21 9.55 -7.17 6.33
CA ARG A 21 10.52 -7.92 7.11
C ARG A 21 10.00 -9.34 7.36
N ALA A 22 9.23 -9.84 6.40
CA ALA A 22 8.63 -11.16 6.49
C ALA A 22 8.56 -11.78 5.10
N GLN A 23 7.88 -12.92 4.99
CA GLN A 23 7.76 -13.61 3.71
C GLN A 23 6.69 -12.96 2.85
N GLY A 24 6.16 -11.83 3.33
CA GLY A 24 5.21 -11.05 2.56
C GLY A 24 3.82 -11.64 2.57
N ALA A 25 3.56 -12.54 1.63
CA ALA A 25 2.25 -13.15 1.50
C ALA A 25 2.36 -14.55 0.93
N GLY A 26 1.33 -15.36 1.14
CA GLY A 26 1.32 -16.71 0.65
C GLY A 26 0.47 -16.87 -0.59
N GLY A 27 0.35 -18.11 -1.04
CA GLY A 27 -0.38 -18.41 -2.25
C GLY A 27 0.06 -19.74 -2.83
N GLN A 28 1.35 -19.85 -3.07
CA GLN A 28 1.97 -21.11 -3.45
C GLN A 28 3.08 -21.41 -2.45
N HIS A 29 3.84 -22.46 -2.66
CA HIS A 29 4.98 -22.74 -1.78
C HIS A 29 5.97 -21.58 -1.83
N VAL A 30 6.31 -21.06 -0.68
CA VAL A 30 7.12 -19.85 -0.61
C VAL A 30 8.59 -20.16 -0.37
N ASN A 31 9.42 -19.66 -1.26
CA ASN A 31 10.86 -19.81 -1.13
C ASN A 31 11.54 -18.47 -1.41
N LYS A 32 10.73 -17.42 -1.42
CA LYS A 32 11.23 -16.07 -1.66
C LYS A 32 11.78 -15.49 -0.36
N THR A 33 12.77 -14.61 -0.47
CA THR A 33 13.32 -13.94 0.69
C THR A 33 12.50 -12.70 1.01
N SER A 34 12.77 -12.08 2.15
CA SER A 34 12.01 -10.94 2.63
C SER A 34 12.41 -9.64 1.92
N SER A 35 12.57 -9.70 0.60
CA SER A 35 12.82 -8.51 -0.19
C SER A 35 11.53 -8.12 -0.92
N ALA A 36 10.57 -7.65 -0.16
CA ALA A 36 9.26 -7.34 -0.68
C ALA A 36 8.92 -5.87 -0.43
N ILE A 37 8.01 -5.36 -1.24
CA ILE A 37 7.61 -3.97 -1.17
C ILE A 37 6.29 -3.80 -0.42
N HIS A 38 6.28 -2.85 0.51
CA HIS A 38 5.09 -2.50 1.26
C HIS A 38 4.92 -0.98 1.26
N LEU A 39 4.01 -0.48 0.45
CA LEU A 39 3.77 0.95 0.38
C LEU A 39 2.38 1.28 0.86
N ARG A 40 2.25 2.42 1.52
CA ARG A 40 0.97 2.89 2.03
C ARG A 40 0.55 4.14 1.28
N PHE A 41 -0.47 3.98 0.43
CA PHE A 41 -0.95 5.06 -0.41
C PHE A 41 -2.15 5.73 0.23
N ASP A 42 -1.92 6.91 0.79
CA ASP A 42 -2.98 7.65 1.47
C ASP A 42 -3.47 8.80 0.61
N ILE A 43 -4.76 9.09 0.72
CA ILE A 43 -5.38 10.13 -0.08
C ILE A 43 -5.21 11.49 0.59
N ARG A 44 -5.39 11.52 1.90
CA ARG A 44 -5.36 12.76 2.68
C ARG A 44 -4.00 13.47 2.58
N ALA A 45 -2.97 12.70 2.26
CA ALA A 45 -1.63 13.26 2.05
C ALA A 45 -1.60 14.21 0.85
N SER A 46 -2.51 14.00 -0.09
CA SER A 46 -2.57 14.83 -1.29
C SER A 46 -4.00 15.31 -1.52
N GLY A 47 -4.27 15.83 -2.71
CA GLY A 47 -5.58 16.34 -3.01
C GLY A 47 -6.09 15.84 -4.35
N LEU A 48 -6.57 14.61 -4.35
CA LEU A 48 -7.09 14.00 -5.57
C LEU A 48 -8.48 14.55 -5.90
N PRO A 49 -8.88 14.49 -7.19
CA PRO A 49 -10.19 14.96 -7.64
C PRO A 49 -11.35 14.34 -6.84
N GLU A 50 -12.43 15.11 -6.72
CA GLU A 50 -13.54 14.77 -5.84
C GLU A 50 -14.20 13.43 -6.18
N TYR A 51 -14.31 13.11 -7.46
CA TYR A 51 -14.95 11.87 -7.87
C TYR A 51 -14.19 10.66 -7.38
N TYR A 52 -12.88 10.67 -7.56
CA TYR A 52 -12.04 9.61 -7.03
C TYR A 52 -12.10 9.60 -5.51
N LYS A 53 -11.99 10.79 -4.93
CA LYS A 53 -11.99 10.99 -3.49
C LYS A 53 -13.21 10.34 -2.83
N GLN A 54 -14.39 10.58 -3.39
CA GLN A 54 -15.62 10.07 -2.80
C GLN A 54 -15.75 8.57 -3.02
N ARG A 55 -15.41 8.11 -4.22
CA ARG A 55 -15.51 6.69 -4.55
C ARG A 55 -14.58 5.83 -3.70
N LEU A 56 -13.43 6.36 -3.32
CA LEU A 56 -12.47 5.63 -2.52
C LEU A 56 -13.08 5.15 -1.19
N LEU A 57 -13.85 6.03 -0.57
CA LEU A 57 -14.46 5.71 0.72
C LEU A 57 -15.85 5.09 0.55
N THR A 58 -16.40 5.20 -0.65
CA THR A 58 -17.73 4.69 -0.92
C THR A 58 -17.69 3.26 -1.48
N ALA A 59 -16.77 3.00 -2.40
CA ALA A 59 -16.66 1.69 -3.02
C ALA A 59 -15.79 0.77 -2.18
N SER A 60 -16.43 -0.05 -1.36
CA SER A 60 -15.72 -0.90 -0.41
C SER A 60 -14.92 -1.99 -1.13
N HIS A 61 -13.61 -1.75 -1.26
CA HIS A 61 -12.71 -2.74 -1.82
C HIS A 61 -11.84 -3.30 -0.71
N HIS A 62 -11.58 -4.60 -0.75
CA HIS A 62 -10.86 -5.26 0.33
C HIS A 62 -9.37 -5.16 0.11
N LEU A 63 -9.02 -4.32 -0.85
CA LEU A 63 -7.63 -3.94 -1.08
C LEU A 63 -7.30 -2.76 -0.17
N ILE A 64 -8.32 -2.24 0.50
CA ILE A 64 -8.15 -1.17 1.48
C ILE A 64 -7.71 -1.76 2.81
N SER A 65 -6.74 -1.14 3.44
CA SER A 65 -6.20 -1.65 4.69
C SER A 65 -7.09 -1.30 5.89
N ASP A 66 -6.90 -0.10 6.43
CA ASP A 66 -7.54 0.27 7.69
C ASP A 66 -8.42 1.51 7.55
N ASP A 67 -7.83 2.68 7.71
CA ASP A 67 -8.60 3.93 7.75
C ASP A 67 -8.81 4.49 6.34
N GLY A 68 -9.25 3.62 5.44
CA GLY A 68 -9.53 4.02 4.08
C GLY A 68 -8.27 4.27 3.28
N VAL A 69 -7.20 3.56 3.62
CA VAL A 69 -5.92 3.74 2.95
C VAL A 69 -5.55 2.50 2.14
N ILE A 70 -4.90 2.70 1.00
CA ILE A 70 -4.56 1.60 0.11
C ILE A 70 -3.12 1.15 0.32
N ILE A 71 -2.91 -0.13 0.59
CA ILE A 71 -1.57 -0.67 0.71
C ILE A 71 -1.36 -1.78 -0.29
N ILE A 72 -0.34 -1.64 -1.12
CA ILE A 72 -0.03 -2.64 -2.13
C ILE A 72 1.20 -3.44 -1.71
N LYS A 73 1.18 -4.73 -2.01
CA LYS A 73 2.33 -5.58 -1.73
C LYS A 73 2.89 -6.16 -3.02
N ALA A 74 4.19 -6.35 -3.04
CA ALA A 74 4.87 -6.93 -4.20
C ALA A 74 6.09 -7.72 -3.76
N GLN A 75 6.26 -8.90 -4.32
CA GLN A 75 7.33 -9.79 -3.93
C GLN A 75 7.64 -10.80 -5.04
N GLU A 76 8.73 -10.59 -5.77
CA GLU A 76 9.13 -11.54 -6.78
C GLU A 76 10.65 -11.62 -6.94
N PHE A 77 11.21 -10.72 -7.73
CA PHE A 77 12.60 -10.83 -8.14
C PHE A 77 13.52 -10.05 -7.20
N ARG A 78 12.97 -9.60 -6.06
CA ARG A 78 13.72 -8.86 -5.04
C ARG A 78 14.01 -7.43 -5.47
N SER A 79 14.28 -7.22 -6.76
CA SER A 79 14.51 -5.90 -7.30
C SER A 79 13.33 -4.98 -7.02
N GLN A 80 13.54 -4.06 -6.09
CA GLN A 80 12.49 -3.17 -5.63
C GLN A 80 11.92 -2.35 -6.77
N GLU A 81 12.79 -1.95 -7.69
CA GLU A 81 12.40 -1.09 -8.81
C GLU A 81 11.18 -1.66 -9.55
N LEU A 82 11.27 -2.91 -9.96
CA LEU A 82 10.20 -3.53 -10.74
C LEU A 82 9.03 -3.92 -9.85
N ASN A 83 9.33 -4.23 -8.61
CA ASN A 83 8.29 -4.55 -7.64
C ASN A 83 7.47 -3.31 -7.31
N ARG A 84 8.13 -2.16 -7.22
CA ARG A 84 7.44 -0.91 -6.97
C ARG A 84 6.58 -0.52 -8.15
N GLU A 85 7.15 -0.59 -9.35
CA GLU A 85 6.44 -0.17 -10.56
C GLU A 85 5.22 -1.05 -10.82
N ALA A 86 5.34 -2.33 -10.48
CA ALA A 86 4.20 -3.24 -10.56
C ALA A 86 3.14 -2.87 -9.53
N ALA A 87 3.59 -2.45 -8.35
CA ALA A 87 2.69 -1.99 -7.32
C ALA A 87 1.99 -0.72 -7.75
N ILE A 88 2.74 0.16 -8.39
CA ILE A 88 2.19 1.39 -8.95
C ILE A 88 1.13 1.06 -9.99
N ALA A 89 1.47 0.16 -10.92
CA ALA A 89 0.54 -0.27 -11.96
C ALA A 89 -0.75 -0.80 -11.34
N ARG A 90 -0.60 -1.63 -10.31
CA ARG A 90 -1.74 -2.19 -9.60
C ARG A 90 -2.61 -1.10 -8.95
N LEU A 91 -1.97 -0.12 -8.31
CA LEU A 91 -2.73 0.91 -7.60
C LEU A 91 -3.39 1.88 -8.59
N VAL A 92 -2.69 2.20 -9.68
CA VAL A 92 -3.25 3.06 -10.72
C VAL A 92 -4.46 2.39 -11.35
N ALA A 93 -4.36 1.08 -11.55
CA ALA A 93 -5.46 0.29 -12.09
C ALA A 93 -6.67 0.37 -11.17
N VAL A 94 -6.42 0.23 -9.86
CA VAL A 94 -7.48 0.33 -8.86
C VAL A 94 -8.18 1.69 -8.94
N ILE A 95 -7.42 2.74 -9.19
CA ILE A 95 -7.99 4.08 -9.38
C ILE A 95 -9.04 4.05 -10.49
N LYS A 96 -8.71 3.37 -11.58
CA LYS A 96 -9.64 3.22 -12.69
C LYS A 96 -10.81 2.33 -12.31
N GLU A 97 -10.52 1.28 -11.53
CA GLU A 97 -11.54 0.31 -11.11
C GLU A 97 -12.64 0.98 -10.31
N LEU A 98 -12.27 1.87 -9.39
CA LEU A 98 -13.25 2.56 -8.54
C LEU A 98 -13.98 3.65 -9.31
N THR A 99 -13.43 4.03 -10.46
CA THR A 99 -14.10 4.98 -11.34
C THR A 99 -15.18 4.27 -12.14
N ALA A 100 -14.95 2.98 -12.39
CA ALA A 100 -15.92 2.15 -13.10
C ALA A 100 -16.91 1.56 -12.11
N GLU A 101 -18.00 1.02 -12.63
CA GLU A 101 -19.04 0.43 -11.81
C GLU A 101 -18.83 -1.07 -11.67
N GLN A 102 -17.65 -1.54 -12.03
CA GLN A 102 -17.39 -2.96 -12.11
C GLN A 102 -16.71 -3.49 -10.84
N LYS A 103 -16.41 -4.78 -10.82
CA LYS A 103 -15.96 -5.44 -9.60
C LYS A 103 -14.44 -5.64 -9.58
N SER A 104 -13.86 -5.48 -8.41
CA SER A 104 -12.46 -5.78 -8.18
C SER A 104 -12.30 -6.45 -6.82
N ARG A 105 -11.82 -7.68 -6.82
CA ARG A 105 -11.78 -8.48 -5.61
C ARG A 105 -10.36 -8.91 -5.27
N ARG A 106 -9.91 -8.60 -4.06
CA ARG A 106 -8.62 -9.06 -3.56
C ARG A 106 -8.52 -8.78 -2.07
N ALA A 107 -7.90 -9.70 -1.34
CA ALA A 107 -7.74 -9.55 0.09
C ALA A 107 -6.30 -9.15 0.43
N THR A 108 -6.13 -7.91 0.89
CA THR A 108 -4.81 -7.41 1.26
C THR A 108 -4.91 -6.35 2.36
N ARG A 109 -4.55 -6.73 3.58
CA ARG A 109 -4.48 -5.76 4.68
C ARG A 109 -3.27 -6.02 5.57
N PRO A 110 -2.12 -5.42 5.21
CA PRO A 110 -0.93 -5.42 6.03
C PRO A 110 -0.76 -4.11 6.81
N THR A 111 -1.55 -3.96 7.87
CA THR A 111 -1.55 -2.73 8.65
C THR A 111 -0.35 -2.68 9.61
N ARG A 112 0.58 -1.78 9.30
CA ARG A 112 1.71 -1.52 10.18
C ARG A 112 2.24 -0.11 9.94
N ALA A 113 1.94 0.79 10.86
CA ALA A 113 2.38 2.18 10.76
C ALA A 113 2.48 2.81 12.14
N SER A 114 3.70 3.18 12.53
CA SER A 114 3.93 3.81 13.83
C SER A 114 5.10 4.78 13.75
N LYS A 115 4.80 6.06 13.99
CA LYS A 115 5.79 7.13 13.88
C LYS A 115 5.19 8.44 14.36
N GLU A 116 5.48 8.82 15.59
CA GLU A 116 4.91 10.02 16.16
C GLU A 116 5.84 10.65 17.20
N ARG A 117 6.02 11.96 17.08
CA ARG A 117 6.71 12.74 18.09
C ARG A 117 6.26 14.20 18.01
N ARG A 118 5.47 14.60 18.99
CA ARG A 118 4.94 15.96 19.04
C ARG A 118 5.37 16.65 20.31
N LEU A 119 5.69 17.93 20.19
CA LEU A 119 6.22 18.71 21.32
C LEU A 119 6.34 20.18 20.90
N SER A 120 6.83 21.02 21.83
CA SER A 120 7.14 22.44 21.61
C SER A 120 5.90 23.32 21.49
N SER A 121 5.89 24.40 22.26
CA SER A 121 4.78 25.34 22.34
C SER A 121 5.06 26.35 23.44
N LYS A 122 5.27 27.61 23.08
CA LYS A 122 5.62 28.61 24.06
C LYS A 122 5.07 29.99 23.69
N ALA A 123 4.42 30.63 24.66
CA ALA A 123 3.83 31.96 24.48
C ALA A 123 3.42 32.53 25.84
N GLN A 124 4.16 33.53 26.31
CA GLN A 124 3.88 34.14 27.61
C GLN A 124 3.93 35.66 27.54
N LYS A 125 2.85 36.29 27.98
CA LYS A 125 2.78 37.74 28.11
C LYS A 125 1.62 38.14 29.01
N SER A 126 1.61 39.40 29.43
CA SER A 126 0.60 39.88 30.38
C SER A 126 0.76 41.38 30.59
N SER A 127 -0.36 42.10 30.66
CA SER A 127 -0.34 43.53 30.89
C SER A 127 -1.61 43.96 31.63
N VAL A 128 -1.44 44.83 32.62
CA VAL A 128 -2.56 45.27 33.45
C VAL A 128 -2.25 46.61 34.12
N LYS A 129 -3.26 47.47 34.18
CA LYS A 129 -3.14 48.76 34.86
C LYS A 129 -4.40 49.06 35.66
N ALA A 130 -4.26 49.80 36.75
CA ALA A 130 -5.39 50.16 37.59
C ALA A 130 -5.10 51.45 38.35
N LEU A 131 -5.75 52.53 37.96
CA LEU A 131 -5.54 53.83 38.59
C LEU A 131 -6.58 54.84 38.14
N ARG A 132 -6.44 56.08 38.64
CA ARG A 132 -7.32 57.20 38.30
C ARG A 132 -8.65 57.13 39.04
N GLY A 133 -9.27 58.29 39.19
CA GLY A 133 -10.55 58.39 39.87
C GLY A 133 -10.90 59.83 40.17
N LYS A 134 -12.16 60.10 40.48
CA LYS A 134 -12.60 61.46 40.75
C LYS A 134 -13.94 61.45 41.49
N VAL A 135 -14.03 62.23 42.55
CA VAL A 135 -15.25 62.35 43.32
C VAL A 135 -15.63 63.82 43.47
N ARG A 136 -16.84 64.17 43.08
CA ARG A 136 -17.29 65.55 43.13
C ARG A 136 -18.69 65.64 43.72
N ARG A 137 -18.96 66.69 44.47
CA ARG A 137 -20.25 66.86 45.11
C ARG A 137 -20.75 68.30 44.95
N PRO A 138 -21.56 68.55 43.92
CA PRO A 138 -22.15 69.85 43.66
C PRO A 138 -23.47 70.06 44.40
N LEU A 139 -23.51 71.04 45.29
CA LEU A 139 -24.73 71.36 46.01
C LEU A 139 -25.41 72.58 45.39
N ASP A 140 -26.63 72.41 44.91
CA ASP A 140 -27.39 73.50 44.35
C ASP A 140 -28.71 73.67 45.10
N LEU A 141 -29.50 74.67 44.72
CA LEU A 141 -30.67 75.03 45.50
C LEU A 141 -31.95 75.01 44.67
N GLU A 142 -33.07 74.87 45.36
CA GLU A 142 -34.38 74.95 44.74
C GLU A 142 -35.19 76.04 45.43
N HIS A 143 -36.21 76.54 44.77
CA HIS A 143 -37.05 77.58 45.36
C HIS A 143 -38.39 77.65 44.65
N HIS A 144 -39.30 76.77 45.04
CA HIS A 144 -40.65 76.77 44.48
C HIS A 144 -41.52 77.78 45.21
N HIS A 145 -41.96 78.80 44.50
CA HIS A 145 -42.81 79.84 45.07
C HIS A 145 -44.20 79.77 44.47
N HIS A 146 -45.18 79.48 45.32
CA HIS A 146 -46.58 79.41 44.88
C HIS A 146 -47.32 80.66 45.30
N HIS A 147 -48.02 81.29 44.37
CA HIS A 147 -48.73 82.52 44.65
C HIS A 147 -50.02 82.23 45.43
N HIS A 148 -50.25 83.00 46.48
CA HIS A 148 -51.46 82.88 47.28
C HIS A 148 -52.53 83.82 46.72
N MET A 1 7.50 10.10 -9.68
CA MET A 1 6.28 10.95 -9.74
C MET A 1 5.04 10.07 -9.92
N ILE A 2 3.92 10.49 -9.34
CA ILE A 2 2.68 9.72 -9.41
C ILE A 2 1.69 10.35 -10.40
N ALA A 3 1.13 9.52 -11.26
CA ALA A 3 0.12 9.97 -12.19
C ALA A 3 -1.19 9.22 -11.96
N ILE A 4 -2.24 9.96 -11.65
CA ILE A 4 -3.54 9.36 -11.38
C ILE A 4 -4.43 9.44 -12.62
N SER A 5 -5.51 8.67 -12.65
CA SER A 5 -6.41 8.67 -13.77
C SER A 5 -7.03 10.06 -13.98
N ARG A 6 -7.20 10.42 -15.25
CA ARG A 6 -7.77 11.71 -15.64
C ARG A 6 -6.78 12.83 -15.41
N THR A 7 -5.53 12.60 -15.79
CA THR A 7 -4.56 13.67 -15.95
C THR A 7 -3.98 14.22 -14.62
N VAL A 8 -4.73 14.10 -13.54
CA VAL A 8 -4.29 14.62 -12.25
C VAL A 8 -3.01 13.92 -11.78
N SER A 9 -2.03 14.72 -11.37
CA SER A 9 -0.72 14.18 -10.99
C SER A 9 -0.40 14.48 -9.52
N ILE A 10 0.45 13.65 -8.94
CA ILE A 10 0.85 13.78 -7.54
C ILE A 10 2.38 13.74 -7.44
N ALA A 11 2.93 14.34 -6.40
CA ALA A 11 4.38 14.40 -6.22
C ALA A 11 4.95 13.03 -5.91
N ASP A 12 6.26 12.90 -6.10
CA ASP A 12 6.94 11.61 -5.97
C ASP A 12 7.19 11.24 -4.51
N ASN A 13 7.59 12.22 -3.71
CA ASN A 13 8.05 11.95 -2.35
C ASN A 13 6.91 11.89 -1.34
N GLU A 14 5.69 11.78 -1.83
CA GLU A 14 4.53 11.70 -0.95
C GLU A 14 4.14 10.25 -0.69
N LEU A 15 4.86 9.33 -1.33
CA LEU A 15 4.64 7.89 -1.14
C LEU A 15 5.29 7.41 0.15
N GLU A 16 4.61 6.52 0.88
CA GLU A 16 5.18 5.92 2.07
C GLU A 16 5.58 4.48 1.78
N ILE A 17 6.88 4.22 1.79
CA ILE A 17 7.39 2.89 1.49
C ILE A 17 7.85 2.17 2.76
N THR A 18 7.36 0.96 2.95
CA THR A 18 7.76 0.13 4.07
C THR A 18 8.25 -1.22 3.58
N ALA A 19 9.18 -1.80 4.30
CA ALA A 19 9.73 -3.10 3.93
C ALA A 19 9.09 -4.21 4.75
N ILE A 20 8.55 -5.21 4.07
CA ILE A 20 7.96 -6.36 4.73
C ILE A 20 9.06 -7.22 5.34
N ARG A 21 8.77 -7.81 6.50
CA ARG A 21 9.73 -8.64 7.22
C ARG A 21 10.34 -9.71 6.33
N ALA A 22 11.59 -9.52 5.94
CA ALA A 22 12.28 -10.48 5.10
C ALA A 22 13.19 -11.36 5.93
N GLN A 23 14.00 -10.73 6.78
CA GLN A 23 14.97 -11.44 7.60
C GLN A 23 14.30 -12.00 8.85
N GLY A 24 14.03 -13.29 8.84
CA GLY A 24 13.44 -13.95 9.98
C GLY A 24 14.49 -14.60 10.86
N ALA A 25 14.18 -14.75 12.14
CA ALA A 25 15.13 -15.32 13.09
C ALA A 25 14.42 -16.16 14.15
N GLY A 26 15.14 -17.12 14.69
CA GLY A 26 14.58 -17.96 15.74
C GLY A 26 14.92 -19.42 15.53
N GLY A 27 14.42 -19.98 14.44
CA GLY A 27 14.67 -21.35 14.11
C GLY A 27 14.18 -21.69 12.72
N GLN A 28 14.55 -22.87 12.23
CA GLN A 28 14.16 -23.32 10.89
C GLN A 28 14.71 -22.40 9.81
N HIS A 29 14.31 -22.65 8.57
CA HIS A 29 14.66 -21.77 7.48
C HIS A 29 13.41 -21.08 6.96
N VAL A 30 13.26 -19.84 7.36
CA VAL A 30 12.02 -19.10 7.09
C VAL A 30 12.27 -17.99 6.08
N ASN A 31 13.54 -17.68 5.87
CA ASN A 31 13.95 -16.61 4.96
C ASN A 31 13.74 -17.02 3.49
N LYS A 32 12.49 -17.23 3.11
CA LYS A 32 12.13 -17.53 1.73
C LYS A 32 11.54 -16.31 1.06
N THR A 33 11.13 -15.34 1.88
CA THR A 33 10.56 -14.10 1.37
C THR A 33 11.54 -12.96 1.59
N SER A 34 11.87 -12.24 0.52
CA SER A 34 12.81 -11.13 0.61
C SER A 34 12.44 -10.05 -0.39
N SER A 35 12.75 -8.80 -0.03
CA SER A 35 12.51 -7.64 -0.89
C SER A 35 11.05 -7.52 -1.31
N ALA A 36 10.16 -7.69 -0.34
CA ALA A 36 8.75 -7.48 -0.56
C ALA A 36 8.41 -6.03 -0.26
N ILE A 37 7.76 -5.37 -1.19
CA ILE A 37 7.48 -3.96 -1.07
C ILE A 37 6.07 -3.72 -0.56
N HIS A 38 5.99 -2.97 0.53
CA HIS A 38 4.72 -2.62 1.15
C HIS A 38 4.54 -1.11 1.13
N LEU A 39 3.55 -0.64 0.42
CA LEU A 39 3.29 0.79 0.34
C LEU A 39 1.81 1.06 0.57
N ARG A 40 1.51 2.22 1.12
CA ARG A 40 0.12 2.58 1.38
C ARG A 40 -0.19 3.97 0.86
N PHE A 41 -1.35 4.10 0.24
CA PHE A 41 -1.84 5.38 -0.21
C PHE A 41 -3.00 5.79 0.67
N ASP A 42 -2.79 6.81 1.49
CA ASP A 42 -3.78 7.19 2.49
C ASP A 42 -4.37 8.56 2.20
N ILE A 43 -5.60 8.77 2.67
CA ILE A 43 -6.33 10.02 2.47
C ILE A 43 -5.63 11.18 3.17
N ARG A 44 -5.20 10.93 4.40
CA ARG A 44 -4.59 11.97 5.23
C ARG A 44 -3.26 12.43 4.63
N ALA A 45 -2.69 11.61 3.75
CA ALA A 45 -1.46 11.97 3.06
C ALA A 45 -1.71 13.07 2.03
N SER A 46 -2.98 13.24 1.66
CA SER A 46 -3.40 14.26 0.72
C SER A 46 -2.85 13.97 -0.69
N GLY A 47 -3.20 14.84 -1.60
CA GLY A 47 -2.77 14.71 -2.99
C GLY A 47 -3.93 14.46 -3.91
N LEU A 48 -4.78 13.50 -3.54
CA LEU A 48 -5.94 13.16 -4.35
C LEU A 48 -7.01 14.24 -4.26
N PRO A 49 -7.71 14.50 -5.37
CA PRO A 49 -8.85 15.42 -5.39
C PRO A 49 -10.04 14.85 -4.63
N GLU A 50 -10.89 15.74 -4.11
CA GLU A 50 -12.01 15.35 -3.26
C GLU A 50 -12.95 14.38 -3.96
N TYR A 51 -13.18 14.60 -5.24
CA TYR A 51 -14.07 13.74 -6.02
C TYR A 51 -13.63 12.28 -5.96
N TYR A 52 -12.35 12.03 -6.24
CA TYR A 52 -11.81 10.70 -6.23
C TYR A 52 -11.71 10.17 -4.81
N LYS A 53 -11.42 11.06 -3.87
CA LYS A 53 -11.39 10.75 -2.46
C LYS A 53 -12.71 10.13 -1.98
N GLN A 54 -13.81 10.69 -2.45
CA GLN A 54 -15.13 10.19 -2.09
C GLN A 54 -15.38 8.80 -2.67
N ARG A 55 -14.95 8.59 -3.91
CA ARG A 55 -15.22 7.33 -4.60
C ARG A 55 -14.45 6.18 -3.95
N LEU A 56 -13.28 6.47 -3.39
CA LEU A 56 -12.47 5.47 -2.71
C LEU A 56 -13.21 4.93 -1.49
N LEU A 57 -14.00 5.80 -0.85
CA LEU A 57 -14.78 5.42 0.31
C LEU A 57 -16.05 4.68 -0.11
N THR A 58 -16.41 4.82 -1.36
CA THR A 58 -17.62 4.23 -1.89
C THR A 58 -17.40 2.77 -2.30
N ALA A 59 -16.29 2.51 -2.98
CA ALA A 59 -16.02 1.18 -3.50
C ALA A 59 -15.29 0.32 -2.47
N SER A 60 -16.00 -0.63 -1.89
CA SER A 60 -15.41 -1.58 -0.96
C SER A 60 -14.57 -2.63 -1.70
N HIS A 61 -13.52 -2.16 -2.34
CA HIS A 61 -12.61 -3.01 -3.09
C HIS A 61 -11.62 -3.65 -2.11
N HIS A 62 -11.25 -4.91 -2.33
CA HIS A 62 -10.48 -5.66 -1.34
C HIS A 62 -9.11 -5.06 -1.08
N LEU A 63 -8.54 -4.38 -2.09
CA LEU A 63 -7.23 -3.77 -1.92
C LEU A 63 -7.28 -2.54 -1.02
N ILE A 64 -8.49 -2.17 -0.58
CA ILE A 64 -8.63 -1.19 0.49
C ILE A 64 -8.31 -1.89 1.80
N SER A 65 -7.39 -1.33 2.55
CA SER A 65 -6.83 -2.03 3.69
C SER A 65 -7.80 -2.11 4.85
N ASP A 66 -8.43 -0.98 5.18
CA ASP A 66 -9.33 -0.93 6.33
C ASP A 66 -10.36 0.18 6.18
N ASP A 67 -9.92 1.41 6.37
CA ASP A 67 -10.82 2.55 6.28
C ASP A 67 -10.87 3.12 4.87
N GLY A 68 -9.90 3.97 4.56
CA GLY A 68 -9.82 4.56 3.24
C GLY A 68 -8.40 4.60 2.73
N VAL A 69 -7.61 3.61 3.11
CA VAL A 69 -6.21 3.55 2.70
C VAL A 69 -5.98 2.33 1.82
N ILE A 70 -5.13 2.49 0.81
CA ILE A 70 -4.86 1.41 -0.12
C ILE A 70 -3.48 0.82 0.16
N ILE A 71 -3.44 -0.48 0.42
CA ILE A 71 -2.18 -1.17 0.68
C ILE A 71 -1.89 -2.16 -0.45
N ILE A 72 -0.73 -2.01 -1.07
CA ILE A 72 -0.33 -2.90 -2.14
C ILE A 72 0.84 -3.76 -1.69
N LYS A 73 0.77 -5.04 -1.97
CA LYS A 73 1.87 -5.94 -1.72
C LYS A 73 2.54 -6.33 -3.02
N ALA A 74 3.80 -5.99 -3.11
CA ALA A 74 4.60 -6.33 -4.28
C ALA A 74 5.68 -7.31 -3.90
N GLN A 75 5.70 -8.45 -4.58
CA GLN A 75 6.62 -9.52 -4.24
C GLN A 75 6.89 -10.40 -5.44
N GLU A 76 8.06 -10.22 -6.02
CA GLU A 76 8.54 -11.13 -7.04
C GLU A 76 9.60 -12.03 -6.42
N PHE A 77 10.77 -11.46 -6.18
CA PHE A 77 11.83 -12.15 -5.44
C PHE A 77 13.00 -11.20 -5.18
N ARG A 78 13.43 -10.51 -6.24
CA ARG A 78 14.54 -9.57 -6.13
C ARG A 78 14.32 -8.39 -7.07
N SER A 79 15.25 -7.43 -7.05
CA SER A 79 15.16 -6.21 -7.85
C SER A 79 13.97 -5.36 -7.38
N GLN A 80 14.22 -4.53 -6.38
CA GLN A 80 13.18 -3.77 -5.71
C GLN A 80 12.51 -2.78 -6.66
N GLU A 81 13.25 -2.30 -7.65
CA GLU A 81 12.75 -1.36 -8.61
C GLU A 81 11.52 -1.87 -9.34
N LEU A 82 11.61 -3.07 -9.91
CA LEU A 82 10.49 -3.61 -10.68
C LEU A 82 9.36 -4.02 -9.76
N ASN A 83 9.72 -4.45 -8.56
CA ASN A 83 8.73 -4.76 -7.53
C ASN A 83 7.93 -3.51 -7.19
N ARG A 84 8.63 -2.38 -7.03
CA ARG A 84 7.98 -1.11 -6.77
C ARG A 84 7.12 -0.68 -7.96
N GLU A 85 7.66 -0.82 -9.17
CA GLU A 85 6.93 -0.51 -10.38
C GLU A 85 5.62 -1.29 -10.46
N ALA A 86 5.68 -2.56 -10.10
CA ALA A 86 4.50 -3.42 -10.12
C ALA A 86 3.51 -3.01 -9.03
N ALA A 87 4.04 -2.53 -7.92
CA ALA A 87 3.22 -2.04 -6.82
C ALA A 87 2.49 -0.77 -7.24
N ILE A 88 3.22 0.15 -7.87
CA ILE A 88 2.64 1.38 -8.37
C ILE A 88 1.61 1.08 -9.44
N ALA A 89 1.99 0.24 -10.40
CA ALA A 89 1.09 -0.15 -11.48
C ALA A 89 -0.17 -0.81 -10.94
N ARG A 90 -0.01 -1.52 -9.82
CA ARG A 90 -1.13 -2.18 -9.18
C ARG A 90 -2.14 -1.17 -8.64
N LEU A 91 -1.65 -0.17 -7.91
CA LEU A 91 -2.53 0.82 -7.30
C LEU A 91 -3.18 1.68 -8.39
N VAL A 92 -2.43 1.95 -9.45
CA VAL A 92 -2.96 2.69 -10.58
C VAL A 92 -4.12 1.93 -11.22
N ALA A 93 -3.95 0.63 -11.37
CA ALA A 93 -4.99 -0.23 -11.93
C ALA A 93 -6.23 -0.22 -11.04
N VAL A 94 -6.03 -0.21 -9.73
CA VAL A 94 -7.13 -0.13 -8.78
C VAL A 94 -7.87 1.18 -8.93
N ILE A 95 -7.13 2.28 -8.95
CA ILE A 95 -7.72 3.60 -9.10
C ILE A 95 -8.50 3.71 -10.41
N LYS A 96 -7.91 3.22 -11.50
CA LYS A 96 -8.56 3.27 -12.81
C LYS A 96 -9.82 2.41 -12.83
N GLU A 97 -9.89 1.41 -11.97
CA GLU A 97 -11.08 0.58 -11.85
C GLU A 97 -12.17 1.30 -11.08
N LEU A 98 -11.80 1.95 -9.98
CA LEU A 98 -12.77 2.62 -9.12
C LEU A 98 -13.24 3.94 -9.73
N THR A 99 -12.36 4.61 -10.46
CA THR A 99 -12.67 5.91 -11.02
C THR A 99 -13.07 5.82 -12.49
N ALA A 100 -13.23 4.59 -12.98
CA ALA A 100 -13.61 4.35 -14.37
C ALA A 100 -14.98 4.93 -14.68
N GLU A 101 -15.12 5.46 -15.88
CA GLU A 101 -16.39 6.00 -16.34
C GLU A 101 -17.37 4.86 -16.63
N GLN A 102 -18.16 4.52 -15.64
CA GLN A 102 -19.18 3.49 -15.78
C GLN A 102 -20.30 3.73 -14.78
N LYS A 103 -21.40 3.01 -14.93
CA LYS A 103 -22.63 3.27 -14.17
C LYS A 103 -22.38 3.35 -12.65
N SER A 104 -21.50 2.48 -12.15
CA SER A 104 -21.16 2.43 -10.73
C SER A 104 -22.33 1.97 -9.87
N ARG A 105 -23.36 2.81 -9.78
CA ARG A 105 -24.55 2.49 -9.01
C ARG A 105 -25.79 2.76 -9.85
N ARG A 106 -25.84 3.94 -10.47
CA ARG A 106 -26.99 4.41 -11.23
C ARG A 106 -28.18 4.61 -10.29
N ALA A 107 -28.32 5.82 -9.76
CA ALA A 107 -29.41 6.14 -8.84
C ALA A 107 -29.72 7.64 -8.88
N THR A 108 -29.25 8.30 -9.93
CA THR A 108 -29.45 9.73 -10.08
C THR A 108 -29.05 10.15 -11.49
N ARG A 109 -29.34 11.39 -11.86
CA ARG A 109 -29.01 11.87 -13.19
C ARG A 109 -27.51 12.03 -13.36
N PRO A 110 -26.97 11.58 -14.51
CA PRO A 110 -25.54 11.66 -14.80
C PRO A 110 -25.06 13.07 -15.12
N THR A 111 -23.75 13.21 -15.23
CA THR A 111 -23.13 14.48 -15.57
C THR A 111 -22.78 14.50 -17.05
N ARG A 112 -22.70 15.70 -17.64
CA ARG A 112 -22.36 15.83 -19.06
C ARG A 112 -20.87 15.53 -19.30
N ALA A 113 -20.51 14.26 -19.20
CA ALA A 113 -19.14 13.83 -19.42
C ALA A 113 -19.10 12.32 -19.66
N SER A 114 -18.74 11.93 -20.87
CA SER A 114 -18.62 10.52 -21.23
C SER A 114 -17.58 10.35 -22.34
N LYS A 115 -16.42 9.85 -21.97
CA LYS A 115 -15.33 9.67 -22.93
C LYS A 115 -14.59 8.36 -22.69
N GLU A 116 -15.35 7.28 -22.47
CA GLU A 116 -14.77 5.95 -22.33
C GLU A 116 -14.04 5.56 -23.61
N ARG A 117 -12.88 4.93 -23.47
CA ARG A 117 -12.09 4.52 -24.62
C ARG A 117 -11.51 3.13 -24.39
N ARG A 118 -11.90 2.18 -25.21
CA ARG A 118 -11.40 0.82 -25.12
C ARG A 118 -11.04 0.28 -26.49
N LEU A 119 -9.85 -0.26 -26.60
CA LEU A 119 -9.41 -0.91 -27.83
C LEU A 119 -8.98 -2.34 -27.55
N SER A 120 -9.95 -3.21 -27.32
CA SER A 120 -9.68 -4.62 -27.07
C SER A 120 -9.57 -5.36 -28.40
N SER A 121 -8.44 -5.20 -29.08
CA SER A 121 -8.25 -5.80 -30.37
C SER A 121 -7.23 -6.93 -30.32
N LYS A 122 -7.72 -8.15 -30.19
CA LYS A 122 -6.88 -9.33 -30.18
C LYS A 122 -7.64 -10.53 -30.73
N ALA A 123 -7.29 -10.94 -31.93
CA ALA A 123 -7.96 -12.08 -32.57
C ALA A 123 -6.92 -13.04 -33.15
N GLN A 124 -6.35 -13.87 -32.28
CA GLN A 124 -5.36 -14.86 -32.70
C GLN A 124 -5.91 -16.27 -32.48
N LYS A 125 -5.88 -17.09 -33.53
CA LYS A 125 -6.39 -18.45 -33.45
C LYS A 125 -5.68 -19.36 -34.43
N SER A 126 -5.53 -20.63 -34.05
CA SER A 126 -4.95 -21.64 -34.92
C SER A 126 -5.50 -23.01 -34.54
N SER A 127 -6.52 -23.45 -35.25
CA SER A 127 -7.17 -24.72 -34.94
C SER A 127 -7.44 -25.52 -36.20
N VAL A 128 -6.66 -26.58 -36.39
CA VAL A 128 -6.82 -27.43 -37.56
C VAL A 128 -6.63 -28.90 -37.20
N LYS A 129 -7.57 -29.72 -37.63
CA LYS A 129 -7.49 -31.16 -37.41
C LYS A 129 -8.35 -31.87 -38.46
N ALA A 130 -7.75 -32.84 -39.14
CA ALA A 130 -8.47 -33.59 -40.15
C ALA A 130 -7.86 -34.98 -40.35
N LEU A 131 -8.72 -35.98 -40.47
CA LEU A 131 -8.29 -37.34 -40.70
C LEU A 131 -9.28 -38.06 -41.59
N ARG A 132 -8.80 -38.96 -42.43
CA ARG A 132 -9.65 -39.68 -43.37
C ARG A 132 -9.09 -41.08 -43.66
N GLY A 133 -9.85 -41.87 -44.39
CA GLY A 133 -9.40 -43.20 -44.75
C GLY A 133 -10.50 -44.25 -44.59
N LYS A 134 -10.54 -45.22 -45.51
CA LYS A 134 -11.55 -46.27 -45.46
C LYS A 134 -10.89 -47.65 -45.48
N VAL A 135 -11.33 -48.54 -44.59
CA VAL A 135 -10.89 -49.92 -44.60
C VAL A 135 -11.94 -50.81 -43.92
N ARG A 136 -12.32 -51.89 -44.58
CA ARG A 136 -13.33 -52.80 -44.04
C ARG A 136 -12.74 -54.18 -43.76
N ARG A 137 -12.77 -54.57 -42.51
CA ARG A 137 -12.33 -55.90 -42.11
C ARG A 137 -13.52 -56.82 -41.90
N PRO A 138 -13.71 -57.79 -42.80
CA PRO A 138 -14.84 -58.72 -42.76
C PRO A 138 -14.58 -59.93 -41.87
N LEU A 139 -15.64 -60.63 -41.51
CA LEU A 139 -15.53 -61.82 -40.68
C LEU A 139 -16.84 -62.62 -40.69
N ASP A 140 -16.72 -63.94 -40.70
CA ASP A 140 -17.89 -64.81 -40.64
C ASP A 140 -17.60 -65.93 -39.65
N LEU A 141 -18.61 -66.74 -39.33
CA LEU A 141 -18.45 -67.74 -38.29
C LEU A 141 -19.46 -68.88 -38.47
N GLU A 142 -18.94 -70.09 -38.65
CA GLU A 142 -19.78 -71.28 -38.66
C GLU A 142 -19.20 -72.36 -37.75
N HIS A 143 -19.74 -72.46 -36.55
CA HIS A 143 -19.37 -73.52 -35.63
C HIS A 143 -20.60 -74.32 -35.25
N HIS A 144 -20.40 -75.61 -35.07
CA HIS A 144 -21.50 -76.52 -34.81
C HIS A 144 -21.05 -77.67 -33.93
N HIS A 145 -21.83 -77.96 -32.90
CA HIS A 145 -21.56 -79.08 -32.00
C HIS A 145 -22.80 -79.39 -31.19
N HIS A 146 -23.31 -80.60 -31.32
CA HIS A 146 -24.49 -81.00 -30.59
C HIS A 146 -24.08 -81.65 -29.27
N HIS A 147 -24.71 -81.23 -28.19
CA HIS A 147 -24.46 -81.81 -26.89
C HIS A 147 -25.77 -82.38 -26.31
N HIS A 148 -25.69 -83.54 -25.69
CA HIS A 148 -26.86 -84.15 -25.07
C HIS A 148 -26.74 -84.08 -23.55
#